data_2KW4
#
_entry.id   2KW4
#
loop_
_entity.id
_entity.type
_entity.pdbx_description
1 polymer 'Uncharacterized protein'
2 non-polymer 'MAGNESIUM ION'
#
_entity_poly.entity_id   1
_entity_poly.type   'polypeptide(L)'
_entity_poly.pdbx_seq_one_letter_code
;MDDRTEYDVYTDGSYVNGQYAWAYAFVKDGKVHYEDADVGKNPAAATMRNVAGEIAAALYAVKKASQLGVKIRILHDYAG
IAFWATGEWKAKNEFTQAYAKLMNQYRGIYSFEKVKAHSGNEFNDYVDMKAKSALGIRDLEHHHHHH
;
_entity_poly.pdbx_strand_id   A
#
loop_
_chem_comp.id
_chem_comp.type
_chem_comp.name
_chem_comp.formula
MG non-polymer 'MAGNESIUM ION' 'Mg 2'
#
# COMPACT_ATOMS: atom_id res chain seq x y z
N MET A 1 4.90 15.56 13.65
CA MET A 1 5.67 16.68 13.14
C MET A 1 6.23 16.38 11.76
N ASP A 2 7.16 15.44 11.69
CA ASP A 2 7.79 15.06 10.42
C ASP A 2 8.34 13.64 10.50
N ASP A 3 8.92 13.18 9.40
CA ASP A 3 9.51 11.84 9.34
C ASP A 3 10.85 11.86 8.61
N ARG A 4 11.36 10.67 8.30
CA ARG A 4 12.64 10.55 7.60
C ARG A 4 12.75 9.20 6.92
N THR A 5 11.60 8.59 6.62
CA THR A 5 11.58 7.28 5.96
C THR A 5 12.05 7.39 4.51
N GLU A 6 12.35 6.24 3.91
CA GLU A 6 12.81 6.21 2.53
C GLU A 6 12.56 4.84 1.91
N TYR A 7 11.56 4.13 2.43
CA TYR A 7 11.22 2.81 1.93
C TYR A 7 9.71 2.63 1.85
N ASP A 8 9.27 1.75 0.97
CA ASP A 8 7.84 1.48 0.79
C ASP A 8 7.17 1.18 2.14
N VAL A 9 5.88 1.45 2.22
CA VAL A 9 5.13 1.21 3.45
C VAL A 9 4.53 -0.18 3.47
N TYR A 10 4.42 -0.76 4.65
CA TYR A 10 3.87 -2.11 4.80
C TYR A 10 2.37 -2.12 4.49
N THR A 11 2.06 -2.11 3.20
CA THR A 11 0.66 -2.13 2.76
C THR A 11 0.47 -3.04 1.56
N ASP A 12 -0.78 -3.39 1.27
CA ASP A 12 -1.10 -4.26 0.15
C ASP A 12 -0.51 -5.65 0.37
N GLY A 13 -1.39 -6.62 0.64
CA GLY A 13 -0.94 -7.98 0.86
C GLY A 13 -1.11 -8.43 2.30
N SER A 14 -2.30 -8.91 2.63
CA SER A 14 -2.59 -9.37 3.99
C SER A 14 -3.99 -9.98 4.06
N TYR A 15 -4.12 -11.04 4.84
CA TYR A 15 -5.39 -11.72 5.00
C TYR A 15 -5.27 -12.90 5.96
N VAL A 16 -6.40 -13.30 6.55
CA VAL A 16 -6.41 -14.41 7.48
C VAL A 16 -7.49 -15.43 7.12
N ASN A 17 -7.06 -16.64 6.75
CA ASN A 17 -7.99 -17.70 6.38
C ASN A 17 -8.64 -17.39 5.03
N GLY A 18 -9.52 -16.40 5.01
CA GLY A 18 -10.20 -16.03 3.79
C GLY A 18 -10.81 -14.65 3.85
N GLN A 19 -10.28 -13.81 4.75
CA GLN A 19 -10.78 -12.45 4.91
C GLN A 19 -9.80 -11.44 4.34
N TYR A 20 -10.11 -10.16 4.52
CA TYR A 20 -9.26 -9.08 4.01
C TYR A 20 -8.95 -8.07 5.11
N ALA A 21 -7.68 -7.68 5.21
CA ALA A 21 -7.26 -6.71 6.22
C ALA A 21 -6.23 -5.74 5.64
N TRP A 22 -6.22 -4.53 6.18
CA TRP A 22 -5.28 -3.50 5.72
C TRP A 22 -4.38 -3.03 6.85
N ALA A 23 -3.08 -3.01 6.61
CA ALA A 23 -2.12 -2.56 7.61
C ALA A 23 -1.13 -1.56 7.03
N TYR A 24 -0.40 -0.88 7.90
CA TYR A 24 0.56 0.12 7.47
C TYR A 24 1.56 0.42 8.60
N ALA A 25 2.67 1.06 8.23
CA ALA A 25 3.70 1.41 9.21
C ALA A 25 3.76 2.92 9.42
N PHE A 26 3.67 3.34 10.68
CA PHE A 26 3.70 4.75 11.02
C PHE A 26 5.00 5.11 11.72
N VAL A 27 5.55 6.27 11.38
CA VAL A 27 6.80 6.73 11.97
C VAL A 27 6.79 8.25 12.18
N LYS A 28 7.12 8.67 13.39
CA LYS A 28 7.15 10.09 13.73
C LYS A 28 8.52 10.49 14.27
N ASP A 29 9.04 11.61 13.77
CA ASP A 29 10.34 12.10 14.22
C ASP A 29 11.46 11.17 13.79
N GLY A 30 11.13 10.24 12.89
CA GLY A 30 12.12 9.29 12.41
C GLY A 30 12.18 8.04 13.25
N LYS A 31 11.09 7.72 13.93
CA LYS A 31 11.02 6.54 14.79
C LYS A 31 9.60 5.98 14.84
N VAL A 32 9.48 4.73 15.26
CA VAL A 32 8.18 4.07 15.35
C VAL A 32 7.25 4.84 16.30
N HIS A 33 6.11 5.27 15.76
CA HIS A 33 5.13 6.00 16.54
C HIS A 33 3.90 5.14 16.84
N TYR A 34 3.40 4.46 15.83
CA TYR A 34 2.24 3.60 15.97
C TYR A 34 2.50 2.22 15.39
N GLU A 35 1.52 1.32 15.53
CA GLU A 35 1.65 -0.03 15.01
C GLU A 35 0.38 -0.84 15.27
N ASP A 36 -0.44 -1.02 14.25
CA ASP A 36 -1.68 -1.76 14.37
C ASP A 36 -2.41 -1.83 13.04
N ALA A 37 -3.09 -2.95 12.79
CA ALA A 37 -3.84 -3.14 11.56
C ALA A 37 -5.34 -3.06 11.80
N ASP A 38 -6.12 -3.40 10.77
CA ASP A 38 -7.58 -3.36 10.88
C ASP A 38 -8.21 -4.29 9.85
N VAL A 39 -9.24 -5.01 10.27
CA VAL A 39 -9.95 -5.94 9.39
C VAL A 39 -11.35 -5.44 9.07
N GLY A 40 -11.89 -5.89 7.94
CA GLY A 40 -13.24 -5.48 7.55
C GLY A 40 -14.27 -6.55 7.83
N LYS A 41 -15.29 -6.61 6.98
CA LYS A 41 -16.35 -7.59 7.13
C LYS A 41 -17.40 -7.44 6.04
N ASN A 42 -17.62 -6.21 5.61
CA ASN A 42 -18.60 -5.93 4.56
C ASN A 42 -18.37 -6.84 3.34
N PRO A 43 -19.46 -7.18 2.66
CA PRO A 43 -19.42 -8.04 1.48
C PRO A 43 -18.77 -7.35 0.28
N ALA A 44 -19.17 -6.11 0.03
CA ALA A 44 -18.63 -5.34 -1.08
C ALA A 44 -17.10 -5.35 -1.06
N ALA A 45 -16.52 -5.45 0.13
CA ALA A 45 -15.08 -5.47 0.28
C ALA A 45 -14.57 -6.89 0.52
N ALA A 46 -15.49 -7.78 0.90
CA ALA A 46 -15.14 -9.18 1.16
C ALA A 46 -15.56 -10.07 -0.01
N THR A 47 -15.78 -9.46 -1.17
CA THR A 47 -16.19 -10.19 -2.36
C THR A 47 -15.26 -9.91 -3.53
N MET A 48 -14.29 -9.02 -3.31
CA MET A 48 -13.33 -8.67 -4.35
C MET A 48 -12.04 -9.47 -4.20
N ARG A 49 -12.18 -10.71 -3.75
CA ARG A 49 -11.02 -11.58 -3.55
C ARG A 49 -10.08 -11.01 -2.50
N ASN A 50 -10.64 -10.26 -1.56
CA ASN A 50 -9.84 -9.66 -0.49
C ASN A 50 -8.85 -8.65 -1.06
N VAL A 51 -9.06 -8.25 -2.31
CA VAL A 51 -8.17 -7.29 -2.96
C VAL A 51 -8.39 -5.89 -2.41
N ALA A 52 -9.65 -5.51 -2.22
CA ALA A 52 -9.99 -4.20 -1.70
C ALA A 52 -9.22 -3.91 -0.41
N GLY A 53 -8.90 -4.97 0.34
CA GLY A 53 -8.17 -4.80 1.58
C GLY A 53 -6.72 -4.41 1.36
N GLU A 54 -6.08 -5.05 0.40
CA GLU A 54 -4.68 -4.77 0.09
C GLU A 54 -4.49 -3.27 -0.21
N ILE A 55 -5.27 -2.77 -1.16
CA ILE A 55 -5.18 -1.36 -1.54
C ILE A 55 -5.74 -0.46 -0.44
N ALA A 56 -6.70 -0.97 0.30
CA ALA A 56 -7.32 -0.22 1.39
C ALA A 56 -6.26 0.46 2.25
N ALA A 57 -5.23 -0.29 2.62
CA ALA A 57 -4.15 0.23 3.45
C ALA A 57 -3.62 1.55 2.88
N ALA A 58 -3.21 1.52 1.61
CA ALA A 58 -2.69 2.71 0.96
C ALA A 58 -3.64 3.89 1.10
N LEU A 59 -4.93 3.59 1.20
CA LEU A 59 -5.95 4.63 1.36
C LEU A 59 -5.87 5.28 2.72
N TYR A 60 -6.19 4.53 3.76
CA TYR A 60 -6.14 5.03 5.13
C TYR A 60 -4.74 5.52 5.48
N ALA A 61 -3.74 5.00 4.77
CA ALA A 61 -2.36 5.39 5.01
C ALA A 61 -2.13 6.86 4.69
N VAL A 62 -2.75 7.33 3.61
CA VAL A 62 -2.62 8.72 3.19
C VAL A 62 -3.47 9.63 4.06
N LYS A 63 -4.70 9.20 4.34
CA LYS A 63 -5.62 9.98 5.16
C LYS A 63 -4.95 10.39 6.48
N LYS A 64 -4.33 9.43 7.14
CA LYS A 64 -3.65 9.69 8.40
C LYS A 64 -2.32 10.40 8.17
N ALA A 65 -1.70 10.13 7.03
CA ALA A 65 -0.43 10.74 6.70
C ALA A 65 -0.50 12.27 6.81
N SER A 66 -1.67 12.82 6.55
CA SER A 66 -1.87 14.26 6.63
C SER A 66 -1.98 14.72 8.08
N GLN A 67 -2.46 13.83 8.93
CA GLN A 67 -2.62 14.14 10.35
C GLN A 67 -1.26 14.23 11.04
N LEU A 68 -0.36 13.31 10.69
CA LEU A 68 0.97 13.28 11.27
C LEU A 68 1.89 14.28 10.57
N GLY A 69 1.35 15.00 9.60
CA GLY A 69 2.14 15.97 8.87
C GLY A 69 3.32 15.35 8.16
N VAL A 70 3.28 14.03 7.99
CA VAL A 70 4.37 13.31 7.32
C VAL A 70 3.96 12.89 5.92
N LYS A 71 4.86 12.22 5.22
CA LYS A 71 4.59 11.75 3.86
C LYS A 71 5.13 10.35 3.65
N ILE A 72 4.53 9.61 2.73
CA ILE A 72 4.96 8.25 2.43
C ILE A 72 5.83 8.20 1.18
N ARG A 73 6.29 7.01 0.82
CA ARG A 73 7.13 6.84 -0.36
C ARG A 73 6.46 7.42 -1.60
N ILE A 74 7.11 8.41 -2.21
CA ILE A 74 6.58 9.05 -3.40
C ILE A 74 7.62 9.06 -4.53
N LEU A 75 8.88 9.21 -4.16
CA LEU A 75 9.96 9.24 -5.14
C LEU A 75 10.07 7.90 -5.87
N HIS A 76 9.41 7.80 -7.02
CA HIS A 76 9.43 6.59 -7.81
C HIS A 76 9.05 5.37 -6.97
N ASP A 77 8.11 5.57 -6.06
CA ASP A 77 7.65 4.49 -5.19
C ASP A 77 7.30 3.25 -5.98
N TYR A 78 6.34 3.39 -6.90
CA TYR A 78 5.90 2.28 -7.73
C TYR A 78 5.18 1.23 -6.90
N ALA A 79 5.94 0.44 -6.16
CA ALA A 79 5.37 -0.61 -5.31
C ALA A 79 4.50 -1.56 -6.13
N GLY A 80 3.75 -2.41 -5.44
CA GLY A 80 2.89 -3.36 -6.11
C GLY A 80 1.73 -2.68 -6.82
N ILE A 81 1.35 -1.51 -6.35
CA ILE A 81 0.25 -0.76 -6.93
C ILE A 81 0.59 -0.32 -8.35
N ALA A 82 1.86 -0.04 -8.60
CA ALA A 82 2.31 0.39 -9.91
C ALA A 82 2.36 -0.78 -10.88
N PHE A 83 2.10 -1.98 -10.37
CA PHE A 83 2.11 -3.18 -11.20
C PHE A 83 0.95 -3.18 -12.18
N TRP A 84 -0.27 -3.09 -11.65
CA TRP A 84 -1.46 -3.08 -12.48
C TRP A 84 -1.74 -1.68 -13.01
N ALA A 85 -1.12 -0.68 -12.40
CA ALA A 85 -1.30 0.70 -12.81
C ALA A 85 -0.91 0.90 -14.28
N THR A 86 -0.11 -0.03 -14.80
CA THR A 86 0.33 0.04 -16.19
C THR A 86 -0.85 -0.10 -17.15
N GLY A 87 -1.96 -0.64 -16.64
CA GLY A 87 -3.14 -0.82 -17.47
C GLY A 87 -3.28 -2.25 -17.96
N GLU A 88 -3.83 -3.11 -17.11
CA GLU A 88 -4.01 -4.51 -17.47
C GLU A 88 -5.46 -4.78 -17.89
N TRP A 89 -6.38 -4.00 -17.33
CA TRP A 89 -7.80 -4.14 -17.65
C TRP A 89 -8.53 -2.81 -17.54
N LYS A 90 -9.67 -2.71 -18.20
CA LYS A 90 -10.46 -1.48 -18.17
C LYS A 90 -10.69 -1.01 -16.74
N ALA A 91 -10.91 0.29 -16.58
CA ALA A 91 -11.14 0.87 -15.25
C ALA A 91 -12.42 0.32 -14.63
N LYS A 92 -13.42 0.07 -15.46
CA LYS A 92 -14.70 -0.46 -15.00
C LYS A 92 -14.50 -1.79 -14.26
N ASN A 93 -13.65 -2.64 -14.82
CA ASN A 93 -13.37 -3.94 -14.21
C ASN A 93 -13.06 -3.79 -12.72
N GLU A 94 -13.83 -4.49 -11.89
CA GLU A 94 -13.62 -4.45 -10.45
C GLU A 94 -13.90 -3.04 -9.91
N PHE A 95 -13.97 -2.92 -8.59
CA PHE A 95 -14.23 -1.64 -7.96
C PHE A 95 -12.92 -0.90 -7.66
N THR A 96 -11.81 -1.47 -8.14
CA THR A 96 -10.50 -0.87 -7.93
C THR A 96 -10.47 0.58 -8.39
N GLN A 97 -11.34 0.91 -9.36
CA GLN A 97 -11.41 2.26 -9.89
C GLN A 97 -11.49 3.29 -8.77
N ALA A 98 -12.33 3.01 -7.77
CA ALA A 98 -12.49 3.91 -6.63
C ALA A 98 -11.14 4.39 -6.12
N TYR A 99 -10.13 3.52 -6.21
CA TYR A 99 -8.78 3.86 -5.75
C TYR A 99 -8.30 5.15 -6.40
N ALA A 100 -8.33 5.19 -7.72
CA ALA A 100 -7.89 6.37 -8.47
C ALA A 100 -8.67 7.61 -8.04
N LYS A 101 -9.92 7.41 -7.65
CA LYS A 101 -10.77 8.51 -7.22
C LYS A 101 -10.38 8.99 -5.81
N LEU A 102 -10.23 8.04 -4.90
CA LEU A 102 -9.85 8.36 -3.52
C LEU A 102 -8.53 9.10 -3.48
N MET A 103 -7.75 8.97 -4.56
CA MET A 103 -6.45 9.64 -4.65
C MET A 103 -6.60 11.14 -4.47
N ASN A 104 -7.27 11.79 -5.43
CA ASN A 104 -7.47 13.23 -5.38
C ASN A 104 -8.15 13.64 -4.08
N GLN A 105 -8.97 12.75 -3.54
CA GLN A 105 -9.68 13.01 -2.29
C GLN A 105 -8.72 13.50 -1.22
N TYR A 106 -7.57 12.84 -1.11
CA TYR A 106 -6.56 13.21 -0.12
C TYR A 106 -5.18 13.31 -0.75
N ARG A 107 -5.14 13.76 -2.00
CA ARG A 107 -3.88 13.91 -2.72
C ARG A 107 -3.18 15.20 -2.33
N GLY A 108 -1.91 15.09 -1.97
CA GLY A 108 -1.14 16.25 -1.57
C GLY A 108 0.05 15.90 -0.69
N ILE A 109 -0.02 14.73 -0.06
CA ILE A 109 1.06 14.28 0.82
C ILE A 109 1.84 13.14 0.18
N TYR A 110 1.14 12.31 -0.59
CA TYR A 110 1.78 11.18 -1.25
C TYR A 110 1.72 11.33 -2.77
N SER A 111 2.31 10.38 -3.48
CA SER A 111 2.33 10.42 -4.94
C SER A 111 2.25 9.00 -5.52
N PHE A 112 1.74 8.90 -6.74
CA PHE A 112 1.60 7.60 -7.40
C PHE A 112 1.32 7.80 -8.89
N GLU A 113 1.34 6.69 -9.63
CA GLU A 113 1.08 6.72 -11.06
C GLU A 113 -0.40 6.51 -11.36
N LYS A 114 -0.73 6.39 -12.63
CA LYS A 114 -2.12 6.19 -13.05
C LYS A 114 -2.55 4.74 -12.82
N VAL A 115 -3.63 4.56 -12.07
CA VAL A 115 -4.14 3.23 -11.77
C VAL A 115 -5.57 3.07 -12.29
N LYS A 116 -5.71 2.32 -13.38
CA LYS A 116 -7.01 2.08 -13.99
C LYS A 116 -7.89 1.23 -13.08
N ALA A 117 -7.67 -0.08 -13.12
CA ALA A 117 -8.42 -1.03 -12.30
C ALA A 117 -7.96 -2.46 -12.53
N HIS A 118 -8.65 -3.40 -11.92
CA HIS A 118 -8.30 -4.81 -12.04
C HIS A 118 -6.93 -5.10 -11.43
N SER A 119 -6.70 -6.35 -11.09
CA SER A 119 -5.43 -6.76 -10.48
C SER A 119 -5.42 -8.26 -10.20
N GLY A 120 -4.34 -8.73 -9.57
CA GLY A 120 -4.22 -10.14 -9.25
C GLY A 120 -2.80 -10.65 -9.43
N ASN A 121 -2.02 -10.60 -8.35
CA ASN A 121 -0.64 -11.07 -8.38
C ASN A 121 0.03 -10.90 -7.03
N GLU A 122 1.35 -11.04 -7.00
CA GLU A 122 2.10 -10.91 -5.76
C GLU A 122 2.86 -9.59 -5.72
N PHE A 123 2.56 -8.71 -6.69
CA PHE A 123 3.21 -7.42 -6.77
C PHE A 123 3.14 -6.68 -5.43
N ASN A 124 2.09 -6.97 -4.67
CA ASN A 124 1.89 -6.34 -3.37
C ASN A 124 2.84 -6.95 -2.33
N ASP A 125 3.00 -8.25 -2.39
CA ASP A 125 3.87 -8.96 -1.45
C ASP A 125 5.27 -8.34 -1.43
N TYR A 126 5.63 -7.69 -2.53
CA TYR A 126 6.93 -7.05 -2.64
C TYR A 126 7.19 -6.11 -1.46
N VAL A 127 6.14 -5.44 -1.01
CA VAL A 127 6.25 -4.52 0.12
C VAL A 127 6.79 -5.22 1.35
N ASP A 128 6.67 -6.55 1.37
CA ASP A 128 7.15 -7.34 2.50
C ASP A 128 8.66 -7.18 2.67
N MET A 129 9.40 -7.37 1.58
CA MET A 129 10.85 -7.25 1.61
C MET A 129 11.27 -5.79 1.74
N LYS A 130 10.59 -4.91 1.02
CA LYS A 130 10.88 -3.49 1.06
C LYS A 130 10.68 -2.93 2.46
N ALA A 131 9.50 -3.14 3.02
CA ALA A 131 9.17 -2.66 4.36
C ALA A 131 10.21 -3.13 5.37
N LYS A 132 10.75 -4.32 5.15
CA LYS A 132 11.75 -4.88 6.05
C LYS A 132 12.91 -3.90 6.26
N SER A 133 13.20 -3.12 5.23
CA SER A 133 14.28 -2.14 5.30
C SER A 133 13.90 -0.97 6.19
N ALA A 134 12.61 -0.64 6.20
CA ALA A 134 12.10 0.46 7.01
C ALA A 134 11.92 0.04 8.47
N LEU A 135 11.37 -1.16 8.66
CA LEU A 135 11.14 -1.68 10.00
C LEU A 135 12.42 -1.65 10.83
N GLY A 136 13.48 -2.28 10.31
CA GLY A 136 14.75 -2.30 11.02
C GLY A 136 15.40 -3.67 11.00
N ILE A 137 15.95 -4.03 9.84
CA ILE A 137 16.61 -5.32 9.69
C ILE A 137 18.04 -5.15 9.21
N ARG A 138 18.91 -6.09 9.58
CA ARG A 138 20.31 -6.04 9.20
C ARG A 138 20.54 -6.82 7.91
N ASP A 139 21.71 -6.63 7.30
CA ASP A 139 22.05 -7.32 6.06
C ASP A 139 23.45 -6.92 5.59
N LEU A 140 23.85 -7.46 4.44
CA LEU A 140 25.16 -7.16 3.88
C LEU A 140 25.26 -7.65 2.44
N GLU A 141 24.88 -6.80 1.49
CA GLU A 141 24.93 -7.14 0.08
C GLU A 141 24.73 -5.91 -0.79
N HIS A 142 25.00 -6.06 -2.09
CA HIS A 142 24.86 -4.96 -3.03
C HIS A 142 24.38 -5.46 -4.39
N HIS A 143 23.07 -5.40 -4.60
CA HIS A 143 22.49 -5.87 -5.86
C HIS A 143 21.11 -5.24 -6.08
N HIS A 144 20.65 -5.27 -7.32
CA HIS A 144 19.34 -4.71 -7.67
C HIS A 144 18.97 -5.01 -9.11
N HIS A 145 17.78 -4.60 -9.52
CA HIS A 145 17.31 -4.83 -10.87
C HIS A 145 16.55 -3.62 -11.41
N HIS A 146 16.06 -3.72 -12.64
CA HIS A 146 15.32 -2.62 -13.26
C HIS A 146 14.16 -3.17 -14.09
N HIS A 147 13.00 -2.52 -13.97
CA HIS A 147 11.82 -2.94 -14.72
C HIS A 147 10.75 -1.84 -14.70
MG MG B . 2.51 1.44 -1.52
N MET A 1 9.24 17.47 14.40
CA MET A 1 8.23 16.87 13.54
C MET A 1 8.83 16.53 12.17
N ASP A 2 9.29 15.28 12.02
CA ASP A 2 9.87 14.84 10.77
C ASP A 2 9.98 13.31 10.72
N ASP A 3 10.32 12.78 9.56
CA ASP A 3 10.46 11.34 9.39
C ASP A 3 11.65 11.00 8.52
N ARG A 4 12.48 10.08 8.99
CA ARG A 4 13.67 9.67 8.25
C ARG A 4 13.38 8.46 7.37
N THR A 5 12.09 8.19 7.14
CA THR A 5 11.68 7.07 6.31
C THR A 5 11.60 7.47 4.85
N GLU A 6 12.16 6.62 3.98
CA GLU A 6 12.15 6.89 2.54
C GLU A 6 11.96 5.59 1.76
N TYR A 7 11.42 4.58 2.42
CA TYR A 7 11.18 3.29 1.78
C TYR A 7 9.69 2.95 1.75
N ASP A 8 9.33 1.98 0.92
CA ASP A 8 7.93 1.56 0.80
C ASP A 8 7.32 1.30 2.18
N VAL A 9 6.00 1.46 2.27
CA VAL A 9 5.30 1.23 3.53
C VAL A 9 4.83 -0.22 3.64
N TYR A 10 4.87 -0.75 4.86
CA TYR A 10 4.45 -2.13 5.10
C TYR A 10 2.94 -2.26 5.00
N THR A 11 2.43 -2.30 3.77
CA THR A 11 1.00 -2.43 3.54
C THR A 11 0.68 -3.69 2.75
N ASP A 12 -0.60 -3.91 2.49
CA ASP A 12 -1.04 -5.09 1.75
C ASP A 12 -0.73 -6.37 2.51
N GLY A 13 -1.36 -6.51 3.68
CA GLY A 13 -1.14 -7.69 4.50
C GLY A 13 -1.64 -8.96 3.84
N SER A 14 -2.70 -9.53 4.39
CA SER A 14 -3.27 -10.76 3.84
C SER A 14 -4.59 -11.10 4.54
N TYR A 15 -5.52 -11.67 3.78
CA TYR A 15 -6.83 -12.04 4.31
C TYR A 15 -6.67 -12.89 5.57
N VAL A 16 -7.78 -13.08 6.28
CA VAL A 16 -7.78 -13.88 7.50
C VAL A 16 -9.02 -14.75 7.60
N ASN A 17 -8.84 -16.06 7.46
CA ASN A 17 -9.95 -17.00 7.54
C ASN A 17 -10.85 -16.87 6.31
N GLY A 18 -11.57 -15.76 6.23
CA GLY A 18 -12.46 -15.54 5.10
C GLY A 18 -12.52 -14.07 4.69
N GLN A 19 -12.46 -13.18 5.67
CA GLN A 19 -12.51 -11.75 5.39
C GLN A 19 -11.13 -11.22 5.03
N TYR A 20 -11.04 -9.91 4.78
CA TYR A 20 -9.78 -9.29 4.42
C TYR A 20 -9.31 -8.32 5.51
N ALA A 21 -8.07 -7.88 5.40
CA ALA A 21 -7.50 -6.95 6.37
C ALA A 21 -6.50 -6.01 5.71
N TRP A 22 -6.19 -4.91 6.39
CA TRP A 22 -5.24 -3.93 5.87
C TRP A 22 -4.37 -3.37 6.99
N ALA A 23 -3.06 -3.37 6.77
CA ALA A 23 -2.12 -2.86 7.75
C ALA A 23 -1.17 -1.83 7.12
N TYR A 24 -0.42 -1.14 7.97
CA TYR A 24 0.53 -0.14 7.51
C TYR A 24 1.58 0.16 8.57
N ALA A 25 2.61 0.90 8.18
CA ALA A 25 3.69 1.26 9.10
C ALA A 25 3.70 2.76 9.38
N PHE A 26 3.65 3.12 10.65
CA PHE A 26 3.66 4.52 11.06
C PHE A 26 4.96 4.87 11.77
N VAL A 27 5.50 6.04 11.45
CA VAL A 27 6.74 6.50 12.07
C VAL A 27 6.72 8.01 12.28
N LYS A 28 7.05 8.44 13.49
CA LYS A 28 7.07 9.86 13.82
C LYS A 28 8.41 10.25 14.45
N ASP A 29 8.95 11.38 14.04
CA ASP A 29 10.21 11.87 14.56
C ASP A 29 11.37 10.97 14.12
N GLY A 30 11.08 10.09 13.17
CA GLY A 30 12.10 9.18 12.68
C GLY A 30 12.15 7.88 13.47
N LYS A 31 11.04 7.55 14.12
CA LYS A 31 10.96 6.32 14.91
C LYS A 31 9.53 5.79 14.93
N VAL A 32 9.39 4.50 15.19
CA VAL A 32 8.08 3.86 15.25
C VAL A 32 7.16 4.58 16.23
N HIS A 33 6.01 5.04 15.73
CA HIS A 33 5.04 5.73 16.58
C HIS A 33 3.84 4.85 16.87
N TYR A 34 3.33 4.18 15.83
CA TYR A 34 2.17 3.31 15.98
C TYR A 34 2.44 1.95 15.35
N GLU A 35 1.49 1.03 15.51
CA GLU A 35 1.62 -0.31 14.96
C GLU A 35 0.37 -1.15 15.24
N ASP A 36 -0.44 -1.35 14.22
CA ASP A 36 -1.67 -2.13 14.35
C ASP A 36 -2.39 -2.24 13.02
N ALA A 37 -3.26 -3.24 12.91
CA ALA A 37 -4.03 -3.45 11.68
C ALA A 37 -5.52 -3.57 11.98
N ASP A 38 -6.32 -3.66 10.92
CA ASP A 38 -7.76 -3.77 11.06
C ASP A 38 -8.37 -4.49 9.87
N VAL A 39 -9.66 -4.81 9.97
CA VAL A 39 -10.37 -5.51 8.89
C VAL A 39 -11.59 -4.71 8.45
N GLY A 40 -12.04 -4.98 7.22
CA GLY A 40 -13.21 -4.29 6.71
C GLY A 40 -14.49 -5.04 6.97
N LYS A 41 -15.50 -4.78 6.14
CA LYS A 41 -16.80 -5.45 6.28
C LYS A 41 -17.77 -4.99 5.20
N ASN A 42 -17.23 -4.71 4.01
CA ASN A 42 -18.05 -4.28 2.89
C ASN A 42 -18.23 -5.39 1.87
N PRO A 43 -19.33 -5.33 1.11
CA PRO A 43 -19.65 -6.33 0.09
C PRO A 43 -18.70 -6.26 -1.10
N ALA A 44 -18.50 -5.05 -1.63
CA ALA A 44 -17.62 -4.85 -2.77
C ALA A 44 -16.16 -5.14 -2.40
N ALA A 45 -15.88 -5.14 -1.10
CA ALA A 45 -14.53 -5.41 -0.61
C ALA A 45 -14.33 -6.90 -0.35
N ALA A 46 -15.37 -7.57 0.12
CA ALA A 46 -15.30 -9.00 0.40
C ALA A 46 -15.18 -9.81 -0.88
N THR A 47 -15.93 -9.41 -1.89
CA THR A 47 -15.90 -10.10 -3.19
C THR A 47 -14.51 -10.08 -3.79
N MET A 48 -13.69 -9.13 -3.34
CA MET A 48 -12.32 -9.02 -3.84
C MET A 48 -11.38 -9.97 -3.10
N ARG A 49 -11.95 -10.76 -2.19
CA ARG A 49 -11.17 -11.72 -1.42
C ARG A 49 -10.12 -11.01 -0.58
N ASN A 50 -8.95 -10.76 -1.18
CA ASN A 50 -7.86 -10.08 -0.47
C ASN A 50 -7.25 -8.99 -1.34
N VAL A 51 -7.84 -8.78 -2.52
CA VAL A 51 -7.35 -7.77 -3.44
C VAL A 51 -7.71 -6.37 -2.96
N ALA A 52 -8.92 -6.22 -2.41
CA ALA A 52 -9.37 -4.93 -1.90
C ALA A 52 -8.62 -4.55 -0.62
N GLY A 53 -8.52 -5.49 0.31
CA GLY A 53 -7.83 -5.23 1.55
C GLY A 53 -6.39 -4.79 1.34
N GLU A 54 -5.85 -5.10 0.17
CA GLU A 54 -4.48 -4.72 -0.15
C GLU A 54 -4.36 -3.20 -0.36
N ILE A 55 -5.17 -2.68 -1.27
CA ILE A 55 -5.16 -1.25 -1.56
C ILE A 55 -5.85 -0.46 -0.46
N ALA A 56 -6.83 -1.08 0.19
CA ALA A 56 -7.56 -0.43 1.27
C ALA A 56 -6.61 0.24 2.25
N ALA A 57 -5.43 -0.37 2.44
CA ALA A 57 -4.44 0.17 3.36
C ALA A 57 -3.98 1.55 2.93
N ALA A 58 -3.65 1.68 1.64
CA ALA A 58 -3.20 2.96 1.09
C ALA A 58 -4.17 4.07 1.42
N LEU A 59 -5.45 3.73 1.57
CA LEU A 59 -6.48 4.70 1.89
C LEU A 59 -6.22 5.34 3.24
N TYR A 60 -6.32 4.55 4.30
CA TYR A 60 -6.10 5.05 5.65
C TYR A 60 -4.65 5.48 5.84
N ALA A 61 -3.76 4.87 5.07
CA ALA A 61 -2.33 5.19 5.16
C ALA A 61 -2.08 6.63 4.74
N VAL A 62 -2.74 7.07 3.67
CA VAL A 62 -2.58 8.43 3.18
C VAL A 62 -3.34 9.43 4.04
N LYS A 63 -4.59 9.10 4.34
CA LYS A 63 -5.43 9.97 5.17
C LYS A 63 -4.71 10.34 6.46
N LYS A 64 -4.09 9.35 7.10
CA LYS A 64 -3.37 9.57 8.35
C LYS A 64 -2.04 10.27 8.08
N ALA A 65 -1.45 10.01 6.92
CA ALA A 65 -0.18 10.61 6.55
C ALA A 65 -0.22 12.13 6.73
N SER A 66 -1.38 12.72 6.43
CA SER A 66 -1.55 14.17 6.56
C SER A 66 -1.56 14.60 8.02
N GLN A 67 -2.02 13.70 8.88
CA GLN A 67 -2.10 13.98 10.32
C GLN A 67 -0.71 13.93 10.94
N LEU A 68 0.10 12.96 10.52
CA LEU A 68 1.45 12.81 11.05
C LEU A 68 2.43 13.69 10.28
N GLY A 69 1.96 14.29 9.19
CA GLY A 69 2.81 15.15 8.39
C GLY A 69 4.11 14.49 8.00
N VAL A 70 4.06 13.18 7.77
CA VAL A 70 5.25 12.43 7.39
C VAL A 70 5.18 11.98 5.93
N LYS A 71 3.97 11.75 5.45
CA LYS A 71 3.75 11.32 4.07
C LYS A 71 4.32 9.92 3.84
N ILE A 72 4.29 9.47 2.60
CA ILE A 72 4.80 8.15 2.26
C ILE A 72 5.64 8.20 0.98
N ARG A 73 6.17 7.05 0.58
CA ARG A 73 6.99 6.97 -0.63
C ARG A 73 6.24 7.51 -1.84
N ILE A 74 6.93 8.30 -2.65
CA ILE A 74 6.32 8.90 -3.84
C ILE A 74 7.14 8.58 -5.08
N LEU A 75 6.46 8.29 -6.18
CA LEU A 75 7.11 7.96 -7.44
C LEU A 75 7.84 6.62 -7.35
N HIS A 76 8.98 6.62 -6.67
CA HIS A 76 9.76 5.40 -6.50
C HIS A 76 9.08 4.44 -5.53
N ASP A 77 8.10 3.71 -6.02
CA ASP A 77 7.36 2.76 -5.19
C ASP A 77 6.39 1.94 -6.04
N TYR A 78 6.93 1.13 -6.93
CA TYR A 78 6.11 0.30 -7.81
C TYR A 78 5.09 -0.50 -7.00
N ALA A 79 5.56 -1.54 -6.33
CA ALA A 79 4.69 -2.39 -5.51
C ALA A 79 3.47 -2.83 -6.29
N GLY A 80 2.49 -3.39 -5.58
CA GLY A 80 1.27 -3.84 -6.23
C GLY A 80 0.41 -2.70 -6.72
N ILE A 81 0.78 -1.48 -6.33
CA ILE A 81 0.03 -0.29 -6.74
C ILE A 81 0.31 0.07 -8.19
N ALA A 82 1.59 0.06 -8.56
CA ALA A 82 1.99 0.38 -9.93
C ALA A 82 1.59 -0.74 -10.89
N PHE A 83 1.38 -1.93 -10.35
CA PHE A 83 1.00 -3.09 -11.17
C PHE A 83 -0.36 -2.86 -11.82
N TRP A 84 -1.36 -2.57 -11.00
CA TRP A 84 -2.71 -2.33 -11.50
C TRP A 84 -2.86 -0.92 -12.02
N ALA A 85 -2.01 -0.01 -11.53
CA ALA A 85 -2.05 1.39 -11.94
C ALA A 85 -2.00 1.50 -13.46
N THR A 86 -1.37 0.52 -14.11
CA THR A 86 -1.25 0.52 -15.56
C THR A 86 -2.62 0.39 -16.22
N GLY A 87 -3.53 -0.31 -15.57
CA GLY A 87 -4.86 -0.49 -16.11
C GLY A 87 -4.86 -1.24 -17.43
N GLU A 88 -4.07 -2.32 -17.49
CA GLU A 88 -3.97 -3.13 -18.70
C GLU A 88 -5.36 -3.59 -19.15
N TRP A 89 -6.27 -3.71 -18.20
CA TRP A 89 -7.64 -4.14 -18.50
C TRP A 89 -8.63 -3.01 -18.28
N LYS A 90 -9.79 -3.12 -18.91
CA LYS A 90 -10.83 -2.10 -18.78
C LYS A 90 -11.10 -1.77 -17.32
N ALA A 91 -11.59 -0.56 -17.07
CA ALA A 91 -11.88 -0.13 -15.71
C ALA A 91 -12.74 -1.15 -14.97
N LYS A 92 -13.56 -1.88 -15.73
CA LYS A 92 -14.43 -2.90 -15.15
C LYS A 92 -13.64 -3.84 -14.26
N ASN A 93 -12.36 -4.01 -14.57
CA ASN A 93 -11.50 -4.90 -13.80
C ASN A 93 -11.61 -4.60 -12.30
N GLU A 94 -12.32 -5.46 -11.59
CA GLU A 94 -12.51 -5.29 -10.15
C GLU A 94 -13.06 -3.90 -9.83
N PHE A 95 -13.13 -3.58 -8.55
CA PHE A 95 -13.63 -2.28 -8.11
C PHE A 95 -12.49 -1.30 -7.91
N THR A 96 -11.34 -1.60 -8.50
CA THR A 96 -10.17 -0.74 -8.39
C THR A 96 -10.49 0.69 -8.82
N GLN A 97 -11.49 0.83 -9.69
CA GLN A 97 -11.89 2.14 -10.18
C GLN A 97 -12.07 3.12 -9.02
N ALA A 98 -12.77 2.69 -7.98
CA ALA A 98 -13.01 3.52 -6.82
C ALA A 98 -11.70 3.94 -6.16
N TYR A 99 -10.78 2.99 -6.02
CA TYR A 99 -9.49 3.26 -5.40
C TYR A 99 -8.81 4.44 -6.08
N ALA A 100 -9.02 4.57 -7.38
CA ALA A 100 -8.43 5.67 -8.15
C ALA A 100 -9.09 6.99 -7.82
N LYS A 101 -10.36 6.93 -7.45
CA LYS A 101 -11.11 8.14 -7.09
C LYS A 101 -10.69 8.68 -5.73
N LEU A 102 -10.55 7.78 -4.77
CA LEU A 102 -10.15 8.16 -3.42
C LEU A 102 -8.79 8.86 -3.43
N MET A 103 -8.04 8.66 -4.51
CA MET A 103 -6.73 9.27 -4.65
C MET A 103 -6.81 10.78 -4.45
N ASN A 104 -7.49 11.46 -5.38
CA ASN A 104 -7.64 12.90 -5.31
C ASN A 104 -8.25 13.32 -3.97
N GLN A 105 -9.13 12.48 -3.43
CA GLN A 105 -9.77 12.76 -2.17
C GLN A 105 -8.75 13.09 -1.08
N TYR A 106 -7.73 12.24 -0.96
CA TYR A 106 -6.68 12.44 0.03
C TYR A 106 -5.34 12.70 -0.65
N ARG A 107 -5.38 13.31 -1.83
CA ARG A 107 -4.16 13.61 -2.57
C ARG A 107 -3.57 14.95 -2.13
N GLY A 108 -2.29 14.92 -1.77
CA GLY A 108 -1.63 16.13 -1.33
C GLY A 108 -0.43 15.85 -0.45
N ILE A 109 -0.40 14.65 0.13
CA ILE A 109 0.70 14.25 1.01
C ILE A 109 1.59 13.21 0.33
N TYR A 110 0.99 12.36 -0.49
CA TYR A 110 1.73 11.33 -1.20
C TYR A 110 1.61 11.50 -2.70
N SER A 111 2.29 10.63 -3.45
CA SER A 111 2.25 10.68 -4.91
C SER A 111 2.44 9.30 -5.51
N PHE A 112 1.71 9.03 -6.59
CA PHE A 112 1.80 7.74 -7.27
C PHE A 112 1.40 7.87 -8.73
N GLU A 113 1.59 6.79 -9.48
CA GLU A 113 1.26 6.77 -10.90
C GLU A 113 -0.25 6.67 -11.10
N LYS A 114 -0.72 7.15 -12.25
CA LYS A 114 -2.15 7.10 -12.57
C LYS A 114 -2.70 5.70 -12.38
N VAL A 115 -3.85 5.61 -11.71
CA VAL A 115 -4.48 4.31 -11.46
C VAL A 115 -5.90 4.28 -12.03
N LYS A 116 -6.31 3.12 -12.50
CA LYS A 116 -7.64 2.95 -13.07
C LYS A 116 -8.29 1.67 -12.57
N ALA A 117 -7.88 0.54 -13.12
CA ALA A 117 -8.42 -0.76 -12.72
C ALA A 117 -7.73 -1.89 -13.46
N HIS A 118 -7.34 -2.93 -12.72
CA HIS A 118 -6.67 -4.08 -13.31
C HIS A 118 -6.45 -5.18 -12.27
N SER A 119 -6.32 -6.41 -12.74
CA SER A 119 -6.11 -7.54 -11.85
C SER A 119 -4.96 -7.27 -10.88
N GLY A 120 -4.85 -8.11 -9.85
CA GLY A 120 -3.79 -7.95 -8.87
C GLY A 120 -2.70 -9.00 -8.99
N ASN A 121 -1.87 -9.10 -7.97
CA ASN A 121 -0.77 -10.08 -7.97
C ASN A 121 0.03 -9.99 -6.67
N GLU A 122 1.17 -10.67 -6.65
CA GLU A 122 2.03 -10.67 -5.47
C GLU A 122 2.92 -9.43 -5.44
N PHE A 123 2.74 -8.56 -6.43
CA PHE A 123 3.52 -7.33 -6.52
C PHE A 123 3.47 -6.54 -5.21
N ASN A 124 2.35 -6.68 -4.51
CA ASN A 124 2.16 -5.97 -3.24
C ASN A 124 3.01 -6.62 -2.14
N ASP A 125 3.10 -7.94 -2.16
CA ASP A 125 3.88 -8.67 -1.17
C ASP A 125 5.30 -8.15 -1.11
N TYR A 126 5.76 -7.57 -2.21
CA TYR A 126 7.12 -7.03 -2.28
C TYR A 126 7.39 -6.08 -1.12
N VAL A 127 6.36 -5.36 -0.69
CA VAL A 127 6.49 -4.42 0.43
C VAL A 127 7.04 -5.12 1.66
N ASP A 128 6.84 -6.43 1.74
CA ASP A 128 7.33 -7.21 2.87
C ASP A 128 8.82 -7.04 3.06
N MET A 129 9.58 -7.27 1.98
CA MET A 129 11.03 -7.13 2.02
C MET A 129 11.44 -5.67 2.11
N LYS A 130 10.76 -4.82 1.36
CA LYS A 130 11.05 -3.38 1.34
C LYS A 130 10.94 -2.80 2.75
N ALA A 131 9.82 -3.04 3.41
CA ALA A 131 9.59 -2.55 4.75
C ALA A 131 10.73 -2.95 5.68
N LYS A 132 11.25 -4.15 5.48
CA LYS A 132 12.35 -4.65 6.30
C LYS A 132 13.50 -3.66 6.35
N SER A 133 13.68 -2.91 5.26
CA SER A 133 14.74 -1.93 5.17
C SER A 133 14.39 -0.67 5.98
N ALA A 134 13.11 -0.32 6.00
CA ALA A 134 12.65 0.84 6.73
C ALA A 134 12.94 0.70 8.22
N LEU A 135 12.91 -0.54 8.71
CA LEU A 135 13.17 -0.80 10.12
C LEU A 135 14.66 -0.74 10.42
N GLY A 136 15.45 -1.46 9.63
CA GLY A 136 16.89 -1.47 9.84
C GLY A 136 17.41 -2.84 10.23
N ILE A 137 16.89 -3.88 9.60
CA ILE A 137 17.29 -5.25 9.89
C ILE A 137 18.69 -5.53 9.33
N ARG A 138 19.40 -6.46 9.97
CA ARG A 138 20.74 -6.83 9.55
C ARG A 138 20.70 -7.98 8.55
N ASP A 139 21.83 -8.21 7.87
CA ASP A 139 21.92 -9.29 6.89
C ASP A 139 23.32 -9.33 6.28
N LEU A 140 23.50 -10.22 5.31
CA LEU A 140 24.79 -10.37 4.64
C LEU A 140 24.79 -9.65 3.30
N GLU A 141 25.98 -9.39 2.78
CA GLU A 141 26.12 -8.71 1.49
C GLU A 141 25.34 -9.44 0.40
N HIS A 142 24.68 -8.67 -0.45
CA HIS A 142 23.89 -9.24 -1.55
C HIS A 142 23.38 -8.14 -2.48
N HIS A 143 23.12 -8.51 -3.74
CA HIS A 143 22.62 -7.56 -4.72
C HIS A 143 21.85 -8.28 -5.83
N HIS A 144 21.34 -7.51 -6.77
CA HIS A 144 20.57 -8.07 -7.89
C HIS A 144 20.21 -6.98 -8.90
N HIS A 145 19.50 -7.38 -9.95
CA HIS A 145 19.08 -6.44 -10.99
C HIS A 145 18.24 -7.14 -12.04
N HIS A 146 17.48 -6.35 -12.81
CA HIS A 146 16.62 -6.89 -13.84
C HIS A 146 15.92 -5.78 -14.62
N HIS A 147 15.31 -6.14 -15.74
CA HIS A 147 14.60 -5.16 -16.56
C HIS A 147 13.26 -5.72 -17.05
MG MG B . 2.79 -0.35 -1.50
N MET A 1 6.83 15.63 13.33
CA MET A 1 7.33 16.81 12.63
C MET A 1 8.18 16.42 11.42
N ASP A 2 8.90 15.31 11.56
CA ASP A 2 9.76 14.82 10.48
C ASP A 2 9.93 13.30 10.56
N ASP A 3 10.35 12.71 9.46
CA ASP A 3 10.56 11.26 9.42
C ASP A 3 11.87 10.92 8.71
N ARG A 4 12.05 9.64 8.40
CA ARG A 4 13.26 9.19 7.73
C ARG A 4 13.03 7.85 7.04
N THR A 5 11.79 7.60 6.65
CA THR A 5 11.44 6.36 5.98
C THR A 5 12.16 6.23 4.63
N GLU A 6 11.68 6.95 3.64
CA GLU A 6 12.27 6.92 2.31
C GLU A 6 12.14 5.53 1.69
N TYR A 7 11.27 4.72 2.25
CA TYR A 7 11.05 3.36 1.76
C TYR A 7 9.56 3.05 1.66
N ASP A 8 9.22 2.13 0.77
CA ASP A 8 7.83 1.73 0.56
C ASP A 8 7.17 1.38 1.90
N VAL A 9 5.85 1.58 1.97
CA VAL A 9 5.11 1.28 3.19
C VAL A 9 4.57 -0.16 3.16
N TYR A 10 4.57 -0.79 4.32
CA TYR A 10 4.09 -2.17 4.44
C TYR A 10 2.57 -2.23 4.29
N THR A 11 2.10 -2.16 3.05
CA THR A 11 0.67 -2.21 2.79
C THR A 11 0.30 -3.45 1.98
N ASP A 12 -1.00 -3.67 1.80
CA ASP A 12 -1.49 -4.82 1.05
C ASP A 12 -1.13 -6.12 1.76
N GLY A 13 -1.87 -7.17 1.45
CA GLY A 13 -1.61 -8.46 2.08
C GLY A 13 -2.79 -8.95 2.90
N SER A 14 -2.98 -10.27 2.93
CA SER A 14 -4.08 -10.87 3.69
C SER A 14 -3.97 -10.53 5.16
N TYR A 15 -4.78 -11.18 5.98
CA TYR A 15 -4.78 -10.97 7.42
C TYR A 15 -5.12 -12.24 8.17
N VAL A 16 -6.38 -12.66 8.08
CA VAL A 16 -6.84 -13.87 8.76
C VAL A 16 -7.85 -14.62 7.89
N ASN A 17 -7.63 -15.92 7.75
CA ASN A 17 -8.52 -16.76 6.94
C ASN A 17 -8.86 -16.09 5.61
N GLY A 18 -9.98 -16.48 5.03
CA GLY A 18 -10.39 -15.91 3.77
C GLY A 18 -11.11 -14.58 3.94
N GLN A 19 -10.49 -13.67 4.70
CA GLN A 19 -11.07 -12.36 4.94
C GLN A 19 -10.22 -11.27 4.30
N TYR A 20 -10.64 -10.02 4.47
CA TYR A 20 -9.92 -8.88 3.90
C TYR A 20 -9.59 -7.86 4.98
N ALA A 21 -8.36 -7.36 4.96
CA ALA A 21 -7.92 -6.37 5.93
C ALA A 21 -6.90 -5.41 5.32
N TRP A 22 -6.54 -4.38 6.08
CA TRP A 22 -5.57 -3.39 5.60
C TRP A 22 -4.61 -2.99 6.72
N ALA A 23 -3.32 -3.02 6.41
CA ALA A 23 -2.30 -2.67 7.39
C ALA A 23 -1.29 -1.68 6.80
N TYR A 24 -0.49 -1.06 7.66
CA TYR A 24 0.50 -0.10 7.22
C TYR A 24 1.55 0.13 8.31
N ALA A 25 2.65 0.80 7.94
CA ALA A 25 3.71 1.08 8.88
C ALA A 25 3.81 2.58 9.16
N PHE A 26 3.75 2.94 10.43
CA PHE A 26 3.83 4.34 10.84
C PHE A 26 5.13 4.62 11.60
N VAL A 27 5.76 5.76 11.29
CA VAL A 27 7.00 6.14 11.94
C VAL A 27 7.08 7.65 12.13
N LYS A 28 7.36 8.07 13.36
CA LYS A 28 7.47 9.49 13.67
C LYS A 28 8.82 9.82 14.30
N ASP A 29 9.44 10.90 13.84
CA ASP A 29 10.74 11.31 14.35
C ASP A 29 11.82 10.31 13.96
N GLY A 30 11.49 9.42 13.04
CA GLY A 30 12.44 8.42 12.60
C GLY A 30 12.40 7.16 13.44
N LYS A 31 11.26 6.91 14.08
CA LYS A 31 11.08 5.74 14.92
C LYS A 31 9.63 5.26 14.92
N VAL A 32 9.42 4.01 15.29
CA VAL A 32 8.08 3.44 15.33
C VAL A 32 7.16 4.27 16.21
N HIS A 33 6.06 4.76 15.64
CA HIS A 33 5.10 5.56 16.37
C HIS A 33 3.81 4.77 16.64
N TYR A 34 3.33 4.09 15.61
CA TYR A 34 2.11 3.30 15.72
C TYR A 34 2.32 1.89 15.19
N GLU A 35 1.24 1.11 15.16
CA GLU A 35 1.30 -0.27 14.68
C GLU A 35 -0.08 -0.89 14.64
N ASP A 36 -0.12 -2.21 14.44
CA ASP A 36 -1.38 -2.94 14.39
C ASP A 36 -2.20 -2.50 13.18
N ALA A 37 -3.06 -3.40 12.69
CA ALA A 37 -3.90 -3.11 11.54
C ALA A 37 -5.39 -3.22 11.90
N ASP A 38 -6.24 -3.19 10.89
CA ASP A 38 -7.68 -3.28 11.09
C ASP A 38 -8.33 -4.11 10.00
N VAL A 39 -9.28 -4.96 10.39
CA VAL A 39 -9.99 -5.81 9.43
C VAL A 39 -11.37 -5.25 9.12
N GLY A 40 -11.89 -5.60 7.95
CA GLY A 40 -13.20 -5.13 7.54
C GLY A 40 -14.15 -6.26 7.20
N LYS A 41 -15.44 -5.96 7.16
CA LYS A 41 -16.45 -6.95 6.85
C LYS A 41 -17.55 -6.37 5.97
N ASN A 42 -17.14 -5.67 4.91
CA ASN A 42 -18.09 -5.05 3.99
C ASN A 42 -18.45 -6.01 2.86
N PRO A 43 -19.63 -5.81 2.27
CA PRO A 43 -20.13 -6.65 1.17
C PRO A 43 -19.34 -6.43 -0.12
N ALA A 44 -19.15 -5.16 -0.48
CA ALA A 44 -18.42 -4.81 -1.69
C ALA A 44 -16.95 -5.14 -1.55
N ALA A 45 -16.47 -5.19 -0.30
CA ALA A 45 -15.07 -5.49 -0.03
C ALA A 45 -14.84 -7.00 0.04
N ALA A 46 -15.62 -7.68 0.87
CA ALA A 46 -15.51 -9.12 1.03
C ALA A 46 -15.77 -9.85 -0.29
N THR A 47 -16.77 -9.36 -1.04
CA THR A 47 -17.12 -9.96 -2.32
C THR A 47 -15.94 -9.96 -3.27
N MET A 48 -14.98 -9.08 -3.02
CA MET A 48 -13.79 -8.97 -3.86
C MET A 48 -12.66 -9.84 -3.30
N ARG A 49 -13.00 -10.75 -2.41
CA ARG A 49 -12.01 -11.64 -1.80
C ARG A 49 -11.10 -10.87 -0.86
N ASN A 50 -10.19 -10.08 -1.44
CA ASN A 50 -9.26 -9.28 -0.66
C ASN A 50 -8.61 -8.21 -1.52
N VAL A 51 -9.28 -7.83 -2.60
CA VAL A 51 -8.77 -6.81 -3.51
C VAL A 51 -8.91 -5.41 -2.89
N ALA A 52 -10.07 -5.15 -2.30
CA ALA A 52 -10.32 -3.87 -1.67
C ALA A 52 -9.59 -3.74 -0.34
N GLY A 53 -9.28 -4.89 0.27
CA GLY A 53 -8.59 -4.89 1.54
C GLY A 53 -7.11 -4.55 1.39
N GLU A 54 -6.44 -5.22 0.46
CA GLU A 54 -5.02 -4.99 0.23
C GLU A 54 -4.75 -3.52 -0.09
N ILE A 55 -5.56 -2.96 -0.99
CA ILE A 55 -5.41 -1.57 -1.39
C ILE A 55 -5.91 -0.63 -0.29
N ALA A 56 -6.90 -1.09 0.46
CA ALA A 56 -7.47 -0.29 1.54
C ALA A 56 -6.37 0.34 2.39
N ALA A 57 -5.26 -0.37 2.53
CA ALA A 57 -4.13 0.13 3.31
C ALA A 57 -3.72 1.52 2.86
N ALA A 58 -3.45 1.67 1.57
CA ALA A 58 -3.05 2.95 1.01
C ALA A 58 -4.06 4.04 1.35
N LEU A 59 -5.34 3.69 1.29
CA LEU A 59 -6.41 4.64 1.59
C LEU A 59 -6.19 5.29 2.95
N TYR A 60 -6.30 4.49 4.00
CA TYR A 60 -6.12 4.99 5.36
C TYR A 60 -4.68 5.44 5.59
N ALA A 61 -3.77 4.93 4.76
CA ALA A 61 -2.36 5.29 4.87
C ALA A 61 -2.14 6.76 4.55
N VAL A 62 -2.74 7.22 3.46
CA VAL A 62 -2.59 8.62 3.05
C VAL A 62 -3.39 9.54 3.96
N LYS A 63 -4.62 9.14 4.27
CA LYS A 63 -5.48 9.93 5.15
C LYS A 63 -4.75 10.30 6.45
N LYS A 64 -4.13 9.31 7.06
CA LYS A 64 -3.39 9.52 8.31
C LYS A 64 -2.06 10.19 8.04
N ALA A 65 -1.49 9.93 6.87
CA ALA A 65 -0.21 10.52 6.50
C ALA A 65 -0.23 12.04 6.65
N SER A 66 -1.40 12.63 6.41
CA SER A 66 -1.54 14.08 6.52
C SER A 66 -1.56 14.51 7.98
N GLN A 67 -2.02 13.62 8.85
CA GLN A 67 -2.10 13.92 10.28
C GLN A 67 -0.70 13.95 10.89
N LEU A 68 0.17 13.05 10.45
CA LEU A 68 1.53 12.99 10.95
C LEU A 68 2.45 13.92 10.17
N GLY A 69 1.86 14.69 9.25
CA GLY A 69 2.65 15.62 8.45
C GLY A 69 3.80 14.94 7.74
N VAL A 70 3.67 13.63 7.50
CA VAL A 70 4.71 12.88 6.83
C VAL A 70 4.24 12.37 5.47
N LYS A 71 5.17 12.24 4.54
CA LYS A 71 4.85 11.77 3.19
C LYS A 71 5.29 10.32 3.01
N ILE A 72 4.56 9.58 2.17
CA ILE A 72 4.88 8.19 1.91
C ILE A 72 5.63 8.04 0.59
N ARG A 73 5.98 6.79 0.26
CA ARG A 73 6.70 6.51 -0.98
C ARG A 73 5.96 7.07 -2.18
N ILE A 74 6.64 7.92 -2.95
CA ILE A 74 6.04 8.53 -4.13
C ILE A 74 6.95 8.39 -5.35
N LEU A 75 6.59 9.05 -6.43
CA LEU A 75 7.38 9.00 -7.66
C LEU A 75 7.58 7.56 -8.12
N HIS A 76 6.48 6.80 -8.17
CA HIS A 76 6.54 5.40 -8.60
C HIS A 76 7.46 4.60 -7.69
N ASP A 77 6.89 3.92 -6.71
CA ASP A 77 7.65 3.12 -5.78
C ASP A 77 7.85 1.69 -6.31
N TYR A 78 7.44 1.48 -7.55
CA TYR A 78 7.56 0.17 -8.18
C TYR A 78 6.97 -0.91 -7.29
N ALA A 79 5.89 -0.58 -6.61
CA ALA A 79 5.22 -1.53 -5.73
C ALA A 79 3.99 -2.14 -6.40
N GLY A 80 3.18 -2.85 -5.63
CA GLY A 80 1.99 -3.48 -6.16
C GLY A 80 1.04 -2.47 -6.80
N ILE A 81 1.18 -1.21 -6.42
CA ILE A 81 0.34 -0.15 -6.95
C ILE A 81 0.82 0.29 -8.33
N ALA A 82 2.13 0.51 -8.45
CA ALA A 82 2.73 0.93 -9.71
C ALA A 82 2.72 -0.20 -10.73
N PHE A 83 2.39 -1.40 -10.27
CA PHE A 83 2.35 -2.58 -11.14
C PHE A 83 1.10 -2.55 -12.03
N TRP A 84 -0.06 -2.47 -11.39
CA TRP A 84 -1.32 -2.45 -12.11
C TRP A 84 -1.63 -1.04 -12.63
N ALA A 85 -0.98 -0.04 -12.05
CA ALA A 85 -1.17 1.34 -12.45
C ALA A 85 -1.07 1.50 -13.97
N THR A 86 -0.29 0.62 -14.59
CA THR A 86 -0.12 0.65 -16.04
C THR A 86 -1.43 0.36 -16.76
N GLY A 87 -2.18 -0.62 -16.25
CA GLY A 87 -3.44 -0.98 -16.86
C GLY A 87 -3.26 -1.85 -18.08
N GLU A 88 -3.41 -3.16 -17.91
CA GLU A 88 -3.27 -4.10 -19.02
C GLU A 88 -4.63 -4.52 -19.56
N TRP A 89 -5.42 -5.18 -18.72
CA TRP A 89 -6.75 -5.64 -19.10
C TRP A 89 -7.83 -4.68 -18.60
N LYS A 90 -9.00 -4.74 -19.22
CA LYS A 90 -10.11 -3.89 -18.82
C LYS A 90 -10.61 -4.24 -17.43
N ALA A 91 -10.00 -3.65 -16.41
CA ALA A 91 -10.38 -3.91 -15.03
C ALA A 91 -11.62 -3.10 -14.65
N LYS A 92 -12.15 -2.35 -15.60
CA LYS A 92 -13.33 -1.52 -15.36
C LYS A 92 -14.39 -2.32 -14.61
N ASN A 93 -14.44 -3.62 -14.85
CA ASN A 93 -15.42 -4.48 -14.19
C ASN A 93 -14.92 -4.89 -12.80
N GLU A 94 -14.59 -3.90 -11.98
CA GLU A 94 -14.11 -4.15 -10.63
C GLU A 94 -14.43 -2.98 -9.71
N PHE A 95 -13.94 -3.06 -8.47
CA PHE A 95 -14.18 -2.00 -7.49
C PHE A 95 -12.90 -1.19 -7.24
N THR A 96 -11.77 -1.72 -7.70
CA THR A 96 -10.48 -1.05 -7.52
C THR A 96 -10.54 0.37 -8.04
N GLN A 97 -11.41 0.62 -9.00
CA GLN A 97 -11.56 1.95 -9.58
C GLN A 97 -11.71 3.00 -8.49
N ALA A 98 -12.47 2.68 -7.45
CA ALA A 98 -12.69 3.60 -6.33
C ALA A 98 -11.37 4.16 -5.83
N TYR A 99 -10.31 3.38 -5.93
CA TYR A 99 -8.99 3.81 -5.48
C TYR A 99 -8.60 5.14 -6.13
N ALA A 100 -8.64 5.18 -7.45
CA ALA A 100 -8.29 6.38 -8.19
C ALA A 100 -9.12 7.57 -7.72
N LYS A 101 -10.35 7.29 -7.32
CA LYS A 101 -11.26 8.34 -6.85
C LYS A 101 -10.87 8.80 -5.45
N LEU A 102 -10.64 7.85 -4.56
CA LEU A 102 -10.25 8.15 -3.19
C LEU A 102 -8.91 8.87 -3.14
N MET A 103 -8.17 8.80 -4.24
CA MET A 103 -6.86 9.44 -4.33
C MET A 103 -7.00 10.96 -4.17
N ASN A 104 -7.65 11.60 -5.13
CA ASN A 104 -7.84 13.04 -5.10
C ASN A 104 -8.41 13.48 -3.76
N GLN A 105 -9.24 12.63 -3.17
CA GLN A 105 -9.86 12.92 -1.88
C GLN A 105 -8.82 13.34 -0.86
N TYR A 106 -7.68 12.65 -0.85
CA TYR A 106 -6.60 12.96 0.08
C TYR A 106 -5.27 13.12 -0.66
N ARG A 107 -5.35 13.61 -1.89
CA ARG A 107 -4.15 13.82 -2.70
C ARG A 107 -3.47 15.13 -2.33
N GLY A 108 -2.18 15.05 -2.02
CA GLY A 108 -1.42 16.23 -1.66
C GLY A 108 -0.17 15.90 -0.86
N ILE A 109 -0.16 14.72 -0.26
CA ILE A 109 0.98 14.29 0.55
C ILE A 109 1.77 13.19 -0.16
N TYR A 110 1.06 12.35 -0.91
CA TYR A 110 1.68 11.26 -1.64
C TYR A 110 1.45 11.40 -3.15
N SER A 111 2.03 10.48 -3.92
CA SER A 111 1.89 10.51 -5.37
C SER A 111 1.95 9.09 -5.95
N PHE A 112 1.29 8.90 -7.09
CA PHE A 112 1.28 7.60 -7.74
C PHE A 112 0.75 7.72 -9.17
N GLU A 113 1.39 7.01 -10.09
CA GLU A 113 0.98 7.04 -11.49
C GLU A 113 -0.50 6.70 -11.64
N LYS A 114 -1.01 6.83 -12.85
CA LYS A 114 -2.41 6.54 -13.14
C LYS A 114 -2.80 5.16 -12.62
N VAL A 115 -3.98 5.06 -12.05
CA VAL A 115 -4.47 3.79 -11.51
C VAL A 115 -5.89 3.51 -11.95
N LYS A 116 -6.04 2.61 -12.92
CA LYS A 116 -7.35 2.25 -13.44
C LYS A 116 -8.06 1.26 -12.52
N ALA A 117 -7.60 0.01 -12.56
CA ALA A 117 -8.18 -1.04 -11.73
C ALA A 117 -7.45 -2.36 -11.92
N HIS A 118 -7.57 -3.24 -10.94
CA HIS A 118 -6.92 -4.55 -11.00
C HIS A 118 -7.29 -5.40 -9.79
N SER A 119 -7.28 -6.72 -9.97
CA SER A 119 -7.62 -7.63 -8.89
C SER A 119 -6.52 -7.66 -7.84
N GLY A 120 -5.41 -8.33 -8.17
CA GLY A 120 -4.29 -8.42 -7.24
C GLY A 120 -3.11 -9.16 -7.84
N ASN A 121 -2.04 -9.28 -7.06
CA ASN A 121 -0.84 -9.97 -7.51
C ASN A 121 0.18 -10.06 -6.38
N GLU A 122 1.41 -10.48 -6.73
CA GLU A 122 2.47 -10.61 -5.76
C GLU A 122 3.39 -9.40 -5.79
N PHE A 123 3.00 -8.38 -6.53
CA PHE A 123 3.79 -7.15 -6.64
C PHE A 123 3.66 -6.30 -5.39
N ASN A 124 2.50 -6.38 -4.74
CA ASN A 124 2.25 -5.62 -3.53
C ASN A 124 3.00 -6.21 -2.35
N ASP A 125 3.06 -7.54 -2.29
CA ASP A 125 3.75 -8.23 -1.21
C ASP A 125 5.20 -7.75 -1.09
N TYR A 126 5.74 -7.24 -2.19
CA TYR A 126 7.11 -6.74 -2.21
C TYR A 126 7.34 -5.76 -1.06
N VAL A 127 6.31 -4.98 -0.73
CA VAL A 127 6.40 -4.00 0.34
C VAL A 127 6.86 -4.64 1.64
N ASP A 128 6.59 -5.94 1.78
CA ASP A 128 6.98 -6.68 2.97
C ASP A 128 8.49 -6.65 3.16
N MET A 129 9.23 -6.91 2.09
CA MET A 129 10.68 -6.92 2.14
C MET A 129 11.22 -5.50 2.27
N LYS A 130 10.74 -4.61 1.42
CA LYS A 130 11.18 -3.22 1.42
C LYS A 130 10.99 -2.60 2.81
N ALA A 131 9.77 -2.67 3.32
CA ALA A 131 9.46 -2.13 4.64
C ALA A 131 10.41 -2.68 5.70
N LYS A 132 10.81 -3.94 5.54
CA LYS A 132 11.71 -4.57 6.48
C LYS A 132 12.97 -3.74 6.69
N SER A 133 13.36 -3.00 5.65
CA SER A 133 14.55 -2.16 5.72
C SER A 133 14.24 -0.86 6.47
N ALA A 134 13.02 -0.38 6.33
CA ALA A 134 12.60 0.85 6.99
C ALA A 134 12.49 0.66 8.50
N LEU A 135 11.94 -0.48 8.90
CA LEU A 135 11.78 -0.79 10.32
C LEU A 135 13.13 -1.07 10.97
N GLY A 136 14.10 -1.49 10.16
CA GLY A 136 15.42 -1.79 10.68
C GLY A 136 15.60 -3.26 10.99
N ILE A 137 14.93 -4.11 10.23
CA ILE A 137 15.02 -5.56 10.44
C ILE A 137 16.13 -6.16 9.60
N ARG A 138 16.88 -7.08 10.19
CA ARG A 138 17.99 -7.74 9.50
C ARG A 138 17.46 -8.68 8.42
N ASP A 139 18.36 -9.48 7.86
CA ASP A 139 17.99 -10.43 6.81
C ASP A 139 19.20 -11.23 6.35
N LEU A 140 18.95 -12.45 5.89
CA LEU A 140 20.02 -13.33 5.42
C LEU A 140 19.54 -14.23 4.29
N GLU A 141 19.34 -13.63 3.11
CA GLU A 141 18.87 -14.37 1.95
C GLU A 141 18.76 -13.47 0.73
N HIS A 142 18.25 -14.01 -0.37
CA HIS A 142 18.08 -13.25 -1.60
C HIS A 142 17.15 -13.98 -2.57
N HIS A 143 16.85 -13.33 -3.69
CA HIS A 143 15.96 -13.91 -4.70
C HIS A 143 16.32 -13.40 -6.09
N HIS A 144 15.71 -14.00 -7.10
CA HIS A 144 15.96 -13.60 -8.48
C HIS A 144 15.01 -14.33 -9.43
N HIS A 145 14.97 -13.86 -10.68
CA HIS A 145 14.10 -14.47 -11.69
C HIS A 145 14.54 -14.08 -13.09
N HIS A 146 13.90 -14.66 -14.09
CA HIS A 146 14.23 -14.37 -15.48
C HIS A 146 13.24 -15.05 -16.43
N HIS A 147 12.67 -14.28 -17.34
CA HIS A 147 11.71 -14.80 -18.30
C HIS A 147 11.27 -13.71 -19.28
MG MG B . 2.57 -0.18 -1.95
N MET A 1 8.61 16.57 13.82
CA MET A 1 7.84 16.35 12.60
C MET A 1 8.74 15.95 11.44
N ASP A 2 9.30 14.74 11.51
CA ASP A 2 10.19 14.24 10.47
C ASP A 2 10.27 12.72 10.52
N ASP A 3 11.18 12.16 9.73
CA ASP A 3 11.37 10.71 9.68
C ASP A 3 12.57 10.35 8.80
N ARG A 4 13.29 9.32 9.20
CA ARG A 4 14.47 8.87 8.46
C ARG A 4 14.10 7.75 7.49
N THR A 5 12.82 7.70 7.11
CA THR A 5 12.34 6.69 6.18
C THR A 5 12.95 6.86 4.79
N GLU A 6 12.78 5.85 3.95
CA GLU A 6 13.31 5.90 2.59
C GLU A 6 12.97 4.62 1.83
N TYR A 7 11.81 4.05 2.13
CA TYR A 7 11.37 2.82 1.47
C TYR A 7 9.85 2.75 1.42
N ASP A 8 9.33 1.93 0.52
CA ASP A 8 7.89 1.75 0.36
C ASP A 8 7.23 1.44 1.71
N VAL A 9 5.94 1.69 1.80
CA VAL A 9 5.19 1.44 3.02
C VAL A 9 4.59 0.05 3.02
N TYR A 10 4.59 -0.59 4.19
CA TYR A 10 4.05 -1.94 4.32
C TYR A 10 2.53 -1.93 4.21
N THR A 11 2.03 -1.86 2.98
CA THR A 11 0.60 -1.84 2.74
C THR A 11 0.20 -2.90 1.71
N ASP A 12 -1.09 -3.19 1.63
CA ASP A 12 -1.61 -4.18 0.70
C ASP A 12 -1.07 -5.57 1.03
N GLY A 13 -1.90 -6.39 1.64
CA GLY A 13 -1.50 -7.74 2.01
C GLY A 13 -1.92 -8.11 3.42
N SER A 14 -3.15 -8.60 3.56
CA SER A 14 -3.67 -8.99 4.86
C SER A 14 -5.06 -9.61 4.72
N TYR A 15 -5.35 -10.58 5.59
CA TYR A 15 -6.64 -11.26 5.56
C TYR A 15 -6.72 -12.32 6.66
N VAL A 16 -7.94 -12.74 6.98
CA VAL A 16 -8.16 -13.74 8.02
C VAL A 16 -9.27 -14.71 7.62
N ASN A 17 -8.90 -15.97 7.43
CA ASN A 17 -9.87 -16.99 7.04
C ASN A 17 -10.34 -16.78 5.61
N GLY A 18 -11.13 -15.74 5.40
CA GLY A 18 -11.63 -15.44 4.07
C GLY A 18 -12.10 -14.01 3.93
N GLN A 19 -11.59 -13.13 4.80
CA GLN A 19 -11.95 -11.73 4.77
C GLN A 19 -10.78 -10.88 4.29
N TYR A 20 -10.97 -9.56 4.27
CA TYR A 20 -9.94 -8.63 3.84
C TYR A 20 -9.51 -7.72 4.98
N ALA A 21 -8.21 -7.55 5.15
CA ALA A 21 -7.67 -6.69 6.19
C ALA A 21 -6.66 -5.69 5.63
N TRP A 22 -6.33 -4.69 6.43
CA TRP A 22 -5.38 -3.66 6.01
C TRP A 22 -4.46 -3.26 7.16
N ALA A 23 -3.16 -3.25 6.89
CA ALA A 23 -2.18 -2.89 7.90
C ALA A 23 -1.09 -1.99 7.32
N TYR A 24 -0.52 -1.13 8.15
CA TYR A 24 0.53 -0.21 7.71
C TYR A 24 1.44 0.17 8.88
N ALA A 25 2.65 0.57 8.56
CA ALA A 25 3.62 0.97 9.58
C ALA A 25 3.67 2.49 9.73
N PHE A 26 3.56 2.96 10.96
CA PHE A 26 3.58 4.39 11.24
C PHE A 26 4.82 4.76 12.05
N VAL A 27 5.43 5.90 11.72
CA VAL A 27 6.62 6.36 12.43
C VAL A 27 6.59 7.88 12.57
N LYS A 28 7.00 8.35 13.74
CA LYS A 28 7.04 9.79 14.01
C LYS A 28 8.36 10.18 14.68
N ASP A 29 8.97 11.24 14.17
CA ASP A 29 10.24 11.72 14.72
C ASP A 29 11.37 10.72 14.44
N GLY A 30 11.08 9.74 13.59
CA GLY A 30 12.08 8.74 13.27
C GLY A 30 12.05 7.57 14.22
N LYS A 31 10.89 7.31 14.80
CA LYS A 31 10.73 6.20 15.75
C LYS A 31 9.32 5.64 15.68
N VAL A 32 9.16 4.40 16.16
CA VAL A 32 7.86 3.75 16.17
C VAL A 32 6.82 4.60 16.90
N HIS A 33 5.76 4.99 16.18
CA HIS A 33 4.71 5.80 16.77
C HIS A 33 3.44 4.98 16.96
N TYR A 34 3.00 4.30 15.91
CA TYR A 34 1.80 3.48 15.97
C TYR A 34 2.06 2.09 15.40
N GLU A 35 1.13 1.17 15.65
CA GLU A 35 1.26 -0.20 15.18
C GLU A 35 0.02 -1.02 15.50
N ASP A 36 -0.85 -1.18 14.52
CA ASP A 36 -2.08 -1.94 14.69
C ASP A 36 -2.89 -1.99 13.40
N ALA A 37 -3.30 -3.20 13.01
CA ALA A 37 -4.07 -3.38 11.80
C ALA A 37 -5.55 -3.60 12.11
N ASP A 38 -6.37 -3.66 11.07
CA ASP A 38 -7.80 -3.87 11.24
C ASP A 38 -8.43 -4.44 9.97
N VAL A 39 -9.70 -4.82 10.05
CA VAL A 39 -10.41 -5.39 8.91
C VAL A 39 -11.65 -4.56 8.58
N GLY A 40 -12.21 -4.81 7.39
CA GLY A 40 -13.40 -4.08 6.98
C GLY A 40 -14.68 -4.81 7.36
N LYS A 41 -15.69 -4.73 6.49
CA LYS A 41 -16.97 -5.37 6.75
C LYS A 41 -17.94 -5.13 5.60
N ASN A 42 -17.40 -5.06 4.38
CA ASN A 42 -18.21 -4.83 3.20
C ASN A 42 -18.44 -6.13 2.44
N PRO A 43 -19.60 -6.23 1.76
CA PRO A 43 -19.96 -7.42 0.99
C PRO A 43 -19.11 -7.56 -0.27
N ALA A 44 -19.00 -6.48 -1.04
CA ALA A 44 -18.22 -6.49 -2.26
C ALA A 44 -16.73 -6.71 -1.96
N ALA A 45 -16.24 -6.06 -0.92
CA ALA A 45 -14.84 -6.17 -0.53
C ALA A 45 -14.53 -7.60 -0.06
N ALA A 46 -15.58 -8.37 0.21
CA ALA A 46 -15.42 -9.74 0.67
C ALA A 46 -15.57 -10.73 -0.48
N THR A 47 -15.46 -10.23 -1.70
CA THR A 47 -15.58 -11.06 -2.89
C THR A 47 -14.29 -11.09 -3.68
N MET A 48 -13.43 -10.10 -3.46
CA MET A 48 -12.16 -10.01 -4.16
C MET A 48 -11.04 -10.66 -3.34
N ARG A 49 -11.43 -11.52 -2.41
CA ARG A 49 -10.45 -12.21 -1.56
C ARG A 49 -9.75 -11.23 -0.64
N ASN A 50 -8.78 -10.50 -1.18
CA ASN A 50 -8.02 -9.53 -0.41
C ASN A 50 -7.44 -8.44 -1.32
N VAL A 51 -8.01 -8.32 -2.52
CA VAL A 51 -7.55 -7.32 -3.49
C VAL A 51 -8.00 -5.93 -3.08
N ALA A 52 -9.28 -5.79 -2.75
CA ALA A 52 -9.84 -4.51 -2.34
C ALA A 52 -9.21 -4.04 -1.03
N GLY A 53 -9.20 -4.92 -0.03
CA GLY A 53 -8.64 -4.59 1.26
C GLY A 53 -7.16 -4.26 1.18
N GLU A 54 -6.50 -4.72 0.12
CA GLU A 54 -5.08 -4.47 -0.06
C GLU A 54 -4.81 -2.99 -0.27
N ILE A 55 -5.47 -2.40 -1.26
CA ILE A 55 -5.30 -0.98 -1.56
C ILE A 55 -5.83 -0.12 -0.43
N ALA A 56 -6.86 -0.61 0.26
CA ALA A 56 -7.46 0.12 1.37
C ALA A 56 -6.40 0.65 2.32
N ALA A 57 -5.30 -0.09 2.45
CA ALA A 57 -4.20 0.32 3.32
C ALA A 57 -3.64 1.67 2.91
N ALA A 58 -3.19 1.76 1.67
CA ALA A 58 -2.62 3.00 1.15
C ALA A 58 -3.58 4.17 1.35
N LEU A 59 -4.87 3.90 1.20
CA LEU A 59 -5.89 4.93 1.37
C LEU A 59 -5.81 5.55 2.76
N TYR A 60 -6.12 4.75 3.78
CA TYR A 60 -6.09 5.22 5.16
C TYR A 60 -4.70 5.75 5.52
N ALA A 61 -3.67 5.15 4.93
CA ALA A 61 -2.30 5.56 5.18
C ALA A 61 -2.10 7.04 4.88
N VAL A 62 -2.72 7.51 3.81
CA VAL A 62 -2.61 8.91 3.41
C VAL A 62 -3.48 9.80 4.31
N LYS A 63 -4.70 9.36 4.57
CA LYS A 63 -5.63 10.12 5.41
C LYS A 63 -4.97 10.49 6.73
N LYS A 64 -4.37 9.51 7.39
CA LYS A 64 -3.71 9.73 8.67
C LYS A 64 -2.35 10.40 8.46
N ALA A 65 -1.71 10.11 7.33
CA ALA A 65 -0.41 10.69 7.02
C ALA A 65 -0.45 12.21 7.14
N SER A 66 -1.58 12.80 6.77
CA SER A 66 -1.74 14.25 6.83
C SER A 66 -1.86 14.72 8.27
N GLN A 67 -2.39 13.85 9.13
CA GLN A 67 -2.55 14.19 10.54
C GLN A 67 -1.21 14.26 11.25
N LEU A 68 -0.30 13.36 10.89
CA LEU A 68 1.03 13.32 11.49
C LEU A 68 1.98 14.28 10.77
N GLY A 69 1.43 15.03 9.82
CA GLY A 69 2.25 15.98 9.07
C GLY A 69 3.41 15.31 8.37
N VAL A 70 3.30 14.00 8.16
CA VAL A 70 4.35 13.25 7.49
C VAL A 70 3.89 12.78 6.10
N LYS A 71 4.80 12.12 5.39
CA LYS A 71 4.49 11.63 4.05
C LYS A 71 4.87 10.15 3.91
N ILE A 72 4.82 9.64 2.68
CA ILE A 72 5.17 8.26 2.42
C ILE A 72 5.96 8.13 1.12
N ARG A 73 6.94 7.22 1.12
CA ARG A 73 7.77 7.00 -0.05
C ARG A 73 7.12 5.99 -0.99
N ILE A 74 6.75 6.44 -2.19
CA ILE A 74 6.12 5.57 -3.17
C ILE A 74 6.26 6.14 -4.58
N LEU A 75 7.27 6.98 -4.77
CA LEU A 75 7.52 7.59 -6.07
C LEU A 75 8.07 6.57 -7.05
N HIS A 76 7.25 6.19 -8.02
CA HIS A 76 7.65 5.21 -9.03
C HIS A 76 8.02 3.88 -8.39
N ASP A 77 7.55 3.67 -7.17
CA ASP A 77 7.82 2.44 -6.44
C ASP A 77 7.33 1.22 -7.23
N TYR A 78 8.05 0.11 -7.09
CA TYR A 78 7.69 -1.11 -7.79
C TYR A 78 6.78 -1.99 -6.93
N ALA A 79 5.79 -1.36 -6.30
CA ALA A 79 4.84 -2.08 -5.45
C ALA A 79 3.64 -2.55 -6.25
N GLY A 80 2.64 -3.08 -5.54
CA GLY A 80 1.44 -3.56 -6.21
C GLY A 80 0.83 -2.52 -7.13
N ILE A 81 0.95 -1.25 -6.75
CA ILE A 81 0.40 -0.17 -7.54
C ILE A 81 1.17 0.01 -8.84
N ALA A 82 2.46 -0.29 -8.80
CA ALA A 82 3.32 -0.18 -9.98
C ALA A 82 2.85 -1.11 -11.09
N PHE A 83 2.38 -2.30 -10.70
CA PHE A 83 1.91 -3.28 -11.67
C PHE A 83 0.40 -3.19 -11.83
N TRP A 84 -0.28 -2.67 -10.82
CA TRP A 84 -1.73 -2.53 -10.85
C TRP A 84 -2.14 -1.31 -11.68
N ALA A 85 -1.26 -0.32 -11.74
CA ALA A 85 -1.53 0.89 -12.50
C ALA A 85 -1.23 0.69 -13.98
N THR A 86 -0.58 -0.43 -14.30
CA THR A 86 -0.22 -0.74 -15.68
C THR A 86 -1.47 -1.02 -16.51
N GLY A 87 -2.40 -1.76 -15.93
CA GLY A 87 -3.64 -2.10 -16.63
C GLY A 87 -4.63 -0.96 -16.64
N GLU A 88 -4.37 0.05 -17.46
CA GLU A 88 -5.26 1.22 -17.55
C GLU A 88 -6.70 0.78 -17.78
N TRP A 89 -6.87 -0.35 -18.45
CA TRP A 89 -8.20 -0.88 -18.74
C TRP A 89 -8.81 -1.52 -17.50
N LYS A 90 -9.93 -0.99 -17.04
CA LYS A 90 -10.61 -1.52 -15.87
C LYS A 90 -11.02 -2.97 -16.08
N ALA A 91 -10.30 -3.89 -15.45
CA ALA A 91 -10.59 -5.31 -15.57
C ALA A 91 -11.81 -5.70 -14.73
N LYS A 92 -11.81 -5.27 -13.47
CA LYS A 92 -12.91 -5.57 -12.56
C LYS A 92 -14.07 -4.59 -12.78
N ASN A 93 -13.73 -3.37 -13.16
CA ASN A 93 -14.75 -2.34 -13.40
C ASN A 93 -15.49 -2.01 -12.11
N GLU A 94 -14.77 -2.03 -10.99
CA GLU A 94 -15.37 -1.72 -9.70
C GLU A 94 -14.32 -1.84 -8.58
N PHE A 95 -14.55 -1.11 -7.50
CA PHE A 95 -13.63 -1.12 -6.36
C PHE A 95 -12.33 -0.39 -6.71
N THR A 96 -11.54 -1.00 -7.58
CA THR A 96 -10.26 -0.42 -7.99
C THR A 96 -10.45 1.00 -8.51
N GLN A 97 -11.45 1.19 -9.38
CA GLN A 97 -11.74 2.49 -9.95
C GLN A 97 -11.92 3.54 -8.85
N ALA A 98 -12.68 3.17 -7.81
CA ALA A 98 -12.94 4.07 -6.70
C ALA A 98 -11.64 4.45 -5.99
N TYR A 99 -10.77 3.46 -5.79
CA TYR A 99 -9.50 3.69 -5.12
C TYR A 99 -8.72 4.82 -5.78
N ALA A 100 -8.86 4.93 -7.11
CA ALA A 100 -8.18 5.97 -7.86
C ALA A 100 -8.80 7.34 -7.59
N LYS A 101 -10.08 7.34 -7.24
CA LYS A 101 -10.79 8.59 -6.95
C LYS A 101 -10.37 9.15 -5.61
N LEU A 102 -10.31 8.28 -4.60
CA LEU A 102 -9.93 8.70 -3.25
C LEU A 102 -8.58 9.41 -3.26
N MET A 103 -7.78 9.13 -4.29
CA MET A 103 -6.47 9.75 -4.42
C MET A 103 -6.57 11.27 -4.29
N ASN A 104 -7.22 11.91 -5.26
CA ASN A 104 -7.37 13.35 -5.26
C ASN A 104 -8.03 13.82 -3.96
N GLN A 105 -8.87 12.96 -3.39
CA GLN A 105 -9.56 13.30 -2.15
C GLN A 105 -8.58 13.80 -1.09
N TYR A 106 -7.47 13.09 -0.94
CA TYR A 106 -6.44 13.47 0.03
C TYR A 106 -5.07 13.48 -0.61
N ARG A 107 -5.00 13.90 -1.87
CA ARG A 107 -3.74 13.97 -2.60
C ARG A 107 -3.00 15.26 -2.28
N GLY A 108 -1.73 15.14 -1.90
CA GLY A 108 -0.93 16.30 -1.57
C GLY A 108 0.25 15.97 -0.68
N ILE A 109 0.16 14.84 0.01
CA ILE A 109 1.21 14.41 0.91
C ILE A 109 2.03 13.27 0.30
N TYR A 110 1.36 12.42 -0.47
CA TYR A 110 2.02 11.29 -1.12
C TYR A 110 2.05 11.47 -2.63
N SER A 111 2.67 10.51 -3.32
CA SER A 111 2.76 10.56 -4.78
C SER A 111 2.65 9.17 -5.37
N PHE A 112 1.77 9.02 -6.35
CA PHE A 112 1.55 7.75 -7.01
C PHE A 112 1.32 7.93 -8.51
N GLU A 113 1.25 6.82 -9.24
CA GLU A 113 1.04 6.86 -10.68
C GLU A 113 -0.45 6.75 -11.00
N LYS A 114 -0.86 7.38 -12.10
CA LYS A 114 -2.26 7.34 -12.53
C LYS A 114 -2.78 5.91 -12.59
N VAL A 115 -3.53 5.52 -11.57
CA VAL A 115 -4.09 4.17 -11.51
C VAL A 115 -5.60 4.19 -11.75
N LYS A 116 -6.11 3.10 -12.31
CA LYS A 116 -7.54 2.99 -12.59
C LYS A 116 -8.10 1.68 -12.06
N ALA A 117 -7.81 0.58 -12.76
CA ALA A 117 -8.28 -0.73 -12.37
C ALA A 117 -7.73 -1.81 -13.28
N HIS A 118 -7.27 -2.93 -12.69
CA HIS A 118 -6.72 -4.03 -13.46
C HIS A 118 -6.76 -5.32 -12.65
N SER A 119 -5.78 -5.51 -11.77
CA SER A 119 -5.71 -6.70 -10.95
C SER A 119 -4.45 -6.69 -10.08
N GLY A 120 -4.23 -7.78 -9.36
CA GLY A 120 -3.06 -7.87 -8.50
C GLY A 120 -2.91 -9.25 -7.88
N ASN A 121 -1.68 -9.59 -7.48
CA ASN A 121 -1.40 -10.87 -6.87
C ASN A 121 -0.19 -10.80 -5.95
N GLU A 122 1.00 -10.77 -6.54
CA GLU A 122 2.23 -10.70 -5.77
C GLU A 122 2.87 -9.31 -5.88
N PHE A 123 2.44 -8.56 -6.90
CA PHE A 123 2.96 -7.22 -7.12
C PHE A 123 2.91 -6.39 -5.84
N ASN A 124 1.85 -6.59 -5.07
CA ASN A 124 1.67 -5.85 -3.82
C ASN A 124 2.58 -6.42 -2.73
N ASP A 125 2.68 -7.74 -2.67
CA ASP A 125 3.51 -8.41 -1.68
C ASP A 125 4.92 -7.84 -1.69
N TYR A 126 5.32 -7.26 -2.81
CA TYR A 126 6.65 -6.68 -2.95
C TYR A 126 6.94 -5.70 -1.82
N VAL A 127 5.91 -4.97 -1.40
CA VAL A 127 6.03 -4.00 -0.33
C VAL A 127 6.57 -4.65 0.95
N ASP A 128 6.37 -5.97 1.05
CA ASP A 128 6.84 -6.71 2.22
C ASP A 128 8.36 -6.64 2.34
N MET A 129 9.05 -7.00 1.25
CA MET A 129 10.51 -6.97 1.24
C MET A 129 11.03 -5.54 1.22
N LYS A 130 10.29 -4.65 0.57
CA LYS A 130 10.67 -3.25 0.48
C LYS A 130 10.61 -2.58 1.85
N ALA A 131 9.50 -2.76 2.54
CA ALA A 131 9.30 -2.17 3.86
C ALA A 131 10.38 -2.67 4.84
N LYS A 132 10.80 -3.91 4.66
CA LYS A 132 11.82 -4.51 5.51
C LYS A 132 13.05 -3.61 5.59
N SER A 133 13.35 -2.93 4.49
CA SER A 133 14.51 -2.04 4.43
C SER A 133 14.40 -0.94 5.49
N ALA A 134 13.20 -0.40 5.64
CA ALA A 134 12.96 0.66 6.61
C ALA A 134 13.38 0.22 8.01
N LEU A 135 13.06 -1.01 8.38
CA LEU A 135 13.41 -1.54 9.69
C LEU A 135 14.91 -1.81 9.78
N GLY A 136 15.54 -2.01 8.64
CA GLY A 136 16.97 -2.26 8.62
C GLY A 136 17.30 -3.71 8.91
N ILE A 137 16.52 -4.63 8.35
CA ILE A 137 16.74 -6.05 8.57
C ILE A 137 18.03 -6.52 7.90
N ARG A 138 18.65 -7.55 8.47
CA ARG A 138 19.89 -8.09 7.94
C ARG A 138 19.69 -9.53 7.44
N ASP A 139 20.77 -10.14 6.99
CA ASP A 139 20.72 -11.51 6.49
C ASP A 139 19.81 -11.61 5.28
N LEU A 140 20.33 -11.20 4.13
CA LEU A 140 19.55 -11.23 2.88
C LEU A 140 20.13 -12.26 1.92
N GLU A 141 19.43 -12.47 0.81
CA GLU A 141 19.87 -13.43 -0.20
C GLU A 141 19.58 -12.92 -1.61
N HIS A 142 19.78 -13.78 -2.60
CA HIS A 142 19.54 -13.41 -3.99
C HIS A 142 18.44 -14.28 -4.60
N HIS A 143 17.80 -13.77 -5.65
CA HIS A 143 16.73 -14.50 -6.31
C HIS A 143 16.19 -13.71 -7.50
N HIS A 144 15.54 -14.40 -8.42
CA HIS A 144 14.97 -13.77 -9.61
C HIS A 144 14.21 -14.78 -10.46
N HIS A 145 13.52 -14.28 -11.48
CA HIS A 145 12.75 -15.14 -12.38
C HIS A 145 12.14 -14.33 -13.52
N HIS A 146 11.24 -13.41 -13.17
CA HIS A 146 10.58 -12.57 -14.17
C HIS A 146 9.63 -13.39 -15.03
N HIS A 147 10.19 -14.17 -15.95
CA HIS A 147 9.38 -15.00 -16.84
C HIS A 147 8.37 -14.16 -17.61
MG MG B . 2.59 0.51 -2.00
N MET A 1 9.79 15.62 14.27
CA MET A 1 9.46 16.39 13.07
C MET A 1 9.93 15.66 11.82
N ASP A 2 9.07 15.60 10.81
CA ASP A 2 9.40 14.94 9.55
C ASP A 2 9.64 13.44 9.78
N ASP A 3 9.94 12.73 8.71
CA ASP A 3 10.19 11.29 8.78
C ASP A 3 11.42 10.92 7.97
N ARG A 4 11.62 9.61 7.78
CA ARG A 4 12.76 9.11 7.01
C ARG A 4 12.56 7.64 6.65
N THR A 5 11.31 7.25 6.45
CA THR A 5 10.99 5.87 6.09
C THR A 5 11.85 5.39 4.92
N GLU A 6 12.07 4.09 4.86
CA GLU A 6 12.87 3.50 3.79
C GLU A 6 12.39 3.96 2.42
N TYR A 7 11.26 3.41 1.98
CA TYR A 7 10.69 3.77 0.69
C TYR A 7 9.19 3.46 0.65
N ASP A 8 8.87 2.18 0.52
CA ASP A 8 7.48 1.74 0.47
C ASP A 8 6.95 1.45 1.88
N VAL A 9 5.63 1.60 2.05
CA VAL A 9 5.00 1.36 3.34
C VAL A 9 4.49 -0.08 3.44
N TYR A 10 4.55 -0.63 4.65
CA TYR A 10 4.09 -2.00 4.87
C TYR A 10 2.56 -2.10 4.75
N THR A 11 2.09 -2.15 3.51
CA THR A 11 0.65 -2.24 3.26
C THR A 11 0.36 -3.27 2.18
N ASP A 12 -0.92 -3.46 1.89
CA ASP A 12 -1.35 -4.42 0.87
C ASP A 12 -0.97 -5.84 1.28
N GLY A 13 -1.96 -6.61 1.74
CA GLY A 13 -1.71 -7.97 2.16
C GLY A 13 -2.40 -8.31 3.47
N SER A 14 -1.82 -9.25 4.21
CA SER A 14 -2.38 -9.67 5.49
C SER A 14 -3.73 -10.35 5.29
N TYR A 15 -4.02 -11.33 6.15
CA TYR A 15 -5.28 -12.07 6.07
C TYR A 15 -5.36 -13.12 7.16
N VAL A 16 -6.59 -13.51 7.51
CA VAL A 16 -6.80 -14.51 8.54
C VAL A 16 -7.97 -15.42 8.18
N ASN A 17 -7.65 -16.70 7.94
CA ASN A 17 -8.68 -17.68 7.57
C ASN A 17 -9.23 -17.40 6.18
N GLY A 18 -10.00 -16.33 6.05
CA GLY A 18 -10.57 -15.98 4.77
C GLY A 18 -11.21 -14.59 4.77
N GLN A 19 -10.72 -13.72 5.65
CA GLN A 19 -11.24 -12.36 5.75
C GLN A 19 -10.29 -11.37 5.09
N TYR A 20 -10.62 -10.09 5.21
CA TYR A 20 -9.81 -9.03 4.62
C TYR A 20 -9.50 -7.95 5.65
N ALA A 21 -8.25 -7.51 5.68
CA ALA A 21 -7.82 -6.47 6.61
C ALA A 21 -6.83 -5.51 5.96
N TRP A 22 -6.55 -4.41 6.63
CA TRP A 22 -5.61 -3.41 6.11
C TRP A 22 -4.67 -2.94 7.21
N ALA A 23 -3.36 -2.94 6.90
CA ALA A 23 -2.36 -2.51 7.85
C ALA A 23 -1.38 -1.53 7.21
N TYR A 24 -0.59 -0.85 8.04
CA TYR A 24 0.38 0.12 7.55
C TYR A 24 1.43 0.41 8.61
N ALA A 25 2.58 0.92 8.18
CA ALA A 25 3.66 1.25 9.09
C ALA A 25 3.76 2.76 9.31
N PHE A 26 3.61 3.18 10.56
CA PHE A 26 3.68 4.59 10.90
C PHE A 26 4.98 4.93 11.63
N VAL A 27 5.60 6.03 11.24
CA VAL A 27 6.85 6.46 11.85
C VAL A 27 6.96 7.98 11.88
N LYS A 28 7.32 8.52 13.04
CA LYS A 28 7.47 9.96 13.20
C LYS A 28 8.85 10.32 13.73
N ASP A 29 9.46 11.33 13.13
CA ASP A 29 10.79 11.77 13.54
C ASP A 29 11.84 10.70 13.23
N GLY A 30 11.45 9.71 12.44
CA GLY A 30 12.37 8.63 12.09
C GLY A 30 12.32 7.49 13.09
N LYS A 31 11.20 7.37 13.80
CA LYS A 31 11.04 6.31 14.80
C LYS A 31 9.57 5.91 14.92
N VAL A 32 9.33 4.73 15.48
CA VAL A 32 7.98 4.22 15.66
C VAL A 32 7.11 5.22 16.42
N HIS A 33 5.96 5.55 15.87
CA HIS A 33 5.04 6.49 16.52
C HIS A 33 3.83 5.76 17.10
N TYR A 34 3.09 5.07 16.24
CA TYR A 34 1.91 4.33 16.67
C TYR A 34 1.60 3.19 15.70
N GLU A 35 1.31 2.01 16.27
CA GLU A 35 1.00 0.84 15.45
C GLU A 35 -0.33 0.23 15.89
N ASP A 36 -1.19 -0.07 14.92
CA ASP A 36 -2.49 -0.67 15.20
C ASP A 36 -3.26 -0.91 13.90
N ALA A 37 -3.37 -2.19 13.53
CA ALA A 37 -4.09 -2.56 12.32
C ALA A 37 -5.59 -2.60 12.55
N ASP A 38 -6.35 -2.96 11.52
CA ASP A 38 -7.80 -3.05 11.62
C ASP A 38 -8.37 -3.97 10.55
N VAL A 39 -9.46 -4.64 10.89
CA VAL A 39 -10.11 -5.57 9.95
C VAL A 39 -11.47 -5.06 9.53
N GLY A 40 -11.93 -5.49 8.36
CA GLY A 40 -13.23 -5.08 7.86
C GLY A 40 -14.26 -6.18 7.93
N LYS A 41 -15.33 -6.03 7.16
CA LYS A 41 -16.41 -7.01 7.13
C LYS A 41 -17.49 -6.61 6.14
N ASN A 42 -17.09 -5.96 5.05
CA ASN A 42 -18.03 -5.52 4.03
C ASN A 42 -18.22 -6.60 2.96
N PRO A 43 -19.39 -6.57 2.30
CA PRO A 43 -19.72 -7.54 1.25
C PRO A 43 -18.89 -7.34 -0.01
N ALA A 44 -18.81 -6.10 -0.47
CA ALA A 44 -18.04 -5.77 -1.67
C ALA A 44 -16.54 -5.95 -1.42
N ALA A 45 -16.15 -5.91 -0.16
CA ALA A 45 -14.75 -6.06 0.22
C ALA A 45 -14.43 -7.52 0.54
N ALA A 46 -15.44 -8.27 0.95
CA ALA A 46 -15.27 -9.68 1.28
C ALA A 46 -15.68 -10.57 0.12
N THR A 47 -15.78 -9.99 -1.06
CA THR A 47 -16.17 -10.74 -2.25
C THR A 47 -15.07 -10.73 -3.31
N MET A 48 -14.10 -9.84 -3.11
CA MET A 48 -12.98 -9.72 -4.04
C MET A 48 -11.79 -10.54 -3.57
N ARG A 49 -12.06 -11.66 -2.91
CA ARG A 49 -11.00 -12.53 -2.41
C ARG A 49 -10.18 -11.81 -1.35
N ASN A 50 -10.79 -10.87 -0.66
CA ASN A 50 -10.11 -10.11 0.38
C ASN A 50 -8.98 -9.28 -0.20
N VAL A 51 -9.00 -9.12 -1.52
CA VAL A 51 -7.96 -8.34 -2.21
C VAL A 51 -8.13 -6.85 -1.96
N ALA A 52 -9.37 -6.39 -2.01
CA ALA A 52 -9.67 -4.97 -1.79
C ALA A 52 -9.04 -4.49 -0.48
N GLY A 53 -9.08 -5.33 0.54
CA GLY A 53 -8.52 -4.97 1.83
C GLY A 53 -7.07 -4.56 1.73
N GLU A 54 -6.33 -5.17 0.80
CA GLU A 54 -4.93 -4.86 0.60
C GLU A 54 -4.74 -3.39 0.25
N ILE A 55 -5.44 -2.93 -0.79
CA ILE A 55 -5.35 -1.54 -1.22
C ILE A 55 -5.96 -0.61 -0.18
N ALA A 56 -6.96 -1.09 0.54
CA ALA A 56 -7.63 -0.29 1.56
C ALA A 56 -6.61 0.39 2.46
N ALA A 57 -5.56 -0.34 2.83
CA ALA A 57 -4.52 0.19 3.71
C ALA A 57 -4.00 1.53 3.17
N ALA A 58 -3.68 1.55 1.88
CA ALA A 58 -3.17 2.76 1.24
C ALA A 58 -4.08 3.95 1.51
N LEU A 59 -5.38 3.70 1.45
CA LEU A 59 -6.37 4.76 1.68
C LEU A 59 -6.18 5.38 3.06
N TYR A 60 -6.46 4.59 4.09
CA TYR A 60 -6.33 5.06 5.47
C TYR A 60 -4.92 5.57 5.74
N ALA A 61 -3.93 4.97 5.07
CA ALA A 61 -2.55 5.37 5.23
C ALA A 61 -2.34 6.82 4.84
N VAL A 62 -3.02 7.26 3.78
CA VAL A 62 -2.91 8.63 3.31
C VAL A 62 -3.70 9.58 4.21
N LYS A 63 -4.92 9.18 4.56
CA LYS A 63 -5.77 9.99 5.41
C LYS A 63 -5.04 10.42 6.68
N LYS A 64 -4.36 9.47 7.32
CA LYS A 64 -3.60 9.75 8.53
C LYS A 64 -2.29 10.46 8.21
N ALA A 65 -1.75 10.17 7.03
CA ALA A 65 -0.49 10.77 6.60
C ALA A 65 -0.55 12.29 6.72
N SER A 66 -1.74 12.85 6.53
CA SER A 66 -1.93 14.30 6.61
C SER A 66 -1.94 14.77 8.06
N GLN A 67 -2.35 13.88 8.96
CA GLN A 67 -2.40 14.20 10.38
C GLN A 67 -1.01 14.25 10.98
N LEU A 68 -0.20 13.23 10.67
CA LEU A 68 1.17 13.15 11.19
C LEU A 68 2.08 14.12 10.43
N GLY A 69 1.54 14.77 9.41
CA GLY A 69 2.32 15.71 8.63
C GLY A 69 3.42 15.04 7.84
N VAL A 70 3.37 13.72 7.78
CA VAL A 70 4.38 12.95 7.04
C VAL A 70 3.89 12.59 5.64
N LYS A 71 4.78 12.01 4.84
CA LYS A 71 4.44 11.62 3.48
C LYS A 71 5.03 10.25 3.15
N ILE A 72 4.34 9.50 2.30
CA ILE A 72 4.78 8.18 1.90
C ILE A 72 5.46 8.22 0.53
N ARG A 73 5.89 7.05 0.06
CA ARG A 73 6.56 6.95 -1.24
C ARG A 73 5.71 7.60 -2.33
N ILE A 74 6.33 8.49 -3.09
CA ILE A 74 5.63 9.19 -4.18
C ILE A 74 6.47 9.21 -5.45
N LEU A 75 6.01 9.95 -6.44
CA LEU A 75 6.72 10.06 -7.71
C LEU A 75 6.68 8.73 -8.48
N HIS A 76 7.49 7.78 -8.03
CA HIS A 76 7.54 6.48 -8.67
C HIS A 76 7.77 5.38 -7.63
N ASP A 77 6.82 5.20 -6.73
CA ASP A 77 6.92 4.19 -5.68
C ASP A 77 7.24 2.83 -6.29
N TYR A 78 6.45 2.41 -7.27
CA TYR A 78 6.64 1.12 -7.92
C TYR A 78 6.79 0.00 -6.89
N ALA A 79 5.95 0.04 -5.86
CA ALA A 79 5.98 -0.97 -4.81
C ALA A 79 4.62 -1.62 -4.64
N GLY A 80 3.93 -1.84 -5.76
CA GLY A 80 2.62 -2.47 -5.71
C GLY A 80 1.57 -1.66 -6.45
N ILE A 81 1.11 -0.57 -5.83
CA ILE A 81 0.09 0.28 -6.44
C ILE A 81 0.50 0.70 -7.84
N ALA A 82 1.77 1.04 -8.01
CA ALA A 82 2.29 1.46 -9.30
C ALA A 82 2.46 0.27 -10.24
N PHE A 83 2.57 -0.91 -9.66
CA PHE A 83 2.74 -2.14 -10.45
C PHE A 83 1.62 -2.27 -11.48
N TRP A 84 0.38 -2.23 -11.01
CA TRP A 84 -0.77 -2.34 -11.89
C TRP A 84 -1.09 -1.01 -12.55
N ALA A 85 -0.70 0.08 -11.90
CA ALA A 85 -0.95 1.42 -12.42
C ALA A 85 -0.26 1.60 -13.78
N THR A 86 0.72 0.75 -14.06
CA THR A 86 1.45 0.83 -15.32
C THR A 86 0.54 0.52 -16.50
N GLY A 87 -0.57 -0.15 -16.23
CA GLY A 87 -1.51 -0.49 -17.28
C GLY A 87 -1.63 -1.99 -17.48
N GLU A 88 -2.29 -2.66 -16.54
CA GLU A 88 -2.48 -4.11 -16.62
C GLU A 88 -3.86 -4.45 -17.15
N TRP A 89 -4.88 -3.83 -16.57
CA TRP A 89 -6.26 -4.07 -16.97
C TRP A 89 -6.98 -2.76 -17.26
N LYS A 90 -8.05 -2.83 -18.04
CA LYS A 90 -8.84 -1.66 -18.38
C LYS A 90 -9.53 -1.08 -17.15
N ALA A 91 -9.81 0.22 -17.20
CA ALA A 91 -10.48 0.89 -16.10
C ALA A 91 -11.86 0.30 -15.84
N LYS A 92 -12.37 -0.44 -16.82
CA LYS A 92 -13.69 -1.06 -16.71
C LYS A 92 -13.80 -1.84 -15.40
N ASN A 93 -12.69 -2.39 -14.93
CA ASN A 93 -12.66 -3.16 -13.70
C ASN A 93 -12.96 -2.27 -12.49
N GLU A 94 -14.10 -2.51 -11.86
CA GLU A 94 -14.50 -1.73 -10.70
C GLU A 94 -13.66 -2.10 -9.48
N PHE A 95 -14.04 -1.58 -8.32
CA PHE A 95 -13.32 -1.85 -7.07
C PHE A 95 -11.97 -1.14 -7.07
N THR A 96 -11.06 -1.62 -7.91
CA THR A 96 -9.73 -1.04 -8.00
C THR A 96 -9.78 0.41 -8.48
N GLN A 97 -10.59 0.64 -9.51
CA GLN A 97 -10.74 1.98 -10.08
C GLN A 97 -11.03 3.01 -8.98
N ALA A 98 -11.89 2.63 -8.03
CA ALA A 98 -12.25 3.52 -6.93
C ALA A 98 -11.01 4.13 -6.30
N TYR A 99 -9.93 3.36 -6.24
CA TYR A 99 -8.68 3.83 -5.66
C TYR A 99 -8.23 5.14 -6.31
N ALA A 100 -8.13 5.12 -7.64
CA ALA A 100 -7.71 6.31 -8.38
C ALA A 100 -8.62 7.50 -8.07
N LYS A 101 -9.87 7.21 -7.73
CA LYS A 101 -10.83 8.26 -7.40
C LYS A 101 -10.55 8.85 -6.03
N LEU A 102 -10.39 7.98 -5.03
CA LEU A 102 -10.12 8.42 -3.68
C LEU A 102 -8.81 9.18 -3.60
N MET A 103 -7.97 9.01 -4.62
CA MET A 103 -6.68 9.68 -4.67
C MET A 103 -6.85 11.20 -4.56
N ASN A 104 -7.47 11.80 -5.56
CA ASN A 104 -7.70 13.23 -5.57
C ASN A 104 -8.43 13.68 -4.30
N GLN A 105 -9.28 12.81 -3.78
CA GLN A 105 -10.04 13.10 -2.57
C GLN A 105 -9.11 13.62 -1.47
N TYR A 106 -8.02 12.90 -1.24
CA TYR A 106 -7.07 13.28 -0.20
C TYR A 106 -5.66 13.43 -0.79
N ARG A 107 -5.61 13.85 -2.06
CA ARG A 107 -4.32 14.04 -2.74
C ARG A 107 -3.62 15.30 -2.23
N GLY A 108 -2.33 15.15 -1.94
CA GLY A 108 -1.56 16.28 -1.44
C GLY A 108 -0.38 15.85 -0.60
N ILE A 109 -0.43 14.63 -0.09
CA ILE A 109 0.64 14.10 0.75
C ILE A 109 1.35 12.94 0.06
N TYR A 110 0.59 12.16 -0.71
CA TYR A 110 1.14 11.01 -1.41
C TYR A 110 0.83 11.09 -2.91
N SER A 111 1.33 10.12 -3.66
CA SER A 111 1.09 10.07 -5.10
C SER A 111 1.49 8.72 -5.67
N PHE A 112 0.99 8.42 -6.88
CA PHE A 112 1.29 7.15 -7.53
C PHE A 112 1.12 7.28 -9.04
N GLU A 113 1.51 6.22 -9.76
CA GLU A 113 1.40 6.22 -11.22
C GLU A 113 -0.06 6.38 -11.65
N LYS A 114 -0.31 6.20 -12.94
CA LYS A 114 -1.65 6.33 -13.48
C LYS A 114 -2.50 5.11 -13.14
N VAL A 115 -2.81 4.96 -11.85
CA VAL A 115 -3.61 3.83 -11.40
C VAL A 115 -4.96 3.79 -12.11
N LYS A 116 -5.23 2.69 -12.80
CA LYS A 116 -6.48 2.52 -13.53
C LYS A 116 -7.33 1.43 -12.90
N ALA A 117 -6.95 0.18 -13.11
CA ALA A 117 -7.68 -0.96 -12.56
C ALA A 117 -7.04 -2.27 -12.95
N HIS A 118 -6.98 -3.20 -12.01
CA HIS A 118 -6.38 -4.52 -12.25
C HIS A 118 -6.87 -5.54 -11.24
N SER A 119 -6.86 -6.81 -11.64
CA SER A 119 -7.32 -7.88 -10.77
C SER A 119 -6.45 -7.96 -9.51
N GLY A 120 -5.25 -8.48 -9.66
CA GLY A 120 -4.33 -8.61 -8.54
C GLY A 120 -3.14 -9.50 -8.85
N ASN A 121 -2.14 -9.46 -7.98
CA ASN A 121 -0.94 -10.27 -8.16
C ASN A 121 0.00 -10.13 -6.97
N GLU A 122 1.26 -10.49 -7.17
CA GLU A 122 2.25 -10.41 -6.11
C GLU A 122 2.74 -8.97 -5.91
N PHE A 123 2.06 -8.04 -6.58
CA PHE A 123 2.42 -6.63 -6.49
C PHE A 123 2.54 -6.19 -5.03
N ASN A 124 1.67 -6.74 -4.18
CA ASN A 124 1.68 -6.40 -2.77
C ASN A 124 2.82 -7.12 -2.05
N ASP A 125 3.06 -8.37 -2.42
CA ASP A 125 4.12 -9.17 -1.82
C ASP A 125 5.45 -8.43 -1.89
N TYR A 126 5.57 -7.53 -2.86
CA TYR A 126 6.80 -6.76 -3.05
C TYR A 126 7.13 -5.94 -1.80
N VAL A 127 6.10 -5.30 -1.25
CA VAL A 127 6.28 -4.48 -0.06
C VAL A 127 6.88 -5.29 1.08
N ASP A 128 6.75 -6.61 1.00
CA ASP A 128 7.30 -7.49 2.03
C ASP A 128 8.81 -7.36 2.11
N MET A 129 9.48 -7.39 0.96
CA MET A 129 10.92 -7.28 0.90
C MET A 129 11.37 -5.84 1.20
N LYS A 130 10.68 -4.88 0.59
CA LYS A 130 11.00 -3.48 0.79
C LYS A 130 10.85 -3.08 2.26
N ALA A 131 9.68 -3.37 2.83
CA ALA A 131 9.40 -3.04 4.21
C ALA A 131 10.47 -3.62 5.14
N LYS A 132 11.00 -4.78 4.76
CA LYS A 132 12.03 -5.44 5.55
C LYS A 132 13.20 -4.49 5.84
N SER A 133 13.44 -3.57 4.91
CA SER A 133 14.52 -2.60 5.05
C SER A 133 14.10 -1.46 6.00
N ALA A 134 12.84 -1.07 5.91
CA ALA A 134 12.32 0.01 6.75
C ALA A 134 12.34 -0.39 8.22
N LEU A 135 11.94 -1.63 8.50
CA LEU A 135 11.91 -2.13 9.87
C LEU A 135 13.32 -2.21 10.45
N GLY A 136 14.23 -2.83 9.70
CA GLY A 136 15.60 -2.95 10.15
C GLY A 136 16.04 -4.40 10.27
N ILE A 137 16.46 -4.98 9.15
CA ILE A 137 16.91 -6.36 9.13
C ILE A 137 18.39 -6.45 8.77
N ARG A 138 19.10 -7.37 9.43
CA ARG A 138 20.52 -7.55 9.18
C ARG A 138 20.79 -7.80 7.70
N ASP A 139 22.07 -7.82 7.33
CA ASP A 139 22.47 -8.03 5.94
C ASP A 139 23.98 -8.02 5.80
N LEU A 140 24.49 -8.78 4.84
CA LEU A 140 25.92 -8.86 4.59
C LEU A 140 26.21 -9.21 3.15
N GLU A 141 26.00 -8.26 2.25
CA GLU A 141 26.24 -8.47 0.83
C GLU A 141 26.01 -7.18 0.04
N HIS A 142 26.09 -7.29 -1.28
CA HIS A 142 25.89 -6.14 -2.16
C HIS A 142 25.68 -6.58 -3.61
N HIS A 143 24.42 -6.66 -4.03
CA HIS A 143 24.09 -7.07 -5.38
C HIS A 143 22.60 -6.94 -5.64
N HIS A 144 22.20 -7.11 -6.90
CA HIS A 144 20.79 -7.01 -7.28
C HIS A 144 20.25 -5.61 -7.00
N HIS A 145 20.10 -4.82 -8.06
CA HIS A 145 19.58 -3.46 -7.93
C HIS A 145 19.39 -2.83 -9.31
N HIS A 146 18.18 -2.35 -9.58
CA HIS A 146 17.87 -1.72 -10.85
C HIS A 146 17.00 -0.48 -10.65
N HIS A 147 15.78 -0.68 -10.16
CA HIS A 147 14.86 0.42 -9.91
C HIS A 147 13.59 -0.08 -9.22
MG MG B . 2.07 1.16 -1.32
N MET A 1 6.94 14.64 14.20
CA MET A 1 6.94 15.37 12.93
C MET A 1 8.13 14.98 12.08
N ASP A 2 8.05 15.28 10.78
CA ASP A 2 9.13 14.96 9.85
C ASP A 2 9.31 13.45 9.74
N ASP A 3 9.92 13.03 8.65
CA ASP A 3 10.16 11.60 8.42
C ASP A 3 11.44 11.39 7.60
N ARG A 4 12.20 10.37 7.96
CA ARG A 4 13.45 10.06 7.27
C ARG A 4 13.31 8.80 6.42
N THR A 5 12.06 8.46 6.11
CA THR A 5 11.78 7.27 5.30
C THR A 5 11.65 7.64 3.83
N GLU A 6 11.80 6.64 2.96
CA GLU A 6 11.69 6.86 1.52
C GLU A 6 11.90 5.55 0.76
N TYR A 7 11.18 4.51 1.16
CA TYR A 7 11.29 3.22 0.52
C TYR A 7 9.91 2.64 0.20
N ASP A 8 9.33 1.95 1.18
CA ASP A 8 8.01 1.36 1.01
C ASP A 8 7.30 1.21 2.35
N VAL A 9 5.97 1.16 2.31
CA VAL A 9 5.18 1.01 3.52
C VAL A 9 4.71 -0.42 3.72
N TYR A 10 4.75 -0.90 4.95
CA TYR A 10 4.34 -2.27 5.27
C TYR A 10 2.82 -2.40 5.19
N THR A 11 2.32 -2.52 3.96
CA THR A 11 0.88 -2.66 3.74
C THR A 11 0.56 -3.96 3.02
N ASP A 12 -0.72 -4.20 2.80
CA ASP A 12 -1.17 -5.41 2.11
C ASP A 12 -0.80 -6.66 2.92
N GLY A 13 -1.71 -7.08 3.78
CA GLY A 13 -1.47 -8.26 4.60
C GLY A 13 -1.81 -9.54 3.88
N SER A 14 -3.04 -10.03 4.08
CA SER A 14 -3.50 -11.26 3.45
C SER A 14 -4.96 -11.54 3.79
N TYR A 15 -5.19 -12.00 5.02
CA TYR A 15 -6.54 -12.31 5.47
C TYR A 15 -6.53 -12.83 6.90
N VAL A 16 -7.72 -12.98 7.48
CA VAL A 16 -7.85 -13.48 8.84
C VAL A 16 -9.04 -14.41 8.98
N ASN A 17 -8.76 -15.70 9.17
CA ASN A 17 -9.81 -16.70 9.33
C ASN A 17 -10.54 -16.92 8.00
N GLY A 18 -11.33 -15.94 7.59
CA GLY A 18 -12.08 -16.05 6.35
C GLY A 18 -12.48 -14.69 5.80
N GLN A 19 -11.80 -13.64 6.24
CA GLN A 19 -12.09 -12.30 5.78
C GLN A 19 -10.84 -11.60 5.26
N TYR A 20 -10.98 -10.33 4.89
CA TYR A 20 -9.86 -9.56 4.37
C TYR A 20 -9.44 -8.48 5.36
N ALA A 21 -8.13 -8.35 5.58
CA ALA A 21 -7.60 -7.36 6.50
C ALA A 21 -6.64 -6.42 5.79
N TRP A 22 -6.22 -5.36 6.49
CA TRP A 22 -5.30 -4.38 5.91
C TRP A 22 -4.53 -3.67 7.02
N ALA A 23 -3.21 -3.61 6.86
CA ALA A 23 -2.36 -2.95 7.84
C ALA A 23 -1.41 -1.96 7.15
N TYR A 24 -0.64 -1.23 7.97
CA TYR A 24 0.30 -0.24 7.44
C TYR A 24 1.40 0.06 8.47
N ALA A 25 2.41 0.80 8.03
CA ALA A 25 3.51 1.16 8.91
C ALA A 25 3.57 2.66 9.13
N PHE A 26 3.60 3.07 10.39
CA PHE A 26 3.66 4.49 10.73
C PHE A 26 5.01 4.85 11.33
N VAL A 27 5.52 6.02 10.95
CA VAL A 27 6.82 6.48 11.44
C VAL A 27 6.82 8.00 11.64
N LYS A 28 7.30 8.44 12.79
CA LYS A 28 7.36 9.86 13.11
C LYS A 28 8.76 10.26 13.56
N ASP A 29 9.26 11.36 12.98
CA ASP A 29 10.60 11.85 13.32
C ASP A 29 11.67 10.89 12.83
N GLY A 30 11.27 9.93 11.99
CA GLY A 30 12.21 8.95 11.47
C GLY A 30 12.31 7.71 12.35
N LYS A 31 11.24 7.43 13.09
CA LYS A 31 11.22 6.27 13.96
C LYS A 31 9.81 5.71 14.09
N VAL A 32 9.69 4.47 14.56
CA VAL A 32 8.40 3.83 14.72
C VAL A 32 7.53 4.60 15.72
N HIS A 33 6.37 5.05 15.25
CA HIS A 33 5.44 5.80 16.10
C HIS A 33 4.22 4.96 16.45
N TYR A 34 3.62 4.33 15.45
CA TYR A 34 2.45 3.49 15.66
C TYR A 34 2.63 2.13 15.00
N GLU A 35 1.63 1.26 15.17
CA GLU A 35 1.68 -0.08 14.60
C GLU A 35 0.41 -0.85 14.93
N ASP A 36 -0.40 -1.12 13.91
CA ASP A 36 -1.64 -1.85 14.10
C ASP A 36 -2.29 -2.18 12.75
N ALA A 37 -3.47 -2.79 12.81
CA ALA A 37 -4.19 -3.17 11.59
C ALA A 37 -5.69 -3.29 11.86
N ASP A 38 -6.46 -3.47 10.80
CA ASP A 38 -7.90 -3.61 10.92
C ASP A 38 -8.47 -4.41 9.75
N VAL A 39 -9.74 -4.81 9.87
CA VAL A 39 -10.40 -5.58 8.83
C VAL A 39 -11.60 -4.82 8.27
N GLY A 40 -11.99 -5.17 7.04
CA GLY A 40 -13.13 -4.51 6.42
C GLY A 40 -14.31 -5.44 6.24
N LYS A 41 -15.51 -4.89 6.24
CA LYS A 41 -16.72 -5.67 6.08
C LYS A 41 -17.65 -5.04 5.06
N ASN A 42 -17.10 -4.66 3.92
CA ASN A 42 -17.89 -4.03 2.86
C ASN A 42 -18.35 -5.07 1.84
N PRO A 43 -19.43 -4.75 1.11
CA PRO A 43 -19.99 -5.65 0.10
C PRO A 43 -19.09 -5.76 -1.13
N ALA A 44 -18.56 -4.63 -1.58
CA ALA A 44 -17.68 -4.61 -2.74
C ALA A 44 -16.30 -5.14 -2.39
N ALA A 45 -15.87 -4.94 -1.15
CA ALA A 45 -14.57 -5.40 -0.69
C ALA A 45 -14.59 -6.90 -0.42
N ALA A 46 -15.56 -7.35 0.37
CA ALA A 46 -15.68 -8.76 0.70
C ALA A 46 -15.69 -9.62 -0.56
N THR A 47 -16.38 -9.14 -1.59
CA THR A 47 -16.48 -9.86 -2.85
C THR A 47 -15.09 -10.16 -3.41
N MET A 48 -14.20 -9.17 -3.33
CA MET A 48 -12.84 -9.32 -3.84
C MET A 48 -11.83 -9.17 -2.71
N ARG A 49 -11.93 -10.04 -1.71
CA ARG A 49 -11.01 -9.99 -0.57
C ARG A 49 -9.57 -10.00 -1.04
N ASN A 50 -8.66 -9.58 -0.16
CA ASN A 50 -7.23 -9.54 -0.48
C ASN A 50 -6.94 -8.40 -1.44
N VAL A 51 -7.41 -8.53 -2.68
CA VAL A 51 -7.18 -7.52 -3.71
C VAL A 51 -7.61 -6.15 -3.21
N ALA A 52 -8.80 -6.08 -2.61
CA ALA A 52 -9.31 -4.82 -2.08
C ALA A 52 -8.62 -4.44 -0.78
N GLY A 53 -8.14 -5.44 -0.05
CA GLY A 53 -7.46 -5.19 1.20
C GLY A 53 -6.16 -4.43 1.02
N GLU A 54 -5.30 -4.95 0.14
CA GLU A 54 -4.02 -4.32 -0.14
C GLU A 54 -4.19 -2.86 -0.52
N ILE A 55 -5.18 -2.59 -1.37
CA ILE A 55 -5.46 -1.23 -1.82
C ILE A 55 -6.11 -0.41 -0.71
N ALA A 56 -6.90 -1.07 0.13
CA ALA A 56 -7.58 -0.41 1.23
C ALA A 56 -6.59 0.25 2.18
N ALA A 57 -5.53 -0.47 2.49
CA ALA A 57 -4.50 0.04 3.40
C ALA A 57 -3.98 1.38 2.93
N ALA A 58 -3.68 1.48 1.63
CA ALA A 58 -3.17 2.72 1.06
C ALA A 58 -4.09 3.89 1.38
N LEU A 59 -5.39 3.65 1.32
CA LEU A 59 -6.38 4.68 1.60
C LEU A 59 -6.18 5.26 3.01
N TYR A 60 -6.41 4.43 4.02
CA TYR A 60 -6.25 4.86 5.40
C TYR A 60 -4.84 5.36 5.65
N ALA A 61 -3.87 4.72 5.02
CA ALA A 61 -2.47 5.10 5.17
C ALA A 61 -2.25 6.55 4.78
N VAL A 62 -2.93 6.98 3.72
CA VAL A 62 -2.82 8.35 3.24
C VAL A 62 -3.58 9.32 4.13
N LYS A 63 -4.80 8.95 4.48
CA LYS A 63 -5.64 9.78 5.34
C LYS A 63 -4.89 10.19 6.61
N LYS A 64 -4.24 9.22 7.23
CA LYS A 64 -3.48 9.47 8.45
C LYS A 64 -2.16 10.16 8.14
N ALA A 65 -1.60 9.88 6.97
CA ALA A 65 -0.34 10.48 6.55
C ALA A 65 -0.38 11.99 6.68
N SER A 66 -1.58 12.57 6.50
CA SER A 66 -1.75 14.01 6.60
C SER A 66 -1.76 14.46 8.05
N GLN A 67 -2.30 13.61 8.93
CA GLN A 67 -2.37 13.92 10.35
C GLN A 67 -0.97 14.04 10.96
N LEU A 68 -0.07 13.15 10.54
CA LEU A 68 1.30 13.16 11.04
C LEU A 68 2.16 14.15 10.25
N GLY A 69 1.53 14.86 9.32
CA GLY A 69 2.24 15.84 8.53
C GLY A 69 3.43 15.23 7.79
N VAL A 70 3.39 13.92 7.59
CA VAL A 70 4.47 13.22 6.90
C VAL A 70 3.98 12.68 5.56
N LYS A 71 4.88 12.01 4.84
CA LYS A 71 4.56 11.44 3.54
C LYS A 71 4.97 9.98 3.47
N ILE A 72 4.34 9.23 2.56
CA ILE A 72 4.65 7.82 2.39
C ILE A 72 5.58 7.60 1.20
N ARG A 73 5.95 6.35 0.96
CA ARG A 73 6.83 6.00 -0.14
C ARG A 73 6.03 5.49 -1.33
N ILE A 74 6.25 6.11 -2.50
CA ILE A 74 5.55 5.71 -3.71
C ILE A 74 6.50 5.72 -4.92
N LEU A 75 7.42 6.68 -4.92
CA LEU A 75 8.38 6.80 -6.01
C LEU A 75 9.03 5.46 -6.32
N HIS A 76 9.94 5.02 -5.45
CA HIS A 76 10.63 3.75 -5.63
C HIS A 76 9.91 2.64 -4.88
N ASP A 77 8.58 2.60 -5.02
CA ASP A 77 7.77 1.58 -4.36
C ASP A 77 7.58 0.37 -5.27
N TYR A 78 7.06 0.61 -6.46
CA TYR A 78 6.83 -0.46 -7.42
C TYR A 78 5.89 -1.51 -6.84
N ALA A 79 5.11 -1.12 -5.85
CA ALA A 79 4.16 -2.03 -5.20
C ALA A 79 3.02 -2.38 -6.15
N GLY A 80 2.16 -3.29 -5.70
CA GLY A 80 1.02 -3.71 -6.52
C GLY A 80 0.16 -2.53 -6.94
N ILE A 81 0.22 -1.45 -6.18
CA ILE A 81 -0.56 -0.26 -6.48
C ILE A 81 -0.02 0.46 -7.70
N ALA A 82 1.30 0.63 -7.74
CA ALA A 82 1.95 1.31 -8.86
C ALA A 82 1.95 0.43 -10.11
N PHE A 83 1.89 -0.88 -9.89
CA PHE A 83 1.87 -1.83 -11.01
C PHE A 83 0.71 -1.54 -11.96
N TRP A 84 -0.50 -1.54 -11.41
CA TRP A 84 -1.70 -1.28 -12.20
C TRP A 84 -1.91 0.21 -12.39
N ALA A 85 -1.25 1.02 -11.55
CA ALA A 85 -1.37 2.47 -11.64
C ALA A 85 -1.04 2.97 -13.05
N THR A 86 -0.27 2.18 -13.78
CA THR A 86 0.12 2.54 -15.14
C THR A 86 -1.10 2.61 -16.06
N GLY A 87 -2.18 1.95 -15.64
CA GLY A 87 -3.39 1.95 -16.45
C GLY A 87 -3.26 1.09 -17.69
N GLU A 88 -3.55 -0.20 -17.56
CA GLU A 88 -3.45 -1.12 -18.68
C GLU A 88 -4.84 -1.39 -19.27
N TRP A 89 -5.78 -1.75 -18.42
CA TRP A 89 -7.15 -2.03 -18.87
C TRP A 89 -8.06 -2.30 -17.68
N LYS A 90 -9.28 -1.79 -17.75
CA LYS A 90 -10.25 -1.98 -16.67
C LYS A 90 -10.67 -3.44 -16.56
N ALA A 91 -9.92 -4.20 -15.76
CA ALA A 91 -10.22 -5.62 -15.56
C ALA A 91 -11.39 -5.80 -14.62
N LYS A 92 -11.34 -5.12 -13.47
CA LYS A 92 -12.40 -5.21 -12.48
C LYS A 92 -13.51 -4.21 -12.77
N ASN A 93 -13.14 -2.94 -12.89
CA ASN A 93 -14.10 -1.88 -13.17
C ASN A 93 -15.27 -1.95 -12.18
N GLU A 94 -14.99 -1.70 -10.91
CA GLU A 94 -16.02 -1.74 -9.88
C GLU A 94 -15.58 -0.95 -8.65
N PHE A 95 -14.67 -1.55 -7.87
CA PHE A 95 -14.17 -0.91 -6.66
C PHE A 95 -12.79 -0.31 -6.91
N THR A 96 -11.99 -0.98 -7.73
CA THR A 96 -10.64 -0.51 -8.03
C THR A 96 -10.66 0.93 -8.54
N GLN A 97 -11.71 1.28 -9.28
CA GLN A 97 -11.86 2.62 -9.82
C GLN A 97 -12.01 3.65 -8.70
N ALA A 98 -12.80 3.30 -7.68
CA ALA A 98 -13.03 4.18 -6.55
C ALA A 98 -11.71 4.71 -5.99
N TYR A 99 -10.67 3.89 -6.07
CA TYR A 99 -9.35 4.28 -5.57
C TYR A 99 -8.90 5.60 -6.17
N ALA A 100 -8.90 5.66 -7.50
CA ALA A 100 -8.50 6.87 -8.21
C ALA A 100 -9.31 8.08 -7.73
N LYS A 101 -10.54 7.84 -7.31
CA LYS A 101 -11.42 8.90 -6.84
C LYS A 101 -11.00 9.36 -5.44
N LEU A 102 -10.74 8.39 -4.57
CA LEU A 102 -10.33 8.70 -3.19
C LEU A 102 -8.95 9.36 -3.17
N MET A 103 -8.17 9.14 -4.23
CA MET A 103 -6.84 9.71 -4.33
C MET A 103 -6.89 11.23 -4.17
N ASN A 104 -7.50 11.90 -5.14
CA ASN A 104 -7.61 13.35 -5.11
C ASN A 104 -8.28 13.82 -3.81
N GLN A 105 -9.17 12.98 -3.28
CA GLN A 105 -9.88 13.30 -2.05
C GLN A 105 -8.90 13.68 -0.94
N TYR A 106 -7.83 12.90 -0.82
CA TYR A 106 -6.83 13.14 0.21
C TYR A 106 -5.42 13.16 -0.40
N ARG A 107 -5.32 13.69 -1.61
CA ARG A 107 -4.02 13.77 -2.29
C ARG A 107 -3.17 14.89 -1.72
N GLY A 108 -1.87 14.84 -2.01
CA GLY A 108 -0.96 15.86 -1.51
C GLY A 108 0.18 15.26 -0.72
N ILE A 109 -0.14 14.43 0.26
CA ILE A 109 0.88 13.80 1.10
C ILE A 109 1.56 12.65 0.36
N TYR A 110 0.83 12.04 -0.57
CA TYR A 110 1.36 10.92 -1.35
C TYR A 110 1.16 11.15 -2.84
N SER A 111 1.65 10.22 -3.65
CA SER A 111 1.54 10.32 -5.10
C SER A 111 1.62 8.94 -5.75
N PHE A 112 1.15 8.85 -6.99
CA PHE A 112 1.17 7.60 -7.73
C PHE A 112 0.80 7.81 -9.19
N GLU A 113 0.97 6.77 -10.00
CA GLU A 113 0.66 6.86 -11.42
C GLU A 113 -0.84 7.02 -11.64
N LYS A 114 -1.23 7.25 -12.89
CA LYS A 114 -2.64 7.42 -13.24
C LYS A 114 -3.39 6.11 -13.12
N VAL A 115 -3.81 5.78 -11.91
CA VAL A 115 -4.56 4.54 -11.66
C VAL A 115 -5.87 4.53 -12.42
N LYS A 116 -6.32 3.33 -12.80
CA LYS A 116 -7.57 3.18 -13.54
C LYS A 116 -8.46 2.13 -12.87
N ALA A 117 -8.09 0.86 -13.04
CA ALA A 117 -8.86 -0.23 -12.45
C ALA A 117 -8.25 -1.58 -12.81
N HIS A 118 -7.47 -2.13 -11.91
CA HIS A 118 -6.82 -3.42 -12.13
C HIS A 118 -6.04 -3.87 -10.90
N SER A 119 -5.90 -5.18 -10.74
CA SER A 119 -5.18 -5.74 -9.59
C SER A 119 -5.11 -7.26 -9.69
N GLY A 120 -4.17 -7.85 -8.96
CA GLY A 120 -4.00 -9.29 -8.99
C GLY A 120 -2.56 -9.71 -9.20
N ASN A 121 -1.77 -9.71 -8.13
CA ASN A 121 -0.37 -10.10 -8.21
C ASN A 121 0.29 -10.02 -6.85
N GLU A 122 1.56 -10.41 -6.79
CA GLU A 122 2.32 -10.39 -5.54
C GLU A 122 3.12 -9.09 -5.41
N PHE A 123 2.95 -8.20 -6.38
CA PHE A 123 3.67 -6.93 -6.38
C PHE A 123 3.47 -6.20 -5.05
N ASN A 124 2.33 -6.44 -4.42
CA ASN A 124 2.02 -5.81 -3.14
C ASN A 124 2.78 -6.48 -2.00
N ASP A 125 2.71 -7.80 -1.95
CA ASP A 125 3.39 -8.57 -0.91
C ASP A 125 4.87 -8.21 -0.85
N TYR A 126 5.40 -7.70 -1.96
CA TYR A 126 6.80 -7.31 -2.04
C TYR A 126 7.17 -6.38 -0.89
N VAL A 127 6.18 -5.61 -0.42
CA VAL A 127 6.40 -4.68 0.69
C VAL A 127 6.93 -5.40 1.91
N ASP A 128 6.72 -6.71 1.98
CA ASP A 128 7.18 -7.51 3.10
C ASP A 128 8.69 -7.40 3.26
N MET A 129 9.42 -7.66 2.19
CA MET A 129 10.87 -7.59 2.21
C MET A 129 11.35 -6.14 2.27
N LYS A 130 10.68 -5.27 1.53
CA LYS A 130 11.03 -3.85 1.50
C LYS A 130 10.92 -3.25 2.90
N ALA A 131 9.75 -3.41 3.51
CA ALA A 131 9.51 -2.87 4.85
C ALA A 131 10.59 -3.31 5.82
N LYS A 132 11.10 -4.53 5.63
CA LYS A 132 12.14 -5.07 6.49
C LYS A 132 13.32 -4.11 6.59
N SER A 133 13.66 -3.47 5.47
CA SER A 133 14.77 -2.53 5.44
C SER A 133 14.34 -1.18 6.01
N ALA A 134 13.08 -0.83 5.82
CA ALA A 134 12.55 0.43 6.31
C ALA A 134 12.70 0.53 7.83
N LEU A 135 12.54 -0.60 8.51
CA LEU A 135 12.65 -0.64 9.96
C LEU A 135 14.11 -0.76 10.39
N GLY A 136 14.84 -1.67 9.75
CA GLY A 136 16.24 -1.86 10.08
C GLY A 136 16.53 -3.25 10.61
N ILE A 137 16.82 -4.18 9.71
CA ILE A 137 17.11 -5.55 10.10
C ILE A 137 18.54 -5.94 9.74
N ARG A 138 19.17 -6.74 10.59
CA ARG A 138 20.54 -7.18 10.38
C ARG A 138 20.69 -7.80 8.99
N ASP A 139 21.93 -8.07 8.60
CA ASP A 139 22.22 -8.67 7.30
C ASP A 139 23.72 -8.90 7.13
N LEU A 140 24.09 -9.44 5.96
CA LEU A 140 25.50 -9.70 5.67
C LEU A 140 25.74 -9.75 4.17
N GLU A 141 26.96 -10.09 3.78
CA GLU A 141 27.33 -10.16 2.37
C GLU A 141 26.37 -11.09 1.62
N HIS A 142 25.80 -10.58 0.52
CA HIS A 142 24.87 -11.35 -0.29
C HIS A 142 24.60 -10.65 -1.62
N HIS A 143 24.39 -11.45 -2.66
CA HIS A 143 24.11 -10.91 -3.98
C HIS A 143 23.54 -12.00 -4.90
N HIS A 144 22.22 -11.99 -5.05
CA HIS A 144 21.54 -12.97 -5.90
C HIS A 144 20.05 -12.68 -5.98
N HIS A 145 19.51 -12.71 -7.20
CA HIS A 145 18.10 -12.45 -7.41
C HIS A 145 17.69 -12.77 -8.85
N HIS A 146 18.37 -13.76 -9.44
CA HIS A 146 18.08 -14.17 -10.81
C HIS A 146 18.18 -12.98 -11.76
N HIS A 147 17.84 -13.21 -13.03
CA HIS A 147 17.88 -12.15 -14.03
C HIS A 147 16.63 -12.20 -14.92
MG MG B . 2.23 -0.50 -0.97
N MET A 1 7.94 16.86 10.63
CA MET A 1 8.76 17.40 9.56
C MET A 1 9.27 16.29 8.65
N ASP A 2 9.83 15.25 9.26
CA ASP A 2 10.36 14.12 8.50
C ASP A 2 10.28 12.84 9.31
N ASP A 3 10.72 11.73 8.72
CA ASP A 3 10.71 10.44 9.39
C ASP A 3 11.94 9.62 9.03
N ARG A 4 11.96 8.36 9.44
CA ARG A 4 13.08 7.47 9.16
C ARG A 4 12.64 6.32 8.25
N THR A 5 11.57 6.53 7.49
CA THR A 5 11.05 5.52 6.59
C THR A 5 12.07 5.19 5.50
N GLU A 6 12.05 3.94 5.03
CA GLU A 6 12.97 3.49 3.99
C GLU A 6 12.50 3.97 2.61
N TYR A 7 11.26 3.66 2.28
CA TYR A 7 10.70 4.04 0.99
C TYR A 7 9.26 3.56 0.85
N ASP A 8 9.10 2.25 0.70
CA ASP A 8 7.77 1.65 0.56
C ASP A 8 7.13 1.44 1.93
N VAL A 9 5.82 1.19 1.92
CA VAL A 9 5.09 0.97 3.16
C VAL A 9 4.61 -0.47 3.27
N TYR A 10 4.63 -1.01 4.48
CA TYR A 10 4.21 -2.38 4.72
C TYR A 10 2.70 -2.51 4.60
N THR A 11 2.21 -2.58 3.37
CA THR A 11 0.77 -2.70 3.12
C THR A 11 0.47 -3.94 2.30
N ASP A 12 -0.81 -4.18 2.03
CA ASP A 12 -1.24 -5.33 1.25
C ASP A 12 -0.75 -6.63 1.89
N GLY A 13 -1.52 -7.15 2.84
CA GLY A 13 -1.14 -8.37 3.51
C GLY A 13 -1.69 -8.45 4.92
N SER A 14 -2.92 -8.94 5.05
CA SER A 14 -3.57 -9.05 6.36
C SER A 14 -4.94 -9.70 6.24
N TYR A 15 -5.27 -10.55 7.20
CA TYR A 15 -6.55 -11.25 7.19
C TYR A 15 -6.69 -12.15 8.42
N VAL A 16 -7.92 -12.53 8.73
CA VAL A 16 -8.19 -13.39 9.87
C VAL A 16 -9.18 -14.50 9.52
N ASN A 17 -8.72 -15.74 9.56
CA ASN A 17 -9.56 -16.89 9.24
C ASN A 17 -9.87 -16.93 7.75
N GLY A 18 -10.69 -15.99 7.29
CA GLY A 18 -11.06 -15.94 5.89
C GLY A 18 -11.62 -14.60 5.48
N GLN A 19 -11.28 -13.56 6.25
CA GLN A 19 -11.76 -12.22 5.96
C GLN A 19 -10.63 -11.34 5.41
N TYR A 20 -10.94 -10.08 5.16
CA TYR A 20 -9.96 -9.15 4.63
C TYR A 20 -9.57 -8.11 5.67
N ALA A 21 -8.27 -7.86 5.81
CA ALA A 21 -7.77 -6.89 6.77
C ALA A 21 -6.73 -5.98 6.14
N TRP A 22 -6.30 -4.96 6.88
CA TRP A 22 -5.31 -4.01 6.40
C TRP A 22 -4.39 -3.57 7.52
N ALA A 23 -3.08 -3.64 7.28
CA ALA A 23 -2.09 -3.23 8.27
C ALA A 23 -0.95 -2.44 7.63
N TYR A 24 -0.61 -1.31 8.24
CA TYR A 24 0.45 -0.46 7.73
C TYR A 24 1.36 0.03 8.86
N ALA A 25 2.65 0.15 8.56
CA ALA A 25 3.62 0.60 9.55
C ALA A 25 3.71 2.12 9.57
N PHE A 26 3.60 2.70 10.77
CA PHE A 26 3.67 4.16 10.93
C PHE A 26 4.87 4.55 11.78
N VAL A 27 5.68 5.47 11.26
CA VAL A 27 6.86 5.94 11.98
C VAL A 27 7.19 7.38 11.62
N LYS A 28 6.96 8.30 12.56
CA LYS A 28 7.24 9.70 12.35
C LYS A 28 8.29 10.21 13.32
N ASP A 29 9.16 11.10 12.85
CA ASP A 29 10.21 11.66 13.68
C ASP A 29 11.31 10.64 13.93
N GLY A 30 11.22 9.50 13.27
CA GLY A 30 12.21 8.46 13.44
C GLY A 30 11.88 7.52 14.59
N LYS A 31 10.58 7.40 14.90
CA LYS A 31 10.15 6.53 15.98
C LYS A 31 8.75 5.99 15.70
N VAL A 32 8.38 4.92 16.40
CA VAL A 32 7.07 4.31 16.22
C VAL A 32 5.95 5.22 16.74
N HIS A 33 5.11 5.68 15.81
CA HIS A 33 4.01 6.57 16.17
C HIS A 33 2.72 5.77 16.36
N TYR A 34 2.50 4.78 15.50
CA TYR A 34 1.32 3.95 15.57
C TYR A 34 1.68 2.47 15.52
N GLU A 35 0.66 1.61 15.56
CA GLU A 35 0.87 0.18 15.51
C GLU A 35 -0.46 -0.58 15.43
N ASP A 36 -0.39 -1.90 15.44
CA ASP A 36 -1.59 -2.72 15.36
C ASP A 36 -2.32 -2.52 14.04
N ALA A 37 -3.22 -3.43 13.72
CA ALA A 37 -3.98 -3.34 12.48
C ALA A 37 -5.48 -3.48 12.75
N ASP A 38 -6.26 -3.55 11.67
CA ASP A 38 -7.71 -3.68 11.79
C ASP A 38 -8.29 -4.37 10.56
N VAL A 39 -9.47 -4.96 10.73
CA VAL A 39 -10.14 -5.66 9.64
C VAL A 39 -11.41 -4.94 9.22
N GLY A 40 -12.02 -5.40 8.13
CA GLY A 40 -13.25 -4.79 7.65
C GLY A 40 -14.44 -5.73 7.72
N LYS A 41 -15.40 -5.53 6.83
CA LYS A 41 -16.60 -6.35 6.80
C LYS A 41 -17.53 -5.92 5.68
N ASN A 42 -16.96 -5.45 4.58
CA ASN A 42 -17.75 -4.99 3.44
C ASN A 42 -17.86 -6.09 2.39
N PRO A 43 -18.97 -6.06 1.62
CA PRO A 43 -19.24 -7.04 0.57
C PRO A 43 -18.29 -6.89 -0.62
N ALA A 44 -18.15 -5.66 -1.10
CA ALA A 44 -17.28 -5.39 -2.23
C ALA A 44 -15.84 -5.79 -1.93
N ALA A 45 -15.49 -5.82 -0.64
CA ALA A 45 -14.16 -6.20 -0.21
C ALA A 45 -14.05 -7.71 -0.03
N ALA A 46 -14.90 -8.26 0.83
CA ALA A 46 -14.89 -9.70 1.10
C ALA A 46 -15.06 -10.50 -0.19
N THR A 47 -15.92 -10.00 -1.07
CA THR A 47 -16.18 -10.67 -2.34
C THR A 47 -14.90 -10.85 -3.15
N MET A 48 -13.91 -9.99 -2.88
CA MET A 48 -12.63 -10.06 -3.57
C MET A 48 -11.62 -10.86 -2.77
N ARG A 49 -12.11 -11.65 -1.82
CA ARG A 49 -11.25 -12.47 -0.98
C ARG A 49 -10.43 -11.60 -0.02
N ASN A 50 -9.44 -10.90 -0.56
CA ASN A 50 -8.58 -10.04 0.23
C ASN A 50 -7.82 -9.06 -0.64
N VAL A 51 -8.35 -8.82 -1.84
CA VAL A 51 -7.72 -7.89 -2.79
C VAL A 51 -7.92 -6.45 -2.35
N ALA A 52 -9.17 -6.09 -2.08
CA ALA A 52 -9.50 -4.73 -1.65
C ALA A 52 -8.84 -4.40 -0.32
N GLY A 53 -8.85 -5.37 0.60
CA GLY A 53 -8.25 -5.16 1.91
C GLY A 53 -6.81 -4.71 1.81
N GLU A 54 -6.15 -5.04 0.70
CA GLU A 54 -4.76 -4.65 0.50
C GLU A 54 -4.64 -3.17 0.21
N ILE A 55 -5.37 -2.71 -0.81
CA ILE A 55 -5.33 -1.30 -1.19
C ILE A 55 -6.00 -0.43 -0.13
N ALA A 56 -6.99 -0.99 0.54
CA ALA A 56 -7.72 -0.26 1.58
C ALA A 56 -6.75 0.41 2.56
N ALA A 57 -5.61 -0.22 2.76
CA ALA A 57 -4.59 0.31 3.67
C ALA A 57 -4.03 1.63 3.15
N ALA A 58 -3.68 1.64 1.86
CA ALA A 58 -3.12 2.84 1.23
C ALA A 58 -4.03 4.05 1.48
N LEU A 59 -5.32 3.81 1.57
CA LEU A 59 -6.29 4.88 1.81
C LEU A 59 -6.02 5.58 3.14
N TYR A 60 -6.23 4.84 4.23
CA TYR A 60 -6.01 5.39 5.57
C TYR A 60 -4.57 5.86 5.73
N ALA A 61 -3.65 5.21 5.03
CA ALA A 61 -2.24 5.58 5.10
C ALA A 61 -2.01 7.02 4.65
N VAL A 62 -2.74 7.43 3.61
CA VAL A 62 -2.62 8.78 3.09
C VAL A 62 -3.35 9.78 3.99
N LYS A 63 -4.56 9.43 4.39
CA LYS A 63 -5.36 10.28 5.25
C LYS A 63 -4.59 10.68 6.51
N LYS A 64 -3.98 9.69 7.16
CA LYS A 64 -3.21 9.94 8.36
C LYS A 64 -1.84 10.53 8.03
N ALA A 65 -1.32 10.18 6.85
CA ALA A 65 -0.03 10.67 6.41
C ALA A 65 0.03 12.20 6.50
N SER A 66 -1.10 12.85 6.22
CA SER A 66 -1.18 14.30 6.26
C SER A 66 -1.10 14.81 7.69
N GLN A 67 -1.54 13.99 8.63
CA GLN A 67 -1.52 14.35 10.04
C GLN A 67 -0.11 14.30 10.60
N LEU A 68 0.65 13.28 10.19
CA LEU A 68 2.02 13.11 10.65
C LEU A 68 2.98 13.90 9.77
N GLY A 69 2.47 14.48 8.69
CA GLY A 69 3.30 15.27 7.79
C GLY A 69 4.52 14.50 7.33
N VAL A 70 4.37 13.20 7.15
CA VAL A 70 5.48 12.36 6.71
C VAL A 70 5.28 11.91 5.25
N LYS A 71 4.03 11.72 4.86
CA LYS A 71 3.71 11.30 3.51
C LYS A 71 4.27 9.91 3.22
N ILE A 72 4.23 9.51 1.96
CA ILE A 72 4.74 8.20 1.55
C ILE A 72 5.43 8.27 0.20
N ARG A 73 5.94 7.13 -0.26
CA ARG A 73 6.62 7.06 -1.54
C ARG A 73 5.74 7.61 -2.66
N ILE A 74 6.29 8.54 -3.43
CA ILE A 74 5.55 9.14 -4.54
C ILE A 74 5.96 8.53 -5.87
N LEU A 75 5.05 8.57 -6.84
CA LEU A 75 5.32 8.01 -8.17
C LEU A 75 5.51 6.51 -8.10
N HIS A 76 6.00 5.93 -9.19
CA HIS A 76 6.22 4.49 -9.26
C HIS A 76 7.01 4.00 -8.04
N ASP A 77 6.43 3.08 -7.29
CA ASP A 77 7.08 2.54 -6.10
C ASP A 77 7.47 1.09 -6.32
N TYR A 78 7.42 0.65 -7.56
CA TYR A 78 7.78 -0.72 -7.91
C TYR A 78 6.98 -1.72 -7.08
N ALA A 79 5.81 -1.29 -6.63
CA ALA A 79 4.94 -2.14 -5.82
C ALA A 79 3.66 -2.51 -6.57
N GLY A 80 2.71 -3.10 -5.87
CA GLY A 80 1.46 -3.49 -6.49
C GLY A 80 0.58 -2.30 -6.83
N ILE A 81 0.93 -1.13 -6.27
CA ILE A 81 0.17 0.09 -6.52
C ILE A 81 0.56 0.71 -7.86
N ALA A 82 1.87 0.79 -8.11
CA ALA A 82 2.37 1.37 -9.35
C ALA A 82 2.18 0.41 -10.51
N PHE A 83 2.32 -0.89 -10.24
CA PHE A 83 2.17 -1.91 -11.27
C PHE A 83 0.81 -1.80 -11.94
N TRP A 84 -0.24 -1.70 -11.13
CA TRP A 84 -1.60 -1.58 -11.66
C TRP A 84 -1.91 -0.16 -12.08
N ALA A 85 -1.27 0.80 -11.41
CA ALA A 85 -1.47 2.21 -11.73
C ALA A 85 -0.99 2.53 -13.13
N THR A 86 -0.22 1.61 -13.71
CA THR A 86 0.31 1.81 -15.06
C THR A 86 -0.81 1.86 -16.09
N GLY A 87 -1.95 1.29 -15.75
CA GLY A 87 -3.09 1.29 -16.66
C GLY A 87 -2.82 0.49 -17.92
N GLU A 88 -2.70 -0.83 -17.77
CA GLU A 88 -2.44 -1.70 -18.90
C GLU A 88 -3.72 -2.38 -19.37
N TRP A 89 -4.68 -2.50 -18.47
CA TRP A 89 -5.95 -3.13 -18.79
C TRP A 89 -7.12 -2.18 -18.49
N LYS A 90 -8.26 -2.45 -19.12
CA LYS A 90 -9.45 -1.62 -18.92
C LYS A 90 -9.71 -1.39 -17.43
N ALA A 91 -10.37 -0.29 -17.12
CA ALA A 91 -10.69 0.04 -15.74
C ALA A 91 -11.86 -0.79 -15.22
N LYS A 92 -12.45 -1.60 -16.11
CA LYS A 92 -13.57 -2.45 -15.75
C LYS A 92 -13.08 -3.78 -15.16
N ASN A 93 -11.76 -3.91 -15.04
CA ASN A 93 -11.17 -5.12 -14.49
C ASN A 93 -11.78 -5.46 -13.13
N GLU A 94 -11.51 -4.61 -12.14
CA GLU A 94 -12.02 -4.82 -10.80
C GLU A 94 -12.63 -3.53 -10.24
N PHE A 95 -12.85 -3.50 -8.93
CA PHE A 95 -13.42 -2.33 -8.28
C PHE A 95 -12.34 -1.29 -7.97
N THR A 96 -11.14 -1.54 -8.47
CA THR A 96 -10.02 -0.63 -8.25
C THR A 96 -10.39 0.80 -8.65
N GLN A 97 -11.36 0.93 -9.54
CA GLN A 97 -11.80 2.24 -10.01
C GLN A 97 -12.02 3.19 -8.83
N ALA A 98 -12.78 2.72 -7.84
CA ALA A 98 -13.07 3.53 -6.66
C ALA A 98 -11.79 3.96 -5.96
N TYR A 99 -10.86 3.02 -5.78
CA TYR A 99 -9.59 3.30 -5.13
C TYR A 99 -8.88 4.47 -5.82
N ALA A 100 -8.91 4.47 -7.14
CA ALA A 100 -8.26 5.53 -7.91
C ALA A 100 -8.95 6.88 -7.69
N LYS A 101 -10.24 6.82 -7.38
CA LYS A 101 -11.03 8.03 -7.14
C LYS A 101 -10.67 8.65 -5.79
N LEU A 102 -10.63 7.81 -4.75
CA LEU A 102 -10.31 8.28 -3.42
C LEU A 102 -8.96 9.01 -3.40
N MET A 103 -8.14 8.74 -4.40
CA MET A 103 -6.83 9.37 -4.52
C MET A 103 -6.96 10.89 -4.47
N ASN A 104 -7.59 11.46 -5.50
CA ASN A 104 -7.77 12.90 -5.57
C ASN A 104 -8.44 13.44 -4.31
N GLN A 105 -9.30 12.62 -3.72
CA GLN A 105 -10.00 13.01 -2.50
C GLN A 105 -9.03 13.54 -1.45
N TYR A 106 -7.96 12.79 -1.22
CA TYR A 106 -6.95 13.18 -0.24
C TYR A 106 -5.57 13.30 -0.89
N ARG A 107 -5.56 13.68 -2.17
CA ARG A 107 -4.31 13.84 -2.90
C ARG A 107 -3.63 15.15 -2.54
N GLY A 108 -2.34 15.07 -2.23
CA GLY A 108 -1.59 16.26 -1.86
C GLY A 108 -0.35 15.94 -1.03
N ILE A 109 -0.35 14.77 -0.41
CA ILE A 109 0.77 14.34 0.41
C ILE A 109 1.57 13.24 -0.28
N TYR A 110 0.87 12.39 -1.03
CA TYR A 110 1.51 11.30 -1.74
C TYR A 110 1.27 11.40 -3.24
N SER A 111 1.84 10.47 -4.00
CA SER A 111 1.68 10.46 -5.45
C SER A 111 1.84 9.05 -6.00
N PHE A 112 1.26 8.81 -7.17
CA PHE A 112 1.32 7.50 -7.81
C PHE A 112 0.92 7.59 -9.28
N GLU A 113 1.18 6.52 -10.02
CA GLU A 113 0.85 6.48 -11.44
C GLU A 113 -0.65 6.70 -11.65
N LYS A 114 -1.08 6.61 -12.91
CA LYS A 114 -2.48 6.80 -13.26
C LYS A 114 -3.32 5.62 -12.77
N VAL A 115 -3.68 5.64 -11.49
CA VAL A 115 -4.48 4.57 -10.92
C VAL A 115 -5.87 4.50 -11.56
N LYS A 116 -6.28 3.31 -11.94
CA LYS A 116 -7.58 3.11 -12.56
C LYS A 116 -8.18 1.78 -12.17
N ALA A 117 -7.72 0.71 -12.80
CA ALA A 117 -8.21 -0.64 -12.51
C ALA A 117 -7.55 -1.67 -13.42
N HIS A 118 -6.86 -2.62 -12.82
CA HIS A 118 -6.18 -3.68 -13.57
C HIS A 118 -6.16 -4.98 -12.79
N SER A 119 -5.25 -5.07 -11.82
CA SER A 119 -5.13 -6.28 -11.00
C SER A 119 -4.00 -6.12 -9.98
N GLY A 120 -3.73 -7.20 -9.25
CA GLY A 120 -2.68 -7.17 -8.26
C GLY A 120 -2.69 -8.39 -7.35
N ASN A 121 -1.52 -8.94 -7.08
CA ASN A 121 -1.41 -10.11 -6.22
C ASN A 121 -0.03 -10.17 -5.55
N GLU A 122 0.98 -10.55 -6.33
CA GLU A 122 2.34 -10.65 -5.82
C GLU A 122 3.04 -9.29 -5.85
N PHE A 123 2.67 -8.47 -6.83
CA PHE A 123 3.26 -7.15 -6.98
C PHE A 123 3.20 -6.38 -5.66
N ASN A 124 2.12 -6.58 -4.91
CA ASN A 124 1.94 -5.91 -3.63
C ASN A 124 2.82 -6.54 -2.55
N ASP A 125 2.87 -7.88 -2.55
CA ASP A 125 3.67 -8.60 -1.58
C ASP A 125 5.10 -8.08 -1.55
N TYR A 126 5.53 -7.48 -2.65
CA TYR A 126 6.88 -6.93 -2.75
C TYR A 126 7.19 -6.02 -1.58
N VAL A 127 6.17 -5.30 -1.11
CA VAL A 127 6.34 -4.38 0.02
C VAL A 127 6.88 -5.11 1.24
N ASP A 128 6.68 -6.42 1.28
CA ASP A 128 7.15 -7.24 2.40
C ASP A 128 8.65 -7.08 2.58
N MET A 129 9.40 -7.26 1.51
CA MET A 129 10.86 -7.13 1.55
C MET A 129 11.27 -5.67 1.70
N LYS A 130 10.70 -4.81 0.86
CA LYS A 130 11.01 -3.39 0.89
C LYS A 130 10.79 -2.81 2.29
N ALA A 131 9.75 -3.32 2.97
CA ALA A 131 9.43 -2.86 4.32
C ALA A 131 10.44 -3.39 5.34
N LYS A 132 10.93 -4.60 5.09
CA LYS A 132 11.90 -5.22 5.99
C LYS A 132 13.07 -4.29 6.25
N SER A 133 13.41 -3.48 5.26
CA SER A 133 14.52 -2.53 5.39
C SER A 133 14.11 -1.32 6.21
N ALA A 134 12.83 -0.95 6.11
CA ALA A 134 12.31 0.19 6.84
C ALA A 134 12.52 0.03 8.33
N LEU A 135 12.48 -1.21 8.80
CA LEU A 135 12.66 -1.50 10.22
C LEU A 135 14.14 -1.51 10.59
N GLY A 136 14.89 -2.44 10.00
CA GLY A 136 16.31 -2.54 10.28
C GLY A 136 16.79 -3.96 10.46
N ILE A 137 16.22 -4.87 9.66
CA ILE A 137 16.59 -6.28 9.74
C ILE A 137 18.05 -6.49 9.34
N ARG A 138 18.57 -5.60 8.50
CA ARG A 138 19.95 -5.70 8.05
C ARG A 138 20.16 -6.95 7.23
N ASP A 139 20.56 -6.78 5.97
CA ASP A 139 20.81 -7.90 5.08
C ASP A 139 21.29 -7.41 3.71
N LEU A 140 21.49 -8.35 2.79
CA LEU A 140 21.95 -8.01 1.45
C LEU A 140 21.60 -9.13 0.45
N GLU A 141 21.95 -8.91 -0.81
CA GLU A 141 21.67 -9.89 -1.85
C GLU A 141 22.23 -9.44 -3.20
N HIS A 142 21.96 -10.21 -4.24
CA HIS A 142 22.43 -9.89 -5.57
C HIS A 142 21.65 -10.69 -6.63
N HIS A 143 20.46 -10.22 -6.96
CA HIS A 143 19.62 -10.89 -7.96
C HIS A 143 18.31 -10.13 -8.16
N HIS A 144 18.13 -9.60 -9.36
CA HIS A 144 16.92 -8.85 -9.69
C HIS A 144 16.95 -8.37 -11.14
N HIS A 145 16.21 -9.04 -12.01
CA HIS A 145 16.16 -8.67 -13.42
C HIS A 145 15.22 -9.59 -14.18
N HIS A 146 13.94 -9.55 -13.83
CA HIS A 146 12.93 -10.38 -14.48
C HIS A 146 11.98 -9.53 -15.31
N HIS A 147 11.75 -9.95 -16.55
CA HIS A 147 10.86 -9.23 -17.45
C HIS A 147 10.43 -10.11 -18.62
MG MG B . 2.25 -0.16 -1.42
N MET A 1 6.04 16.89 13.72
CA MET A 1 5.90 16.74 12.28
C MET A 1 7.27 16.60 11.61
N ASP A 2 7.89 15.43 11.75
CA ASP A 2 9.19 15.18 11.16
C ASP A 2 9.54 13.70 11.24
N ASP A 3 9.99 13.14 10.12
CA ASP A 3 10.36 11.73 10.05
C ASP A 3 11.68 11.55 9.30
N ARG A 4 12.00 10.29 8.97
CA ARG A 4 13.23 9.99 8.26
C ARG A 4 13.04 8.75 7.38
N THR A 5 11.80 8.40 7.11
CA THR A 5 11.48 7.23 6.30
C THR A 5 11.64 7.55 4.81
N GLU A 6 11.39 6.54 3.97
CA GLU A 6 11.49 6.71 2.53
C GLU A 6 11.02 5.47 1.80
N TYR A 7 11.58 4.33 2.17
CA TYR A 7 11.22 3.05 1.55
C TYR A 7 9.71 2.86 1.54
N ASP A 8 9.24 1.92 0.73
CA ASP A 8 7.81 1.64 0.63
C ASP A 8 7.21 1.39 2.01
N VAL A 9 5.91 1.63 2.14
CA VAL A 9 5.22 1.44 3.40
C VAL A 9 4.66 0.02 3.52
N TYR A 10 4.71 -0.53 4.73
CA TYR A 10 4.22 -1.88 4.97
C TYR A 10 2.71 -1.94 4.89
N THR A 11 2.19 -1.95 3.65
CA THR A 11 0.75 -2.00 3.43
C THR A 11 0.40 -3.10 2.43
N ASP A 12 -0.90 -3.26 2.17
CA ASP A 12 -1.38 -4.27 1.24
C ASP A 12 -0.91 -5.66 1.65
N GLY A 13 -1.76 -6.37 2.38
CA GLY A 13 -1.42 -7.71 2.82
C GLY A 13 -2.37 -8.22 3.89
N SER A 14 -1.91 -9.20 4.66
CA SER A 14 -2.73 -9.79 5.72
C SER A 14 -3.92 -10.53 5.13
N TYR A 15 -4.36 -11.58 5.81
CA TYR A 15 -5.49 -12.37 5.36
C TYR A 15 -5.78 -13.51 6.34
N VAL A 16 -7.07 -13.73 6.60
CA VAL A 16 -7.49 -14.79 7.52
C VAL A 16 -8.76 -15.47 7.02
N ASN A 17 -8.68 -16.78 6.83
CA ASN A 17 -9.82 -17.56 6.36
C ASN A 17 -10.25 -17.11 4.96
N GLY A 18 -11.03 -16.04 4.91
CA GLY A 18 -11.50 -15.52 3.64
C GLY A 18 -11.94 -14.07 3.73
N GLN A 19 -11.45 -13.37 4.74
CA GLN A 19 -11.81 -11.96 4.94
C GLN A 19 -10.74 -11.05 4.36
N TYR A 20 -10.93 -9.74 4.51
CA TYR A 20 -9.99 -8.76 3.99
C TYR A 20 -9.67 -7.70 5.05
N ALA A 21 -8.38 -7.39 5.20
CA ALA A 21 -7.96 -6.39 6.17
C ALA A 21 -6.82 -5.55 5.61
N TRP A 22 -6.53 -4.42 6.27
CA TRP A 22 -5.47 -3.53 5.85
C TRP A 22 -4.55 -3.17 7.01
N ALA A 23 -3.31 -2.84 6.69
CA ALA A 23 -2.34 -2.47 7.72
C ALA A 23 -1.31 -1.48 7.18
N TYR A 24 -0.63 -0.78 8.08
CA TYR A 24 0.38 0.20 7.69
C TYR A 24 1.33 0.48 8.85
N ALA A 25 2.57 0.84 8.51
CA ALA A 25 3.59 1.14 9.50
C ALA A 25 3.76 2.64 9.67
N PHE A 26 3.65 3.12 10.90
CA PHE A 26 3.80 4.54 11.18
C PHE A 26 5.10 4.81 11.95
N VAL A 27 5.76 5.90 11.59
CA VAL A 27 7.02 6.26 12.25
C VAL A 27 7.14 7.78 12.40
N LYS A 28 7.39 8.23 13.62
CA LYS A 28 7.53 9.65 13.90
C LYS A 28 8.87 9.95 14.56
N ASP A 29 9.51 11.03 14.13
CA ASP A 29 10.80 11.43 14.68
C ASP A 29 11.87 10.38 14.36
N GLY A 30 11.55 9.48 13.44
CA GLY A 30 12.50 8.45 13.06
C GLY A 30 12.37 7.20 13.92
N LYS A 31 11.26 7.09 14.65
CA LYS A 31 11.03 5.94 15.51
C LYS A 31 9.58 5.48 15.43
N VAL A 32 9.31 4.28 15.94
CA VAL A 32 7.96 3.73 15.92
C VAL A 32 7.00 4.59 16.72
N HIS A 33 5.96 5.07 16.06
CA HIS A 33 4.96 5.91 16.72
C HIS A 33 3.65 5.15 16.92
N TYR A 34 3.15 4.55 15.84
CA TYR A 34 1.90 3.79 15.90
C TYR A 34 2.08 2.42 15.27
N GLU A 35 1.05 1.57 15.39
CA GLU A 35 1.09 0.24 14.83
C GLU A 35 -0.21 -0.51 15.10
N ASP A 36 -0.98 -0.75 14.05
CA ASP A 36 -2.26 -1.45 14.18
C ASP A 36 -2.92 -1.64 12.81
N ALA A 37 -3.87 -2.55 12.74
CA ALA A 37 -4.58 -2.82 11.50
C ALA A 37 -6.09 -2.85 11.72
N ASP A 38 -6.85 -2.82 10.63
CA ASP A 38 -8.30 -2.85 10.70
C ASP A 38 -8.89 -3.81 9.66
N VAL A 39 -9.98 -4.47 10.02
CA VAL A 39 -10.63 -5.42 9.12
C VAL A 39 -11.97 -4.88 8.65
N GLY A 40 -12.42 -5.36 7.49
CA GLY A 40 -13.68 -4.92 6.94
C GLY A 40 -14.73 -6.01 6.94
N LYS A 41 -15.78 -5.82 6.15
CA LYS A 41 -16.86 -6.80 6.06
C LYS A 41 -17.88 -6.39 5.01
N ASN A 42 -17.40 -5.95 3.85
CA ASN A 42 -18.26 -5.54 2.76
C ASN A 42 -18.24 -6.55 1.62
N PRO A 43 -19.31 -6.58 0.82
CA PRO A 43 -19.43 -7.48 -0.32
C PRO A 43 -18.47 -7.13 -1.45
N ALA A 44 -18.45 -5.85 -1.82
CA ALA A 44 -17.58 -5.37 -2.89
C ALA A 44 -16.12 -5.77 -2.63
N ALA A 45 -15.78 -5.92 -1.35
CA ALA A 45 -14.43 -6.29 -0.96
C ALA A 45 -14.30 -7.79 -0.78
N ALA A 46 -15.19 -8.36 0.02
CA ALA A 46 -15.18 -9.80 0.28
C ALA A 46 -15.28 -10.59 -1.02
N THR A 47 -15.85 -9.96 -2.05
CA THR A 47 -16.02 -10.61 -3.34
C THR A 47 -14.68 -10.78 -4.05
N MET A 48 -13.64 -10.16 -3.50
CA MET A 48 -12.30 -10.24 -4.08
C MET A 48 -11.33 -10.89 -3.09
N ARG A 49 -11.86 -11.71 -2.20
CA ARG A 49 -11.04 -12.38 -1.20
C ARG A 49 -10.38 -11.39 -0.26
N ASN A 50 -9.26 -10.81 -0.71
CA ASN A 50 -8.55 -9.83 0.10
C ASN A 50 -7.75 -8.88 -0.79
N VAL A 51 -8.12 -8.81 -2.06
CA VAL A 51 -7.45 -7.94 -3.01
C VAL A 51 -7.80 -6.48 -2.77
N ALA A 52 -9.08 -6.22 -2.47
CA ALA A 52 -9.55 -4.87 -2.21
C ALA A 52 -9.13 -4.40 -0.82
N GLY A 53 -8.89 -5.36 0.07
CA GLY A 53 -8.49 -5.02 1.43
C GLY A 53 -7.05 -4.58 1.51
N GLU A 54 -6.26 -4.94 0.51
CA GLU A 54 -4.84 -4.59 0.47
C GLU A 54 -4.67 -3.10 0.15
N ILE A 55 -5.53 -2.58 -0.72
CA ILE A 55 -5.47 -1.18 -1.11
C ILE A 55 -6.03 -0.28 -0.01
N ALA A 56 -7.01 -0.80 0.73
CA ALA A 56 -7.62 -0.05 1.81
C ALA A 56 -6.57 0.58 2.72
N ALA A 57 -5.43 -0.09 2.84
CA ALA A 57 -4.35 0.41 3.68
C ALA A 57 -3.87 1.78 3.21
N ALA A 58 -3.55 1.88 1.92
CA ALA A 58 -3.08 3.14 1.36
C ALA A 58 -4.06 4.27 1.65
N LEU A 59 -5.35 3.96 1.61
CA LEU A 59 -6.38 4.95 1.88
C LEU A 59 -6.13 5.67 3.20
N TYR A 60 -6.25 4.92 4.29
CA TYR A 60 -6.03 5.49 5.62
C TYR A 60 -4.58 5.90 5.80
N ALA A 61 -3.67 5.15 5.19
CA ALA A 61 -2.24 5.45 5.28
C ALA A 61 -1.95 6.88 4.82
N VAL A 62 -2.61 7.29 3.75
CA VAL A 62 -2.41 8.63 3.20
C VAL A 62 -3.14 9.67 4.04
N LYS A 63 -4.41 9.39 4.36
CA LYS A 63 -5.21 10.30 5.16
C LYS A 63 -4.48 10.71 6.44
N LYS A 64 -3.97 9.71 7.15
CA LYS A 64 -3.25 9.96 8.39
C LYS A 64 -1.89 10.62 8.11
N ALA A 65 -1.33 10.33 6.93
CA ALA A 65 -0.05 10.90 6.54
C ALA A 65 -0.05 12.42 6.68
N SER A 66 -1.21 13.03 6.44
CA SER A 66 -1.35 14.48 6.54
C SER A 66 -1.38 14.92 7.99
N GLN A 67 -1.88 14.05 8.86
CA GLN A 67 -1.97 14.35 10.29
C GLN A 67 -0.59 14.40 10.93
N LEU A 68 0.27 13.46 10.54
CA LEU A 68 1.62 13.40 11.07
C LEU A 68 2.54 14.39 10.37
N GLY A 69 1.98 15.12 9.40
CA GLY A 69 2.76 16.10 8.66
C GLY A 69 3.94 15.47 7.93
N VAL A 70 3.83 14.18 7.65
CA VAL A 70 4.90 13.46 6.96
C VAL A 70 4.46 13.05 5.56
N LYS A 71 5.29 12.27 4.89
CA LYS A 71 4.98 11.80 3.55
C LYS A 71 5.37 10.33 3.37
N ILE A 72 4.63 9.62 2.52
CA ILE A 72 4.90 8.21 2.27
C ILE A 72 5.68 8.01 0.98
N ARG A 73 5.95 6.77 0.63
CA ARG A 73 6.70 6.44 -0.58
C ARG A 73 6.06 7.11 -1.80
N ILE A 74 6.89 7.51 -2.74
CA ILE A 74 6.41 8.15 -3.96
C ILE A 74 6.93 7.44 -5.21
N LEU A 75 8.20 7.08 -5.19
CA LEU A 75 8.82 6.38 -6.32
C LEU A 75 9.74 5.27 -5.84
N HIS A 76 10.40 4.60 -6.78
CA HIS A 76 11.31 3.51 -6.45
C HIS A 76 10.60 2.42 -5.67
N ASP A 77 9.27 2.37 -5.80
CA ASP A 77 8.47 1.37 -5.11
C ASP A 77 7.69 0.52 -6.10
N TYR A 78 7.98 -0.79 -6.10
CA TYR A 78 7.30 -1.72 -7.00
C TYR A 78 6.09 -2.35 -6.34
N ALA A 79 5.43 -1.58 -5.47
CA ALA A 79 4.25 -2.06 -4.76
C ALA A 79 3.14 -2.45 -5.75
N GLY A 80 1.95 -2.69 -5.22
CA GLY A 80 0.83 -3.07 -6.05
C GLY A 80 0.17 -1.88 -6.73
N ILE A 81 0.19 -0.74 -6.04
CA ILE A 81 -0.41 0.48 -6.58
C ILE A 81 0.20 0.84 -7.93
N ALA A 82 1.53 0.79 -8.01
CA ALA A 82 2.23 1.10 -9.25
C ALA A 82 2.14 -0.04 -10.25
N PHE A 83 1.60 -1.17 -9.80
CA PHE A 83 1.45 -2.34 -10.65
C PHE A 83 0.24 -2.20 -11.56
N TRP A 84 -0.93 -1.98 -10.95
CA TRP A 84 -2.16 -1.83 -11.72
C TRP A 84 -2.30 -0.41 -12.25
N ALA A 85 -1.56 0.52 -11.66
CA ALA A 85 -1.60 1.91 -12.08
C ALA A 85 -1.31 2.04 -13.58
N THR A 86 -0.40 1.20 -14.07
CA THR A 86 -0.03 1.22 -15.49
C THR A 86 -0.93 0.29 -16.30
N GLY A 87 -2.02 -0.15 -15.69
CA GLY A 87 -2.94 -1.05 -16.37
C GLY A 87 -4.12 -0.30 -16.98
N GLU A 88 -3.90 0.28 -18.16
CA GLU A 88 -4.95 1.03 -18.85
C GLU A 88 -6.22 0.18 -18.96
N TRP A 89 -6.05 -1.13 -19.03
CA TRP A 89 -7.18 -2.04 -19.16
C TRP A 89 -7.89 -2.21 -17.82
N LYS A 90 -9.20 -1.96 -17.82
CA LYS A 90 -9.99 -2.08 -16.60
C LYS A 90 -10.90 -3.31 -16.66
N ALA A 91 -10.43 -4.41 -16.08
CA ALA A 91 -11.21 -5.65 -16.06
C ALA A 91 -12.34 -5.58 -15.03
N LYS A 92 -12.01 -5.08 -13.84
CA LYS A 92 -13.00 -4.97 -12.77
C LYS A 92 -13.81 -3.68 -12.92
N ASN A 93 -13.11 -2.55 -13.01
CA ASN A 93 -13.76 -1.26 -13.16
C ASN A 93 -14.98 -1.16 -12.24
N GLU A 94 -14.85 -1.69 -11.04
CA GLU A 94 -15.93 -1.66 -10.06
C GLU A 94 -15.43 -1.29 -8.68
N PHE A 95 -14.35 -1.95 -8.26
CA PHE A 95 -13.76 -1.69 -6.95
C PHE A 95 -12.48 -0.85 -7.08
N THR A 96 -11.52 -1.37 -7.84
CA THR A 96 -10.26 -0.67 -8.05
C THR A 96 -10.49 0.75 -8.54
N GLN A 97 -11.57 0.94 -9.32
CA GLN A 97 -11.89 2.26 -9.85
C GLN A 97 -12.02 3.28 -8.73
N ALA A 98 -12.83 2.97 -7.73
CA ALA A 98 -13.03 3.87 -6.60
C ALA A 98 -11.70 4.24 -5.95
N TYR A 99 -10.84 3.25 -5.77
CA TYR A 99 -9.54 3.47 -5.16
C TYR A 99 -8.78 4.58 -5.87
N ALA A 100 -8.80 4.54 -7.20
CA ALA A 100 -8.12 5.56 -8.00
C ALA A 100 -8.71 6.94 -7.77
N LYS A 101 -10.01 6.98 -7.48
CA LYS A 101 -10.70 8.23 -7.23
C LYS A 101 -10.35 8.79 -5.86
N LEU A 102 -10.35 7.92 -4.86
CA LEU A 102 -10.03 8.32 -3.49
C LEU A 102 -8.67 9.03 -3.44
N MET A 103 -7.85 8.78 -4.44
CA MET A 103 -6.53 9.40 -4.51
C MET A 103 -6.63 10.91 -4.34
N ASN A 104 -7.25 11.58 -5.30
CA ASN A 104 -7.41 13.02 -5.25
C ASN A 104 -8.06 13.46 -3.95
N GLN A 105 -8.90 12.59 -3.40
CA GLN A 105 -9.59 12.89 -2.15
C GLN A 105 -8.59 13.27 -1.06
N TYR A 106 -7.55 12.46 -0.90
CA TYR A 106 -6.53 12.72 0.12
C TYR A 106 -5.19 12.99 -0.54
N ARG A 107 -5.22 13.48 -1.78
CA ARG A 107 -4.00 13.79 -2.50
C ARG A 107 -3.38 15.09 -2.01
N GLY A 108 -2.10 15.04 -1.65
CA GLY A 108 -1.42 16.23 -1.17
C GLY A 108 -0.19 15.90 -0.34
N ILE A 109 -0.15 14.68 0.19
CA ILE A 109 0.98 14.24 1.00
C ILE A 109 1.82 13.21 0.26
N TYR A 110 1.17 12.39 -0.56
CA TYR A 110 1.86 11.37 -1.33
C TYR A 110 1.69 11.61 -2.83
N SER A 111 2.32 10.75 -3.62
CA SER A 111 2.25 10.87 -5.08
C SER A 111 2.32 9.50 -5.75
N PHE A 112 1.89 9.43 -7.00
CA PHE A 112 1.91 8.18 -7.75
C PHE A 112 1.46 8.40 -9.19
N GLU A 113 1.58 7.36 -10.01
CA GLU A 113 1.17 7.43 -11.40
C GLU A 113 -0.33 7.21 -11.55
N LYS A 114 -0.86 7.56 -12.72
CA LYS A 114 -2.28 7.39 -12.99
C LYS A 114 -2.73 5.97 -12.68
N VAL A 115 -3.99 5.83 -12.27
CA VAL A 115 -4.54 4.53 -11.94
C VAL A 115 -5.91 4.32 -12.58
N LYS A 116 -6.13 3.13 -13.14
CA LYS A 116 -7.40 2.82 -13.78
C LYS A 116 -8.15 1.73 -13.01
N ALA A 117 -7.73 0.48 -13.20
CA ALA A 117 -8.36 -0.64 -12.53
C ALA A 117 -7.71 -1.96 -12.95
N HIS A 118 -7.16 -2.67 -11.98
CA HIS A 118 -6.51 -3.95 -12.24
C HIS A 118 -5.93 -4.55 -10.96
N SER A 119 -5.76 -5.87 -10.95
CA SER A 119 -5.23 -6.56 -9.78
C SER A 119 -5.15 -8.06 -10.03
N GLY A 120 -4.75 -8.81 -9.00
CA GLY A 120 -4.64 -10.25 -9.13
C GLY A 120 -3.20 -10.71 -9.28
N ASN A 121 -2.44 -10.62 -8.19
CA ASN A 121 -1.04 -11.03 -8.19
C ASN A 121 -0.41 -10.82 -6.82
N GLU A 122 0.92 -10.91 -6.77
CA GLU A 122 1.65 -10.75 -5.53
C GLU A 122 2.39 -9.40 -5.50
N PHE A 123 2.06 -8.55 -6.47
CA PHE A 123 2.68 -7.23 -6.56
C PHE A 123 2.66 -6.52 -5.21
N ASN A 124 1.65 -6.83 -4.40
CA ASN A 124 1.51 -6.22 -3.09
C ASN A 124 2.52 -6.82 -2.10
N ASP A 125 2.69 -8.13 -2.16
CA ASP A 125 3.63 -8.82 -1.28
C ASP A 125 5.02 -8.19 -1.36
N TYR A 126 5.31 -7.54 -2.48
CA TYR A 126 6.59 -6.90 -2.69
C TYR A 126 6.94 -5.97 -1.52
N VAL A 127 5.92 -5.27 -1.03
CA VAL A 127 6.11 -4.35 0.08
C VAL A 127 6.72 -5.05 1.29
N ASP A 128 6.57 -6.37 1.34
CA ASP A 128 7.11 -7.16 2.44
C ASP A 128 8.63 -7.04 2.48
N MET A 129 9.27 -7.26 1.34
CA MET A 129 10.72 -7.18 1.26
C MET A 129 11.20 -5.73 1.36
N LYS A 130 10.50 -4.84 0.68
CA LYS A 130 10.84 -3.42 0.68
C LYS A 130 10.76 -2.85 2.09
N ALA A 131 9.60 -3.02 2.73
CA ALA A 131 9.40 -2.53 4.09
C ALA A 131 10.49 -3.03 5.03
N LYS A 132 10.97 -4.23 4.78
CA LYS A 132 12.02 -4.82 5.61
C LYS A 132 13.21 -3.88 5.72
N SER A 133 13.44 -3.09 4.67
CA SER A 133 14.56 -2.15 4.66
C SER A 133 14.25 -0.93 5.54
N ALA A 134 12.98 -0.53 5.55
CA ALA A 134 12.55 0.61 6.35
C ALA A 134 12.86 0.40 7.82
N LEU A 135 12.73 -0.84 8.27
CA LEU A 135 12.99 -1.18 9.66
C LEU A 135 14.48 -1.19 9.96
N GLY A 136 15.20 -2.08 9.27
CA GLY A 136 16.65 -2.17 9.46
C GLY A 136 17.11 -3.59 9.69
N ILE A 137 16.52 -4.53 8.95
CA ILE A 137 16.87 -5.94 9.09
C ILE A 137 18.24 -6.22 8.49
N ARG A 138 18.91 -7.24 9.01
CA ARG A 138 20.23 -7.62 8.52
C ARG A 138 20.14 -8.69 7.45
N ASP A 139 21.24 -8.91 6.73
CA ASP A 139 21.28 -9.91 5.67
C ASP A 139 22.65 -9.95 5.01
N LEU A 140 22.76 -10.70 3.92
CA LEU A 140 24.03 -10.82 3.20
C LEU A 140 23.94 -10.15 1.84
N GLU A 141 25.03 -10.24 1.07
CA GLU A 141 25.08 -9.64 -0.26
C GLU A 141 24.15 -10.37 -1.22
N HIS A 142 24.57 -11.56 -1.64
CA HIS A 142 23.78 -12.36 -2.56
C HIS A 142 23.62 -11.64 -3.90
N HIS A 143 23.26 -12.40 -4.94
CA HIS A 143 23.07 -11.85 -6.27
C HIS A 143 22.64 -12.93 -7.26
N HIS A 144 21.33 -13.14 -7.36
CA HIS A 144 20.80 -14.16 -8.28
C HIS A 144 19.64 -13.58 -9.09
N HIS A 145 19.52 -14.04 -10.33
CA HIS A 145 18.44 -13.58 -11.21
C HIS A 145 18.51 -14.30 -12.55
N HIS A 146 17.34 -14.52 -13.16
CA HIS A 146 17.25 -15.20 -14.44
C HIS A 146 15.82 -15.25 -14.94
N HIS A 147 15.65 -15.33 -16.26
CA HIS A 147 14.32 -15.39 -16.86
C HIS A 147 14.39 -15.97 -18.27
MG MG B . 2.28 0.90 -1.41
N MET A 1 7.90 16.54 12.84
CA MET A 1 7.40 17.13 11.61
C MET A 1 7.94 16.38 10.39
N ASP A 2 9.21 15.98 10.46
CA ASP A 2 9.85 15.26 9.37
C ASP A 2 10.05 13.80 9.74
N ASP A 3 10.36 12.98 8.74
CA ASP A 3 10.58 11.55 8.96
C ASP A 3 11.81 11.07 8.20
N ARG A 4 11.98 9.75 8.14
CA ARG A 4 13.12 9.16 7.45
C ARG A 4 12.87 7.69 7.16
N THR A 5 11.61 7.33 6.92
CA THR A 5 11.24 5.95 6.64
C THR A 5 12.12 5.36 5.54
N GLU A 6 12.25 4.04 5.54
CA GLU A 6 13.06 3.36 4.54
C GLU A 6 12.68 3.81 3.13
N TYR A 7 11.51 3.37 2.67
CA TYR A 7 11.04 3.72 1.34
C TYR A 7 9.57 3.34 1.16
N ASP A 8 9.29 2.05 1.16
CA ASP A 8 7.92 1.56 1.01
C ASP A 8 7.28 1.34 2.37
N VAL A 9 5.94 1.40 2.40
CA VAL A 9 5.20 1.20 3.63
C VAL A 9 4.66 -0.23 3.74
N TYR A 10 4.67 -0.76 4.95
CA TYR A 10 4.19 -2.11 5.20
C TYR A 10 2.68 -2.20 5.02
N THR A 11 2.23 -2.26 3.77
CA THR A 11 0.81 -2.35 3.46
C THR A 11 0.47 -3.65 2.76
N ASP A 12 -0.81 -3.84 2.46
CA ASP A 12 -1.27 -5.05 1.78
C ASP A 12 -0.76 -6.30 2.50
N GLY A 13 -0.60 -6.19 3.81
CA GLY A 13 -0.12 -7.32 4.60
C GLY A 13 -0.89 -7.50 5.88
N SER A 14 -2.07 -8.11 5.78
CA SER A 14 -2.92 -8.34 6.94
C SER A 14 -4.20 -9.07 6.54
N TYR A 15 -4.26 -10.35 6.86
CA TYR A 15 -5.43 -11.17 6.53
C TYR A 15 -5.44 -12.45 7.35
N VAL A 16 -6.60 -13.11 7.39
CA VAL A 16 -6.75 -14.35 8.14
C VAL A 16 -7.63 -15.35 7.38
N ASN A 17 -7.09 -16.53 7.12
CA ASN A 17 -7.83 -17.57 6.40
C ASN A 17 -8.19 -17.11 5.00
N GLY A 18 -9.26 -16.33 4.89
CA GLY A 18 -9.70 -15.84 3.59
C GLY A 18 -10.31 -14.46 3.67
N GLN A 19 -10.03 -13.75 4.77
CA GLN A 19 -10.56 -12.41 4.97
C GLN A 19 -9.60 -11.36 4.42
N TYR A 20 -9.93 -10.10 4.62
CA TYR A 20 -9.10 -9.00 4.14
C TYR A 20 -8.99 -7.90 5.21
N ALA A 21 -7.76 -7.42 5.41
CA ALA A 21 -7.51 -6.37 6.39
C ALA A 21 -6.55 -5.32 5.83
N TRP A 22 -6.62 -4.12 6.40
CA TRP A 22 -5.76 -3.02 5.96
C TRP A 22 -4.94 -2.47 7.12
N ALA A 23 -3.63 -2.33 6.91
CA ALA A 23 -2.75 -1.81 7.94
C ALA A 23 -1.44 -1.30 7.34
N TYR A 24 -0.90 -0.24 7.93
CA TYR A 24 0.34 0.34 7.44
C TYR A 24 1.27 0.70 8.60
N ALA A 25 2.47 1.15 8.28
CA ALA A 25 3.45 1.53 9.30
C ALA A 25 3.49 3.05 9.49
N PHE A 26 3.76 3.48 10.72
CA PHE A 26 3.81 4.89 11.03
C PHE A 26 5.10 5.23 11.78
N VAL A 27 5.70 6.36 11.45
CA VAL A 27 6.94 6.80 12.10
C VAL A 27 7.05 8.32 12.09
N LYS A 28 7.41 8.87 13.25
CA LYS A 28 7.56 10.33 13.38
C LYS A 28 8.91 10.67 13.99
N ASP A 29 9.57 11.67 13.42
CA ASP A 29 10.88 12.11 13.91
C ASP A 29 11.94 11.03 13.69
N GLY A 30 11.58 10.03 12.88
CA GLY A 30 12.51 8.95 12.60
C GLY A 30 12.40 7.81 13.59
N LYS A 31 11.25 7.71 14.24
CA LYS A 31 11.01 6.65 15.22
C LYS A 31 9.54 6.26 15.26
N VAL A 32 9.26 5.07 15.77
CA VAL A 32 7.89 4.59 15.87
C VAL A 32 7.01 5.56 16.64
N HIS A 33 5.87 5.92 16.04
CA HIS A 33 4.94 6.84 16.67
C HIS A 33 3.72 6.11 17.22
N TYR A 34 3.08 5.33 16.36
CA TYR A 34 1.89 4.56 16.76
C TYR A 34 2.02 3.10 16.36
N GLU A 35 0.95 2.35 16.55
CA GLU A 35 0.94 0.92 16.21
C GLU A 35 -0.47 0.34 16.35
N ASP A 36 -1.08 0.06 15.21
CA ASP A 36 -2.43 -0.51 15.18
C ASP A 36 -2.83 -0.92 13.77
N ALA A 37 -4.06 -1.40 13.63
CA ALA A 37 -4.57 -1.82 12.33
C ALA A 37 -6.07 -2.08 12.38
N ASP A 38 -6.62 -2.57 11.28
CA ASP A 38 -8.05 -2.86 11.20
C ASP A 38 -8.34 -3.87 10.10
N VAL A 39 -9.41 -4.64 10.27
CA VAL A 39 -9.79 -5.65 9.28
C VAL A 39 -11.18 -5.36 8.72
N GLY A 40 -11.43 -5.85 7.51
CA GLY A 40 -12.72 -5.64 6.88
C GLY A 40 -13.50 -6.93 6.70
N LYS A 41 -14.80 -6.80 6.47
CA LYS A 41 -15.66 -7.97 6.28
C LYS A 41 -16.84 -7.63 5.37
N ASN A 42 -16.57 -6.89 4.31
CA ASN A 42 -17.61 -6.49 3.36
C ASN A 42 -17.72 -7.49 2.22
N PRO A 43 -18.90 -7.57 1.60
CA PRO A 43 -19.15 -8.48 0.48
C PRO A 43 -18.41 -8.07 -0.78
N ALA A 44 -18.51 -6.79 -1.13
CA ALA A 44 -17.85 -6.27 -2.32
C ALA A 44 -16.34 -6.51 -2.25
N ALA A 45 -15.82 -6.64 -1.04
CA ALA A 45 -14.40 -6.86 -0.84
C ALA A 45 -14.10 -8.36 -0.73
N ALA A 46 -14.86 -9.05 0.10
CA ALA A 46 -14.67 -10.49 0.30
C ALA A 46 -14.69 -11.23 -1.04
N THR A 47 -15.54 -10.78 -1.94
CA THR A 47 -15.66 -11.41 -3.25
C THR A 47 -14.33 -11.39 -4.00
N MET A 48 -13.46 -10.47 -3.60
CA MET A 48 -12.14 -10.34 -4.23
C MET A 48 -11.07 -11.03 -3.38
N ARG A 49 -11.50 -11.94 -2.53
CA ARG A 49 -10.57 -12.67 -1.66
C ARG A 49 -9.93 -11.73 -0.64
N ASN A 50 -8.94 -10.96 -1.09
CA ASN A 50 -8.24 -10.02 -0.22
C ASN A 50 -7.54 -8.94 -1.04
N VAL A 51 -8.02 -8.74 -2.26
CA VAL A 51 -7.43 -7.73 -3.15
C VAL A 51 -7.82 -6.33 -2.70
N ALA A 52 -9.11 -6.10 -2.50
CA ALA A 52 -9.61 -4.80 -2.07
C ALA A 52 -8.97 -4.38 -0.75
N GLY A 53 -8.57 -5.36 0.05
CA GLY A 53 -7.95 -5.07 1.33
C GLY A 53 -6.52 -4.60 1.19
N GLU A 54 -5.91 -4.90 0.05
CA GLU A 54 -4.52 -4.51 -0.20
C GLU A 54 -4.42 -3.00 -0.42
N ILE A 55 -5.21 -2.49 -1.36
CA ILE A 55 -5.20 -1.06 -1.66
C ILE A 55 -5.78 -0.26 -0.49
N ALA A 56 -6.71 -0.86 0.22
CA ALA A 56 -7.34 -0.20 1.36
C ALA A 56 -6.29 0.46 2.26
N ALA A 57 -5.27 -0.30 2.63
CA ALA A 57 -4.21 0.21 3.48
C ALA A 57 -3.66 1.52 2.94
N ALA A 58 -3.26 1.52 1.68
CA ALA A 58 -2.72 2.72 1.04
C ALA A 58 -3.64 3.90 1.23
N LEU A 59 -4.94 3.63 1.28
CA LEU A 59 -5.94 4.68 1.45
C LEU A 59 -5.82 5.33 2.83
N TYR A 60 -6.13 4.56 3.86
CA TYR A 60 -6.06 5.05 5.23
C TYR A 60 -4.65 5.54 5.56
N ALA A 61 -3.66 4.99 4.87
CA ALA A 61 -2.27 5.35 5.08
C ALA A 61 -2.02 6.80 4.65
N VAL A 62 -2.65 7.21 3.55
CA VAL A 62 -2.49 8.56 3.04
C VAL A 62 -3.30 9.56 3.87
N LYS A 63 -4.47 9.13 4.32
CA LYS A 63 -5.34 9.99 5.13
C LYS A 63 -4.64 10.42 6.41
N LYS A 64 -4.00 9.46 7.08
CA LYS A 64 -3.29 9.73 8.32
C LYS A 64 -1.97 10.44 8.04
N ALA A 65 -1.38 10.14 6.89
CA ALA A 65 -0.11 10.76 6.50
C ALA A 65 -0.17 12.27 6.62
N SER A 66 -1.32 12.83 6.29
CA SER A 66 -1.51 14.28 6.34
C SER A 66 -1.57 14.76 7.79
N GLN A 67 -2.03 13.89 8.67
CA GLN A 67 -2.15 14.22 10.09
C GLN A 67 -0.77 14.27 10.75
N LEU A 68 0.02 13.23 10.50
CA LEU A 68 1.37 13.14 11.07
C LEU A 68 2.32 14.12 10.37
N GLY A 69 1.84 14.75 9.30
CA GLY A 69 2.66 15.69 8.57
C GLY A 69 3.84 15.03 7.89
N VAL A 70 3.71 13.74 7.60
CA VAL A 70 4.79 13.00 6.95
C VAL A 70 4.42 12.62 5.52
N LYS A 71 5.24 11.81 4.90
CA LYS A 71 5.00 11.37 3.53
C LYS A 71 5.19 9.85 3.39
N ILE A 72 5.00 9.35 2.17
CA ILE A 72 5.15 7.92 1.92
C ILE A 72 5.80 7.68 0.56
N ARG A 73 5.97 6.41 0.21
CA ARG A 73 6.57 6.04 -1.07
C ARG A 73 5.85 6.72 -2.22
N ILE A 74 6.61 7.13 -3.24
CA ILE A 74 6.05 7.78 -4.41
C ILE A 74 6.60 7.19 -5.70
N LEU A 75 7.90 6.90 -5.70
CA LEU A 75 8.55 6.32 -6.87
C LEU A 75 9.28 5.03 -6.50
N HIS A 76 10.05 5.06 -5.42
CA HIS A 76 10.79 3.90 -4.97
C HIS A 76 9.86 2.87 -4.34
N ASP A 77 9.13 2.15 -5.19
CA ASP A 77 8.20 1.12 -4.72
C ASP A 77 7.59 0.38 -5.90
N TYR A 78 7.84 -0.92 -5.97
CA TYR A 78 7.31 -1.75 -7.04
C TYR A 78 6.02 -2.44 -6.61
N ALA A 79 5.31 -1.83 -5.68
CA ALA A 79 4.05 -2.38 -5.18
C ALA A 79 3.07 -2.61 -6.31
N GLY A 80 1.88 -3.11 -5.97
CA GLY A 80 0.86 -3.36 -6.97
C GLY A 80 0.26 -2.08 -7.52
N ILE A 81 0.56 -0.96 -6.87
CA ILE A 81 0.03 0.33 -7.31
C ILE A 81 0.51 0.67 -8.72
N ALA A 82 1.81 0.49 -8.97
CA ALA A 82 2.38 0.77 -10.28
C ALA A 82 2.09 -0.36 -11.26
N PHE A 83 1.50 -1.44 -10.76
CA PHE A 83 1.16 -2.59 -11.59
C PHE A 83 -0.18 -2.40 -12.27
N TRP A 84 -1.22 -2.14 -11.48
CA TRP A 84 -2.56 -1.93 -12.01
C TRP A 84 -2.72 -0.51 -12.55
N ALA A 85 -1.87 0.39 -12.09
CA ALA A 85 -1.91 1.79 -12.52
C ALA A 85 -1.99 1.88 -14.04
N THR A 86 -1.37 0.91 -14.72
CA THR A 86 -1.36 0.89 -16.18
C THR A 86 -2.75 0.64 -16.74
N GLY A 87 -3.49 -0.28 -16.10
CA GLY A 87 -4.82 -0.60 -16.55
C GLY A 87 -4.85 -1.18 -17.95
N GLU A 88 -5.09 -2.48 -18.05
CA GLU A 88 -5.13 -3.15 -19.34
C GLU A 88 -6.57 -3.36 -19.79
N TRP A 89 -7.31 -4.15 -19.01
CA TRP A 89 -8.71 -4.44 -19.33
C TRP A 89 -9.64 -3.43 -18.68
N LYS A 90 -10.85 -3.31 -19.21
CA LYS A 90 -11.83 -2.37 -18.68
C LYS A 90 -12.28 -2.79 -17.29
N ALA A 91 -11.54 -2.36 -16.27
CA ALA A 91 -11.87 -2.69 -14.89
C ALA A 91 -12.97 -1.78 -14.36
N LYS A 92 -13.46 -0.88 -15.21
CA LYS A 92 -14.51 0.05 -14.82
C LYS A 92 -15.64 -0.68 -14.10
N ASN A 93 -15.81 -1.95 -14.43
CA ASN A 93 -16.86 -2.76 -13.81
C ASN A 93 -16.28 -3.68 -12.75
N GLU A 94 -15.81 -3.09 -11.65
CA GLU A 94 -15.23 -3.86 -10.56
C GLU A 94 -15.38 -3.11 -9.24
N PHE A 95 -14.44 -2.21 -8.96
CA PHE A 95 -14.47 -1.44 -7.72
C PHE A 95 -13.19 -0.61 -7.57
N THR A 96 -12.10 -1.11 -8.15
CA THR A 96 -10.82 -0.42 -8.09
C THR A 96 -10.95 1.04 -8.52
N GLN A 97 -11.94 1.31 -9.36
CA GLN A 97 -12.17 2.66 -9.85
C GLN A 97 -12.20 3.67 -8.70
N ALA A 98 -12.91 3.31 -7.63
CA ALA A 98 -13.01 4.18 -6.47
C ALA A 98 -11.64 4.45 -5.86
N TYR A 99 -10.81 3.41 -5.77
CA TYR A 99 -9.48 3.54 -5.22
C TYR A 99 -8.69 4.65 -5.92
N ALA A 100 -8.88 4.75 -7.23
CA ALA A 100 -8.20 5.77 -8.03
C ALA A 100 -8.77 7.16 -7.75
N LYS A 101 -10.06 7.21 -7.45
CA LYS A 101 -10.72 8.48 -7.15
C LYS A 101 -10.34 8.99 -5.77
N LEU A 102 -10.35 8.10 -4.78
CA LEU A 102 -10.00 8.46 -3.42
C LEU A 102 -8.65 9.16 -3.37
N MET A 103 -7.83 8.92 -4.39
CA MET A 103 -6.50 9.55 -4.46
C MET A 103 -6.61 11.05 -4.29
N ASN A 104 -7.24 11.72 -5.26
CA ASN A 104 -7.40 13.16 -5.22
C ASN A 104 -8.06 13.60 -3.92
N GLN A 105 -8.93 12.74 -3.38
CA GLN A 105 -9.63 13.04 -2.14
C GLN A 105 -8.65 13.51 -1.06
N TYR A 106 -7.50 12.85 -1.00
CA TYR A 106 -6.48 13.20 -0.01
C TYR A 106 -5.10 13.27 -0.65
N ARG A 107 -5.06 13.69 -1.91
CA ARG A 107 -3.81 13.81 -2.65
C ARG A 107 -3.07 15.08 -2.25
N GLY A 108 -1.80 14.92 -1.86
CA GLY A 108 -1.00 16.06 -1.46
C GLY A 108 0.20 15.67 -0.63
N ILE A 109 0.13 14.50 -0.02
CA ILE A 109 1.23 13.99 0.81
C ILE A 109 2.02 12.90 0.09
N TYR A 110 1.33 12.14 -0.76
CA TYR A 110 1.96 11.08 -1.51
C TYR A 110 1.81 11.30 -3.01
N SER A 111 2.39 10.41 -3.80
CA SER A 111 2.32 10.50 -5.25
C SER A 111 2.48 9.13 -5.90
N PHE A 112 2.06 9.03 -7.16
CA PHE A 112 2.14 7.77 -7.90
C PHE A 112 1.67 7.95 -9.34
N GLU A 113 1.88 6.92 -10.15
CA GLU A 113 1.47 6.95 -11.54
C GLU A 113 -0.04 6.89 -11.68
N LYS A 114 -0.55 7.26 -12.85
CA LYS A 114 -1.98 7.24 -13.11
C LYS A 114 -2.59 5.91 -12.71
N VAL A 115 -3.69 5.96 -11.98
CA VAL A 115 -4.39 4.75 -11.53
C VAL A 115 -5.81 4.70 -12.07
N LYS A 116 -6.14 3.62 -12.78
CA LYS A 116 -7.47 3.45 -13.34
C LYS A 116 -8.25 2.39 -12.58
N ALA A 117 -7.95 1.12 -12.88
CA ALA A 117 -8.62 0.01 -12.22
C ALA A 117 -8.12 -1.33 -12.76
N HIS A 118 -8.21 -2.37 -11.94
CA HIS A 118 -7.77 -3.70 -12.35
C HIS A 118 -7.98 -4.70 -11.21
N SER A 119 -7.41 -5.89 -11.38
CA SER A 119 -7.54 -6.95 -10.37
C SER A 119 -6.36 -6.90 -9.39
N GLY A 120 -6.25 -7.94 -8.58
CA GLY A 120 -5.16 -8.00 -7.60
C GLY A 120 -3.88 -8.54 -8.19
N ASN A 121 -2.91 -8.82 -7.33
CA ASN A 121 -1.62 -9.35 -7.78
C ASN A 121 -0.68 -9.57 -6.59
N GLU A 122 0.54 -10.00 -6.89
CA GLU A 122 1.53 -10.26 -5.85
C GLU A 122 2.49 -9.08 -5.72
N PHE A 123 2.38 -8.13 -6.64
CA PHE A 123 3.24 -6.96 -6.63
C PHE A 123 3.19 -6.25 -5.27
N ASN A 124 2.05 -6.37 -4.61
CA ASN A 124 1.86 -5.74 -3.30
C ASN A 124 2.68 -6.46 -2.23
N ASP A 125 2.77 -7.78 -2.35
CA ASP A 125 3.53 -8.58 -1.40
C ASP A 125 4.97 -8.10 -1.30
N TYR A 126 5.45 -7.47 -2.36
CA TYR A 126 6.82 -6.96 -2.40
C TYR A 126 7.11 -6.08 -1.19
N VAL A 127 6.10 -5.34 -0.75
CA VAL A 127 6.25 -4.45 0.41
C VAL A 127 6.71 -5.23 1.63
N ASP A 128 6.49 -6.54 1.61
CA ASP A 128 6.88 -7.39 2.72
C ASP A 128 8.39 -7.33 2.95
N MET A 129 9.15 -7.51 1.88
CA MET A 129 10.60 -7.47 1.95
C MET A 129 11.10 -6.04 2.17
N LYS A 130 10.49 -5.10 1.47
CA LYS A 130 10.87 -3.69 1.59
C LYS A 130 10.65 -3.19 3.01
N ALA A 131 9.45 -3.36 3.52
CA ALA A 131 9.12 -2.92 4.88
C ALA A 131 10.10 -3.51 5.89
N LYS A 132 10.55 -4.72 5.64
CA LYS A 132 11.49 -5.40 6.53
C LYS A 132 12.70 -4.52 6.80
N SER A 133 13.12 -3.76 5.79
CA SER A 133 14.26 -2.87 5.92
C SER A 133 13.93 -1.67 6.80
N ALA A 134 12.67 -1.24 6.74
CA ALA A 134 12.22 -0.10 7.54
C ALA A 134 12.32 -0.40 9.03
N LEU A 135 11.91 -1.61 9.41
CA LEU A 135 11.95 -2.01 10.82
C LEU A 135 13.37 -2.24 11.28
N GLY A 136 14.13 -3.02 10.51
CA GLY A 136 15.51 -3.30 10.85
C GLY A 136 15.80 -4.79 10.92
N ILE A 137 16.11 -5.39 9.78
CA ILE A 137 16.42 -6.81 9.71
C ILE A 137 17.81 -7.06 9.15
N ARG A 138 18.45 -8.11 9.64
CA ARG A 138 19.80 -8.46 9.18
C ARG A 138 19.81 -8.72 7.68
N ASP A 139 20.97 -9.15 7.17
CA ASP A 139 21.11 -9.43 5.74
C ASP A 139 22.53 -9.92 5.44
N LEU A 140 22.72 -10.39 4.21
CA LEU A 140 24.02 -10.89 3.79
C LEU A 140 24.02 -11.22 2.30
N GLU A 141 24.27 -10.22 1.47
CA GLU A 141 24.30 -10.41 0.02
C GLU A 141 25.21 -11.56 -0.37
N HIS A 142 25.02 -12.11 -1.56
CA HIS A 142 25.83 -13.22 -2.04
C HIS A 142 25.42 -13.61 -3.45
N HIS A 143 24.11 -13.70 -3.69
CA HIS A 143 23.59 -14.06 -5.01
C HIS A 143 23.50 -12.84 -5.91
N HIS A 144 23.03 -13.05 -7.13
CA HIS A 144 22.89 -11.96 -8.10
C HIS A 144 22.15 -12.45 -9.35
N HIS A 145 22.01 -11.55 -10.32
CA HIS A 145 21.33 -11.87 -11.58
C HIS A 145 22.34 -12.18 -12.68
N HIS A 146 21.83 -12.37 -13.89
CA HIS A 146 22.69 -12.67 -15.03
C HIS A 146 22.05 -12.20 -16.34
N HIS A 147 21.20 -11.18 -16.23
CA HIS A 147 20.51 -10.63 -17.40
C HIS A 147 19.82 -11.73 -18.19
MG MG B . 2.26 -0.15 -1.25
N MET A 1 6.68 15.65 13.12
CA MET A 1 6.78 16.59 12.01
C MET A 1 7.66 16.02 10.90
N ASP A 2 8.73 15.33 11.28
CA ASP A 2 9.64 14.75 10.31
C ASP A 2 9.81 13.25 10.57
N ASP A 3 10.16 12.51 9.52
CA ASP A 3 10.35 11.07 9.63
C ASP A 3 11.61 10.63 8.91
N ARG A 4 11.78 9.32 8.74
CA ARG A 4 12.95 8.77 8.07
C ARG A 4 12.67 7.37 7.55
N THR A 5 11.41 7.08 7.27
CA THR A 5 11.01 5.78 6.77
C THR A 5 11.73 5.44 5.47
N GLU A 6 11.95 4.15 5.23
CA GLU A 6 12.63 3.70 4.02
C GLU A 6 11.98 4.31 2.78
N TYR A 7 10.80 3.81 2.44
CA TYR A 7 10.08 4.30 1.27
C TYR A 7 8.74 3.58 1.12
N ASP A 8 8.78 2.35 0.61
CA ASP A 8 7.59 1.55 0.41
C ASP A 8 6.90 1.25 1.75
N VAL A 9 5.59 1.43 1.79
CA VAL A 9 4.83 1.17 3.00
C VAL A 9 4.31 -0.26 3.04
N TYR A 10 4.34 -0.86 4.23
CA TYR A 10 3.87 -2.24 4.40
C TYR A 10 2.36 -2.33 4.21
N THR A 11 1.94 -2.46 2.96
CA THR A 11 0.53 -2.57 2.63
C THR A 11 0.24 -3.79 1.76
N ASP A 12 -1.02 -3.99 1.43
CA ASP A 12 -1.42 -5.13 0.60
C ASP A 12 -0.87 -6.43 1.17
N GLY A 13 -1.64 -7.05 2.06
CA GLY A 13 -1.21 -8.31 2.65
C GLY A 13 -1.74 -8.48 4.07
N SER A 14 -2.94 -9.02 4.19
CA SER A 14 -3.56 -9.23 5.49
C SER A 14 -4.92 -9.91 5.34
N TYR A 15 -5.11 -11.01 6.06
CA TYR A 15 -6.36 -11.75 6.00
C TYR A 15 -6.32 -12.96 6.93
N VAL A 16 -7.49 -13.44 7.34
CA VAL A 16 -7.59 -14.58 8.22
C VAL A 16 -8.72 -15.51 7.78
N ASN A 17 -8.34 -16.74 7.38
CA ASN A 17 -9.32 -17.72 6.94
C ASN A 17 -9.92 -17.33 5.58
N GLY A 18 -10.74 -16.28 5.59
CA GLY A 18 -11.36 -15.83 4.36
C GLY A 18 -11.80 -14.37 4.44
N GLN A 19 -11.21 -13.63 5.37
CA GLN A 19 -11.56 -12.23 5.55
C GLN A 19 -10.49 -11.32 4.92
N TYR A 20 -10.70 -10.01 5.03
CA TYR A 20 -9.77 -9.04 4.47
C TYR A 20 -9.51 -7.90 5.45
N ALA A 21 -8.24 -7.55 5.61
CA ALA A 21 -7.86 -6.47 6.52
C ALA A 21 -6.81 -5.56 5.88
N TRP A 22 -6.70 -4.34 6.39
CA TRP A 22 -5.75 -3.37 5.87
C TRP A 22 -4.84 -2.85 6.97
N ALA A 23 -3.53 -2.88 6.73
CA ALA A 23 -2.56 -2.40 7.72
C ALA A 23 -1.37 -1.74 7.02
N TYR A 24 -0.94 -0.61 7.57
CA TYR A 24 0.19 0.12 7.01
C TYR A 24 1.23 0.42 8.09
N ALA A 25 2.32 1.06 7.68
CA ALA A 25 3.40 1.42 8.60
C ALA A 25 3.38 2.91 8.92
N PHE A 26 3.76 3.25 10.14
CA PHE A 26 3.78 4.65 10.57
C PHE A 26 5.00 4.93 11.44
N VAL A 27 5.61 6.09 11.25
CA VAL A 27 6.79 6.48 12.02
C VAL A 27 6.86 7.99 12.18
N LYS A 28 7.17 8.43 13.40
CA LYS A 28 7.27 9.86 13.70
C LYS A 28 8.59 10.17 14.39
N ASP A 29 9.26 11.22 13.92
CA ASP A 29 10.54 11.63 14.51
C ASP A 29 11.63 10.61 14.19
N GLY A 30 11.32 9.67 13.31
CA GLY A 30 12.28 8.65 12.93
C GLY A 30 12.14 7.40 13.78
N LYS A 31 10.98 7.22 14.39
CA LYS A 31 10.73 6.06 15.24
C LYS A 31 9.25 5.68 15.21
N VAL A 32 8.97 4.41 15.48
CA VAL A 32 7.60 3.91 15.49
C VAL A 32 6.71 4.75 16.41
N HIS A 33 5.83 5.55 15.81
CA HIS A 33 4.93 6.40 16.58
C HIS A 33 3.91 5.56 17.33
N TYR A 34 3.11 4.78 16.59
CA TYR A 34 2.09 3.94 17.19
C TYR A 34 2.00 2.60 16.45
N GLU A 35 1.16 1.71 16.97
CA GLU A 35 0.97 0.39 16.38
C GLU A 35 -0.48 -0.06 16.49
N ASP A 36 -1.12 -0.27 15.34
CA ASP A 36 -2.52 -0.71 15.31
C ASP A 36 -3.00 -0.88 13.88
N ALA A 37 -3.82 -1.89 13.66
CA ALA A 37 -4.36 -2.15 12.33
C ALA A 37 -5.88 -2.19 12.35
N ASP A 38 -6.48 -2.67 11.25
CA ASP A 38 -7.93 -2.76 11.16
C ASP A 38 -8.33 -3.82 10.13
N VAL A 39 -9.52 -4.38 10.29
CA VAL A 39 -10.03 -5.40 9.38
C VAL A 39 -11.39 -5.00 8.83
N GLY A 40 -11.72 -5.54 7.66
CA GLY A 40 -12.99 -5.24 7.03
C GLY A 40 -13.78 -6.48 6.67
N LYS A 41 -15.09 -6.33 6.53
CA LYS A 41 -15.96 -7.45 6.19
C LYS A 41 -17.06 -7.02 5.23
N ASN A 42 -16.76 -6.04 4.38
CA ASN A 42 -17.72 -5.54 3.43
C ASN A 42 -17.86 -6.48 2.23
N PRO A 43 -19.03 -6.44 1.57
CA PRO A 43 -19.30 -7.28 0.41
C PRO A 43 -18.48 -6.89 -0.81
N ALA A 44 -18.46 -5.60 -1.11
CA ALA A 44 -17.72 -5.09 -2.26
C ALA A 44 -16.26 -5.53 -2.20
N ALA A 45 -15.77 -5.78 -0.99
CA ALA A 45 -14.39 -6.21 -0.80
C ALA A 45 -14.29 -7.73 -0.80
N ALA A 46 -15.19 -8.38 -0.08
CA ALA A 46 -15.21 -9.84 0.00
C ALA A 46 -15.27 -10.47 -1.39
N THR A 47 -16.01 -9.83 -2.28
CA THR A 47 -16.15 -10.32 -3.66
C THR A 47 -14.82 -10.31 -4.39
N MET A 48 -13.85 -9.57 -3.84
CA MET A 48 -12.53 -9.48 -4.43
C MET A 48 -11.51 -10.25 -3.61
N ARG A 49 -11.99 -11.16 -2.77
CA ARG A 49 -11.11 -11.96 -1.93
C ARG A 49 -10.36 -11.07 -0.93
N ASN A 50 -9.26 -10.50 -1.38
CA ASN A 50 -8.45 -9.63 -0.53
C ASN A 50 -7.76 -8.54 -1.36
N VAL A 51 -8.25 -8.35 -2.58
CA VAL A 51 -7.69 -7.33 -3.47
C VAL A 51 -8.09 -5.93 -3.02
N ALA A 52 -9.26 -5.82 -2.41
CA ALA A 52 -9.76 -4.54 -1.94
C ALA A 52 -9.05 -4.12 -0.66
N GLY A 53 -9.04 -5.01 0.32
CA GLY A 53 -8.39 -4.71 1.59
C GLY A 53 -6.93 -4.35 1.42
N GLU A 54 -6.34 -4.75 0.30
CA GLU A 54 -4.94 -4.47 0.02
C GLU A 54 -4.74 -2.99 -0.31
N ILE A 55 -5.48 -2.50 -1.30
CA ILE A 55 -5.38 -1.11 -1.70
C ILE A 55 -6.06 -0.19 -0.69
N ALA A 56 -7.11 -0.69 -0.05
CA ALA A 56 -7.84 0.09 0.94
C ALA A 56 -6.89 0.67 1.99
N ALA A 57 -5.83 -0.06 2.29
CA ALA A 57 -4.85 0.38 3.27
C ALA A 57 -4.23 1.72 2.87
N ALA A 58 -3.83 1.83 1.61
CA ALA A 58 -3.23 3.05 1.10
C ALA A 58 -4.12 4.26 1.40
N LEU A 59 -5.42 4.04 1.42
CA LEU A 59 -6.38 5.11 1.70
C LEU A 59 -6.21 5.62 3.13
N TYR A 60 -6.41 4.74 4.10
CA TYR A 60 -6.29 5.11 5.51
C TYR A 60 -4.87 5.59 5.82
N ALA A 61 -3.88 5.00 5.15
CA ALA A 61 -2.49 5.36 5.35
C ALA A 61 -2.24 6.82 4.96
N VAL A 62 -2.89 7.25 3.88
CA VAL A 62 -2.73 8.62 3.40
C VAL A 62 -3.53 9.59 4.27
N LYS A 63 -4.76 9.23 4.57
CA LYS A 63 -5.62 10.08 5.40
C LYS A 63 -4.94 10.44 6.71
N LYS A 64 -4.36 9.43 7.36
CA LYS A 64 -3.66 9.65 8.63
C LYS A 64 -2.29 10.27 8.39
N ALA A 65 -1.67 9.93 7.27
CA ALA A 65 -0.35 10.46 6.93
C ALA A 65 -0.33 11.98 7.04
N SER A 66 -1.43 12.62 6.66
CA SER A 66 -1.53 14.08 6.71
C SER A 66 -1.62 14.55 8.16
N GLN A 67 -2.17 13.71 9.03
CA GLN A 67 -2.32 14.05 10.43
C GLN A 67 -0.99 13.96 11.15
N LEU A 68 -0.25 12.89 10.91
CA LEU A 68 1.05 12.68 11.53
C LEU A 68 2.12 13.56 10.88
N GLY A 69 1.73 14.27 9.81
CA GLY A 69 2.66 15.12 9.12
C GLY A 69 3.73 14.35 8.38
N VAL A 70 3.47 13.07 8.13
CA VAL A 70 4.41 12.21 7.44
C VAL A 70 3.91 11.85 6.04
N LYS A 71 4.83 11.48 5.16
CA LYS A 71 4.47 11.11 3.80
C LYS A 71 4.72 9.62 3.55
N ILE A 72 4.64 9.21 2.30
CA ILE A 72 4.86 7.81 1.94
C ILE A 72 5.55 7.69 0.59
N ARG A 73 5.78 6.45 0.15
CA ARG A 73 6.44 6.20 -1.12
C ARG A 73 5.72 6.94 -2.26
N ILE A 74 6.48 7.72 -3.02
CA ILE A 74 5.91 8.47 -4.13
C ILE A 74 6.60 8.11 -5.44
N LEU A 75 6.23 8.80 -6.51
CA LEU A 75 6.81 8.56 -7.82
C LEU A 75 6.75 7.07 -8.18
N HIS A 76 7.48 6.69 -9.22
CA HIS A 76 7.52 5.29 -9.65
C HIS A 76 7.81 4.36 -8.48
N ASP A 77 6.78 3.70 -7.98
CA ASP A 77 6.92 2.79 -6.86
C ASP A 77 7.09 1.35 -7.35
N TYR A 78 8.16 0.69 -6.89
CA TYR A 78 8.43 -0.69 -7.28
C TYR A 78 7.40 -1.65 -6.69
N ALA A 79 6.59 -1.14 -5.76
CA ALA A 79 5.57 -1.94 -5.11
C ALA A 79 4.63 -2.55 -6.14
N GLY A 80 3.62 -3.27 -5.66
CA GLY A 80 2.66 -3.90 -6.54
C GLY A 80 1.78 -2.89 -7.26
N ILE A 81 1.70 -1.69 -6.69
CA ILE A 81 0.88 -0.63 -7.28
C ILE A 81 1.34 -0.31 -8.71
N ALA A 82 2.58 -0.68 -9.02
CA ALA A 82 3.13 -0.44 -10.35
C ALA A 82 2.48 -1.34 -11.39
N PHE A 83 2.15 -2.56 -11.00
CA PHE A 83 1.52 -3.52 -11.90
C PHE A 83 0.07 -3.12 -12.17
N TRP A 84 -0.61 -2.65 -11.13
CA TRP A 84 -2.01 -2.25 -11.26
C TRP A 84 -2.11 -0.87 -11.91
N ALA A 85 -1.20 0.03 -11.54
CA ALA A 85 -1.19 1.37 -12.10
C ALA A 85 -1.23 1.35 -13.61
N THR A 86 -0.68 0.29 -14.20
CA THR A 86 -0.67 0.15 -15.65
C THR A 86 -2.07 -0.09 -16.21
N GLY A 87 -2.83 -0.94 -15.52
CA GLY A 87 -4.18 -1.23 -15.96
C GLY A 87 -4.25 -1.60 -17.43
N GLU A 88 -4.05 -2.87 -17.73
CA GLU A 88 -4.08 -3.34 -19.10
C GLU A 88 -5.51 -3.37 -19.63
N TRP A 89 -6.35 -4.20 -19.01
CA TRP A 89 -7.75 -4.33 -19.42
C TRP A 89 -8.64 -3.43 -18.57
N LYS A 90 -9.83 -3.12 -19.09
CA LYS A 90 -10.78 -2.27 -18.38
C LYS A 90 -11.29 -2.95 -17.12
N ALA A 91 -10.55 -2.80 -16.03
CA ALA A 91 -10.92 -3.40 -14.75
C ALA A 91 -11.98 -2.56 -14.04
N LYS A 92 -12.38 -1.47 -14.68
CA LYS A 92 -13.39 -0.58 -14.12
C LYS A 92 -14.60 -1.37 -13.62
N ASN A 93 -14.83 -2.52 -14.23
CA ASN A 93 -15.96 -3.38 -13.86
C ASN A 93 -15.97 -3.61 -12.35
N GLU A 94 -14.79 -3.59 -11.74
CA GLU A 94 -14.67 -3.81 -10.30
C GLU A 94 -14.93 -2.52 -9.53
N PHE A 95 -14.65 -2.54 -8.23
CA PHE A 95 -14.85 -1.38 -7.39
C PHE A 95 -13.54 -0.63 -7.16
N THR A 96 -12.43 -1.25 -7.57
CA THR A 96 -11.11 -0.66 -7.40
C THR A 96 -11.06 0.74 -8.02
N GLN A 97 -11.92 0.98 -9.01
CA GLN A 97 -11.98 2.27 -9.68
C GLN A 97 -12.08 3.40 -8.66
N ALA A 98 -13.04 3.30 -7.75
CA ALA A 98 -13.23 4.31 -6.73
C ALA A 98 -11.93 4.59 -5.98
N TYR A 99 -11.21 3.52 -5.65
CA TYR A 99 -9.95 3.65 -4.93
C TYR A 99 -9.02 4.64 -5.63
N ALA A 100 -9.05 4.63 -6.95
CA ALA A 100 -8.21 5.53 -7.74
C ALA A 100 -8.71 6.97 -7.65
N LYS A 101 -10.01 7.14 -7.43
CA LYS A 101 -10.60 8.46 -7.31
C LYS A 101 -10.26 9.10 -5.96
N LEU A 102 -10.33 8.30 -4.91
CA LEU A 102 -10.03 8.78 -3.57
C LEU A 102 -8.65 9.43 -3.52
N MET A 103 -7.79 9.06 -4.46
CA MET A 103 -6.44 9.60 -4.54
C MET A 103 -6.46 11.12 -4.49
N ASN A 104 -7.02 11.74 -5.52
CA ASN A 104 -7.10 13.19 -5.59
C ASN A 104 -7.83 13.75 -4.39
N GLN A 105 -8.75 12.97 -3.83
CA GLN A 105 -9.53 13.40 -2.67
C GLN A 105 -8.60 13.88 -1.56
N TYR A 106 -7.58 13.11 -1.27
CA TYR A 106 -6.62 13.46 -0.21
C TYR A 106 -5.19 13.41 -0.74
N ARG A 107 -5.02 13.81 -2.00
CA ARG A 107 -3.70 13.82 -2.62
C ARG A 107 -2.85 14.97 -2.09
N GLY A 108 -1.54 14.89 -2.32
CA GLY A 108 -0.65 15.93 -1.86
C GLY A 108 0.50 15.38 -1.02
N ILE A 109 0.16 14.65 0.04
CA ILE A 109 1.16 14.07 0.92
C ILE A 109 1.91 12.94 0.22
N TYR A 110 1.23 12.26 -0.68
CA TYR A 110 1.84 11.15 -1.42
C TYR A 110 1.68 11.35 -2.92
N SER A 111 2.23 10.42 -3.70
CA SER A 111 2.16 10.50 -5.15
C SER A 111 2.18 9.11 -5.77
N PHE A 112 1.51 8.95 -6.91
CA PHE A 112 1.46 7.66 -7.60
C PHE A 112 1.10 7.85 -9.07
N GLU A 113 1.32 6.81 -9.86
CA GLU A 113 1.02 6.86 -11.29
C GLU A 113 -0.45 6.56 -11.54
N LYS A 114 -0.84 6.51 -12.81
CA LYS A 114 -2.22 6.22 -13.18
C LYS A 114 -2.73 4.98 -12.47
N VAL A 115 -4.05 4.83 -12.43
CA VAL A 115 -4.67 3.69 -11.78
C VAL A 115 -6.02 3.36 -12.40
N LYS A 116 -6.19 2.11 -12.82
CA LYS A 116 -7.42 1.67 -13.44
C LYS A 116 -8.27 0.85 -12.46
N ALA A 117 -7.90 -0.41 -12.27
CA ALA A 117 -8.61 -1.28 -11.36
C ALA A 117 -8.05 -2.71 -11.40
N HIS A 118 -8.41 -3.51 -10.41
CA HIS A 118 -7.94 -4.89 -10.34
C HIS A 118 -6.41 -4.95 -10.40
N SER A 119 -5.89 -6.15 -10.62
CA SER A 119 -4.44 -6.34 -10.71
C SER A 119 -3.79 -6.11 -9.35
N GLY A 120 -2.98 -7.06 -8.91
CA GLY A 120 -2.30 -6.94 -7.64
C GLY A 120 -2.45 -8.19 -6.78
N ASN A 121 -1.42 -9.03 -6.78
CA ASN A 121 -1.43 -10.25 -6.00
C ASN A 121 -0.14 -10.42 -5.21
N GLU A 122 0.96 -10.66 -5.93
CA GLU A 122 2.25 -10.83 -5.30
C GLU A 122 3.10 -9.57 -5.42
N PHE A 123 2.94 -8.86 -6.53
CA PHE A 123 3.68 -7.62 -6.77
C PHE A 123 3.56 -6.68 -5.59
N ASN A 124 2.42 -6.74 -4.91
CA ASN A 124 2.19 -5.88 -3.75
C ASN A 124 2.94 -6.40 -2.53
N ASP A 125 2.92 -7.71 -2.33
CA ASP A 125 3.60 -8.33 -1.21
C ASP A 125 5.06 -7.86 -1.13
N TYR A 126 5.59 -7.43 -2.26
CA TYR A 126 6.97 -6.97 -2.33
C TYR A 126 7.24 -5.92 -1.27
N VAL A 127 6.21 -5.15 -0.92
CA VAL A 127 6.33 -4.10 0.08
C VAL A 127 6.85 -4.67 1.40
N ASP A 128 6.63 -5.96 1.61
CA ASP A 128 7.07 -6.61 2.83
C ASP A 128 8.60 -6.52 2.97
N MET A 129 9.30 -6.88 1.91
CA MET A 129 10.76 -6.84 1.92
C MET A 129 11.27 -5.40 1.89
N LYS A 130 10.67 -4.59 1.03
CA LYS A 130 11.06 -3.19 0.90
C LYS A 130 10.86 -2.45 2.22
N ALA A 131 9.79 -2.79 2.93
CA ALA A 131 9.49 -2.16 4.21
C ALA A 131 10.45 -2.65 5.30
N LYS A 132 10.83 -3.91 5.20
CA LYS A 132 11.74 -4.51 6.18
C LYS A 132 12.99 -3.66 6.35
N SER A 133 13.50 -3.14 5.24
CA SER A 133 14.70 -2.30 5.27
C SER A 133 14.50 -1.11 6.18
N ALA A 134 13.28 -0.61 6.26
CA ALA A 134 12.96 0.52 7.10
C ALA A 134 13.43 0.31 8.54
N LEU A 135 13.22 -0.91 9.03
CA LEU A 135 13.62 -1.26 10.39
C LEU A 135 15.12 -1.48 10.48
N GLY A 136 15.62 -2.45 9.73
CA GLY A 136 17.03 -2.75 9.73
C GLY A 136 17.32 -4.23 9.64
N ILE A 137 16.54 -4.94 8.83
CA ILE A 137 16.70 -6.38 8.66
C ILE A 137 17.97 -6.69 7.87
N ARG A 138 18.56 -7.86 8.13
CA ARG A 138 19.77 -8.27 7.45
C ARG A 138 19.52 -8.38 5.94
N ASP A 139 20.50 -8.95 5.23
CA ASP A 139 20.40 -9.12 3.79
C ASP A 139 21.62 -9.82 3.22
N LEU A 140 21.74 -9.84 1.90
CA LEU A 140 22.88 -10.47 1.24
C LEU A 140 22.90 -11.98 1.53
N GLU A 141 22.51 -12.76 0.54
CA GLU A 141 22.48 -14.22 0.68
C GLU A 141 22.29 -14.89 -0.68
N HIS A 142 22.04 -16.20 -0.64
CA HIS A 142 21.84 -16.97 -1.87
C HIS A 142 20.49 -16.63 -2.50
N HIS A 143 20.31 -17.04 -3.75
CA HIS A 143 19.06 -16.77 -4.46
C HIS A 143 18.92 -17.71 -5.67
N HIS A 144 17.81 -17.57 -6.38
CA HIS A 144 17.56 -18.40 -7.57
C HIS A 144 17.22 -17.54 -8.77
N HIS A 145 16.88 -18.18 -9.88
CA HIS A 145 16.53 -17.48 -11.11
C HIS A 145 15.19 -17.94 -11.65
N HIS A 146 15.17 -19.14 -12.23
CA HIS A 146 13.94 -19.70 -12.78
C HIS A 146 14.13 -21.18 -13.13
N HIS A 147 13.08 -21.79 -13.67
CA HIS A 147 13.13 -23.20 -14.05
C HIS A 147 12.91 -23.36 -15.55
MG MG B . 2.36 -0.03 -1.99
N MET A 1 9.68 16.44 14.11
CA MET A 1 8.77 16.57 12.99
C MET A 1 9.26 15.75 11.79
N ASP A 2 8.40 15.59 10.79
CA ASP A 2 8.74 14.84 9.60
C ASP A 2 9.05 13.38 9.95
N ASP A 3 9.50 12.62 8.95
CA ASP A 3 9.83 11.22 9.14
C ASP A 3 11.15 10.87 8.47
N ARG A 4 11.44 9.58 8.39
CA ARG A 4 12.68 9.11 7.76
C ARG A 4 12.56 7.66 7.34
N THR A 5 11.34 7.23 7.03
CA THR A 5 11.10 5.85 6.62
C THR A 5 11.99 5.46 5.45
N GLU A 6 12.22 4.17 5.31
CA GLU A 6 13.07 3.65 4.23
C GLU A 6 12.59 4.18 2.87
N TYR A 7 11.50 3.62 2.38
CA TYR A 7 10.95 4.02 1.09
C TYR A 7 9.46 3.71 1.02
N ASP A 8 9.13 2.44 0.82
CA ASP A 8 7.74 2.01 0.73
C ASP A 8 7.17 1.72 2.11
N VAL A 9 5.85 1.82 2.24
CA VAL A 9 5.19 1.58 3.52
C VAL A 9 4.69 0.14 3.60
N TYR A 10 4.78 -0.43 4.81
CA TYR A 10 4.34 -1.80 5.03
C TYR A 10 2.82 -1.92 4.93
N THR A 11 2.32 -1.99 3.71
CA THR A 11 0.88 -2.09 3.47
C THR A 11 0.53 -3.44 2.85
N ASP A 12 -0.77 -3.66 2.62
CA ASP A 12 -1.23 -4.90 2.03
C ASP A 12 -0.79 -6.10 2.86
N GLY A 13 -0.96 -7.30 2.30
CA GLY A 13 -0.58 -8.50 3.00
C GLY A 13 -1.15 -8.57 4.41
N SER A 14 -2.47 -8.74 4.49
CA SER A 14 -3.15 -8.82 5.78
C SER A 14 -4.52 -9.46 5.63
N TYR A 15 -4.86 -10.34 6.56
CA TYR A 15 -6.14 -11.03 6.54
C TYR A 15 -6.28 -11.96 7.74
N VAL A 16 -7.51 -12.42 7.99
CA VAL A 16 -7.79 -13.30 9.11
C VAL A 16 -8.72 -14.44 8.69
N ASN A 17 -8.20 -15.67 8.72
CA ASN A 17 -8.98 -16.84 8.35
C ASN A 17 -9.24 -16.86 6.85
N GLY A 18 -10.08 -15.95 6.38
CA GLY A 18 -10.40 -15.88 4.96
C GLY A 18 -11.01 -14.55 4.57
N GLN A 19 -10.75 -13.52 5.37
CA GLN A 19 -11.29 -12.19 5.09
C GLN A 19 -10.20 -11.26 4.59
N TYR A 20 -10.55 -10.00 4.39
CA TYR A 20 -9.60 -9.00 3.91
C TYR A 20 -9.26 -8.00 5.00
N ALA A 21 -7.97 -7.70 5.13
CA ALA A 21 -7.50 -6.76 6.14
C ALA A 21 -6.58 -5.71 5.52
N TRP A 22 -6.21 -4.70 6.32
CA TRP A 22 -5.34 -3.64 5.85
C TRP A 22 -4.48 -3.10 6.98
N ALA A 23 -3.18 -3.00 6.73
CA ALA A 23 -2.25 -2.50 7.75
C ALA A 23 -1.29 -1.47 7.14
N TYR A 24 -0.55 -0.79 8.00
CA TYR A 24 0.41 0.21 7.56
C TYR A 24 1.46 0.49 8.63
N ALA A 25 2.52 1.20 8.25
CA ALA A 25 3.59 1.53 9.18
C ALA A 25 3.63 3.03 9.46
N PHE A 26 3.53 3.39 10.74
CA PHE A 26 3.55 4.79 11.16
C PHE A 26 4.85 5.12 11.87
N VAL A 27 5.42 6.28 11.54
CA VAL A 27 6.67 6.72 12.15
C VAL A 27 6.68 8.23 12.35
N LYS A 28 6.99 8.66 13.56
CA LYS A 28 7.04 10.09 13.89
C LYS A 28 8.40 10.47 14.45
N ASP A 29 8.94 11.59 13.98
CA ASP A 29 10.23 12.07 14.46
C ASP A 29 11.35 11.13 14.01
N GLY A 30 11.03 10.23 13.10
CA GLY A 30 12.02 9.28 12.60
C GLY A 30 12.07 8.01 13.44
N LYS A 31 10.97 7.71 14.13
CA LYS A 31 10.90 6.53 14.96
C LYS A 31 9.47 5.98 15.02
N VAL A 32 9.34 4.70 15.38
CA VAL A 32 8.03 4.07 15.46
C VAL A 32 7.11 4.85 16.40
N HIS A 33 5.97 5.28 15.88
CA HIS A 33 5.00 6.03 16.66
C HIS A 33 3.77 5.17 16.98
N TYR A 34 3.25 4.51 15.96
CA TYR A 34 2.07 3.66 16.14
C TYR A 34 2.30 2.28 15.52
N GLU A 35 1.34 1.38 15.72
CA GLU A 35 1.44 0.03 15.18
C GLU A 35 0.16 -0.76 15.44
N ASP A 36 -0.65 -0.94 14.40
CA ASP A 36 -1.89 -1.67 14.52
C ASP A 36 -2.57 -1.82 13.16
N ALA A 37 -3.51 -2.76 13.07
CA ALA A 37 -4.23 -3.00 11.83
C ALA A 37 -5.71 -3.26 12.09
N ASP A 38 -6.49 -3.30 11.02
CA ASP A 38 -7.93 -3.54 11.13
C ASP A 38 -8.46 -4.26 9.90
N VAL A 39 -9.61 -4.91 10.04
CA VAL A 39 -10.23 -5.64 8.94
C VAL A 39 -11.57 -5.04 8.57
N GLY A 40 -12.11 -5.46 7.44
CA GLY A 40 -13.40 -4.96 6.99
C GLY A 40 -14.50 -6.00 7.09
N LYS A 41 -15.54 -5.83 6.29
CA LYS A 41 -16.66 -6.77 6.28
C LYS A 41 -17.71 -6.35 5.25
N ASN A 42 -17.25 -5.78 4.14
CA ASN A 42 -18.15 -5.34 3.08
C ASN A 42 -18.29 -6.42 2.01
N PRO A 43 -19.42 -6.40 1.30
CA PRO A 43 -19.71 -7.36 0.22
C PRO A 43 -18.82 -7.15 -0.99
N ALA A 44 -18.74 -5.90 -1.45
CA ALA A 44 -17.93 -5.57 -2.62
C ALA A 44 -16.44 -5.73 -2.31
N ALA A 45 -16.11 -5.82 -1.02
CA ALA A 45 -14.72 -5.99 -0.60
C ALA A 45 -14.41 -7.44 -0.29
N ALA A 46 -15.45 -8.21 0.01
CA ALA A 46 -15.29 -9.63 0.33
C ALA A 46 -15.28 -10.47 -0.94
N THR A 47 -16.02 -10.02 -1.95
CA THR A 47 -16.10 -10.74 -3.22
C THR A 47 -14.80 -10.62 -4.00
N MET A 48 -13.99 -9.64 -3.64
CA MET A 48 -12.71 -9.42 -4.30
C MET A 48 -11.60 -10.22 -3.64
N ARG A 49 -11.99 -11.11 -2.72
CA ARG A 49 -11.03 -11.94 -2.00
C ARG A 49 -10.20 -11.10 -1.03
N ASN A 50 -9.29 -10.29 -1.57
CA ASN A 50 -8.44 -9.45 -0.75
C ASN A 50 -7.83 -8.32 -1.58
N VAL A 51 -8.46 -8.02 -2.71
CA VAL A 51 -7.98 -6.96 -3.60
C VAL A 51 -8.28 -5.59 -3.03
N ALA A 52 -9.48 -5.43 -2.49
CA ALA A 52 -9.90 -4.16 -1.91
C ALA A 52 -9.25 -3.95 -0.53
N GLY A 53 -8.92 -5.05 0.14
CA GLY A 53 -8.30 -4.97 1.44
C GLY A 53 -6.87 -4.47 1.37
N GLU A 54 -6.07 -5.10 0.52
CA GLU A 54 -4.67 -4.72 0.37
C GLU A 54 -4.53 -3.23 0.08
N ILE A 55 -5.34 -2.74 -0.87
CA ILE A 55 -5.31 -1.34 -1.26
C ILE A 55 -5.91 -0.47 -0.16
N ALA A 56 -6.87 -1.02 0.58
CA ALA A 56 -7.52 -0.29 1.66
C ALA A 56 -6.49 0.40 2.55
N ALA A 57 -5.43 -0.32 2.89
CA ALA A 57 -4.37 0.23 3.74
C ALA A 57 -3.83 1.53 3.17
N ALA A 58 -3.46 1.50 1.88
CA ALA A 58 -2.93 2.68 1.22
C ALA A 58 -3.86 3.88 1.39
N LEU A 59 -5.16 3.60 1.54
CA LEU A 59 -6.14 4.66 1.72
C LEU A 59 -6.01 5.31 3.09
N TYR A 60 -6.31 4.55 4.13
CA TYR A 60 -6.23 5.05 5.50
C TYR A 60 -4.81 5.50 5.82
N ALA A 61 -3.84 4.98 5.07
CA ALA A 61 -2.45 5.34 5.28
C ALA A 61 -2.18 6.79 4.90
N VAL A 62 -2.78 7.23 3.81
CA VAL A 62 -2.61 8.61 3.35
C VAL A 62 -3.44 9.58 4.19
N LYS A 63 -4.69 9.19 4.49
CA LYS A 63 -5.58 10.01 5.29
C LYS A 63 -4.90 10.45 6.58
N LYS A 64 -4.33 9.48 7.30
CA LYS A 64 -3.64 9.76 8.55
C LYS A 64 -2.27 10.39 8.30
N ALA A 65 -1.65 10.01 7.19
CA ALA A 65 -0.34 10.53 6.83
C ALA A 65 -0.33 12.06 6.87
N SER A 66 -1.47 12.67 6.53
CA SER A 66 -1.58 14.11 6.51
C SER A 66 -1.72 14.66 7.93
N GLN A 67 -2.27 13.84 8.82
CA GLN A 67 -2.45 14.25 10.21
C GLN A 67 -1.10 14.31 10.94
N LEU A 68 -0.26 13.32 10.69
CA LEU A 68 1.05 13.25 11.31
C LEU A 68 2.03 14.21 10.64
N GLY A 69 1.57 14.88 9.59
CA GLY A 69 2.41 15.81 8.87
C GLY A 69 3.54 15.12 8.14
N VAL A 70 3.47 13.80 8.05
CA VAL A 70 4.50 13.03 7.37
C VAL A 70 4.05 12.63 5.96
N LYS A 71 4.96 12.00 5.22
CA LYS A 71 4.66 11.57 3.86
C LYS A 71 5.23 10.18 3.59
N ILE A 72 4.56 9.42 2.73
CA ILE A 72 5.01 8.08 2.39
C ILE A 72 5.75 8.08 1.05
N ARG A 73 6.92 7.44 1.03
CA ARG A 73 7.72 7.37 -0.18
C ARG A 73 7.30 6.17 -1.04
N ILE A 74 7.58 6.26 -2.34
CA ILE A 74 7.22 5.19 -3.26
C ILE A 74 8.31 4.99 -4.31
N LEU A 75 8.76 6.09 -4.90
CA LEU A 75 9.79 6.04 -5.93
C LEU A 75 9.44 5.03 -7.02
N HIS A 76 9.91 3.80 -6.84
CA HIS A 76 9.65 2.74 -7.80
C HIS A 76 8.57 1.79 -7.29
N ASP A 77 8.86 1.12 -6.18
CA ASP A 77 7.89 0.19 -5.58
C ASP A 77 7.50 -0.90 -6.58
N TYR A 78 6.76 -1.89 -6.10
CA TYR A 78 6.32 -2.99 -6.94
C TYR A 78 4.98 -3.54 -6.46
N ALA A 79 4.28 -2.75 -5.65
CA ALA A 79 2.98 -3.16 -5.13
C ALA A 79 1.98 -3.40 -6.26
N GLY A 80 0.88 -4.07 -5.94
CA GLY A 80 -0.13 -4.36 -6.93
C GLY A 80 -0.67 -3.10 -7.58
N ILE A 81 -0.48 -1.97 -6.93
CA ILE A 81 -0.95 -0.69 -7.44
C ILE A 81 -0.17 -0.28 -8.68
N ALA A 82 1.15 -0.39 -8.61
CA ALA A 82 2.01 -0.03 -9.73
C ALA A 82 1.91 -1.07 -10.85
N PHE A 83 1.19 -2.16 -10.58
CA PHE A 83 1.03 -3.22 -11.57
C PHE A 83 -0.07 -2.86 -12.57
N TRP A 84 -1.28 -2.65 -12.07
CA TRP A 84 -2.41 -2.30 -12.92
C TRP A 84 -2.45 -0.81 -13.20
N ALA A 85 -1.63 -0.05 -12.47
CA ALA A 85 -1.57 1.39 -12.63
C ALA A 85 -1.43 1.77 -14.11
N THR A 86 -0.82 0.89 -14.88
CA THR A 86 -0.63 1.13 -16.31
C THR A 86 -1.97 1.20 -17.04
N GLY A 87 -2.88 0.30 -16.68
CA GLY A 87 -4.19 0.27 -17.30
C GLY A 87 -4.25 -0.70 -18.47
N GLU A 88 -4.05 -1.98 -18.19
CA GLU A 88 -4.07 -3.00 -19.23
C GLU A 88 -5.41 -3.74 -19.23
N TRP A 89 -5.82 -4.21 -18.06
CA TRP A 89 -7.08 -4.94 -17.93
C TRP A 89 -8.26 -3.97 -17.86
N LYS A 90 -9.45 -4.46 -18.18
CA LYS A 90 -10.65 -3.64 -18.14
C LYS A 90 -10.77 -2.89 -16.82
N ALA A 91 -10.88 -1.57 -16.90
CA ALA A 91 -11.00 -0.74 -15.70
C ALA A 91 -12.41 -0.80 -15.14
N LYS A 92 -13.30 -1.50 -15.84
CA LYS A 92 -14.69 -1.63 -15.42
C LYS A 92 -14.87 -2.87 -14.53
N ASN A 93 -13.77 -3.56 -14.28
CA ASN A 93 -13.81 -4.77 -13.45
C ASN A 93 -13.38 -4.46 -12.02
N GLU A 94 -14.03 -5.11 -11.05
CA GLU A 94 -13.71 -4.90 -9.65
C GLU A 94 -13.98 -3.46 -9.24
N PHE A 95 -14.01 -3.21 -7.93
CA PHE A 95 -14.25 -1.87 -7.42
C PHE A 95 -12.95 -1.11 -7.24
N THR A 96 -11.87 -1.65 -7.79
CA THR A 96 -10.56 -1.02 -7.69
C THR A 96 -10.61 0.42 -8.17
N GLN A 97 -11.55 0.72 -9.07
CA GLN A 97 -11.70 2.06 -9.60
C GLN A 97 -11.74 3.10 -8.48
N ALA A 98 -12.46 2.77 -7.41
CA ALA A 98 -12.58 3.67 -6.27
C ALA A 98 -11.21 4.18 -5.83
N TYR A 99 -10.20 3.32 -5.94
CA TYR A 99 -8.84 3.69 -5.55
C TYR A 99 -8.40 4.98 -6.24
N ALA A 100 -8.55 5.01 -7.57
CA ALA A 100 -8.18 6.18 -8.35
C ALA A 100 -8.95 7.41 -7.91
N LYS A 101 -10.18 7.19 -7.43
CA LYS A 101 -11.02 8.29 -6.98
C LYS A 101 -10.55 8.81 -5.62
N LEU A 102 -10.41 7.91 -4.67
CA LEU A 102 -9.96 8.27 -3.33
C LEU A 102 -8.59 8.94 -3.38
N MET A 103 -7.81 8.59 -4.39
CA MET A 103 -6.47 9.16 -4.55
C MET A 103 -6.52 10.68 -4.50
N ASN A 104 -7.14 11.29 -5.51
CA ASN A 104 -7.25 12.75 -5.57
C ASN A 104 -7.90 13.29 -4.31
N GLN A 105 -8.78 12.50 -3.70
CA GLN A 105 -9.47 12.90 -2.48
C GLN A 105 -8.48 13.44 -1.45
N TYR A 106 -7.38 12.71 -1.25
CA TYR A 106 -6.37 13.10 -0.28
C TYR A 106 -4.98 13.05 -0.91
N ARG A 107 -4.90 13.40 -2.19
CA ARG A 107 -3.62 13.39 -2.91
C ARG A 107 -2.86 14.68 -2.67
N GLY A 108 -1.59 14.54 -2.26
CA GLY A 108 -0.77 15.71 -2.00
C GLY A 108 0.40 15.40 -1.07
N ILE A 109 0.27 14.31 -0.31
CA ILE A 109 1.32 13.90 0.61
C ILE A 109 2.10 12.72 0.07
N TYR A 110 1.42 11.85 -0.65
CA TYR A 110 2.04 10.67 -1.23
C TYR A 110 2.12 10.77 -2.75
N SER A 111 2.72 9.77 -3.39
CA SER A 111 2.86 9.75 -4.84
C SER A 111 2.42 8.40 -5.41
N PHE A 112 1.87 8.43 -6.61
CA PHE A 112 1.41 7.21 -7.27
C PHE A 112 0.91 7.51 -8.69
N GLU A 113 1.23 6.62 -9.62
CA GLU A 113 0.83 6.79 -11.01
C GLU A 113 -0.65 6.49 -11.19
N LYS A 114 -1.19 6.82 -12.35
CA LYS A 114 -2.59 6.58 -12.65
C LYS A 114 -2.98 5.14 -12.36
N VAL A 115 -4.28 4.89 -12.30
CA VAL A 115 -4.79 3.54 -12.03
C VAL A 115 -6.17 3.33 -12.63
N LYS A 116 -6.33 2.26 -13.39
CA LYS A 116 -7.59 1.94 -14.02
C LYS A 116 -8.46 1.07 -13.11
N ALA A 117 -8.19 -0.24 -13.12
CA ALA A 117 -8.94 -1.17 -12.29
C ALA A 117 -8.56 -2.61 -12.63
N HIS A 118 -9.13 -3.55 -11.88
CA HIS A 118 -8.85 -4.98 -12.09
C HIS A 118 -7.38 -5.29 -11.81
N SER A 119 -6.97 -6.50 -12.16
CA SER A 119 -5.59 -6.92 -11.94
C SER A 119 -5.31 -7.09 -10.45
N GLY A 120 -4.06 -7.37 -10.11
CA GLY A 120 -3.68 -7.54 -8.72
C GLY A 120 -3.07 -8.90 -8.45
N ASN A 121 -1.81 -8.91 -8.01
CA ASN A 121 -1.10 -10.15 -7.72
C ASN A 121 -0.29 -10.03 -6.44
N GLU A 122 0.71 -10.89 -6.30
CA GLU A 122 1.57 -10.87 -5.12
C GLU A 122 2.48 -9.65 -5.12
N PHE A 123 2.36 -8.83 -6.17
CA PHE A 123 3.18 -7.62 -6.29
C PHE A 123 3.11 -6.80 -5.01
N ASN A 124 1.99 -6.88 -4.32
CA ASN A 124 1.80 -6.13 -3.08
C ASN A 124 2.73 -6.64 -1.99
N ASP A 125 2.91 -7.96 -1.94
CA ASP A 125 3.78 -8.58 -0.95
C ASP A 125 5.18 -7.94 -0.98
N TYR A 126 5.53 -7.37 -2.12
CA TYR A 126 6.84 -6.74 -2.28
C TYR A 126 7.10 -5.74 -1.16
N VAL A 127 6.06 -5.01 -0.77
CA VAL A 127 6.18 -4.03 0.30
C VAL A 127 6.73 -4.65 1.56
N ASP A 128 6.54 -5.96 1.71
CA ASP A 128 7.02 -6.68 2.88
C ASP A 128 8.53 -6.56 3.03
N MET A 129 9.24 -6.88 1.95
CA MET A 129 10.70 -6.80 1.96
C MET A 129 11.16 -5.34 1.93
N LYS A 130 10.48 -4.51 1.15
CA LYS A 130 10.81 -3.10 1.04
C LYS A 130 10.69 -2.41 2.39
N ALA A 131 9.67 -2.78 3.15
CA ALA A 131 9.44 -2.20 4.47
C ALA A 131 10.47 -2.71 5.48
N LYS A 132 10.87 -3.96 5.32
CA LYS A 132 11.85 -4.57 6.22
C LYS A 132 13.10 -3.69 6.33
N SER A 133 13.53 -3.13 5.21
CA SER A 133 14.71 -2.28 5.19
C SER A 133 14.60 -1.16 6.21
N ALA A 134 13.37 -0.69 6.43
CA ALA A 134 13.12 0.37 7.39
C ALA A 134 13.67 0.02 8.77
N LEU A 135 13.74 -1.28 9.06
CA LEU A 135 14.26 -1.74 10.34
C LEU A 135 15.75 -2.04 10.26
N GLY A 136 16.17 -2.59 9.12
CA GLY A 136 17.58 -2.92 8.94
C GLY A 136 17.83 -4.40 8.82
N ILE A 137 16.90 -5.11 8.17
CA ILE A 137 17.01 -6.54 7.98
C ILE A 137 18.17 -6.88 7.03
N ARG A 138 19.01 -7.82 7.46
CA ARG A 138 20.15 -8.23 6.66
C ARG A 138 19.70 -8.76 5.29
N ASP A 139 20.65 -9.25 4.52
CA ASP A 139 20.36 -9.79 3.18
C ASP A 139 19.81 -8.69 2.28
N LEU A 140 19.91 -8.92 0.97
CA LEU A 140 19.42 -7.95 -0.01
C LEU A 140 18.92 -8.66 -1.27
N GLU A 141 17.98 -8.02 -1.96
CA GLU A 141 17.42 -8.59 -3.19
C GLU A 141 17.37 -7.54 -4.30
N HIS A 142 17.03 -7.98 -5.50
CA HIS A 142 16.95 -7.10 -6.65
C HIS A 142 16.28 -7.79 -7.83
N HIS A 143 15.40 -7.06 -8.51
CA HIS A 143 14.69 -7.61 -9.67
C HIS A 143 14.74 -6.64 -10.85
N HIS A 144 14.44 -7.14 -12.03
CA HIS A 144 14.44 -6.33 -13.24
C HIS A 144 13.77 -7.06 -14.40
N HIS A 145 13.32 -6.29 -15.39
CA HIS A 145 12.66 -6.87 -16.56
C HIS A 145 12.33 -5.79 -17.59
N HIS A 146 12.51 -6.12 -18.86
CA HIS A 146 12.24 -5.18 -19.94
C HIS A 146 12.00 -5.92 -21.26
N HIS A 147 11.39 -5.22 -22.22
CA HIS A 147 11.11 -5.82 -23.52
C HIS A 147 12.26 -5.57 -24.49
MG MG B . 1.94 -0.06 -1.52
N MET A 1 8.51 16.71 12.59
CA MET A 1 9.87 17.12 12.23
C MET A 1 10.43 16.18 11.16
N ASP A 2 10.29 14.87 11.38
CA ASP A 2 10.78 13.89 10.43
C ASP A 2 10.45 12.47 10.91
N ASP A 3 10.82 11.49 10.10
CA ASP A 3 10.56 10.08 10.45
C ASP A 3 11.64 9.18 9.85
N ARG A 4 11.75 7.98 10.40
CA ARG A 4 12.75 7.01 9.93
C ARG A 4 12.11 5.97 9.02
N THR A 5 11.93 6.32 7.75
CA THR A 5 11.33 5.43 6.78
C THR A 5 12.20 5.28 5.54
N GLU A 6 12.34 4.05 5.05
CA GLU A 6 13.15 3.78 3.87
C GLU A 6 12.56 4.47 2.64
N TYR A 7 11.40 3.99 2.20
CA TYR A 7 10.74 4.57 1.03
C TYR A 7 9.28 4.15 0.98
N ASP A 8 9.03 2.93 0.53
CA ASP A 8 7.67 2.41 0.43
C ASP A 8 7.10 2.11 1.81
N VAL A 9 5.78 2.06 1.90
CA VAL A 9 5.11 1.79 3.17
C VAL A 9 4.55 0.38 3.20
N TYR A 10 4.55 -0.23 4.38
CA TYR A 10 4.04 -1.59 4.54
C TYR A 10 2.52 -1.63 4.36
N THR A 11 2.08 -1.60 3.11
CA THR A 11 0.65 -1.64 2.79
C THR A 11 0.36 -2.61 1.67
N ASP A 12 -0.88 -3.07 1.59
CA ASP A 12 -1.30 -4.00 0.56
C ASP A 12 -0.57 -5.34 0.70
N GLY A 13 -1.14 -6.23 1.50
CA GLY A 13 -0.54 -7.54 1.71
C GLY A 13 -0.88 -8.13 3.06
N SER A 14 -2.08 -8.71 3.16
CA SER A 14 -2.53 -9.30 4.41
C SER A 14 -3.92 -9.91 4.24
N TYR A 15 -4.10 -11.13 4.76
CA TYR A 15 -5.37 -11.82 4.67
C TYR A 15 -5.38 -13.07 5.54
N VAL A 16 -6.56 -13.50 5.96
CA VAL A 16 -6.71 -14.68 6.79
C VAL A 16 -7.94 -15.49 6.40
N ASN A 17 -7.73 -16.76 6.04
CA ASN A 17 -8.83 -17.63 5.65
C ASN A 17 -9.52 -17.11 4.39
N GLY A 18 -10.41 -16.14 4.57
CA GLY A 18 -11.12 -15.58 3.44
C GLY A 18 -11.61 -14.17 3.71
N GLN A 19 -11.01 -13.52 4.70
CA GLN A 19 -11.38 -12.16 5.06
C GLN A 19 -10.42 -11.15 4.44
N TYR A 20 -10.62 -9.87 4.77
CA TYR A 20 -9.76 -8.80 4.25
C TYR A 20 -9.40 -7.81 5.35
N ALA A 21 -8.12 -7.44 5.41
CA ALA A 21 -7.64 -6.50 6.41
C ALA A 21 -6.58 -5.58 5.83
N TRP A 22 -6.35 -4.45 6.50
CA TRP A 22 -5.36 -3.49 6.05
C TRP A 22 -4.48 -3.02 7.21
N ALA A 23 -3.17 -3.06 7.00
CA ALA A 23 -2.22 -2.64 8.04
C ALA A 23 -1.17 -1.71 7.47
N TYR A 24 -0.50 -0.96 8.33
CA TYR A 24 0.53 -0.02 7.91
C TYR A 24 1.43 0.37 9.09
N ALA A 25 2.68 0.68 8.79
CA ALA A 25 3.64 1.07 9.83
C ALA A 25 3.64 2.58 10.02
N PHE A 26 3.37 3.01 11.24
CA PHE A 26 3.34 4.43 11.57
C PHE A 26 4.53 4.82 12.46
N VAL A 27 5.43 5.63 11.91
CA VAL A 27 6.60 6.07 12.66
C VAL A 27 6.73 7.59 12.64
N LYS A 28 6.98 8.16 13.82
CA LYS A 28 7.12 9.60 13.94
C LYS A 28 8.36 9.96 14.76
N ASP A 29 9.08 10.99 14.30
CA ASP A 29 10.29 11.43 14.99
C ASP A 29 11.38 10.37 14.89
N GLY A 30 11.18 9.39 14.01
CA GLY A 30 12.15 8.34 13.84
C GLY A 30 11.93 7.17 14.78
N LYS A 31 10.70 7.04 15.26
CA LYS A 31 10.36 5.96 16.19
C LYS A 31 8.89 5.55 16.01
N VAL A 32 8.57 4.32 16.43
CA VAL A 32 7.21 3.81 16.32
C VAL A 32 6.22 4.74 17.01
N HIS A 33 5.31 5.32 16.23
CA HIS A 33 4.31 6.23 16.77
C HIS A 33 3.03 5.48 17.10
N TYR A 34 2.62 4.58 16.21
CA TYR A 34 1.41 3.79 16.40
C TYR A 34 1.66 2.31 16.15
N GLU A 35 0.69 1.48 16.53
CA GLU A 35 0.83 0.04 16.35
C GLU A 35 -0.50 -0.66 16.63
N ASP A 36 -1.31 -0.83 15.60
CA ASP A 36 -2.61 -1.48 15.73
C ASP A 36 -3.33 -1.55 14.39
N ALA A 37 -3.41 -2.76 13.84
CA ALA A 37 -4.07 -2.96 12.55
C ALA A 37 -5.59 -2.99 12.71
N ASP A 38 -6.30 -3.21 11.61
CA ASP A 38 -7.75 -3.25 11.63
C ASP A 38 -8.28 -4.10 10.47
N VAL A 39 -9.18 -5.03 10.78
CA VAL A 39 -9.77 -5.89 9.77
C VAL A 39 -11.17 -5.43 9.39
N GLY A 40 -11.59 -5.79 8.18
CA GLY A 40 -12.92 -5.40 7.72
C GLY A 40 -13.81 -6.60 7.44
N LYS A 41 -15.08 -6.34 7.20
CA LYS A 41 -16.04 -7.40 6.92
C LYS A 41 -17.26 -6.85 6.17
N ASN A 42 -17.05 -5.78 5.41
CA ASN A 42 -18.13 -5.17 4.64
C ASN A 42 -18.49 -6.01 3.42
N PRO A 43 -19.72 -5.85 2.94
CA PRO A 43 -20.21 -6.59 1.77
C PRO A 43 -19.53 -6.15 0.48
N ALA A 44 -19.49 -4.84 0.26
CA ALA A 44 -18.87 -4.28 -0.94
C ALA A 44 -17.38 -4.64 -1.00
N ALA A 45 -16.79 -4.91 0.15
CA ALA A 45 -15.39 -5.27 0.23
C ALA A 45 -15.19 -6.78 0.12
N ALA A 46 -15.79 -7.52 1.06
CA ALA A 46 -15.69 -8.97 1.07
C ALA A 46 -16.06 -9.56 -0.28
N THR A 47 -17.01 -8.92 -0.96
CA THR A 47 -17.46 -9.38 -2.27
C THR A 47 -16.32 -9.34 -3.28
N MET A 48 -15.43 -8.37 -3.12
CA MET A 48 -14.29 -8.21 -4.02
C MET A 48 -13.06 -8.92 -3.47
N ARG A 49 -13.28 -9.84 -2.54
CA ARG A 49 -12.18 -10.58 -1.94
C ARG A 49 -11.25 -9.64 -1.16
N ASN A 50 -10.08 -10.15 -0.79
CA ASN A 50 -9.11 -9.35 -0.04
C ASN A 50 -8.49 -8.27 -0.93
N VAL A 51 -8.79 -8.34 -2.22
CA VAL A 51 -8.27 -7.36 -3.17
C VAL A 51 -8.55 -5.94 -2.71
N ALA A 52 -9.76 -5.71 -2.20
CA ALA A 52 -10.16 -4.39 -1.72
C ALA A 52 -9.52 -4.09 -0.36
N GLY A 53 -9.12 -5.14 0.34
CA GLY A 53 -8.51 -4.97 1.64
C GLY A 53 -7.08 -4.48 1.55
N GLU A 54 -6.27 -5.17 0.75
CA GLU A 54 -4.87 -4.79 0.58
C GLU A 54 -4.74 -3.32 0.20
N ILE A 55 -5.51 -2.91 -0.81
CA ILE A 55 -5.48 -1.52 -1.26
C ILE A 55 -6.00 -0.57 -0.19
N ALA A 56 -6.92 -1.06 0.63
CA ALA A 56 -7.50 -0.26 1.70
C ALA A 56 -6.41 0.44 2.50
N ALA A 57 -5.37 -0.30 2.86
CA ALA A 57 -4.26 0.27 3.62
C ALA A 57 -3.75 1.55 2.98
N ALA A 58 -3.42 1.47 1.70
CA ALA A 58 -2.91 2.63 0.97
C ALA A 58 -3.85 3.83 1.12
N LEU A 59 -5.13 3.55 1.31
CA LEU A 59 -6.12 4.61 1.48
C LEU A 59 -5.96 5.29 2.84
N TYR A 60 -6.26 4.55 3.91
CA TYR A 60 -6.16 5.09 5.26
C TYR A 60 -4.73 5.57 5.54
N ALA A 61 -3.77 5.03 4.80
CA ALA A 61 -2.37 5.41 4.97
C ALA A 61 -2.16 6.88 4.63
N VAL A 62 -2.82 7.33 3.57
CA VAL A 62 -2.69 8.72 3.13
C VAL A 62 -3.51 9.66 4.02
N LYS A 63 -4.73 9.24 4.35
CA LYS A 63 -5.61 10.02 5.20
C LYS A 63 -4.89 10.44 6.49
N LYS A 64 -4.29 9.46 7.15
CA LYS A 64 -3.56 9.73 8.40
C LYS A 64 -2.21 10.38 8.12
N ALA A 65 -1.61 10.03 6.99
CA ALA A 65 -0.32 10.58 6.60
C ALA A 65 -0.34 12.11 6.67
N SER A 66 -1.42 12.71 6.22
CA SER A 66 -1.57 14.15 6.23
C SER A 66 -1.60 14.69 7.65
N GLN A 67 -2.10 13.87 8.57
CA GLN A 67 -2.18 14.25 9.97
C GLN A 67 -0.81 14.21 10.64
N LEU A 68 -0.08 13.13 10.39
CA LEU A 68 1.25 12.97 10.97
C LEU A 68 2.29 13.81 10.22
N GLY A 69 1.85 14.42 9.12
CA GLY A 69 2.75 15.25 8.33
C GLY A 69 4.02 14.52 7.96
N VAL A 70 3.92 13.22 7.75
CA VAL A 70 5.08 12.41 7.38
C VAL A 70 5.01 11.98 5.92
N LYS A 71 3.80 11.77 5.42
CA LYS A 71 3.59 11.36 4.04
C LYS A 71 4.21 10.00 3.78
N ILE A 72 4.16 9.56 2.53
CA ILE A 72 4.72 8.26 2.14
C ILE A 72 5.57 8.38 0.88
N ARG A 73 6.75 7.77 0.92
CA ARG A 73 7.65 7.81 -0.23
C ARG A 73 7.18 6.86 -1.32
N ILE A 74 6.53 7.42 -2.35
CA ILE A 74 6.03 6.63 -3.46
C ILE A 74 6.15 7.39 -4.78
N LEU A 75 7.21 8.18 -4.90
CA LEU A 75 7.45 8.96 -6.11
C LEU A 75 7.61 8.05 -7.32
N HIS A 76 8.59 7.16 -7.27
CA HIS A 76 8.85 6.23 -8.36
C HIS A 76 8.77 4.79 -7.87
N ASP A 77 8.17 4.59 -6.70
CA ASP A 77 8.03 3.25 -6.13
C ASP A 77 7.16 2.37 -7.00
N TYR A 78 7.69 1.22 -7.38
CA TYR A 78 6.96 0.28 -8.23
C TYR A 78 6.22 -0.75 -7.38
N ALA A 79 5.63 -0.29 -6.29
CA ALA A 79 4.88 -1.16 -5.39
C ALA A 79 3.73 -1.85 -6.12
N GLY A 80 2.90 -2.57 -5.38
CA GLY A 80 1.77 -3.26 -5.97
C GLY A 80 0.90 -2.33 -6.78
N ILE A 81 0.57 -1.18 -6.22
CA ILE A 81 -0.28 -0.19 -6.89
C ILE A 81 0.34 0.24 -8.21
N ALA A 82 1.66 0.44 -8.21
CA ALA A 82 2.37 0.85 -9.41
C ALA A 82 2.54 -0.31 -10.39
N PHE A 83 2.14 -1.50 -9.94
CA PHE A 83 2.23 -2.69 -10.77
C PHE A 83 1.16 -2.71 -11.84
N TRP A 84 -0.10 -2.63 -11.42
CA TRP A 84 -1.23 -2.63 -12.35
C TRP A 84 -1.47 -1.23 -12.91
N ALA A 85 -0.91 -0.23 -12.25
CA ALA A 85 -1.06 1.15 -12.69
C ALA A 85 -0.65 1.32 -14.15
N THR A 86 0.18 0.39 -14.63
CA THR A 86 0.65 0.43 -16.01
C THR A 86 -0.51 0.26 -16.99
N GLY A 87 -1.64 -0.22 -16.48
CA GLY A 87 -2.80 -0.42 -17.32
C GLY A 87 -2.76 -1.75 -18.05
N GLU A 88 -3.02 -2.83 -17.32
CA GLU A 88 -3.01 -4.16 -17.91
C GLU A 88 -4.43 -4.64 -18.21
N TRP A 89 -5.34 -4.39 -17.28
CA TRP A 89 -6.73 -4.79 -17.46
C TRP A 89 -7.65 -3.58 -17.47
N LYS A 90 -8.84 -3.75 -18.04
CA LYS A 90 -9.82 -2.67 -18.13
C LYS A 90 -10.14 -2.12 -16.74
N ALA A 91 -10.57 -0.86 -16.69
CA ALA A 91 -10.92 -0.23 -15.43
C ALA A 91 -12.07 -0.95 -14.75
N LYS A 92 -12.81 -1.73 -15.53
CA LYS A 92 -13.94 -2.48 -15.00
C LYS A 92 -13.47 -3.67 -14.17
N ASN A 93 -12.16 -3.92 -14.19
CA ASN A 93 -11.58 -5.04 -13.44
C ASN A 93 -11.70 -4.80 -11.94
N GLU A 94 -12.52 -5.60 -11.29
CA GLU A 94 -12.72 -5.49 -9.85
C GLU A 94 -13.11 -4.05 -9.47
N PHE A 95 -13.17 -3.79 -8.17
CA PHE A 95 -13.53 -2.46 -7.68
C PHE A 95 -12.28 -1.60 -7.47
N THR A 96 -11.15 -2.08 -7.97
CA THR A 96 -9.89 -1.36 -7.85
C THR A 96 -10.02 0.07 -8.37
N GLN A 97 -10.94 0.27 -9.31
CA GLN A 97 -11.17 1.59 -9.89
C GLN A 97 -11.32 2.64 -8.80
N ALA A 98 -12.15 2.34 -7.80
CA ALA A 98 -12.38 3.25 -6.69
C ALA A 98 -11.08 3.87 -6.21
N TYR A 99 -10.01 3.08 -6.23
CA TYR A 99 -8.70 3.55 -5.79
C TYR A 99 -8.31 4.83 -6.52
N ALA A 100 -8.33 4.78 -7.84
CA ALA A 100 -7.97 5.93 -8.66
C ALA A 100 -8.84 7.14 -8.31
N LYS A 101 -10.07 6.88 -7.89
CA LYS A 101 -11.00 7.94 -7.51
C LYS A 101 -10.63 8.53 -6.15
N LEU A 102 -10.47 7.66 -5.17
CA LEU A 102 -10.12 8.09 -3.81
C LEU A 102 -8.77 8.78 -3.80
N MET A 103 -7.98 8.57 -4.85
CA MET A 103 -6.67 9.18 -4.96
C MET A 103 -6.75 10.69 -4.85
N ASN A 104 -7.38 11.32 -5.84
CA ASN A 104 -7.53 12.77 -5.86
C ASN A 104 -8.19 13.26 -4.57
N GLN A 105 -9.02 12.41 -3.98
CA GLN A 105 -9.72 12.76 -2.75
C GLN A 105 -8.75 13.31 -1.71
N TYR A 106 -7.64 12.59 -1.50
CA TYR A 106 -6.64 13.01 -0.53
C TYR A 106 -5.25 13.03 -1.17
N ARG A 107 -5.19 13.41 -2.44
CA ARG A 107 -3.93 13.47 -3.16
C ARG A 107 -3.22 14.79 -2.90
N GLY A 108 -1.95 14.71 -2.52
CA GLY A 108 -1.18 15.92 -2.24
C GLY A 108 0.00 15.65 -1.32
N ILE A 109 -0.07 14.55 -0.58
CA ILE A 109 1.01 14.19 0.34
C ILE A 109 1.84 13.04 -0.21
N TYR A 110 1.18 12.14 -0.93
CA TYR A 110 1.86 10.98 -1.52
C TYR A 110 1.95 11.12 -3.04
N SER A 111 2.61 10.15 -3.68
CA SER A 111 2.77 10.16 -5.12
C SER A 111 2.38 8.82 -5.73
N PHE A 112 1.91 8.85 -6.97
CA PHE A 112 1.48 7.63 -7.66
C PHE A 112 1.07 7.93 -9.09
N GLU A 113 1.31 6.97 -9.98
CA GLU A 113 0.97 7.13 -11.39
C GLU A 113 -0.51 6.86 -11.63
N LYS A 114 -0.90 6.80 -12.90
CA LYS A 114 -2.29 6.55 -13.25
C LYS A 114 -2.68 5.10 -12.96
N VAL A 115 -3.81 4.92 -12.27
CA VAL A 115 -4.29 3.59 -11.93
C VAL A 115 -5.71 3.38 -12.43
N LYS A 116 -5.91 2.29 -13.18
CA LYS A 116 -7.22 1.98 -13.72
C LYS A 116 -7.91 0.90 -12.90
N ALA A 117 -7.55 -0.35 -13.15
CA ALA A 117 -8.13 -1.47 -12.42
C ALA A 117 -7.56 -2.80 -12.90
N HIS A 118 -6.83 -3.49 -12.02
CA HIS A 118 -6.23 -4.77 -12.36
C HIS A 118 -5.47 -5.35 -11.17
N SER A 119 -5.54 -6.67 -11.02
CA SER A 119 -4.86 -7.34 -9.91
C SER A 119 -3.55 -7.96 -10.39
N GLY A 120 -2.95 -8.79 -9.53
CA GLY A 120 -1.70 -9.43 -9.88
C GLY A 120 -1.42 -10.65 -9.02
N ASN A 121 -0.14 -10.87 -8.70
CA ASN A 121 0.25 -12.01 -7.89
C ASN A 121 0.95 -11.55 -6.61
N GLU A 122 2.21 -11.15 -6.75
CA GLU A 122 3.00 -10.69 -5.60
C GLU A 122 3.24 -9.19 -5.67
N PHE A 123 2.53 -8.53 -6.59
CA PHE A 123 2.66 -7.09 -6.77
C PHE A 123 2.57 -6.36 -5.43
N ASN A 124 1.59 -6.75 -4.63
CA ASN A 124 1.39 -6.14 -3.31
C ASN A 124 2.42 -6.66 -2.31
N ASP A 125 2.94 -7.85 -2.57
CA ASP A 125 3.93 -8.46 -1.69
C ASP A 125 5.27 -7.74 -1.79
N TYR A 126 5.47 -7.05 -2.91
CA TYR A 126 6.72 -6.30 -3.13
C TYR A 126 7.02 -5.39 -1.95
N VAL A 127 6.00 -4.67 -1.48
CA VAL A 127 6.16 -3.75 -0.36
C VAL A 127 6.72 -4.48 0.86
N ASP A 128 6.52 -5.79 0.91
CA ASP A 128 7.01 -6.59 2.02
C ASP A 128 8.53 -6.60 2.06
N MET A 129 9.15 -6.82 0.92
CA MET A 129 10.61 -6.85 0.82
C MET A 129 11.19 -5.45 0.95
N LYS A 130 10.48 -4.47 0.38
CA LYS A 130 10.94 -3.08 0.42
C LYS A 130 10.81 -2.52 1.84
N ALA A 131 9.61 -2.59 2.39
CA ALA A 131 9.37 -2.09 3.75
C ALA A 131 10.35 -2.70 4.74
N LYS A 132 10.72 -3.94 4.50
CA LYS A 132 11.66 -4.65 5.37
C LYS A 132 12.92 -3.82 5.62
N SER A 133 13.31 -3.05 4.61
CA SER A 133 14.49 -2.20 4.70
C SER A 133 14.28 -1.07 5.71
N ALA A 134 13.05 -0.55 5.76
CA ALA A 134 12.72 0.53 6.68
C ALA A 134 13.09 0.15 8.12
N LEU A 135 12.81 -1.10 8.48
CA LEU A 135 13.11 -1.59 9.82
C LEU A 135 14.61 -1.85 10.00
N GLY A 136 15.20 -2.48 8.98
CA GLY A 136 16.63 -2.79 9.04
C GLY A 136 16.89 -4.26 9.26
N ILE A 137 16.14 -5.12 8.58
CA ILE A 137 16.30 -6.55 8.70
C ILE A 137 17.63 -7.01 8.11
N ARG A 138 18.17 -8.10 8.65
CA ARG A 138 19.44 -8.64 8.18
C ARG A 138 19.34 -9.06 6.72
N ASP A 139 20.41 -9.67 6.22
CA ASP A 139 20.44 -10.12 4.83
C ASP A 139 21.78 -10.79 4.50
N LEU A 140 21.78 -11.65 3.49
CA LEU A 140 22.98 -12.36 3.08
C LEU A 140 22.78 -13.05 1.75
N GLU A 141 22.96 -12.31 0.66
CA GLU A 141 22.80 -12.86 -0.68
C GLU A 141 23.08 -11.80 -1.74
N HIS A 142 22.22 -10.79 -1.81
CA HIS A 142 22.38 -9.70 -2.77
C HIS A 142 22.28 -10.24 -4.20
N HIS A 143 21.14 -9.98 -4.84
CA HIS A 143 20.90 -10.42 -6.21
C HIS A 143 19.58 -9.89 -6.75
N HIS A 144 19.52 -9.67 -8.05
CA HIS A 144 18.30 -9.16 -8.67
C HIS A 144 18.47 -9.06 -10.19
N HIS A 145 17.39 -9.31 -10.92
CA HIS A 145 17.43 -9.25 -12.38
C HIS A 145 16.03 -9.46 -12.96
N HIS A 146 15.89 -9.18 -14.25
CA HIS A 146 14.61 -9.34 -14.93
C HIS A 146 14.75 -9.10 -16.43
N HIS A 147 14.66 -10.17 -17.22
CA HIS A 147 14.78 -10.07 -18.67
C HIS A 147 14.61 -11.44 -19.31
MG MG B . 2.51 1.20 -1.84
N MET A 1 6.89 18.35 7.09
CA MET A 1 8.01 18.35 6.15
C MET A 1 8.60 16.95 6.01
N ASP A 2 7.73 15.95 6.02
CA ASP A 2 8.16 14.56 5.88
C ASP A 2 9.06 14.15 7.05
N ASP A 3 9.44 12.89 7.08
CA ASP A 3 10.31 12.37 8.14
C ASP A 3 11.37 11.44 7.57
N ARG A 4 12.15 10.83 8.44
CA ARG A 4 13.20 9.91 8.03
C ARG A 4 12.63 8.52 7.75
N THR A 5 12.63 8.13 6.48
CA THR A 5 12.11 6.83 6.08
C THR A 5 12.79 6.34 4.81
N GLU A 6 12.28 6.80 3.66
CA GLU A 6 12.83 6.40 2.38
C GLU A 6 12.62 4.91 2.13
N TYR A 7 11.36 4.50 2.04
CA TYR A 7 11.02 3.11 1.81
C TYR A 7 9.51 2.92 1.72
N ASP A 8 9.09 1.90 0.98
CA ASP A 8 7.67 1.61 0.80
C ASP A 8 7.01 1.32 2.15
N VAL A 9 5.71 1.55 2.24
CA VAL A 9 4.96 1.31 3.47
C VAL A 9 4.41 -0.11 3.50
N TYR A 10 4.36 -0.69 4.69
CA TYR A 10 3.85 -2.04 4.87
C TYR A 10 2.35 -2.10 4.62
N THR A 11 1.96 -2.11 3.35
CA THR A 11 0.56 -2.15 2.99
C THR A 11 0.32 -3.11 1.81
N ASP A 12 -0.94 -3.34 1.49
CA ASP A 12 -1.30 -4.23 0.39
C ASP A 12 -0.78 -5.64 0.64
N GLY A 13 -1.67 -6.52 1.09
CA GLY A 13 -1.28 -7.89 1.37
C GLY A 13 -1.78 -8.37 2.71
N SER A 14 -2.97 -8.96 2.73
CA SER A 14 -3.56 -9.47 3.96
C SER A 14 -4.91 -10.11 3.70
N TYR A 15 -5.13 -11.29 4.28
CA TYR A 15 -6.38 -12.02 4.10
C TYR A 15 -6.37 -13.32 4.88
N VAL A 16 -7.52 -13.67 5.45
CA VAL A 16 -7.65 -14.90 6.21
C VAL A 16 -8.98 -15.59 5.95
N ASN A 17 -8.92 -16.84 5.51
CA ASN A 17 -10.13 -17.61 5.21
C ASN A 17 -10.92 -16.96 4.09
N GLY A 18 -11.71 -15.96 4.43
CA GLY A 18 -12.51 -15.26 3.43
C GLY A 18 -12.76 -13.81 3.79
N GLN A 19 -11.95 -13.28 4.70
CA GLN A 19 -12.10 -11.90 5.13
C GLN A 19 -11.03 -11.02 4.50
N TYR A 20 -11.11 -9.72 4.74
CA TYR A 20 -10.15 -8.76 4.19
C TYR A 20 -9.70 -7.77 5.26
N ALA A 21 -8.40 -7.53 5.31
CA ALA A 21 -7.84 -6.60 6.29
C ALA A 21 -6.81 -5.68 5.62
N TRP A 22 -6.45 -4.60 6.33
CA TRP A 22 -5.49 -3.64 5.81
C TRP A 22 -4.62 -3.09 6.94
N ALA A 23 -3.31 -3.09 6.72
CA ALA A 23 -2.37 -2.59 7.72
C ALA A 23 -1.41 -1.58 7.10
N TYR A 24 -0.67 -0.89 7.96
CA TYR A 24 0.28 0.12 7.50
C TYR A 24 1.31 0.43 8.58
N ALA A 25 2.45 0.97 8.17
CA ALA A 25 3.52 1.31 9.10
C ALA A 25 3.59 2.82 9.32
N PHE A 26 3.57 3.23 10.59
CA PHE A 26 3.63 4.64 10.93
C PHE A 26 4.97 5.00 11.55
N VAL A 27 5.50 6.16 11.18
CA VAL A 27 6.78 6.62 11.70
C VAL A 27 6.78 8.13 11.94
N LYS A 28 7.25 8.54 13.11
CA LYS A 28 7.30 9.95 13.47
C LYS A 28 8.68 10.34 13.96
N ASP A 29 9.19 11.46 13.46
CA ASP A 29 10.51 11.94 13.85
C ASP A 29 11.60 11.00 13.36
N GLY A 30 11.24 10.09 12.46
CA GLY A 30 12.19 9.14 11.92
C GLY A 30 12.28 7.87 12.75
N LYS A 31 11.20 7.55 13.46
CA LYS A 31 11.17 6.35 14.30
C LYS A 31 9.74 5.79 14.37
N VAL A 32 9.64 4.55 14.83
CA VAL A 32 8.34 3.89 14.96
C VAL A 32 7.46 4.61 15.98
N HIS A 33 6.28 5.05 15.53
CA HIS A 33 5.35 5.75 16.40
C HIS A 33 4.16 4.86 16.74
N TYR A 34 3.60 4.21 15.72
CA TYR A 34 2.45 3.34 15.92
C TYR A 34 2.68 1.98 15.25
N GLU A 35 1.70 1.09 15.37
CA GLU A 35 1.80 -0.24 14.79
C GLU A 35 0.52 -1.04 15.04
N ASP A 36 -0.34 -1.12 14.04
CA ASP A 36 -1.59 -1.86 14.17
C ASP A 36 -2.35 -1.86 12.84
N ALA A 37 -3.49 -2.54 12.82
CA ALA A 37 -4.31 -2.63 11.62
C ALA A 37 -5.78 -2.75 11.97
N ASP A 38 -6.60 -3.04 10.96
CA ASP A 38 -8.04 -3.18 11.16
C ASP A 38 -8.65 -4.08 10.08
N VAL A 39 -9.60 -4.92 10.48
CA VAL A 39 -10.26 -5.82 9.55
C VAL A 39 -11.65 -5.30 9.17
N GLY A 40 -12.13 -5.72 8.01
CA GLY A 40 -13.44 -5.28 7.56
C GLY A 40 -14.40 -6.45 7.35
N LYS A 41 -15.54 -6.17 6.75
CA LYS A 41 -16.54 -7.19 6.49
C LYS A 41 -17.65 -6.66 5.57
N ASN A 42 -17.27 -5.75 4.67
CA ASN A 42 -18.23 -5.17 3.73
C ASN A 42 -18.41 -6.08 2.52
N PRO A 43 -19.58 -5.95 1.86
CA PRO A 43 -19.91 -6.75 0.68
C PRO A 43 -19.07 -6.37 -0.53
N ALA A 44 -18.98 -5.07 -0.81
CA ALA A 44 -18.21 -4.58 -1.93
C ALA A 44 -16.74 -4.97 -1.80
N ALA A 45 -16.30 -5.18 -0.56
CA ALA A 45 -14.91 -5.56 -0.30
C ALA A 45 -14.76 -7.07 -0.25
N ALA A 46 -15.78 -7.75 0.26
CA ALA A 46 -15.76 -9.21 0.37
C ALA A 46 -15.98 -9.86 -1.00
N THR A 47 -16.66 -9.14 -1.89
CA THR A 47 -16.94 -9.65 -3.23
C THR A 47 -15.69 -9.64 -4.10
N MET A 48 -14.63 -9.03 -3.58
CA MET A 48 -13.37 -8.95 -4.31
C MET A 48 -12.27 -9.74 -3.60
N ARG A 49 -12.68 -10.71 -2.79
CA ARG A 49 -11.74 -11.54 -2.04
C ARG A 49 -10.94 -10.70 -1.06
N ASN A 50 -9.90 -10.04 -1.55
CA ASN A 50 -9.05 -9.20 -0.70
C ASN A 50 -8.36 -8.12 -1.52
N VAL A 51 -8.93 -7.82 -2.69
CA VAL A 51 -8.37 -6.80 -3.58
C VAL A 51 -8.63 -5.41 -3.02
N ALA A 52 -9.81 -5.21 -2.45
CA ALA A 52 -10.18 -3.91 -1.88
C ALA A 52 -9.50 -3.69 -0.54
N GLY A 53 -9.18 -4.79 0.15
CA GLY A 53 -8.53 -4.69 1.44
C GLY A 53 -7.08 -4.28 1.32
N GLU A 54 -6.34 -4.97 0.45
CA GLU A 54 -4.92 -4.66 0.25
C GLU A 54 -4.72 -3.19 -0.03
N ILE A 55 -5.50 -2.65 -0.97
CA ILE A 55 -5.40 -1.25 -1.34
C ILE A 55 -6.01 -0.36 -0.25
N ALA A 56 -7.03 -0.87 0.43
CA ALA A 56 -7.68 -0.11 1.49
C ALA A 56 -6.67 0.49 2.45
N ALA A 57 -5.55 -0.19 2.63
CA ALA A 57 -4.50 0.28 3.52
C ALA A 57 -4.03 1.68 3.12
N ALA A 58 -3.66 1.82 1.86
CA ALA A 58 -3.19 3.11 1.35
C ALA A 58 -4.18 4.22 1.66
N LEU A 59 -5.46 3.91 1.53
CA LEU A 59 -6.52 4.88 1.79
C LEU A 59 -6.34 5.52 3.17
N TYR A 60 -6.50 4.71 4.21
CA TYR A 60 -6.36 5.20 5.58
C TYR A 60 -4.91 5.61 5.87
N ALA A 61 -3.99 5.05 5.09
CA ALA A 61 -2.58 5.37 5.25
C ALA A 61 -2.29 6.82 4.91
N VAL A 62 -2.88 7.29 3.82
CA VAL A 62 -2.68 8.67 3.38
C VAL A 62 -3.50 9.64 4.23
N LYS A 63 -4.75 9.29 4.48
CA LYS A 63 -5.64 10.12 5.28
C LYS A 63 -4.98 10.48 6.61
N LYS A 64 -4.44 9.48 7.28
CA LYS A 64 -3.79 9.69 8.57
C LYS A 64 -2.44 10.38 8.38
N ALA A 65 -1.80 10.13 7.25
CA ALA A 65 -0.51 10.73 6.94
C ALA A 65 -0.55 12.24 7.13
N SER A 66 -1.69 12.84 6.82
CA SER A 66 -1.86 14.28 6.96
C SER A 66 -1.95 14.69 8.43
N GLN A 67 -2.48 13.79 9.25
CA GLN A 67 -2.63 14.05 10.68
C GLN A 67 -1.26 14.10 11.36
N LEU A 68 -0.37 13.22 10.94
CA LEU A 68 0.97 13.16 11.52
C LEU A 68 1.95 14.04 10.73
N GLY A 69 1.50 14.52 9.58
CA GLY A 69 2.34 15.38 8.75
C GLY A 69 3.67 14.74 8.42
N VAL A 70 3.67 13.41 8.28
CA VAL A 70 4.89 12.68 7.97
C VAL A 70 4.88 12.20 6.52
N LYS A 71 3.69 11.95 6.00
CA LYS A 71 3.55 11.49 4.62
C LYS A 71 4.14 10.10 4.44
N ILE A 72 4.25 9.66 3.19
CA ILE A 72 4.81 8.35 2.88
C ILE A 72 5.71 8.41 1.67
N ARG A 73 6.39 7.29 1.38
CA ARG A 73 7.28 7.21 0.24
C ARG A 73 6.56 7.58 -1.05
N ILE A 74 7.21 8.37 -1.90
CA ILE A 74 6.63 8.79 -3.16
C ILE A 74 7.68 8.82 -4.27
N LEU A 75 7.25 9.17 -5.48
CA LEU A 75 8.14 9.24 -6.62
C LEU A 75 8.63 7.84 -7.02
N HIS A 76 9.54 7.30 -6.23
CA HIS A 76 10.09 5.96 -6.50
C HIS A 76 9.35 4.91 -5.69
N ASP A 77 8.12 5.21 -5.29
CA ASP A 77 7.31 4.29 -4.52
C ASP A 77 6.35 3.52 -5.41
N TYR A 78 6.88 2.98 -6.51
CA TYR A 78 6.07 2.22 -7.46
C TYR A 78 5.27 1.15 -6.74
N ALA A 79 5.96 0.27 -6.01
CA ALA A 79 5.31 -0.80 -5.28
C ALA A 79 4.38 -1.60 -6.19
N GLY A 80 3.56 -2.45 -5.58
CA GLY A 80 2.62 -3.26 -6.34
C GLY A 80 1.54 -2.43 -7.00
N ILE A 81 1.25 -1.27 -6.42
CA ILE A 81 0.23 -0.38 -6.96
C ILE A 81 0.60 0.11 -8.35
N ALA A 82 1.86 0.54 -8.50
CA ALA A 82 2.34 1.03 -9.79
C ALA A 82 2.47 -0.11 -10.80
N PHE A 83 2.31 -1.34 -10.32
CA PHE A 83 2.42 -2.51 -11.18
C PHE A 83 1.27 -2.56 -12.18
N TRP A 84 0.04 -2.54 -11.67
CA TRP A 84 -1.15 -2.58 -12.52
C TRP A 84 -1.49 -1.19 -13.03
N ALA A 85 -0.93 -0.18 -12.39
CA ALA A 85 -1.17 1.21 -12.78
C ALA A 85 -0.71 1.46 -14.21
N THR A 86 0.12 0.57 -14.73
CA THR A 86 0.65 0.70 -16.08
C THR A 86 -0.47 0.62 -17.11
N GLY A 87 -1.64 0.14 -16.68
CA GLY A 87 -2.77 0.02 -17.59
C GLY A 87 -2.79 -1.31 -18.32
N GLU A 88 -3.39 -2.32 -17.70
CA GLU A 88 -3.47 -3.64 -18.30
C GLU A 88 -4.84 -3.87 -18.93
N TRP A 89 -5.87 -3.84 -18.10
CA TRP A 89 -7.25 -4.04 -18.58
C TRP A 89 -8.25 -3.86 -17.45
N LYS A 90 -9.18 -2.93 -17.64
CA LYS A 90 -10.20 -2.65 -16.64
C LYS A 90 -11.16 -3.83 -16.48
N ALA A 91 -10.80 -4.76 -15.60
CA ALA A 91 -11.63 -5.94 -15.36
C ALA A 91 -12.83 -5.59 -14.49
N LYS A 92 -12.57 -4.91 -13.38
CA LYS A 92 -13.63 -4.51 -12.46
C LYS A 92 -14.20 -3.14 -12.83
N ASN A 93 -13.33 -2.27 -13.32
CA ASN A 93 -13.75 -0.92 -13.72
C ASN A 93 -14.71 -0.33 -12.69
N GLU A 94 -14.43 -0.58 -11.42
CA GLU A 94 -15.27 -0.08 -10.33
C GLU A 94 -14.52 -0.12 -9.00
N PHE A 95 -14.39 -1.31 -8.44
CA PHE A 95 -13.70 -1.49 -7.17
C PHE A 95 -12.33 -0.82 -7.20
N THR A 96 -11.38 -1.44 -7.89
CA THR A 96 -10.03 -0.92 -7.99
C THR A 96 -10.04 0.52 -8.51
N GLN A 97 -10.87 0.77 -9.51
CA GLN A 97 -10.98 2.10 -10.11
C GLN A 97 -11.16 3.16 -9.03
N ALA A 98 -12.08 2.90 -8.11
CA ALA A 98 -12.35 3.84 -7.02
C ALA A 98 -11.05 4.35 -6.40
N TYR A 99 -10.03 3.50 -6.38
CA TYR A 99 -8.75 3.88 -5.81
C TYR A 99 -8.22 5.16 -6.44
N ALA A 100 -8.13 5.17 -7.77
CA ALA A 100 -7.66 6.34 -8.50
C ALA A 100 -8.47 7.59 -8.14
N LYS A 101 -9.76 7.38 -7.85
CA LYS A 101 -10.64 8.48 -7.49
C LYS A 101 -10.36 8.96 -6.07
N LEU A 102 -10.25 8.01 -5.15
CA LEU A 102 -9.99 8.33 -3.75
C LEU A 102 -8.65 9.05 -3.59
N MET A 103 -7.81 8.94 -4.62
CA MET A 103 -6.50 9.57 -4.61
C MET A 103 -6.62 11.08 -4.38
N ASN A 104 -7.20 11.77 -5.35
CA ASN A 104 -7.38 13.22 -5.25
C ASN A 104 -8.05 13.59 -3.94
N GLN A 105 -8.92 12.71 -3.45
CA GLN A 105 -9.63 12.95 -2.20
C GLN A 105 -8.66 13.28 -1.07
N TYR A 106 -7.62 12.48 -0.93
CA TYR A 106 -6.62 12.69 0.11
C TYR A 106 -5.25 12.97 -0.50
N ARG A 107 -5.25 13.55 -1.70
CA ARG A 107 -4.01 13.88 -2.39
C ARG A 107 -3.45 15.21 -1.90
N GLY A 108 -2.20 15.18 -1.46
CA GLY A 108 -1.55 16.39 -0.97
C GLY A 108 -0.40 16.10 -0.04
N ILE A 109 -0.38 14.90 0.54
CA ILE A 109 0.68 14.50 1.45
C ILE A 109 1.60 13.46 0.80
N TYR A 110 1.02 12.61 -0.04
CA TYR A 110 1.78 11.57 -0.72
C TYR A 110 1.64 11.70 -2.23
N SER A 111 2.33 10.82 -2.96
CA SER A 111 2.29 10.84 -4.42
C SER A 111 2.40 9.42 -4.98
N PHE A 112 1.76 9.19 -6.11
CA PHE A 112 1.78 7.89 -6.76
C PHE A 112 1.52 8.01 -8.26
N GLU A 113 1.69 6.90 -8.98
CA GLU A 113 1.48 6.89 -10.42
C GLU A 113 -0.01 6.90 -10.75
N LYS A 114 -0.32 6.68 -12.03
CA LYS A 114 -1.71 6.66 -12.48
C LYS A 114 -2.26 5.24 -12.50
N VAL A 115 -3.28 5.00 -11.68
CA VAL A 115 -3.90 3.68 -11.60
C VAL A 115 -5.24 3.66 -12.32
N LYS A 116 -5.50 2.57 -13.04
CA LYS A 116 -6.75 2.43 -13.77
C LYS A 116 -7.69 1.45 -13.07
N ALA A 117 -7.43 0.16 -13.24
CA ALA A 117 -8.25 -0.87 -12.61
C ALA A 117 -7.77 -2.27 -13.02
N HIS A 118 -7.04 -2.92 -12.12
CA HIS A 118 -6.52 -4.27 -12.39
C HIS A 118 -5.79 -4.82 -11.17
N SER A 119 -5.44 -6.09 -11.22
CA SER A 119 -4.74 -6.74 -10.13
C SER A 119 -3.46 -7.41 -10.62
N GLY A 120 -2.84 -8.21 -9.75
CA GLY A 120 -1.62 -8.89 -10.11
C GLY A 120 -1.41 -10.19 -9.35
N ASN A 121 -0.17 -10.49 -9.01
CA ASN A 121 0.15 -11.70 -8.28
C ASN A 121 0.84 -11.38 -6.96
N GLU A 122 2.13 -11.06 -7.04
CA GLU A 122 2.90 -10.72 -5.85
C GLU A 122 3.27 -9.24 -5.83
N PHE A 123 2.64 -8.49 -6.72
CA PHE A 123 2.90 -7.04 -6.82
C PHE A 123 2.85 -6.40 -5.43
N ASN A 124 1.84 -6.75 -4.66
CA ASN A 124 1.68 -6.20 -3.31
C ASN A 124 2.69 -6.82 -2.34
N ASP A 125 2.92 -8.12 -2.49
CA ASP A 125 3.86 -8.83 -1.62
C ASP A 125 5.23 -8.16 -1.66
N TYR A 126 5.51 -7.44 -2.74
CA TYR A 126 6.78 -6.75 -2.89
C TYR A 126 7.07 -5.87 -1.69
N VAL A 127 6.03 -5.23 -1.16
CA VAL A 127 6.17 -4.36 -0.01
C VAL A 127 6.80 -5.09 1.16
N ASP A 128 6.71 -6.42 1.15
CA ASP A 128 7.28 -7.24 2.21
C ASP A 128 8.80 -7.09 2.26
N MET A 129 9.43 -7.21 1.10
CA MET A 129 10.89 -7.10 1.01
C MET A 129 11.34 -5.66 1.28
N LYS A 130 10.63 -4.71 0.67
CA LYS A 130 10.95 -3.30 0.83
C LYS A 130 10.79 -2.87 2.29
N ALA A 131 9.62 -3.15 2.85
CA ALA A 131 9.34 -2.79 4.24
C ALA A 131 10.40 -3.34 5.17
N LYS A 132 10.94 -4.51 4.83
CA LYS A 132 11.98 -5.15 5.64
C LYS A 132 13.12 -4.18 5.91
N SER A 133 13.38 -3.28 4.97
CA SER A 133 14.45 -2.30 5.11
C SER A 133 14.04 -1.19 6.08
N ALA A 134 12.74 -0.89 6.11
CA ALA A 134 12.23 0.16 6.98
C ALA A 134 12.62 -0.10 8.43
N LEU A 135 12.51 -1.36 8.86
CA LEU A 135 12.85 -1.74 10.22
C LEU A 135 14.36 -1.63 10.46
N GLY A 136 15.14 -2.20 9.54
CA GLY A 136 16.58 -2.16 9.67
C GLY A 136 17.21 -3.54 9.66
N ILE A 137 16.56 -4.47 8.96
CA ILE A 137 17.07 -5.83 8.87
C ILE A 137 18.53 -5.85 8.42
N ARG A 138 19.29 -6.78 8.98
CA ARG A 138 20.71 -6.92 8.64
C ARG A 138 20.95 -8.15 7.78
N ASP A 139 22.05 -8.16 7.05
CA ASP A 139 22.41 -9.29 6.20
C ASP A 139 23.72 -9.03 5.47
N LEU A 140 24.05 -9.89 4.51
CA LEU A 140 25.28 -9.76 3.75
C LEU A 140 25.27 -10.70 2.54
N GLU A 141 24.73 -10.21 1.42
CA GLU A 141 24.66 -11.00 0.20
C GLU A 141 24.01 -10.20 -0.93
N HIS A 142 23.89 -10.83 -2.09
CA HIS A 142 23.28 -10.18 -3.25
C HIS A 142 22.88 -11.21 -4.31
N HIS A 143 22.21 -10.74 -5.35
CA HIS A 143 21.78 -11.62 -6.43
C HIS A 143 21.41 -10.81 -7.67
N HIS A 144 20.25 -10.16 -7.62
CA HIS A 144 19.78 -9.35 -8.74
C HIS A 144 19.54 -10.22 -9.97
N HIS A 145 18.83 -9.66 -10.95
CA HIS A 145 18.53 -10.39 -12.18
C HIS A 145 17.84 -9.48 -13.19
N HIS A 146 17.34 -10.08 -14.27
CA HIS A 146 16.65 -9.31 -15.31
C HIS A 146 15.43 -10.08 -15.80
N HIS A 147 15.66 -11.13 -16.58
CA HIS A 147 14.57 -11.94 -17.11
C HIS A 147 13.69 -11.11 -18.05
MG MG B . 2.32 1.47 -1.27
N MET A 1 7.17 15.14 14.69
CA MET A 1 6.27 15.67 13.68
C MET A 1 6.67 15.20 12.28
N ASP A 2 7.88 15.57 11.86
CA ASP A 2 8.39 15.19 10.55
C ASP A 2 8.84 13.73 10.55
N ASP A 3 9.36 13.27 9.42
CA ASP A 3 9.81 11.90 9.29
C ASP A 3 11.15 11.84 8.55
N ARG A 4 11.57 10.63 8.18
CA ARG A 4 12.82 10.44 7.47
C ARG A 4 12.81 9.13 6.69
N THR A 5 11.62 8.64 6.38
CA THR A 5 11.48 7.39 5.64
C THR A 5 11.48 7.64 4.13
N GLU A 6 11.99 6.68 3.38
CA GLU A 6 12.05 6.79 1.94
C GLU A 6 11.84 5.43 1.27
N TYR A 7 11.21 4.51 1.99
CA TYR A 7 10.94 3.18 1.49
C TYR A 7 9.45 2.87 1.49
N ASP A 8 9.03 1.94 0.65
CA ASP A 8 7.62 1.56 0.56
C ASP A 8 7.06 1.25 1.93
N VAL A 9 5.76 1.47 2.10
CA VAL A 9 5.09 1.22 3.36
C VAL A 9 4.54 -0.20 3.43
N TYR A 10 4.62 -0.82 4.60
CA TYR A 10 4.13 -2.17 4.79
C TYR A 10 2.60 -2.21 4.72
N THR A 11 2.07 -2.22 3.50
CA THR A 11 0.63 -2.25 3.29
C THR A 11 0.25 -3.32 2.28
N ASP A 12 -1.05 -3.47 2.04
CA ASP A 12 -1.55 -4.45 1.10
C ASP A 12 -1.20 -5.87 1.54
N GLY A 13 -2.21 -6.60 2.02
CA GLY A 13 -2.00 -7.96 2.48
C GLY A 13 -2.59 -8.21 3.85
N SER A 14 -1.98 -9.12 4.59
CA SER A 14 -2.46 -9.47 5.93
C SER A 14 -3.85 -10.10 5.86
N TYR A 15 -4.19 -10.86 6.89
CA TYR A 15 -5.49 -11.52 6.95
C TYR A 15 -5.66 -12.28 8.27
N VAL A 16 -6.89 -12.68 8.56
CA VAL A 16 -7.18 -13.41 9.79
C VAL A 16 -8.23 -14.49 9.54
N ASN A 17 -7.81 -15.75 9.67
CA ASN A 17 -8.70 -16.89 9.47
C ASN A 17 -9.08 -17.02 7.99
N GLY A 18 -9.91 -16.10 7.51
CA GLY A 18 -10.34 -16.14 6.12
C GLY A 18 -11.04 -14.86 5.70
N GLN A 19 -10.74 -13.76 6.38
CA GLN A 19 -11.37 -12.48 6.08
C GLN A 19 -10.35 -11.52 5.46
N TYR A 20 -10.79 -10.28 5.23
CA TYR A 20 -9.92 -9.27 4.64
C TYR A 20 -9.47 -8.25 5.69
N ALA A 21 -8.20 -7.92 5.68
CA ALA A 21 -7.64 -6.96 6.63
C ALA A 21 -6.68 -5.99 5.94
N TRP A 22 -6.38 -4.88 6.61
CA TRP A 22 -5.48 -3.89 6.07
C TRP A 22 -4.62 -3.26 7.17
N ALA A 23 -3.32 -3.21 6.94
CA ALA A 23 -2.39 -2.64 7.92
C ALA A 23 -1.42 -1.67 7.25
N TYR A 24 -0.61 -1.01 8.06
CA TYR A 24 0.37 -0.05 7.55
C TYR A 24 1.46 0.22 8.58
N ALA A 25 2.49 0.94 8.16
CA ALA A 25 3.60 1.27 9.03
C ALA A 25 3.67 2.77 9.30
N PHE A 26 3.67 3.15 10.57
CA PHE A 26 3.73 4.56 10.94
C PHE A 26 5.06 4.88 11.61
N VAL A 27 5.60 6.06 11.28
CA VAL A 27 6.88 6.50 11.83
C VAL A 27 6.89 8.00 12.05
N LYS A 28 7.25 8.41 13.26
CA LYS A 28 7.31 9.83 13.61
C LYS A 28 8.69 10.21 14.14
N ASP A 29 9.23 11.32 13.65
CA ASP A 29 10.54 11.80 14.08
C ASP A 29 11.64 10.84 13.62
N GLY A 30 11.28 9.93 12.72
CA GLY A 30 12.25 8.98 12.21
C GLY A 30 12.31 7.71 13.04
N LYS A 31 11.20 7.39 13.72
CA LYS A 31 11.13 6.20 14.56
C LYS A 31 9.71 5.65 14.60
N VAL A 32 9.58 4.39 15.02
CA VAL A 32 8.28 3.75 15.11
C VAL A 32 7.36 4.48 16.08
N HIS A 33 6.24 4.98 15.58
CA HIS A 33 5.28 5.70 16.40
C HIS A 33 4.03 4.87 16.64
N TYR A 34 3.46 4.34 15.57
CA TYR A 34 2.26 3.53 15.66
C TYR A 34 2.42 2.21 14.90
N GLU A 35 1.52 1.27 15.14
CA GLU A 35 1.57 -0.03 14.46
C GLU A 35 0.40 -0.91 14.91
N ASP A 36 -0.54 -1.12 14.00
CA ASP A 36 -1.71 -1.95 14.30
C ASP A 36 -2.62 -2.05 13.08
N ALA A 37 -3.09 -3.26 12.81
CA ALA A 37 -3.98 -3.50 11.67
C ALA A 37 -5.43 -3.59 12.12
N ASP A 38 -6.34 -3.74 11.16
CA ASP A 38 -7.76 -3.84 11.46
C ASP A 38 -8.51 -4.49 10.30
N VAL A 39 -9.54 -5.26 10.63
CA VAL A 39 -10.34 -5.94 9.62
C VAL A 39 -11.74 -5.34 9.52
N GLY A 40 -12.52 -5.82 8.56
CA GLY A 40 -13.86 -5.32 8.38
C GLY A 40 -14.90 -6.44 8.32
N LYS A 41 -16.04 -6.14 7.71
CA LYS A 41 -17.11 -7.13 7.59
C LYS A 41 -18.16 -6.66 6.59
N ASN A 42 -17.73 -6.28 5.39
CA ASN A 42 -18.64 -5.82 4.36
C ASN A 42 -18.68 -6.80 3.18
N PRO A 43 -19.77 -6.76 2.42
CA PRO A 43 -19.96 -7.63 1.26
C PRO A 43 -19.03 -7.29 0.11
N ALA A 44 -18.96 -6.00 -0.23
CA ALA A 44 -18.11 -5.54 -1.31
C ALA A 44 -16.63 -5.73 -0.96
N ALA A 45 -16.33 -5.76 0.33
CA ALA A 45 -14.97 -5.96 0.80
C ALA A 45 -14.72 -7.40 1.20
N ALA A 46 -15.64 -8.28 0.83
CA ALA A 46 -15.51 -9.69 1.16
C ALA A 46 -15.92 -10.57 -0.02
N THR A 47 -15.93 -9.98 -1.22
CA THR A 47 -16.31 -10.70 -2.43
C THR A 47 -15.23 -10.57 -3.50
N MET A 48 -14.06 -10.08 -3.10
CA MET A 48 -12.95 -9.91 -4.03
C MET A 48 -11.70 -10.61 -3.51
N ARG A 49 -11.90 -11.60 -2.64
CA ARG A 49 -10.78 -12.35 -2.06
C ARG A 49 -10.01 -11.50 -1.06
N ASN A 50 -9.24 -10.54 -1.57
CA ASN A 50 -8.46 -9.65 -0.71
C ASN A 50 -7.82 -8.53 -1.53
N VAL A 51 -8.42 -8.24 -2.68
CA VAL A 51 -7.91 -7.19 -3.56
C VAL A 51 -8.25 -5.81 -3.02
N ALA A 52 -9.42 -5.70 -2.38
CA ALA A 52 -9.87 -4.44 -1.81
C ALA A 52 -9.15 -4.13 -0.50
N GLY A 53 -9.18 -5.08 0.42
CA GLY A 53 -8.53 -4.89 1.70
C GLY A 53 -7.06 -4.55 1.56
N GLU A 54 -6.45 -4.98 0.45
CA GLU A 54 -5.04 -4.71 0.19
C GLU A 54 -4.81 -3.22 -0.07
N ILE A 55 -5.54 -2.69 -1.05
CA ILE A 55 -5.42 -1.29 -1.42
C ILE A 55 -5.97 -0.39 -0.32
N ALA A 56 -6.98 -0.88 0.40
CA ALA A 56 -7.60 -0.12 1.47
C ALA A 56 -6.54 0.51 2.37
N ALA A 57 -5.53 -0.27 2.72
CA ALA A 57 -4.45 0.22 3.58
C ALA A 57 -3.88 1.53 3.06
N ALA A 58 -3.54 1.55 1.77
CA ALA A 58 -2.99 2.75 1.14
C ALA A 58 -3.87 3.97 1.39
N LEU A 59 -5.17 3.73 1.48
CA LEU A 59 -6.13 4.80 1.72
C LEU A 59 -5.98 5.37 3.12
N TYR A 60 -6.29 4.56 4.13
CA TYR A 60 -6.19 4.98 5.52
C TYR A 60 -4.77 5.44 5.84
N ALA A 61 -3.81 4.93 5.07
CA ALA A 61 -2.41 5.28 5.28
C ALA A 61 -2.16 6.75 4.95
N VAL A 62 -2.79 7.24 3.88
CA VAL A 62 -2.63 8.63 3.47
C VAL A 62 -3.44 9.56 4.37
N LYS A 63 -4.65 9.13 4.72
CA LYS A 63 -5.52 9.92 5.57
C LYS A 63 -4.79 10.36 6.84
N LYS A 64 -4.13 9.42 7.49
CA LYS A 64 -3.38 9.71 8.72
C LYS A 64 -2.11 10.50 8.41
N ALA A 65 -1.56 10.29 7.21
CA ALA A 65 -0.35 10.98 6.79
C ALA A 65 -0.49 12.48 6.97
N SER A 66 -1.71 12.99 6.79
CA SER A 66 -1.98 14.41 6.92
C SER A 66 -2.01 14.82 8.40
N GLN A 67 -2.38 13.88 9.26
CA GLN A 67 -2.45 14.15 10.69
C GLN A 67 -1.05 14.24 11.30
N LEU A 68 -0.16 13.36 10.86
CA LEU A 68 1.21 13.35 11.35
C LEU A 68 2.06 14.39 10.65
N GLY A 69 1.49 15.02 9.63
CA GLY A 69 2.21 16.04 8.89
C GLY A 69 3.38 15.47 8.11
N VAL A 70 3.34 14.16 7.87
CA VAL A 70 4.41 13.50 7.12
C VAL A 70 3.93 13.03 5.76
N LYS A 71 4.76 12.26 5.07
CA LYS A 71 4.43 11.74 3.75
C LYS A 71 4.87 10.29 3.60
N ILE A 72 4.40 9.65 2.54
CA ILE A 72 4.75 8.25 2.28
C ILE A 72 5.45 8.11 0.93
N ARG A 73 5.82 6.87 0.60
CA ARG A 73 6.50 6.60 -0.66
C ARG A 73 5.68 7.11 -1.84
N ILE A 74 6.08 8.26 -2.37
CA ILE A 74 5.39 8.86 -3.50
C ILE A 74 6.06 8.50 -4.82
N LEU A 75 5.61 9.12 -5.91
CA LEU A 75 6.17 8.86 -7.23
C LEU A 75 6.13 7.37 -7.56
N HIS A 76 6.82 6.98 -8.63
CA HIS A 76 6.86 5.59 -9.05
C HIS A 76 7.34 4.70 -7.91
N ASP A 77 6.40 4.04 -7.24
CA ASP A 77 6.73 3.15 -6.13
C ASP A 77 6.98 1.72 -6.63
N TYR A 78 7.88 1.02 -5.95
CA TYR A 78 8.21 -0.35 -6.33
C TYR A 78 7.16 -1.32 -5.83
N ALA A 79 6.17 -0.79 -5.12
CA ALA A 79 5.10 -1.62 -4.58
C ALA A 79 4.33 -2.33 -5.69
N GLY A 80 3.20 -2.92 -5.34
CA GLY A 80 2.39 -3.63 -6.33
C GLY A 80 1.33 -2.74 -6.96
N ILE A 81 1.27 -1.49 -6.50
CA ILE A 81 0.29 -0.55 -7.02
C ILE A 81 0.75 0.05 -8.36
N ALA A 82 2.05 0.31 -8.46
CA ALA A 82 2.62 0.87 -9.67
C ALA A 82 2.72 -0.18 -10.77
N PHE A 83 2.41 -1.43 -10.42
CA PHE A 83 2.46 -2.52 -11.38
C PHE A 83 1.32 -2.43 -12.38
N TRP A 84 0.10 -2.43 -11.87
CA TRP A 84 -1.09 -2.35 -12.72
C TRP A 84 -1.38 -0.90 -13.12
N ALA A 85 -0.74 0.04 -12.42
CA ALA A 85 -0.93 1.45 -12.70
C ALA A 85 -0.79 1.74 -14.19
N THR A 86 -0.03 0.90 -14.89
CA THR A 86 0.17 1.08 -16.32
C THR A 86 -1.13 0.91 -17.09
N GLY A 87 -1.94 -0.07 -16.69
CA GLY A 87 -3.21 -0.31 -17.35
C GLY A 87 -3.04 -0.94 -18.71
N GLU A 88 -3.20 -2.26 -18.77
CA GLU A 88 -3.06 -2.99 -20.02
C GLU A 88 -4.44 -3.30 -20.63
N TRP A 89 -5.24 -4.08 -19.90
CA TRP A 89 -6.58 -4.44 -20.37
C TRP A 89 -7.63 -3.55 -19.74
N LYS A 90 -8.80 -3.49 -20.36
CA LYS A 90 -9.91 -2.68 -19.85
C LYS A 90 -10.38 -3.20 -18.50
N ALA A 91 -9.75 -2.73 -17.43
CA ALA A 91 -10.11 -3.15 -16.08
C ALA A 91 -11.32 -2.37 -15.57
N LYS A 92 -11.85 -1.51 -16.43
CA LYS A 92 -13.02 -0.70 -16.06
C LYS A 92 -14.08 -1.56 -15.37
N ASN A 93 -14.15 -2.82 -15.75
CA ASN A 93 -15.12 -3.75 -15.17
C ASN A 93 -14.66 -4.21 -13.80
N GLU A 94 -14.46 -3.26 -12.89
CA GLU A 94 -14.03 -3.58 -11.53
C GLU A 94 -14.33 -2.43 -10.57
N PHE A 95 -13.76 -2.51 -9.37
CA PHE A 95 -13.97 -1.48 -8.37
C PHE A 95 -12.67 -0.77 -8.03
N THR A 96 -11.56 -1.36 -8.46
CA THR A 96 -10.24 -0.79 -8.20
C THR A 96 -10.18 0.66 -8.68
N GLN A 97 -10.97 0.99 -9.68
CA GLN A 97 -11.01 2.34 -10.22
C GLN A 97 -11.16 3.37 -9.11
N ALA A 98 -12.09 3.12 -8.20
CA ALA A 98 -12.33 4.03 -7.07
C ALA A 98 -11.02 4.47 -6.44
N TYR A 99 -10.04 3.59 -6.44
CA TYR A 99 -8.73 3.89 -5.86
C TYR A 99 -8.16 5.17 -6.45
N ALA A 100 -8.07 5.21 -7.77
CA ALA A 100 -7.53 6.38 -8.47
C ALA A 100 -8.29 7.64 -8.07
N LYS A 101 -9.57 7.48 -7.73
CA LYS A 101 -10.41 8.61 -7.33
C LYS A 101 -10.05 9.07 -5.93
N LEU A 102 -10.03 8.15 -4.98
CA LEU A 102 -9.70 8.47 -3.60
C LEU A 102 -8.31 9.07 -3.50
N MET A 103 -7.40 8.61 -4.36
CA MET A 103 -6.04 9.10 -4.36
C MET A 103 -6.01 10.62 -4.43
N ASN A 104 -6.44 11.18 -5.55
CA ASN A 104 -6.45 12.63 -5.72
C ASN A 104 -7.20 13.31 -4.59
N GLN A 105 -8.19 12.61 -4.03
CA GLN A 105 -8.98 13.14 -2.93
C GLN A 105 -8.08 13.64 -1.80
N TYR A 106 -7.04 12.87 -1.51
CA TYR A 106 -6.10 13.22 -0.45
C TYR A 106 -4.66 13.03 -0.90
N ARG A 107 -4.40 13.39 -2.16
CA ARG A 107 -3.06 13.24 -2.72
C ARG A 107 -2.18 14.45 -2.36
N GLY A 108 -2.72 15.31 -1.50
CA GLY A 108 -1.97 16.49 -1.08
C GLY A 108 -0.82 16.15 -0.18
N ILE A 109 -0.72 14.89 0.21
CA ILE A 109 0.36 14.44 1.10
C ILE A 109 1.25 13.42 0.40
N TYR A 110 0.63 12.51 -0.35
CA TYR A 110 1.37 11.47 -1.06
C TYR A 110 1.09 11.56 -2.57
N SER A 111 1.75 10.69 -3.33
CA SER A 111 1.58 10.66 -4.78
C SER A 111 1.74 9.24 -5.31
N PHE A 112 1.12 8.98 -6.45
CA PHE A 112 1.20 7.66 -7.07
C PHE A 112 0.75 7.72 -8.54
N GLU A 113 1.48 7.01 -9.40
CA GLU A 113 1.17 6.99 -10.82
C GLU A 113 -0.30 6.64 -11.05
N LYS A 114 -0.81 6.98 -12.23
CA LYS A 114 -2.20 6.71 -12.58
C LYS A 114 -2.54 5.23 -12.33
N VAL A 115 -3.65 4.98 -11.68
CA VAL A 115 -4.09 3.62 -11.39
C VAL A 115 -5.49 3.37 -11.93
N LYS A 116 -5.55 2.84 -13.15
CA LYS A 116 -6.83 2.54 -13.80
C LYS A 116 -7.60 1.49 -13.01
N ALA A 117 -7.19 0.23 -13.13
CA ALA A 117 -7.84 -0.86 -12.42
C ALA A 117 -7.18 -2.19 -12.76
N HIS A 118 -7.47 -3.21 -11.94
CA HIS A 118 -6.90 -4.54 -12.16
C HIS A 118 -7.69 -5.59 -11.37
N SER A 119 -7.15 -6.80 -11.30
CA SER A 119 -7.79 -7.89 -10.59
C SER A 119 -7.01 -8.25 -9.32
N GLY A 120 -5.88 -8.92 -9.50
CA GLY A 120 -5.06 -9.31 -8.37
C GLY A 120 -3.68 -9.78 -8.80
N ASN A 121 -2.76 -9.87 -7.83
CA ASN A 121 -1.41 -10.30 -8.10
C ASN A 121 -0.57 -10.32 -6.82
N GLU A 122 0.70 -10.68 -6.96
CA GLU A 122 1.60 -10.74 -5.81
C GLU A 122 2.52 -9.53 -5.78
N PHE A 123 2.32 -8.62 -6.72
CA PHE A 123 3.12 -7.40 -6.79
C PHE A 123 3.07 -6.62 -5.48
N ASN A 124 1.95 -6.75 -4.77
CA ASN A 124 1.77 -6.06 -3.50
C ASN A 124 2.64 -6.69 -2.42
N ASP A 125 2.77 -8.01 -2.45
CA ASP A 125 3.57 -8.73 -1.47
C ASP A 125 4.99 -8.16 -1.42
N TYR A 126 5.42 -7.57 -2.52
CA TYR A 126 6.76 -6.98 -2.60
C TYR A 126 7.00 -6.02 -1.45
N VAL A 127 5.96 -5.33 -1.03
CA VAL A 127 6.06 -4.38 0.07
C VAL A 127 6.62 -5.04 1.32
N ASP A 128 6.47 -6.35 1.42
CA ASP A 128 6.97 -7.11 2.56
C ASP A 128 8.49 -6.97 2.68
N MET A 129 9.19 -7.21 1.57
CA MET A 129 10.64 -7.11 1.56
C MET A 129 11.09 -5.66 1.69
N LYS A 130 10.51 -4.78 0.87
CA LYS A 130 10.85 -3.37 0.89
C LYS A 130 10.66 -2.79 2.30
N ALA A 131 9.50 -3.03 2.88
CA ALA A 131 9.20 -2.53 4.22
C ALA A 131 10.27 -2.97 5.22
N LYS A 132 10.75 -4.19 5.06
CA LYS A 132 11.78 -4.74 5.95
C LYS A 132 12.96 -3.79 6.04
N SER A 133 13.24 -3.08 4.95
CA SER A 133 14.36 -2.14 4.91
C SER A 133 14.03 -0.88 5.68
N ALA A 134 12.77 -0.46 5.63
CA ALA A 134 12.33 0.73 6.34
C ALA A 134 12.16 0.46 7.83
N LEU A 135 11.76 -0.76 8.15
CA LEU A 135 11.56 -1.15 9.55
C LEU A 135 12.89 -1.25 10.29
N GLY A 136 13.96 -1.49 9.53
CA GLY A 136 15.28 -1.60 10.12
C GLY A 136 15.71 -3.04 10.31
N ILE A 137 15.09 -3.95 9.56
CA ILE A 137 15.41 -5.36 9.64
C ILE A 137 16.49 -5.74 8.65
N ARG A 138 17.42 -6.59 9.09
CA ARG A 138 18.52 -7.03 8.22
C ARG A 138 17.98 -7.57 6.90
N ASP A 139 18.88 -7.71 5.92
CA ASP A 139 18.50 -8.20 4.61
C ASP A 139 19.72 -8.28 3.68
N LEU A 140 19.51 -8.80 2.48
CA LEU A 140 20.59 -8.93 1.51
C LEU A 140 20.02 -9.17 0.10
N GLU A 141 19.55 -10.38 -0.14
CA GLU A 141 18.98 -10.73 -1.44
C GLU A 141 19.95 -10.35 -2.57
N HIS A 142 20.79 -11.30 -2.96
CA HIS A 142 21.76 -11.07 -4.02
C HIS A 142 21.23 -11.59 -5.36
N HIS A 143 20.43 -10.78 -6.04
CA HIS A 143 19.87 -11.16 -7.32
C HIS A 143 19.60 -9.94 -8.18
N HIS A 144 18.94 -10.14 -9.32
CA HIS A 144 18.62 -9.06 -10.23
C HIS A 144 17.51 -9.47 -11.19
N HIS A 145 16.86 -8.47 -11.79
CA HIS A 145 15.77 -8.72 -12.73
C HIS A 145 16.29 -8.77 -14.17
N HIS A 146 15.37 -8.85 -15.12
CA HIS A 146 15.75 -8.90 -16.53
C HIS A 146 14.56 -8.55 -17.41
N HIS A 147 13.61 -9.48 -17.52
CA HIS A 147 12.42 -9.27 -18.34
C HIS A 147 11.46 -8.29 -17.67
MG MG B . 2.23 0.77 -1.41
N MET A 1 6.91 15.41 12.72
CA MET A 1 6.86 16.22 11.50
C MET A 1 7.97 15.81 10.54
N ASP A 2 9.10 15.39 11.09
CA ASP A 2 10.24 14.97 10.27
C ASP A 2 10.04 13.55 9.74
N ASP A 3 11.10 12.98 9.19
CA ASP A 3 11.04 11.62 8.65
C ASP A 3 12.39 11.22 8.07
N ARG A 4 12.66 9.91 8.07
CA ARG A 4 13.91 9.39 7.54
C ARG A 4 13.67 8.11 6.74
N THR A 5 12.48 8.00 6.16
CA THR A 5 12.14 6.83 5.37
C THR A 5 12.72 6.92 3.97
N GLU A 6 12.67 5.82 3.23
CA GLU A 6 13.19 5.77 1.87
C GLU A 6 13.03 4.38 1.27
N TYR A 7 11.93 3.71 1.61
CA TYR A 7 11.66 2.38 1.11
C TYR A 7 10.21 2.25 0.65
N ASP A 8 9.42 1.51 1.41
CA ASP A 8 8.01 1.31 1.08
C ASP A 8 7.20 1.05 2.34
N VAL A 9 5.89 1.32 2.27
CA VAL A 9 5.00 1.12 3.40
C VAL A 9 4.38 -0.27 3.37
N TYR A 10 4.23 -0.87 4.55
CA TYR A 10 3.65 -2.21 4.66
C TYR A 10 2.15 -2.18 4.35
N THR A 11 1.81 -2.12 3.07
CA THR A 11 0.43 -2.08 2.64
C THR A 11 0.19 -3.02 1.45
N ASP A 12 -1.06 -3.41 1.25
CA ASP A 12 -1.42 -4.30 0.15
C ASP A 12 -0.77 -5.67 0.33
N GLY A 13 -1.34 -6.47 1.24
CA GLY A 13 -0.81 -7.80 1.50
C GLY A 13 -1.08 -8.28 2.90
N SER A 14 -2.24 -8.92 3.08
CA SER A 14 -2.63 -9.42 4.40
C SER A 14 -3.94 -10.20 4.31
N TYR A 15 -4.17 -11.06 5.29
CA TYR A 15 -5.39 -11.87 5.33
C TYR A 15 -5.41 -12.76 6.56
N VAL A 16 -6.62 -13.16 6.97
CA VAL A 16 -6.78 -14.02 8.14
C VAL A 16 -7.88 -15.05 7.91
N ASN A 17 -7.49 -16.32 7.84
CA ASN A 17 -8.44 -17.40 7.62
C ASN A 17 -9.02 -17.35 6.21
N GLY A 18 -9.88 -16.35 5.96
CA GLY A 18 -10.48 -16.20 4.65
C GLY A 18 -11.14 -14.85 4.47
N GLN A 19 -10.67 -13.86 5.22
CA GLN A 19 -11.23 -12.52 5.13
C GLN A 19 -10.19 -11.53 4.60
N TYR A 20 -10.56 -10.25 4.57
CA TYR A 20 -9.66 -9.21 4.08
C TYR A 20 -9.21 -8.31 5.23
N ALA A 21 -7.92 -8.02 5.28
CA ALA A 21 -7.36 -7.16 6.31
C ALA A 21 -6.56 -6.01 5.71
N TRP A 22 -6.15 -5.08 6.56
CA TRP A 22 -5.37 -3.93 6.10
C TRP A 22 -4.43 -3.44 7.19
N ALA A 23 -3.17 -3.25 6.83
CA ALA A 23 -2.16 -2.77 7.78
C ALA A 23 -1.21 -1.78 7.13
N TYR A 24 -0.49 -1.03 7.96
CA TYR A 24 0.45 -0.03 7.46
C TYR A 24 1.45 0.37 8.55
N ALA A 25 2.67 0.64 8.14
CA ALA A 25 3.73 1.04 9.07
C ALA A 25 3.91 2.55 9.09
N PHE A 26 3.46 3.18 10.17
CA PHE A 26 3.58 4.63 10.30
C PHE A 26 4.86 5.01 11.03
N VAL A 27 5.52 6.04 10.54
CA VAL A 27 6.77 6.51 11.15
C VAL A 27 6.94 8.02 10.97
N LYS A 28 6.82 8.76 12.07
CA LYS A 28 6.96 10.20 12.03
C LYS A 28 8.23 10.65 12.76
N ASP A 29 8.88 11.66 12.22
CA ASP A 29 10.12 12.19 12.81
C ASP A 29 11.26 11.20 12.63
N GLY A 30 11.04 10.17 11.82
CA GLY A 30 12.07 9.18 11.58
C GLY A 30 12.04 8.06 12.60
N LYS A 31 10.89 7.88 13.25
CA LYS A 31 10.74 6.84 14.26
C LYS A 31 9.31 6.32 14.30
N VAL A 32 9.13 5.11 14.82
CA VAL A 32 7.81 4.50 14.92
C VAL A 32 6.87 5.38 15.75
N HIS A 33 5.69 5.64 15.21
CA HIS A 33 4.70 6.46 15.90
C HIS A 33 3.54 5.60 16.41
N TYR A 34 2.86 4.94 15.48
CA TYR A 34 1.72 4.09 15.82
C TYR A 34 1.48 3.05 14.74
N GLU A 35 0.65 2.05 15.06
CA GLU A 35 0.34 0.99 14.10
C GLU A 35 -0.90 0.23 14.55
N ASP A 36 -2.04 0.57 13.95
CA ASP A 36 -3.31 -0.09 14.29
C ASP A 36 -3.42 -1.43 13.58
N ALA A 37 -3.69 -1.40 12.28
CA ALA A 37 -3.83 -2.62 11.49
C ALA A 37 -5.01 -3.45 11.96
N ASP A 38 -6.06 -3.49 11.15
CA ASP A 38 -7.25 -4.26 11.48
C ASP A 38 -7.90 -4.83 10.22
N VAL A 39 -9.07 -5.46 10.39
CA VAL A 39 -9.78 -6.05 9.28
C VAL A 39 -11.13 -5.37 9.07
N GLY A 40 -11.82 -5.75 7.99
CA GLY A 40 -13.11 -5.16 7.70
C GLY A 40 -14.19 -6.19 7.48
N LYS A 41 -15.44 -5.75 7.41
CA LYS A 41 -16.57 -6.65 7.21
C LYS A 41 -17.49 -6.13 6.12
N ASN A 42 -17.09 -5.03 5.48
CA ASN A 42 -17.88 -4.42 4.41
C ASN A 42 -18.07 -5.39 3.25
N PRO A 43 -19.20 -5.26 2.54
CA PRO A 43 -19.51 -6.11 1.39
C PRO A 43 -18.60 -5.84 0.20
N ALA A 44 -18.46 -4.56 -0.15
CA ALA A 44 -17.63 -4.16 -1.27
C ALA A 44 -16.23 -4.76 -1.17
N ALA A 45 -15.79 -5.01 0.07
CA ALA A 45 -14.47 -5.57 0.31
C ALA A 45 -14.58 -7.08 0.60
N ALA A 46 -15.77 -7.52 0.98
CA ALA A 46 -15.99 -8.93 1.27
C ALA A 46 -16.48 -9.68 0.05
N THR A 47 -16.32 -9.06 -1.13
CA THR A 47 -16.73 -9.67 -2.38
C THR A 47 -15.57 -9.79 -3.36
N MET A 48 -14.40 -9.32 -2.93
CA MET A 48 -13.21 -9.38 -3.77
C MET A 48 -12.10 -10.18 -3.09
N ARG A 49 -12.49 -11.09 -2.21
CA ARG A 49 -11.53 -11.92 -1.49
C ARG A 49 -10.66 -11.06 -0.58
N ASN A 50 -9.61 -10.48 -1.14
CA ASN A 50 -8.70 -9.63 -0.38
C ASN A 50 -8.06 -8.58 -1.28
N VAL A 51 -8.66 -8.35 -2.44
CA VAL A 51 -8.15 -7.36 -3.38
C VAL A 51 -8.42 -5.94 -2.90
N ALA A 52 -9.58 -5.74 -2.28
CA ALA A 52 -9.97 -4.43 -1.78
C ALA A 52 -9.22 -4.11 -0.48
N GLY A 53 -9.22 -5.06 0.45
CA GLY A 53 -8.55 -4.86 1.71
C GLY A 53 -7.08 -4.48 1.54
N GLU A 54 -6.42 -5.14 0.60
CA GLU A 54 -5.02 -4.87 0.33
C GLU A 54 -4.78 -3.39 0.05
N ILE A 55 -5.53 -2.85 -0.91
CA ILE A 55 -5.40 -1.45 -1.28
C ILE A 55 -5.96 -0.55 -0.18
N ALA A 56 -6.97 -1.04 0.52
CA ALA A 56 -7.60 -0.27 1.60
C ALA A 56 -6.55 0.31 2.55
N ALA A 57 -5.44 -0.41 2.70
CA ALA A 57 -4.36 0.03 3.56
C ALA A 57 -3.84 1.40 3.15
N ALA A 58 -3.47 1.53 1.88
CA ALA A 58 -2.96 2.78 1.35
C ALA A 58 -3.91 3.93 1.65
N LEU A 59 -5.21 3.68 1.46
CA LEU A 59 -6.22 4.70 1.71
C LEU A 59 -6.09 5.28 3.12
N TYR A 60 -6.33 4.46 4.12
CA TYR A 60 -6.23 4.89 5.51
C TYR A 60 -4.82 5.40 5.82
N ALA A 61 -3.83 4.80 5.17
CA ALA A 61 -2.44 5.20 5.38
C ALA A 61 -2.23 6.67 5.04
N VAL A 62 -2.91 7.13 3.99
CA VAL A 62 -2.80 8.52 3.56
C VAL A 62 -3.62 9.44 4.47
N LYS A 63 -4.84 9.03 4.78
CA LYS A 63 -5.72 9.82 5.64
C LYS A 63 -5.01 10.19 6.93
N LYS A 64 -4.42 9.19 7.60
CA LYS A 64 -3.71 9.43 8.84
C LYS A 64 -2.41 10.18 8.60
N ALA A 65 -1.85 10.01 7.41
CA ALA A 65 -0.60 10.69 7.06
C ALA A 65 -0.70 12.19 7.29
N SER A 66 -1.90 12.73 7.13
CA SER A 66 -2.14 14.16 7.32
C SER A 66 -2.18 14.51 8.81
N GLN A 67 -2.62 13.56 9.62
CA GLN A 67 -2.71 13.76 11.07
C GLN A 67 -1.33 13.99 11.66
N LEU A 68 -0.31 13.41 11.05
CA LEU A 68 1.06 13.54 11.51
C LEU A 68 1.83 14.54 10.66
N GLY A 69 1.24 14.94 9.54
CA GLY A 69 1.89 15.89 8.66
C GLY A 69 3.05 15.29 7.91
N VAL A 70 3.07 13.97 7.79
CA VAL A 70 4.13 13.26 7.09
C VAL A 70 3.62 12.59 5.82
N LYS A 71 4.54 12.28 4.91
CA LYS A 71 4.18 11.64 3.66
C LYS A 71 4.62 10.18 3.64
N ILE A 72 4.54 9.54 2.48
CA ILE A 72 4.93 8.15 2.33
C ILE A 72 5.72 7.93 1.05
N ARG A 73 6.48 6.84 1.01
CA ARG A 73 7.28 6.51 -0.17
C ARG A 73 6.42 6.46 -1.43
N ILE A 74 6.79 7.24 -2.42
CA ILE A 74 6.05 7.28 -3.69
C ILE A 74 6.97 7.63 -4.85
N LEU A 75 6.37 7.78 -6.04
CA LEU A 75 7.14 8.11 -7.23
C LEU A 75 8.11 6.99 -7.59
N HIS A 76 7.81 6.28 -8.68
CA HIS A 76 8.67 5.19 -9.13
C HIS A 76 8.70 4.07 -8.10
N ASP A 77 7.71 4.04 -7.22
CA ASP A 77 7.62 3.03 -6.17
C ASP A 77 7.49 1.63 -6.79
N TYR A 78 8.30 0.70 -6.31
CA TYR A 78 8.29 -0.66 -6.82
C TYR A 78 7.10 -1.44 -6.25
N ALA A 79 6.35 -0.80 -5.36
CA ALA A 79 5.19 -1.42 -4.74
C ALA A 79 4.26 -2.00 -5.79
N GLY A 80 3.35 -2.88 -5.37
CA GLY A 80 2.43 -3.50 -6.28
C GLY A 80 1.45 -2.49 -6.89
N ILE A 81 1.39 -1.30 -6.29
CA ILE A 81 0.50 -0.26 -6.78
C ILE A 81 0.97 0.28 -8.13
N ALA A 82 2.26 0.55 -8.24
CA ALA A 82 2.83 1.07 -9.47
C ALA A 82 2.92 -0.03 -10.54
N PHE A 83 2.68 -1.27 -10.12
CA PHE A 83 2.73 -2.40 -11.03
C PHE A 83 1.46 -2.48 -11.88
N TRP A 84 0.31 -2.53 -11.21
CA TRP A 84 -0.97 -2.59 -11.90
C TRP A 84 -1.41 -1.22 -12.39
N ALA A 85 -0.79 -0.18 -11.83
CA ALA A 85 -1.12 1.19 -12.21
C ALA A 85 -0.99 1.38 -13.73
N THR A 86 -0.17 0.54 -14.36
CA THR A 86 0.04 0.62 -15.80
C THR A 86 -1.24 0.32 -16.56
N GLY A 87 -2.21 -0.28 -15.87
CA GLY A 87 -3.48 -0.61 -16.49
C GLY A 87 -4.37 0.60 -16.67
N GLU A 88 -3.94 1.55 -17.49
CA GLU A 88 -4.71 2.76 -17.74
C GLU A 88 -6.14 2.42 -18.14
N TRP A 89 -6.29 1.36 -18.91
CA TRP A 89 -7.61 0.92 -19.37
C TRP A 89 -8.37 0.21 -18.25
N LYS A 90 -9.52 0.77 -17.87
CA LYS A 90 -10.34 0.20 -16.81
C LYS A 90 -10.92 -1.14 -17.24
N ALA A 91 -10.18 -2.22 -16.97
CA ALA A 91 -10.62 -3.55 -17.32
C ALA A 91 -11.69 -4.05 -16.36
N LYS A 92 -11.43 -3.92 -15.07
CA LYS A 92 -12.38 -4.36 -14.04
C LYS A 92 -13.33 -3.23 -13.65
N ASN A 93 -12.75 -2.09 -13.28
CA ASN A 93 -13.55 -0.93 -12.89
C ASN A 93 -14.59 -1.31 -11.83
N GLU A 94 -14.16 -2.08 -10.85
CA GLU A 94 -15.04 -2.52 -9.77
C GLU A 94 -14.80 -1.71 -8.50
N PHE A 95 -13.69 -2.00 -7.82
CA PHE A 95 -13.34 -1.30 -6.59
C PHE A 95 -11.96 -0.66 -6.71
N THR A 96 -11.05 -1.34 -7.39
CA THR A 96 -9.69 -0.83 -7.58
C THR A 96 -9.71 0.58 -8.16
N GLN A 97 -10.54 0.78 -9.19
CA GLN A 97 -10.64 2.09 -9.83
C GLN A 97 -10.85 3.20 -8.80
N ALA A 98 -11.71 2.93 -7.82
CA ALA A 98 -12.00 3.90 -6.78
C ALA A 98 -10.72 4.44 -6.17
N TYR A 99 -9.68 3.61 -6.14
CA TYR A 99 -8.39 4.01 -5.58
C TYR A 99 -7.90 5.29 -6.22
N ALA A 100 -7.81 5.29 -7.55
CA ALA A 100 -7.35 6.47 -8.29
C ALA A 100 -8.19 7.70 -7.95
N LYS A 101 -9.46 7.47 -7.64
CA LYS A 101 -10.36 8.56 -7.28
C LYS A 101 -10.08 9.06 -5.87
N LEU A 102 -9.93 8.13 -4.93
CA LEU A 102 -9.66 8.48 -3.54
C LEU A 102 -8.29 9.15 -3.40
N MET A 103 -7.41 8.88 -4.36
CA MET A 103 -6.07 9.46 -4.35
C MET A 103 -6.13 10.99 -4.21
N ASN A 104 -6.65 11.65 -5.25
CA ASN A 104 -6.76 13.10 -5.24
C ASN A 104 -7.51 13.58 -4.00
N GLN A 105 -8.42 12.75 -3.51
CA GLN A 105 -9.20 13.10 -2.33
C GLN A 105 -8.29 13.56 -1.19
N TYR A 106 -7.19 12.85 -1.00
CA TYR A 106 -6.23 13.19 0.05
C TYR A 106 -4.80 13.07 -0.46
N ARG A 107 -4.57 13.52 -1.68
CA ARG A 107 -3.24 13.47 -2.28
C ARG A 107 -2.39 14.64 -1.83
N GLY A 108 -2.92 15.41 -0.88
CA GLY A 108 -2.19 16.56 -0.37
C GLY A 108 -1.02 16.16 0.52
N ILE A 109 -0.92 14.87 0.80
CA ILE A 109 0.15 14.35 1.65
C ILE A 109 1.06 13.41 0.86
N TYR A 110 0.46 12.58 0.03
CA TYR A 110 1.21 11.62 -0.78
C TYR A 110 0.95 11.83 -2.27
N SER A 111 1.62 11.05 -3.10
CA SER A 111 1.46 11.15 -4.55
C SER A 111 1.56 9.77 -5.20
N PHE A 112 0.96 9.64 -6.38
CA PHE A 112 0.98 8.38 -7.11
C PHE A 112 0.46 8.57 -8.53
N GLU A 113 1.27 8.17 -9.51
CA GLU A 113 0.90 8.29 -10.91
C GLU A 113 -0.42 7.57 -11.18
N LYS A 114 -0.85 7.60 -12.44
CA LYS A 114 -2.09 6.94 -12.83
C LYS A 114 -2.15 5.52 -12.32
N VAL A 115 -3.31 5.14 -11.78
CA VAL A 115 -3.49 3.79 -11.24
C VAL A 115 -4.63 3.07 -11.94
N LYS A 116 -5.82 3.66 -11.87
CA LYS A 116 -7.00 3.08 -12.51
C LYS A 116 -7.21 1.65 -12.04
N ALA A 117 -8.10 0.93 -12.72
CA ALA A 117 -8.40 -0.45 -12.37
C ALA A 117 -7.86 -1.42 -13.42
N HIS A 118 -7.79 -2.70 -13.08
CA HIS A 118 -7.29 -3.72 -13.99
C HIS A 118 -7.34 -5.09 -13.34
N SER A 119 -6.51 -5.29 -12.33
CA SER A 119 -6.45 -6.58 -11.62
C SER A 119 -5.40 -6.53 -10.52
N GLY A 120 -5.20 -7.67 -9.87
CA GLY A 120 -4.23 -7.76 -8.79
C GLY A 120 -3.31 -8.95 -8.92
N ASN A 121 -2.10 -8.83 -8.39
CA ASN A 121 -1.11 -9.90 -8.46
C ASN A 121 -0.19 -9.87 -7.25
N GLU A 122 0.91 -10.62 -7.32
CA GLU A 122 1.87 -10.69 -6.24
C GLU A 122 2.68 -9.40 -6.15
N PHE A 123 2.50 -8.53 -7.13
CA PHE A 123 3.21 -7.26 -7.17
C PHE A 123 3.10 -6.52 -5.83
N ASN A 124 1.98 -6.74 -5.15
CA ASN A 124 1.74 -6.10 -3.86
C ASN A 124 2.59 -6.74 -2.76
N ASP A 125 2.73 -8.06 -2.83
CA ASP A 125 3.52 -8.80 -1.85
C ASP A 125 4.94 -8.24 -1.76
N TYR A 126 5.38 -7.59 -2.83
CA TYR A 126 6.71 -7.01 -2.88
C TYR A 126 6.97 -6.12 -1.66
N VAL A 127 5.93 -5.39 -1.24
CA VAL A 127 6.04 -4.50 -0.09
C VAL A 127 6.46 -5.28 1.16
N ASP A 128 6.24 -6.58 1.15
CA ASP A 128 6.60 -7.42 2.28
C ASP A 128 8.11 -7.40 2.51
N MET A 129 8.87 -7.69 1.46
CA MET A 129 10.32 -7.71 1.56
C MET A 129 10.88 -6.29 1.66
N LYS A 130 10.26 -5.36 0.93
CA LYS A 130 10.69 -3.96 0.95
C LYS A 130 10.50 -3.36 2.33
N ALA A 131 9.29 -3.47 2.87
CA ALA A 131 8.98 -2.94 4.19
C ALA A 131 9.97 -3.45 5.24
N LYS A 132 10.42 -4.68 5.06
CA LYS A 132 11.37 -5.30 5.98
C LYS A 132 12.57 -4.39 6.20
N SER A 133 12.90 -3.60 5.19
CA SER A 133 14.04 -2.68 5.27
C SER A 133 13.68 -1.45 6.10
N ALA A 134 12.43 -1.01 5.98
CA ALA A 134 11.96 0.16 6.71
C ALA A 134 12.05 -0.06 8.22
N LEU A 135 11.91 -1.31 8.64
CA LEU A 135 11.98 -1.66 10.05
C LEU A 135 13.43 -1.74 10.53
N GLY A 136 14.27 -2.37 9.73
CA GLY A 136 15.67 -2.50 10.09
C GLY A 136 16.03 -3.89 10.54
N ILE A 137 15.44 -4.90 9.89
CA ILE A 137 15.71 -6.29 10.23
C ILE A 137 17.15 -6.67 9.92
N ARG A 138 17.68 -7.62 10.69
CA ARG A 138 19.05 -8.07 10.50
C ARG A 138 19.09 -9.55 10.15
N ASP A 139 20.24 -10.01 9.66
CA ASP A 139 20.41 -11.40 9.28
C ASP A 139 21.82 -11.67 8.77
N LEU A 140 22.53 -12.57 9.44
CA LEU A 140 23.89 -12.91 9.06
C LEU A 140 24.76 -11.67 8.95
N GLU A 141 25.96 -11.82 8.41
CA GLU A 141 26.88 -10.70 8.24
C GLU A 141 26.58 -9.94 6.96
N HIS A 142 26.33 -10.68 5.88
CA HIS A 142 26.03 -10.07 4.59
C HIS A 142 25.69 -11.13 3.56
N HIS A 143 25.26 -10.69 2.37
CA HIS A 143 24.91 -11.62 1.30
C HIS A 143 24.50 -10.84 0.04
N HIS A 144 24.46 -11.55 -1.08
CA HIS A 144 24.08 -10.93 -2.35
C HIS A 144 24.08 -11.96 -3.48
N HIS A 145 23.34 -11.67 -4.54
CA HIS A 145 23.24 -12.58 -5.68
C HIS A 145 22.60 -11.88 -6.88
N HIS A 146 22.49 -12.59 -7.98
CA HIS A 146 21.88 -12.04 -9.20
C HIS A 146 20.74 -12.94 -9.68
N HIS A 147 20.15 -12.56 -10.81
CA HIS A 147 19.05 -13.32 -11.39
C HIS A 147 19.57 -14.39 -12.36
MG MG B . 2.33 1.17 -1.73
N MET A 1 7.97 17.27 12.11
CA MET A 1 7.38 17.26 10.78
C MET A 1 8.32 16.59 9.77
N ASP A 2 8.76 15.39 10.10
CA ASP A 2 9.67 14.64 9.23
C ASP A 2 9.95 13.26 9.80
N ASP A 3 10.22 12.30 8.91
CA ASP A 3 10.51 10.93 9.33
C ASP A 3 11.79 10.42 8.66
N ARG A 4 12.03 9.12 8.78
CA ARG A 4 13.21 8.50 8.19
C ARG A 4 12.86 7.18 7.52
N THR A 5 11.62 7.07 7.05
CA THR A 5 11.16 5.85 6.40
C THR A 5 12.08 5.47 5.23
N GLU A 6 12.19 4.17 4.98
CA GLU A 6 13.05 3.68 3.90
C GLU A 6 12.53 4.14 2.55
N TYR A 7 11.44 3.52 2.08
CA TYR A 7 10.85 3.87 0.80
C TYR A 7 9.34 3.65 0.81
N ASP A 8 8.93 2.39 0.69
CA ASP A 8 7.51 2.04 0.69
C ASP A 8 7.05 1.69 2.10
N VAL A 9 5.74 1.76 2.32
CA VAL A 9 5.16 1.44 3.62
C VAL A 9 4.74 -0.03 3.69
N TYR A 10 4.90 -0.63 4.86
CA TYR A 10 4.53 -2.02 5.06
C TYR A 10 3.02 -2.20 5.05
N THR A 11 2.45 -2.22 3.84
CA THR A 11 1.01 -2.38 3.69
C THR A 11 0.68 -3.65 2.92
N ASP A 12 -0.61 -3.92 2.74
CA ASP A 12 -1.06 -5.11 2.02
C ASP A 12 -0.65 -6.38 2.76
N GLY A 13 -1.62 -7.05 3.37
CA GLY A 13 -1.34 -8.28 4.09
C GLY A 13 -2.29 -8.49 5.25
N SER A 14 -1.98 -9.46 6.10
CA SER A 14 -2.81 -9.76 7.26
C SER A 14 -4.17 -10.28 6.81
N TYR A 15 -4.80 -11.09 7.66
CA TYR A 15 -6.11 -11.65 7.36
C TYR A 15 -6.61 -12.52 8.51
N VAL A 16 -7.90 -12.83 8.49
CA VAL A 16 -8.50 -13.66 9.53
C VAL A 16 -9.53 -14.62 8.95
N ASN A 17 -9.25 -15.91 9.03
CA ASN A 17 -10.15 -16.93 8.51
C ASN A 17 -10.17 -16.91 6.98
N GLY A 18 -10.78 -15.87 6.42
CA GLY A 18 -10.85 -15.75 4.98
C GLY A 18 -11.35 -14.38 4.54
N GLN A 19 -11.12 -13.38 5.38
CA GLN A 19 -11.55 -12.02 5.06
C GLN A 19 -10.36 -11.16 4.63
N TYR A 20 -10.63 -9.89 4.36
CA TYR A 20 -9.58 -8.96 3.93
C TYR A 20 -9.22 -7.99 5.05
N ALA A 21 -7.92 -7.80 5.26
CA ALA A 21 -7.44 -6.90 6.30
C ALA A 21 -6.47 -5.88 5.72
N TRP A 22 -6.20 -4.82 6.49
CA TRP A 22 -5.31 -3.77 6.06
C TRP A 22 -4.48 -3.23 7.23
N ALA A 23 -3.17 -3.15 7.04
CA ALA A 23 -2.28 -2.66 8.08
C ALA A 23 -1.16 -1.81 7.49
N TYR A 24 -0.50 -1.03 8.34
CA TYR A 24 0.59 -0.17 7.90
C TYR A 24 1.45 0.27 9.08
N ALA A 25 2.77 0.27 8.87
CA ALA A 25 3.70 0.66 9.92
C ALA A 25 4.00 2.15 9.86
N PHE A 26 3.46 2.90 10.80
CA PHE A 26 3.67 4.35 10.85
C PHE A 26 4.85 4.70 11.75
N VAL A 27 5.69 5.61 11.29
CA VAL A 27 6.86 6.04 12.04
C VAL A 27 7.24 7.47 11.70
N LYS A 28 7.01 8.38 12.65
CA LYS A 28 7.33 9.79 12.46
C LYS A 28 8.49 10.21 13.35
N ASP A 29 9.36 11.07 12.82
CA ASP A 29 10.50 11.55 13.58
C ASP A 29 11.54 10.46 13.75
N GLY A 30 11.34 9.33 13.05
CA GLY A 30 12.27 8.23 13.14
C GLY A 30 11.95 7.29 14.30
N LYS A 31 10.69 7.29 14.72
CA LYS A 31 10.25 6.44 15.83
C LYS A 31 8.79 6.04 15.66
N VAL A 32 8.41 4.96 16.32
CA VAL A 32 7.03 4.46 16.25
C VAL A 32 6.05 5.48 16.81
N HIS A 33 5.02 5.80 16.04
CA HIS A 33 4.01 6.76 16.46
C HIS A 33 2.70 6.05 16.81
N TYR A 34 2.31 5.08 15.99
CA TYR A 34 1.09 4.33 16.21
C TYR A 34 0.92 3.24 15.15
N GLU A 35 0.20 2.18 15.52
CA GLU A 35 -0.04 1.07 14.61
C GLU A 35 -0.88 -0.01 15.27
N ASP A 36 -2.10 -0.20 14.77
CA ASP A 36 -3.00 -1.20 15.30
C ASP A 36 -3.55 -2.10 14.20
N ALA A 37 -3.84 -1.50 13.05
CA ALA A 37 -4.36 -2.24 11.92
C ALA A 37 -5.75 -2.80 12.22
N ASP A 38 -6.55 -2.97 11.17
CA ASP A 38 -7.91 -3.49 11.33
C ASP A 38 -8.38 -4.17 10.05
N VAL A 39 -9.58 -4.74 10.09
CA VAL A 39 -10.15 -5.42 8.93
C VAL A 39 -11.44 -4.74 8.47
N GLY A 40 -11.97 -5.21 7.35
CA GLY A 40 -13.19 -4.63 6.82
C GLY A 40 -14.39 -5.56 6.99
N LYS A 41 -15.41 -5.34 6.16
CA LYS A 41 -16.62 -6.16 6.23
C LYS A 41 -17.59 -5.77 5.12
N ASN A 42 -17.12 -5.81 3.88
CA ASN A 42 -17.95 -5.45 2.73
C ASN A 42 -18.13 -6.64 1.80
N PRO A 43 -19.23 -6.65 1.04
CA PRO A 43 -19.53 -7.73 0.09
C PRO A 43 -18.60 -7.73 -1.11
N ALA A 44 -18.43 -6.55 -1.71
CA ALA A 44 -17.56 -6.42 -2.87
C ALA A 44 -16.10 -6.57 -2.48
N ALA A 45 -15.76 -6.15 -1.26
CA ALA A 45 -14.39 -6.25 -0.77
C ALA A 45 -14.06 -7.67 -0.33
N ALA A 46 -15.09 -8.39 0.13
CA ALA A 46 -14.91 -9.76 0.58
C ALA A 46 -14.85 -10.73 -0.60
N THR A 47 -15.65 -10.45 -1.62
CA THR A 47 -15.70 -11.29 -2.81
C THR A 47 -14.42 -11.14 -3.64
N MET A 48 -13.65 -10.10 -3.34
CA MET A 48 -12.41 -9.86 -4.05
C MET A 48 -11.23 -10.56 -3.37
N ARG A 49 -11.54 -11.45 -2.44
CA ARG A 49 -10.52 -12.17 -1.70
C ARG A 49 -9.75 -11.25 -0.76
N ASN A 50 -8.91 -10.40 -1.33
CA ASN A 50 -8.12 -9.46 -0.53
C ASN A 50 -7.55 -8.36 -1.41
N VAL A 51 -8.18 -8.12 -2.56
CA VAL A 51 -7.73 -7.09 -3.48
C VAL A 51 -8.08 -5.70 -2.96
N ALA A 52 -9.30 -5.54 -2.45
CA ALA A 52 -9.74 -4.27 -1.92
C ALA A 52 -9.13 -3.99 -0.55
N GLY A 53 -8.68 -5.06 0.11
CA GLY A 53 -8.07 -4.91 1.42
C GLY A 53 -6.67 -4.34 1.35
N GLU A 54 -5.83 -4.95 0.53
CA GLU A 54 -4.45 -4.49 0.38
C GLU A 54 -4.40 -3.00 0.04
N ILE A 55 -5.19 -2.60 -0.94
CA ILE A 55 -5.25 -1.20 -1.35
C ILE A 55 -5.86 -0.33 -0.27
N ALA A 56 -6.79 -0.90 0.48
CA ALA A 56 -7.45 -0.17 1.56
C ALA A 56 -6.44 0.52 2.46
N ALA A 57 -5.32 -0.16 2.72
CA ALA A 57 -4.27 0.39 3.56
C ALA A 57 -3.75 1.72 3.02
N ALA A 58 -3.44 1.74 1.74
CA ALA A 58 -2.94 2.95 1.09
C ALA A 58 -3.87 4.13 1.35
N LEU A 59 -5.15 3.84 1.52
CA LEU A 59 -6.14 4.88 1.77
C LEU A 59 -5.93 5.51 3.15
N TYR A 60 -6.17 4.72 4.19
CA TYR A 60 -6.01 5.20 5.56
C TYR A 60 -4.58 5.66 5.81
N ALA A 61 -3.65 5.14 5.02
CA ALA A 61 -2.24 5.50 5.15
C ALA A 61 -2.03 6.97 4.83
N VAL A 62 -2.72 7.47 3.82
CA VAL A 62 -2.60 8.88 3.42
C VAL A 62 -3.35 9.78 4.38
N LYS A 63 -4.56 9.36 4.75
CA LYS A 63 -5.38 10.14 5.67
C LYS A 63 -4.60 10.52 6.92
N LYS A 64 -3.97 9.54 7.54
CA LYS A 64 -3.18 9.77 8.75
C LYS A 64 -1.83 10.40 8.40
N ALA A 65 -1.32 10.08 7.21
CA ALA A 65 -0.04 10.62 6.77
C ALA A 65 -0.02 12.15 6.87
N SER A 66 -1.18 12.76 6.68
CA SER A 66 -1.30 14.21 6.73
C SER A 66 -1.26 14.70 8.18
N GLN A 67 -1.71 13.84 9.10
CA GLN A 67 -1.73 14.19 10.52
C GLN A 67 -0.32 14.26 11.08
N LEU A 68 0.52 13.32 10.68
CA LEU A 68 1.91 13.27 11.13
C LEU A 68 2.80 14.16 10.27
N GLY A 69 2.27 14.59 9.14
CA GLY A 69 3.03 15.44 8.23
C GLY A 69 4.29 14.76 7.72
N VAL A 70 4.28 13.43 7.72
CA VAL A 70 5.43 12.66 7.25
C VAL A 70 5.25 12.24 5.80
N LYS A 71 4.01 12.00 5.40
CA LYS A 71 3.70 11.59 4.04
C LYS A 71 4.32 10.24 3.73
N ILE A 72 4.28 9.85 2.45
CA ILE A 72 4.85 8.58 2.02
C ILE A 72 5.56 8.72 0.68
N ARG A 73 6.09 7.61 0.18
CA ARG A 73 6.79 7.61 -1.10
C ARG A 73 5.94 8.23 -2.20
N ILE A 74 6.44 9.30 -2.81
CA ILE A 74 5.72 9.98 -3.88
C ILE A 74 6.41 9.77 -5.23
N LEU A 75 5.95 10.51 -6.23
CA LEU A 75 6.52 10.41 -7.57
C LEU A 75 6.26 9.03 -8.17
N HIS A 76 5.02 8.57 -8.06
CA HIS A 76 4.64 7.26 -8.59
C HIS A 76 5.39 6.15 -7.89
N ASP A 77 4.78 5.59 -6.84
CA ASP A 77 5.39 4.52 -6.08
C ASP A 77 5.24 3.19 -6.80
N TYR A 78 6.36 2.55 -7.12
CA TYR A 78 6.34 1.27 -7.82
C TYR A 78 6.55 0.11 -6.83
N ALA A 79 5.74 0.10 -5.77
CA ALA A 79 5.84 -0.96 -4.77
C ALA A 79 4.67 -1.93 -4.89
N GLY A 80 4.06 -1.98 -6.06
CA GLY A 80 2.93 -2.87 -6.28
C GLY A 80 1.78 -2.19 -6.98
N ILE A 81 1.36 -1.03 -6.46
CA ILE A 81 0.26 -0.29 -7.05
C ILE A 81 0.55 0.07 -8.51
N ALA A 82 1.83 0.26 -8.82
CA ALA A 82 2.24 0.60 -10.17
C ALA A 82 2.18 -0.61 -11.09
N PHE A 83 2.02 -1.79 -10.49
CA PHE A 83 1.95 -3.03 -11.25
C PHE A 83 0.77 -3.02 -12.21
N TRP A 84 -0.43 -2.81 -11.67
CA TRP A 84 -1.64 -2.78 -12.48
C TRP A 84 -1.83 -1.40 -13.11
N ALA A 85 -1.08 -0.42 -12.62
CA ALA A 85 -1.16 0.94 -13.14
C ALA A 85 -1.05 0.96 -14.66
N THR A 86 -0.43 -0.07 -15.22
CA THR A 86 -0.26 -0.17 -16.66
C THR A 86 -1.61 -0.25 -17.38
N GLY A 87 -2.56 -0.94 -16.76
CA GLY A 87 -3.88 -1.07 -17.35
C GLY A 87 -4.02 -2.35 -18.16
N GLU A 88 -4.47 -3.42 -17.49
CA GLU A 88 -4.65 -4.71 -18.14
C GLU A 88 -6.12 -4.94 -18.49
N TRP A 89 -6.95 -5.00 -17.46
CA TRP A 89 -8.38 -5.21 -17.65
C TRP A 89 -9.19 -4.08 -17.04
N LYS A 90 -10.43 -3.92 -17.50
CA LYS A 90 -11.32 -2.88 -16.99
C LYS A 90 -11.97 -3.30 -15.69
N ALA A 91 -11.28 -3.08 -14.57
CA ALA A 91 -11.80 -3.43 -13.26
C ALA A 91 -12.78 -2.39 -12.75
N LYS A 92 -13.03 -1.36 -13.57
CA LYS A 92 -13.95 -0.29 -13.21
C LYS A 92 -15.24 -0.87 -12.61
N ASN A 93 -15.64 -2.04 -13.11
CA ASN A 93 -16.85 -2.69 -12.63
C ASN A 93 -16.54 -3.63 -11.47
N GLU A 94 -15.73 -3.17 -10.54
CA GLU A 94 -15.35 -3.98 -9.38
C GLU A 94 -15.28 -3.13 -8.11
N PHE A 95 -14.21 -2.36 -7.99
CA PHE A 95 -14.01 -1.50 -6.83
C PHE A 95 -12.66 -0.80 -6.88
N THR A 96 -11.70 -1.44 -7.54
CA THR A 96 -10.36 -0.88 -7.66
C THR A 96 -10.41 0.56 -8.15
N GLN A 97 -11.28 0.82 -9.12
CA GLN A 97 -11.42 2.16 -9.68
C GLN A 97 -11.58 3.19 -8.57
N ALA A 98 -12.34 2.84 -7.54
CA ALA A 98 -12.57 3.75 -6.42
C ALA A 98 -11.25 4.31 -5.89
N TYR A 99 -10.19 3.52 -6.01
CA TYR A 99 -8.87 3.94 -5.54
C TYR A 99 -8.49 5.29 -6.15
N ALA A 100 -8.54 5.37 -7.47
CA ALA A 100 -8.19 6.60 -8.18
C ALA A 100 -9.05 7.76 -7.70
N LYS A 101 -10.27 7.46 -7.28
CA LYS A 101 -11.19 8.48 -6.80
C LYS A 101 -10.78 8.97 -5.41
N LEU A 102 -10.62 8.03 -4.49
CA LEU A 102 -10.23 8.37 -3.12
C LEU A 102 -8.90 9.11 -3.10
N MET A 103 -8.07 8.85 -4.11
CA MET A 103 -6.77 9.50 -4.21
C MET A 103 -6.91 11.02 -4.15
N ASN A 104 -7.53 11.60 -5.17
CA ASN A 104 -7.73 13.04 -5.23
C ASN A 104 -8.37 13.55 -3.95
N GLN A 105 -9.18 12.71 -3.32
CA GLN A 105 -9.86 13.09 -2.09
C GLN A 105 -8.86 13.61 -1.06
N TYR A 106 -7.75 12.90 -0.89
CA TYR A 106 -6.73 13.30 0.05
C TYR A 106 -5.35 13.32 -0.60
N ARG A 107 -5.31 13.73 -1.87
CA ARG A 107 -4.07 13.80 -2.62
C ARG A 107 -3.25 15.02 -2.22
N GLY A 108 -1.96 14.99 -2.51
CA GLY A 108 -1.09 16.11 -2.17
C GLY A 108 0.12 15.68 -1.36
N ILE A 109 -0.12 14.92 -0.29
CA ILE A 109 0.96 14.44 0.55
C ILE A 109 1.69 13.27 -0.08
N TYR A 110 0.95 12.47 -0.85
CA TYR A 110 1.52 11.30 -1.51
C TYR A 110 1.21 11.32 -3.00
N SER A 111 1.72 10.33 -3.72
CA SER A 111 1.50 10.22 -5.16
C SER A 111 1.72 8.80 -5.65
N PHE A 112 1.10 8.45 -6.76
CA PHE A 112 1.22 7.11 -7.33
C PHE A 112 1.13 7.16 -8.86
N GLU A 113 1.46 6.05 -9.50
CA GLU A 113 1.42 5.97 -10.95
C GLU A 113 0.01 6.25 -11.48
N LYS A 114 -0.16 6.15 -12.79
CA LYS A 114 -1.45 6.40 -13.41
C LYS A 114 -2.39 5.21 -13.24
N VAL A 115 -2.67 4.87 -11.98
CA VAL A 115 -3.55 3.75 -11.68
C VAL A 115 -4.86 3.86 -12.45
N LYS A 116 -5.49 2.71 -12.70
CA LYS A 116 -6.75 2.68 -13.43
C LYS A 116 -7.76 1.77 -12.73
N ALA A 117 -7.60 0.46 -12.91
CA ALA A 117 -8.50 -0.51 -12.29
C ALA A 117 -8.12 -1.94 -12.70
N HIS A 118 -7.36 -2.60 -11.85
CA HIS A 118 -6.94 -3.98 -12.13
C HIS A 118 -6.14 -4.54 -10.96
N SER A 119 -5.99 -5.86 -10.93
CA SER A 119 -5.25 -6.52 -9.85
C SER A 119 -3.94 -7.10 -10.39
N GLY A 120 -3.28 -7.91 -9.57
CA GLY A 120 -2.02 -8.51 -9.97
C GLY A 120 -1.77 -9.84 -9.28
N ASN A 121 -0.51 -10.09 -8.93
CA ASN A 121 -0.14 -11.33 -8.26
C ASN A 121 0.55 -11.06 -6.93
N GLU A 122 1.86 -10.82 -6.99
CA GLU A 122 2.63 -10.53 -5.79
C GLU A 122 3.08 -9.08 -5.75
N PHE A 123 2.51 -8.27 -6.64
CA PHE A 123 2.85 -6.85 -6.72
C PHE A 123 2.82 -6.22 -5.33
N ASN A 124 1.84 -6.61 -4.53
CA ASN A 124 1.70 -6.07 -3.18
C ASN A 124 2.70 -6.71 -2.23
N ASP A 125 2.98 -7.99 -2.46
CA ASP A 125 3.93 -8.73 -1.63
C ASP A 125 5.30 -8.06 -1.64
N TYR A 126 5.58 -7.30 -2.70
CA TYR A 126 6.85 -6.62 -2.84
C TYR A 126 7.16 -5.79 -1.59
N VAL A 127 6.13 -5.14 -1.05
CA VAL A 127 6.29 -4.31 0.13
C VAL A 127 6.89 -5.11 1.28
N ASP A 128 6.76 -6.43 1.22
CA ASP A 128 7.30 -7.31 2.25
C ASP A 128 8.81 -7.16 2.36
N MET A 129 9.49 -7.28 1.23
CA MET A 129 10.95 -7.17 1.19
C MET A 129 11.38 -5.72 1.39
N LYS A 130 10.66 -4.80 0.75
CA LYS A 130 10.98 -3.37 0.86
C LYS A 130 10.86 -2.90 2.30
N ALA A 131 9.71 -3.16 2.91
CA ALA A 131 9.48 -2.77 4.29
C ALA A 131 10.58 -3.27 5.21
N LYS A 132 11.11 -4.45 4.89
CA LYS A 132 12.18 -5.05 5.68
C LYS A 132 13.33 -4.07 5.89
N SER A 133 13.53 -3.19 4.91
CA SER A 133 14.59 -2.20 4.98
C SER A 133 14.19 -1.03 5.88
N ALA A 134 12.89 -0.71 5.89
CA ALA A 134 12.37 0.37 6.70
C ALA A 134 12.31 -0.03 8.18
N LEU A 135 11.87 -1.25 8.43
CA LEU A 135 11.75 -1.75 9.80
C LEU A 135 13.09 -1.64 10.53
N GLY A 136 14.10 -2.33 10.02
CA GLY A 136 15.41 -2.30 10.63
C GLY A 136 16.10 -3.65 10.62
N ILE A 137 16.46 -4.13 9.43
CA ILE A 137 17.12 -5.41 9.28
C ILE A 137 18.58 -5.24 8.88
N ARG A 138 19.43 -6.14 9.36
CA ARG A 138 20.85 -6.08 9.05
C ARG A 138 21.20 -7.03 7.89
N ASP A 139 22.46 -7.05 7.51
CA ASP A 139 22.92 -7.92 6.42
C ASP A 139 22.25 -7.52 5.10
N LEU A 140 22.88 -7.91 3.99
CA LEU A 140 22.35 -7.60 2.67
C LEU A 140 22.09 -8.88 1.87
N GLU A 141 21.30 -8.76 0.81
CA GLU A 141 20.98 -9.91 -0.03
C GLU A 141 20.35 -9.45 -1.34
N HIS A 142 19.95 -10.41 -2.18
CA HIS A 142 19.34 -10.11 -3.46
C HIS A 142 18.86 -11.39 -4.14
N HIS A 143 17.96 -11.23 -5.12
CA HIS A 143 17.43 -12.37 -5.85
C HIS A 143 16.53 -11.91 -6.98
N HIS A 144 16.25 -12.82 -7.93
CA HIS A 144 15.41 -12.50 -9.07
C HIS A 144 14.97 -13.77 -9.79
N HIS A 145 14.15 -13.61 -10.83
CA HIS A 145 13.67 -14.74 -11.60
C HIS A 145 12.95 -14.27 -12.86
N HIS A 146 12.58 -15.22 -13.72
CA HIS A 146 11.87 -14.90 -14.96
C HIS A 146 10.73 -15.87 -15.21
N HIS A 147 9.82 -15.49 -16.09
CA HIS A 147 8.68 -16.35 -16.42
C HIS A 147 7.81 -15.70 -17.50
MG MG B . 2.37 -0.21 -1.55
N MET A 1 7.20 14.60 15.46
CA MET A 1 6.72 15.27 14.24
C MET A 1 7.56 14.87 13.04
N ASP A 2 6.93 14.80 11.88
CA ASP A 2 7.62 14.43 10.65
C ASP A 2 8.15 13.01 10.74
N ASP A 3 8.97 12.62 9.76
CA ASP A 3 9.55 11.29 9.74
C ASP A 3 10.94 11.32 9.08
N ARG A 4 11.48 10.13 8.80
CA ARG A 4 12.80 10.02 8.19
C ARG A 4 12.88 8.78 7.31
N THR A 5 11.72 8.24 6.95
CA THR A 5 11.67 7.05 6.10
C THR A 5 11.81 7.40 4.63
N GLU A 6 12.43 6.51 3.87
CA GLU A 6 12.63 6.73 2.44
C GLU A 6 12.44 5.43 1.66
N TYR A 7 11.66 4.52 2.22
CA TYR A 7 11.40 3.24 1.58
C TYR A 7 9.90 2.99 1.45
N ASP A 8 9.53 1.98 0.67
CA ASP A 8 8.13 1.64 0.46
C ASP A 8 7.41 1.48 1.79
N VAL A 9 6.09 1.70 1.78
CA VAL A 9 5.29 1.58 2.99
C VAL A 9 4.74 0.17 3.15
N TYR A 10 4.65 -0.28 4.40
CA TYR A 10 4.15 -1.62 4.69
C TYR A 10 2.65 -1.70 4.43
N THR A 11 2.29 -1.86 3.16
CA THR A 11 0.89 -1.96 2.76
C THR A 11 0.53 -3.38 2.35
N ASP A 12 -0.73 -3.58 1.97
CA ASP A 12 -1.20 -4.90 1.56
C ASP A 12 -0.62 -6.00 2.45
N GLY A 13 -1.18 -6.13 3.65
CA GLY A 13 -0.71 -7.14 4.58
C GLY A 13 -1.22 -8.53 4.24
N SER A 14 -1.42 -9.34 5.26
CA SER A 14 -1.90 -10.71 5.07
C SER A 14 -3.39 -10.82 5.40
N TYR A 15 -3.89 -12.04 5.46
CA TYR A 15 -5.30 -12.28 5.76
C TYR A 15 -5.45 -13.43 6.74
N VAL A 16 -6.70 -13.77 7.05
CA VAL A 16 -6.99 -14.86 7.98
C VAL A 16 -8.20 -15.67 7.51
N ASN A 17 -7.95 -16.93 7.18
CA ASN A 17 -9.01 -17.82 6.72
C ASN A 17 -9.49 -17.43 5.34
N GLY A 18 -10.18 -16.30 5.25
CA GLY A 18 -10.68 -15.82 3.98
C GLY A 18 -11.14 -14.38 4.04
N GLN A 19 -10.58 -13.62 4.97
CA GLN A 19 -10.93 -12.21 5.12
C GLN A 19 -9.85 -11.30 4.55
N TYR A 20 -10.02 -10.00 4.72
CA TYR A 20 -9.06 -9.04 4.21
C TYR A 20 -8.59 -8.10 5.33
N ALA A 21 -7.28 -7.87 5.38
CA ALA A 21 -6.70 -7.00 6.40
C ALA A 21 -5.74 -5.99 5.78
N TRP A 22 -5.99 -4.71 6.04
CA TRP A 22 -5.14 -3.65 5.51
C TRP A 22 -4.33 -2.99 6.61
N ALA A 23 -3.03 -2.85 6.38
CA ALA A 23 -2.15 -2.23 7.35
C ALA A 23 -1.18 -1.26 6.69
N TYR A 24 -0.56 -0.39 7.48
CA TYR A 24 0.38 0.59 6.97
C TYR A 24 1.55 0.79 7.93
N ALA A 25 2.59 1.47 7.45
CA ALA A 25 3.77 1.72 8.26
C ALA A 25 3.82 3.17 8.72
N PHE A 26 3.58 3.38 10.02
CA PHE A 26 3.60 4.72 10.59
C PHE A 26 4.87 4.95 11.40
N VAL A 27 5.42 6.15 11.27
CA VAL A 27 6.65 6.51 11.98
C VAL A 27 6.72 8.01 12.24
N LYS A 28 7.05 8.37 13.47
CA LYS A 28 7.15 9.79 13.85
C LYS A 28 8.55 10.10 14.38
N ASP A 29 9.20 11.09 13.78
CA ASP A 29 10.54 11.49 14.20
C ASP A 29 11.54 10.37 13.94
N GLY A 30 11.14 9.38 13.16
CA GLY A 30 12.01 8.27 12.84
C GLY A 30 11.91 7.14 13.85
N LYS A 31 10.74 7.03 14.48
CA LYS A 31 10.50 5.98 15.47
C LYS A 31 9.18 5.28 15.22
N VAL A 32 8.85 4.32 16.08
CA VAL A 32 7.61 3.57 15.95
C VAL A 32 6.46 4.25 16.69
N HIS A 33 5.64 4.98 15.95
CA HIS A 33 4.50 5.69 16.54
C HIS A 33 3.29 4.77 16.65
N TYR A 34 2.87 4.21 15.53
CA TYR A 34 1.71 3.31 15.51
C TYR A 34 2.04 2.02 14.76
N GLU A 35 1.44 0.92 15.19
CA GLU A 35 1.67 -0.37 14.55
C GLU A 35 0.51 -1.31 14.82
N ASP A 36 -0.69 -0.92 14.40
CA ASP A 36 -1.89 -1.72 14.59
C ASP A 36 -2.78 -1.68 13.36
N ALA A 37 -2.74 -2.75 12.57
CA ALA A 37 -3.55 -2.83 11.36
C ALA A 37 -5.05 -2.78 11.69
N ASP A 38 -5.87 -3.05 10.69
CA ASP A 38 -7.32 -3.02 10.88
C ASP A 38 -8.01 -3.99 9.91
N VAL A 39 -8.89 -4.83 10.45
CA VAL A 39 -9.61 -5.80 9.64
C VAL A 39 -11.05 -5.35 9.38
N GLY A 40 -11.64 -5.85 8.30
CA GLY A 40 -13.01 -5.49 7.97
C GLY A 40 -13.97 -6.63 8.17
N LYS A 41 -15.05 -6.64 7.40
CA LYS A 41 -16.06 -7.69 7.50
C LYS A 41 -17.18 -7.46 6.50
N ASN A 42 -16.81 -7.15 5.25
CA ASN A 42 -17.79 -6.91 4.20
C ASN A 42 -17.58 -7.87 3.03
N PRO A 43 -18.66 -8.15 2.30
CA PRO A 43 -18.62 -9.06 1.15
C PRO A 43 -17.86 -8.47 -0.03
N ALA A 44 -18.18 -7.21 -0.37
CA ALA A 44 -17.52 -6.54 -1.48
C ALA A 44 -16.01 -6.45 -1.25
N ALA A 45 -15.62 -6.33 0.01
CA ALA A 45 -14.20 -6.25 0.35
C ALA A 45 -13.59 -7.64 0.51
N ALA A 46 -14.44 -8.62 0.76
CA ALA A 46 -13.98 -10.00 0.91
C ALA A 46 -14.34 -10.85 -0.31
N THR A 47 -14.59 -10.18 -1.42
CA THR A 47 -14.94 -10.88 -2.66
C THR A 47 -14.05 -10.44 -3.81
N MET A 48 -13.14 -9.50 -3.53
CA MET A 48 -12.22 -9.01 -4.54
C MET A 48 -10.86 -9.69 -4.42
N ARG A 49 -10.88 -10.97 -4.07
CA ARG A 49 -9.65 -11.74 -3.92
C ARG A 49 -8.70 -11.07 -2.94
N ASN A 50 -9.27 -10.39 -1.95
CA ASN A 50 -8.49 -9.71 -0.93
C ASN A 50 -7.66 -8.58 -1.56
N VAL A 51 -8.00 -8.21 -2.78
CA VAL A 51 -7.29 -7.15 -3.49
C VAL A 51 -7.64 -5.78 -2.91
N ALA A 52 -8.93 -5.57 -2.64
CA ALA A 52 -9.39 -4.30 -2.08
C ALA A 52 -8.58 -3.92 -0.85
N GLY A 53 -8.10 -4.92 -0.12
CA GLY A 53 -7.32 -4.68 1.07
C GLY A 53 -5.96 -4.08 0.76
N GLU A 54 -5.33 -4.58 -0.31
CA GLU A 54 -4.02 -4.09 -0.71
C GLU A 54 -4.01 -2.57 -0.84
N ILE A 55 -4.92 -2.04 -1.65
CA ILE A 55 -5.02 -0.61 -1.86
C ILE A 55 -5.67 0.08 -0.66
N ALA A 56 -6.58 -0.63 -0.01
CA ALA A 56 -7.27 -0.10 1.16
C ALA A 56 -6.30 0.57 2.12
N ALA A 57 -5.24 -0.14 2.47
CA ALA A 57 -4.22 0.37 3.37
C ALA A 57 -3.68 1.72 2.89
N ALA A 58 -3.30 1.77 1.62
CA ALA A 58 -2.77 2.99 1.03
C ALA A 58 -3.71 4.17 1.26
N LEU A 59 -5.01 3.89 1.24
CA LEU A 59 -6.01 4.93 1.44
C LEU A 59 -5.88 5.56 2.83
N TYR A 60 -6.16 4.76 3.86
CA TYR A 60 -6.07 5.24 5.23
C TYR A 60 -4.67 5.72 5.55
N ALA A 61 -3.68 5.14 4.87
CA ALA A 61 -2.28 5.51 5.07
C ALA A 61 -2.04 6.97 4.72
N VAL A 62 -2.66 7.41 3.62
CA VAL A 62 -2.51 8.79 3.16
C VAL A 62 -3.34 9.74 4.01
N LYS A 63 -4.58 9.36 4.28
CA LYS A 63 -5.48 10.17 5.09
C LYS A 63 -4.82 10.58 6.40
N LYS A 64 -4.25 9.60 7.09
CA LYS A 64 -3.59 9.85 8.36
C LYS A 64 -2.21 10.47 8.15
N ALA A 65 -1.58 10.11 7.04
CA ALA A 65 -0.26 10.63 6.71
C ALA A 65 -0.24 12.15 6.77
N SER A 66 -1.37 12.77 6.42
CA SER A 66 -1.48 14.23 6.45
C SER A 66 -1.59 14.74 7.87
N GLN A 67 -2.15 13.93 8.74
CA GLN A 67 -2.32 14.30 10.14
C GLN A 67 -0.98 14.29 10.88
N LEU A 68 -0.18 13.27 10.62
CA LEU A 68 1.13 13.15 11.26
C LEU A 68 2.16 14.06 10.58
N GLY A 69 1.72 14.75 9.53
CA GLY A 69 2.60 15.64 8.81
C GLY A 69 3.74 14.90 8.11
N VAL A 70 3.61 13.58 8.02
CA VAL A 70 4.63 12.76 7.38
C VAL A 70 4.20 12.37 5.97
N LYS A 71 5.18 12.06 5.13
CA LYS A 71 4.90 11.66 3.74
C LYS A 71 5.43 10.25 3.48
N ILE A 72 4.75 9.54 2.58
CA ILE A 72 5.14 8.19 2.23
C ILE A 72 5.92 8.17 0.91
N ARG A 73 6.79 7.17 0.77
CA ARG A 73 7.60 7.03 -0.43
C ARG A 73 7.60 5.59 -0.93
N ILE A 74 8.17 5.38 -2.11
CA ILE A 74 8.23 4.05 -2.70
C ILE A 74 9.67 3.66 -3.04
N LEU A 75 10.21 4.28 -4.08
CA LEU A 75 11.57 4.01 -4.52
C LEU A 75 11.69 2.60 -5.08
N HIS A 76 11.71 1.61 -4.20
CA HIS A 76 11.82 0.22 -4.61
C HIS A 76 10.46 -0.33 -5.02
N ASP A 77 10.47 -1.48 -5.70
CA ASP A 77 9.23 -2.11 -6.14
C ASP A 77 8.62 -1.35 -7.31
N TYR A 78 9.27 -0.27 -7.71
CA TYR A 78 8.79 0.55 -8.82
C TYR A 78 7.47 1.23 -8.46
N ALA A 79 6.39 0.46 -8.50
CA ALA A 79 5.07 0.98 -8.18
C ALA A 79 4.03 -0.13 -8.16
N GLY A 80 3.91 -0.80 -7.02
CA GLY A 80 2.95 -1.88 -6.89
C GLY A 80 1.57 -1.48 -7.36
N ILE A 81 1.24 -0.21 -7.22
CA ILE A 81 -0.07 0.30 -7.64
C ILE A 81 -0.10 0.55 -9.15
N ALA A 82 1.04 0.93 -9.70
CA ALA A 82 1.14 1.19 -11.13
C ALA A 82 1.11 -0.10 -11.93
N PHE A 83 1.16 -1.23 -11.23
CA PHE A 83 1.13 -2.54 -11.88
C PHE A 83 -0.17 -2.74 -12.65
N TRP A 84 -1.30 -2.63 -11.95
CA TRP A 84 -2.60 -2.80 -12.56
C TRP A 84 -3.07 -1.50 -13.21
N ALA A 85 -2.37 -0.41 -12.91
CA ALA A 85 -2.72 0.90 -13.47
C ALA A 85 -2.90 0.81 -14.98
N THR A 86 -2.25 -0.17 -15.61
CA THR A 86 -2.35 -0.35 -17.04
C THR A 86 -3.77 -0.70 -17.46
N GLY A 87 -4.41 -1.56 -16.67
CA GLY A 87 -5.77 -1.97 -16.97
C GLY A 87 -5.87 -2.73 -18.28
N GLU A 88 -6.06 -4.04 -18.19
CA GLU A 88 -6.16 -4.88 -19.38
C GLU A 88 -7.62 -5.20 -19.69
N TRP A 89 -8.28 -5.90 -18.76
CA TRP A 89 -9.68 -6.27 -18.95
C TRP A 89 -10.60 -5.17 -18.42
N LYS A 90 -11.85 -5.18 -18.89
CA LYS A 90 -12.83 -4.19 -18.47
C LYS A 90 -13.16 -4.34 -16.98
N ALA A 91 -12.37 -3.68 -16.14
CA ALA A 91 -12.59 -3.74 -14.70
C ALA A 91 -13.71 -2.80 -14.27
N LYS A 92 -14.31 -2.12 -15.24
CA LYS A 92 -15.39 -1.18 -14.96
C LYS A 92 -16.40 -1.80 -14.00
N ASN A 93 -16.55 -3.12 -14.05
CA ASN A 93 -17.47 -3.82 -13.18
C ASN A 93 -16.81 -4.19 -11.85
N GLU A 94 -16.15 -3.21 -11.24
CA GLU A 94 -15.45 -3.43 -9.97
C GLU A 94 -15.47 -2.17 -9.11
N PHE A 95 -14.68 -2.17 -8.06
CA PHE A 95 -14.61 -1.02 -7.16
C PHE A 95 -13.19 -0.46 -7.11
N THR A 96 -12.40 -0.80 -8.12
CA THR A 96 -11.03 -0.33 -8.20
C THR A 96 -10.97 1.14 -8.64
N GLN A 97 -11.82 1.49 -9.59
CA GLN A 97 -11.86 2.86 -10.10
C GLN A 97 -11.97 3.86 -8.95
N ALA A 98 -12.78 3.53 -7.95
CA ALA A 98 -12.95 4.40 -6.78
C ALA A 98 -11.61 4.89 -6.25
N TYR A 99 -10.61 4.01 -6.31
CA TYR A 99 -9.27 4.36 -5.83
C TYR A 99 -8.77 5.65 -6.48
N ALA A 100 -8.76 5.67 -7.81
CA ALA A 100 -8.31 6.83 -8.56
C ALA A 100 -9.02 8.10 -8.08
N LYS A 101 -10.25 7.94 -7.61
CA LYS A 101 -11.04 9.07 -7.11
C LYS A 101 -10.55 9.51 -5.74
N LEU A 102 -10.38 8.55 -4.84
CA LEU A 102 -9.92 8.84 -3.48
C LEU A 102 -8.51 9.44 -3.50
N MET A 103 -7.82 9.25 -4.62
CA MET A 103 -6.46 9.77 -4.77
C MET A 103 -6.45 11.29 -4.63
N ASN A 104 -7.06 11.98 -5.60
CA ASN A 104 -7.11 13.43 -5.59
C ASN A 104 -7.75 13.94 -4.29
N GLN A 105 -8.65 13.15 -3.73
CA GLN A 105 -9.32 13.52 -2.48
C GLN A 105 -8.30 13.95 -1.43
N TYR A 106 -7.23 13.19 -1.30
CA TYR A 106 -6.19 13.48 -0.33
C TYR A 106 -4.80 13.42 -0.96
N ARG A 107 -4.72 13.84 -2.22
CA ARG A 107 -3.46 13.83 -2.95
C ARG A 107 -2.65 15.09 -2.65
N GLY A 108 -1.39 14.91 -2.27
CA GLY A 108 -0.53 16.04 -1.96
C GLY A 108 0.61 15.66 -1.03
N ILE A 109 0.45 14.55 -0.32
CA ILE A 109 1.49 14.08 0.60
C ILE A 109 2.24 12.89 0.03
N TYR A 110 1.53 12.07 -0.74
CA TYR A 110 2.13 10.89 -1.35
C TYR A 110 2.21 11.04 -2.87
N SER A 111 2.95 10.15 -3.51
CA SER A 111 3.11 10.18 -4.96
C SER A 111 2.95 8.78 -5.55
N PHE A 112 2.33 8.71 -6.72
CA PHE A 112 2.11 7.44 -7.40
C PHE A 112 1.68 7.67 -8.85
N GLU A 113 1.61 6.58 -9.61
CA GLU A 113 1.20 6.65 -11.01
C GLU A 113 -0.31 6.48 -11.15
N LYS A 114 -0.89 7.15 -12.13
CA LYS A 114 -2.32 7.07 -12.38
C LYS A 114 -2.78 5.62 -12.47
N VAL A 115 -4.00 5.36 -12.01
CA VAL A 115 -4.56 4.01 -12.04
C VAL A 115 -5.88 3.98 -12.82
N LYS A 116 -6.16 2.84 -13.44
CA LYS A 116 -7.39 2.67 -14.21
C LYS A 116 -8.40 1.82 -13.46
N ALA A 117 -8.22 0.50 -13.52
CA ALA A 117 -9.11 -0.42 -12.83
C ALA A 117 -8.77 -1.86 -13.15
N HIS A 118 -8.58 -2.67 -12.13
CA HIS A 118 -8.24 -4.08 -12.31
C HIS A 118 -8.06 -4.77 -10.96
N SER A 119 -7.54 -5.99 -10.99
CA SER A 119 -7.32 -6.77 -9.78
C SER A 119 -5.99 -6.40 -9.13
N GLY A 120 -5.57 -7.20 -8.15
CA GLY A 120 -4.31 -6.94 -7.47
C GLY A 120 -3.15 -7.65 -8.13
N ASN A 121 -2.15 -8.01 -7.33
CA ASN A 121 -0.96 -8.69 -7.83
C ASN A 121 0.00 -9.02 -6.70
N GLU A 122 1.23 -9.38 -7.06
CA GLU A 122 2.25 -9.72 -6.07
C GLU A 122 3.24 -8.58 -5.89
N PHE A 123 3.30 -7.69 -6.88
CA PHE A 123 4.21 -6.56 -6.84
C PHE A 123 4.04 -5.78 -5.53
N ASN A 124 2.82 -5.79 -5.00
CA ASN A 124 2.53 -5.08 -3.76
C ASN A 124 3.06 -5.86 -2.56
N ASP A 125 2.88 -7.18 -2.58
CA ASP A 125 3.34 -8.03 -1.49
C ASP A 125 4.81 -7.79 -1.19
N TYR A 126 5.54 -7.29 -2.20
CA TYR A 126 6.97 -7.02 -2.05
C TYR A 126 7.22 -6.16 -0.82
N VAL A 127 6.26 -5.32 -0.48
CA VAL A 127 6.39 -4.43 0.68
C VAL A 127 6.68 -5.23 1.95
N ASP A 128 6.31 -6.51 1.93
CA ASP A 128 6.54 -7.38 3.08
C ASP A 128 8.01 -7.37 3.49
N MET A 129 8.89 -7.59 2.52
CA MET A 129 10.33 -7.61 2.78
C MET A 129 10.85 -6.19 3.01
N LYS A 130 10.39 -5.25 2.20
CA LYS A 130 10.81 -3.86 2.30
C LYS A 130 10.56 -3.33 3.72
N ALA A 131 9.33 -3.52 4.21
CA ALA A 131 8.97 -3.07 5.54
C ALA A 131 9.95 -3.58 6.58
N LYS A 132 10.41 -4.82 6.41
CA LYS A 132 11.36 -5.43 7.34
C LYS A 132 12.58 -4.53 7.52
N SER A 133 12.98 -3.85 6.46
CA SER A 133 14.14 -2.96 6.51
C SER A 133 13.77 -1.63 7.14
N ALA A 134 12.59 -1.12 6.80
CA ALA A 134 12.12 0.14 7.34
C ALA A 134 12.09 0.12 8.87
N LEU A 135 11.79 -1.05 9.43
CA LEU A 135 11.72 -1.21 10.88
C LEU A 135 13.12 -1.31 11.47
N GLY A 136 13.91 -2.26 10.99
CA GLY A 136 15.26 -2.44 11.48
C GLY A 136 15.58 -3.89 11.76
N ILE A 137 15.98 -4.63 10.72
CA ILE A 137 16.32 -6.03 10.85
C ILE A 137 17.76 -6.29 10.45
N ARG A 138 18.41 -7.21 11.15
CA ARG A 138 19.80 -7.55 10.87
C ARG A 138 19.96 -8.01 9.42
N ASP A 139 21.19 -8.42 9.07
CA ASP A 139 21.46 -8.90 7.72
C ASP A 139 21.29 -7.77 6.71
N LEU A 140 21.91 -7.93 5.55
CA LEU A 140 21.82 -6.92 4.50
C LEU A 140 22.06 -7.55 3.12
N GLU A 141 21.97 -6.73 2.08
CA GLU A 141 22.17 -7.21 0.71
C GLU A 141 22.14 -6.05 -0.28
N HIS A 142 22.26 -6.38 -1.56
CA HIS A 142 22.24 -5.36 -2.61
C HIS A 142 21.67 -5.93 -3.91
N HIS A 143 20.88 -5.13 -4.60
CA HIS A 143 20.28 -5.55 -5.86
C HIS A 143 19.43 -4.43 -6.46
N HIS A 144 19.31 -4.44 -7.78
CA HIS A 144 18.53 -3.42 -8.48
C HIS A 144 18.54 -3.66 -9.99
N HIS A 145 17.70 -2.93 -10.71
CA HIS A 145 17.61 -3.07 -12.15
C HIS A 145 16.93 -1.85 -12.78
N HIS A 146 16.80 -1.88 -14.10
CA HIS A 146 16.16 -0.77 -14.83
C HIS A 146 15.75 -1.20 -16.23
N HIS A 147 14.59 -0.73 -16.67
CA HIS A 147 14.09 -1.07 -18.00
C HIS A 147 12.83 -0.28 -18.32
MG MG B . 3.07 -1.55 -2.80
N MET A 1 9.79 14.80 13.66
CA MET A 1 10.45 15.50 12.55
C MET A 1 11.78 14.84 12.22
N ASP A 2 11.76 13.51 12.09
CA ASP A 2 12.96 12.76 11.77
C ASP A 2 12.61 11.45 11.08
N ASP A 3 11.42 11.39 10.49
CA ASP A 3 10.97 10.19 9.80
C ASP A 3 11.89 9.85 8.61
N ARG A 4 12.81 8.93 8.83
CA ARG A 4 13.75 8.53 7.78
C ARG A 4 13.27 7.25 7.11
N THR A 5 11.96 7.06 7.05
CA THR A 5 11.39 5.87 6.42
C THR A 5 11.94 5.66 5.03
N GLU A 6 11.48 6.46 4.08
CA GLU A 6 11.93 6.36 2.70
C GLU A 6 11.38 5.10 2.03
N TYR A 7 11.86 3.95 2.48
CA TYR A 7 11.41 2.67 1.93
C TYR A 7 9.88 2.60 1.89
N ASP A 8 9.37 1.74 1.03
CA ASP A 8 7.92 1.56 0.88
C ASP A 8 7.28 1.27 2.24
N VAL A 9 5.98 1.51 2.33
CA VAL A 9 5.25 1.28 3.57
C VAL A 9 4.68 -0.15 3.62
N TYR A 10 4.72 -0.74 4.80
CA TYR A 10 4.22 -2.10 4.99
C TYR A 10 2.70 -2.15 4.87
N THR A 11 2.20 -2.12 3.64
CA THR A 11 0.77 -2.16 3.39
C THR A 11 0.39 -3.36 2.53
N ASP A 12 -0.91 -3.50 2.26
CA ASP A 12 -1.41 -4.61 1.45
C ASP A 12 -1.13 -5.94 2.13
N GLY A 13 -1.77 -6.15 3.28
CA GLY A 13 -1.58 -7.39 4.02
C GLY A 13 -2.34 -8.55 3.40
N SER A 14 -3.10 -8.27 2.35
CA SER A 14 -3.89 -9.29 1.66
C SER A 14 -4.94 -9.88 2.60
N TYR A 15 -5.57 -10.97 2.16
CA TYR A 15 -6.60 -11.63 2.95
C TYR A 15 -5.98 -12.64 3.91
N VAL A 16 -6.77 -13.09 4.88
CA VAL A 16 -6.30 -14.06 5.86
C VAL A 16 -7.38 -15.09 6.17
N ASN A 17 -7.16 -16.32 5.71
CA ASN A 17 -8.12 -17.39 5.94
C ASN A 17 -9.40 -17.17 5.13
N GLY A 18 -10.18 -16.19 5.55
CA GLY A 18 -11.43 -15.89 4.86
C GLY A 18 -11.91 -14.47 5.11
N GLN A 19 -10.99 -13.60 5.54
CA GLN A 19 -11.33 -12.22 5.83
C GLN A 19 -10.37 -11.27 5.12
N TYR A 20 -10.65 -9.97 5.22
CA TYR A 20 -9.81 -8.96 4.59
C TYR A 20 -9.51 -7.83 5.55
N ALA A 21 -8.25 -7.40 5.59
CA ALA A 21 -7.84 -6.32 6.47
C ALA A 21 -6.78 -5.44 5.80
N TRP A 22 -6.47 -4.32 6.42
CA TRP A 22 -5.46 -3.40 5.89
C TRP A 22 -4.58 -2.85 7.01
N ALA A 23 -3.27 -2.87 6.78
CA ALA A 23 -2.31 -2.38 7.76
C ALA A 23 -1.29 -1.45 7.11
N TYR A 24 -0.53 -0.74 7.94
CA TYR A 24 0.48 0.19 7.45
C TYR A 24 1.51 0.50 8.54
N ALA A 25 2.75 0.74 8.12
CA ALA A 25 3.82 1.06 9.05
C ALA A 25 4.03 2.57 9.15
N PHE A 26 3.62 3.14 10.27
CA PHE A 26 3.76 4.58 10.49
C PHE A 26 4.97 4.87 11.38
N VAL A 27 5.70 5.94 11.04
CA VAL A 27 6.88 6.33 11.81
C VAL A 27 6.93 7.84 12.01
N LYS A 28 7.22 8.25 13.24
CA LYS A 28 7.29 9.67 13.57
C LYS A 28 8.58 10.00 14.30
N ASP A 29 9.26 11.06 13.87
CA ASP A 29 10.51 11.48 14.49
C ASP A 29 11.61 10.45 14.23
N GLY A 30 11.34 9.53 13.31
CA GLY A 30 12.32 8.51 12.98
C GLY A 30 12.17 7.27 13.83
N LYS A 31 10.97 7.04 14.35
CA LYS A 31 10.69 5.88 15.18
C LYS A 31 9.25 5.43 15.04
N VAL A 32 8.97 4.18 15.41
CA VAL A 32 7.64 3.63 15.32
C VAL A 32 6.63 4.50 16.07
N HIS A 33 5.59 4.95 15.37
CA HIS A 33 4.57 5.78 15.97
C HIS A 33 3.27 5.01 16.15
N TYR A 34 2.79 4.40 15.06
CA TYR A 34 1.56 3.62 15.10
C TYR A 34 1.76 2.26 14.47
N GLU A 35 0.96 1.28 14.91
CA GLU A 35 1.05 -0.08 14.39
C GLU A 35 0.03 -0.98 15.07
N ASP A 36 -1.14 -1.10 14.47
CA ASP A 36 -2.22 -1.93 15.01
C ASP A 36 -3.03 -2.56 13.88
N ALA A 37 -3.34 -1.76 12.86
CA ALA A 37 -4.11 -2.24 11.73
C ALA A 37 -5.53 -2.63 12.15
N ASP A 38 -6.42 -2.77 11.18
CA ASP A 38 -7.80 -3.14 11.45
C ASP A 38 -8.35 -4.05 10.36
N VAL A 39 -9.44 -4.75 10.67
CA VAL A 39 -10.06 -5.65 9.71
C VAL A 39 -11.39 -5.09 9.21
N GLY A 40 -11.80 -5.52 8.01
CA GLY A 40 -13.04 -5.05 7.43
C GLY A 40 -14.06 -6.15 7.31
N LYS A 41 -15.28 -5.78 6.88
CA LYS A 41 -16.35 -6.76 6.71
C LYS A 41 -17.48 -6.17 5.85
N ASN A 42 -17.12 -5.73 4.65
CA ASN A 42 -18.10 -5.15 3.74
C ASN A 42 -18.03 -5.83 2.37
N PRO A 43 -19.14 -5.76 1.62
CA PRO A 43 -19.23 -6.37 0.29
C PRO A 43 -18.38 -5.64 -0.75
N ALA A 44 -18.40 -4.31 -0.69
CA ALA A 44 -17.63 -3.49 -1.62
C ALA A 44 -16.16 -3.91 -1.62
N ALA A 45 -15.70 -4.45 -0.50
CA ALA A 45 -14.32 -4.90 -0.36
C ALA A 45 -14.21 -6.41 -0.52
N ALA A 46 -15.11 -7.13 0.15
CA ALA A 46 -15.11 -8.60 0.09
C ALA A 46 -15.25 -9.07 -1.36
N THR A 47 -15.84 -8.23 -2.21
CA THR A 47 -16.03 -8.58 -3.61
C THR A 47 -14.70 -8.80 -4.32
N MET A 48 -13.69 -8.05 -3.89
CA MET A 48 -12.36 -8.17 -4.49
C MET A 48 -11.53 -9.23 -3.78
N ARG A 49 -12.14 -9.88 -2.78
CA ARG A 49 -11.46 -10.91 -2.02
C ARG A 49 -10.40 -10.31 -1.11
N ASN A 50 -9.30 -9.84 -1.70
CA ASN A 50 -8.22 -9.24 -0.94
C ASN A 50 -7.71 -7.98 -1.62
N VAL A 51 -7.81 -7.95 -2.95
CA VAL A 51 -7.36 -6.79 -3.72
C VAL A 51 -7.92 -5.49 -3.16
N ALA A 52 -9.11 -5.58 -2.57
CA ALA A 52 -9.77 -4.41 -1.98
C ALA A 52 -9.13 -4.04 -0.64
N GLY A 53 -9.15 -4.99 0.29
CA GLY A 53 -8.57 -4.75 1.61
C GLY A 53 -7.12 -4.33 1.53
N GLU A 54 -6.33 -5.07 0.77
CA GLU A 54 -4.91 -4.78 0.61
C GLU A 54 -4.69 -3.33 0.19
N ILE A 55 -5.56 -2.85 -0.68
CA ILE A 55 -5.48 -1.47 -1.18
C ILE A 55 -5.98 -0.49 -0.14
N ALA A 56 -6.96 -0.92 0.65
CA ALA A 56 -7.53 -0.07 1.69
C ALA A 56 -6.45 0.56 2.55
N ALA A 57 -5.33 -0.15 2.71
CA ALA A 57 -4.21 0.34 3.50
C ALA A 57 -3.79 1.73 3.04
N ALA A 58 -3.57 1.88 1.74
CA ALA A 58 -3.16 3.16 1.18
C ALA A 58 -4.13 4.27 1.57
N LEU A 59 -5.42 3.96 1.53
CA LEU A 59 -6.45 4.94 1.89
C LEU A 59 -6.17 5.55 3.24
N TYR A 60 -6.27 4.75 4.29
CA TYR A 60 -6.03 5.21 5.65
C TYR A 60 -4.58 5.69 5.81
N ALA A 61 -3.67 5.03 5.12
CA ALA A 61 -2.25 5.38 5.18
C ALA A 61 -2.04 6.83 4.78
N VAL A 62 -2.70 7.26 3.70
CA VAL A 62 -2.57 8.62 3.22
C VAL A 62 -3.39 9.58 4.07
N LYS A 63 -4.64 9.23 4.34
CA LYS A 63 -5.51 10.06 5.16
C LYS A 63 -4.85 10.43 6.47
N LYS A 64 -4.21 9.46 7.10
CA LYS A 64 -3.52 9.68 8.37
C LYS A 64 -2.22 10.44 8.15
N ALA A 65 -1.59 10.23 7.00
CA ALA A 65 -0.34 10.90 6.68
C ALA A 65 -0.46 12.40 6.87
N SER A 66 -1.65 12.94 6.66
CA SER A 66 -1.88 14.37 6.82
C SER A 66 -1.97 14.75 8.29
N GLN A 67 -2.52 13.84 9.09
CA GLN A 67 -2.66 14.08 10.52
C GLN A 67 -1.30 14.26 11.19
N LEU A 68 -0.30 13.54 10.68
CA LEU A 68 1.05 13.63 11.22
C LEU A 68 1.88 14.64 10.45
N GLY A 69 1.25 15.32 9.50
CA GLY A 69 1.95 16.31 8.70
C GLY A 69 3.14 15.73 7.97
N VAL A 70 3.14 14.42 7.80
CA VAL A 70 4.23 13.73 7.10
C VAL A 70 3.75 13.18 5.77
N LYS A 71 4.62 12.39 5.12
CA LYS A 71 4.29 11.79 3.84
C LYS A 71 4.65 10.30 3.82
N ILE A 72 4.61 9.70 2.64
CA ILE A 72 4.93 8.29 2.49
C ILE A 72 5.78 8.04 1.25
N ARG A 73 6.11 6.78 1.00
CA ARG A 73 6.92 6.42 -0.15
C ARG A 73 6.33 7.00 -1.44
N ILE A 74 7.19 7.33 -2.39
CA ILE A 74 6.76 7.88 -3.66
C ILE A 74 7.95 8.19 -4.56
N LEU A 75 9.05 8.62 -3.96
CA LEU A 75 10.25 8.95 -4.71
C LEU A 75 10.64 7.82 -5.65
N HIS A 76 10.66 6.59 -5.13
CA HIS A 76 11.00 5.42 -5.94
C HIS A 76 10.43 4.16 -5.30
N ASP A 77 9.13 4.17 -5.04
CA ASP A 77 8.47 3.01 -4.44
C ASP A 77 8.31 1.89 -5.46
N TYR A 78 7.58 2.16 -6.54
CA TYR A 78 7.37 1.17 -7.58
C TYR A 78 6.74 -0.10 -7.00
N ALA A 79 6.05 0.06 -5.88
CA ALA A 79 5.40 -1.07 -5.22
C ALA A 79 4.27 -1.63 -6.09
N GLY A 80 3.55 -2.60 -5.55
CA GLY A 80 2.45 -3.21 -6.28
C GLY A 80 1.46 -2.19 -6.79
N ILE A 81 1.21 -1.15 -5.99
CA ILE A 81 0.28 -0.10 -6.37
C ILE A 81 0.58 0.44 -7.76
N ALA A 82 1.86 0.44 -8.12
CA ALA A 82 2.29 0.93 -9.42
C ALA A 82 2.04 -0.11 -10.51
N PHE A 83 2.19 -1.39 -10.14
CA PHE A 83 1.99 -2.49 -11.07
C PHE A 83 0.62 -2.38 -11.74
N TRP A 84 -0.42 -2.32 -10.91
CA TRP A 84 -1.79 -2.23 -11.42
C TRP A 84 -2.06 -0.85 -12.01
N ALA A 85 -1.43 0.17 -11.42
CA ALA A 85 -1.59 1.54 -11.88
C ALA A 85 -1.31 1.65 -13.38
N THR A 86 -0.42 0.79 -13.88
CA THR A 86 -0.06 0.80 -15.29
C THR A 86 -1.25 0.43 -16.16
N GLY A 87 -2.20 -0.31 -15.59
CA GLY A 87 -3.38 -0.71 -16.34
C GLY A 87 -4.36 0.43 -16.54
N GLU A 88 -4.00 1.36 -17.43
CA GLU A 88 -4.86 2.50 -17.72
C GLU A 88 -6.25 2.04 -18.14
N TRP A 89 -6.34 0.84 -18.68
CA TRP A 89 -7.61 0.29 -19.13
C TRP A 89 -8.23 -0.60 -18.06
N LYS A 90 -9.41 -0.21 -17.59
CA LYS A 90 -10.10 -0.98 -16.56
C LYS A 90 -10.71 -2.25 -17.14
N ALA A 91 -9.92 -3.32 -17.14
CA ALA A 91 -10.37 -4.61 -17.67
C ALA A 91 -11.28 -5.31 -16.67
N LYS A 92 -10.83 -5.41 -15.42
CA LYS A 92 -11.61 -6.06 -14.37
C LYS A 92 -12.50 -5.05 -13.64
N ASN A 93 -11.93 -3.88 -13.35
CA ASN A 93 -12.67 -2.83 -12.65
C ASN A 93 -13.09 -3.30 -11.27
N GLU A 94 -14.25 -3.96 -11.19
CA GLU A 94 -14.76 -4.45 -9.91
C GLU A 94 -15.00 -3.30 -8.94
N PHE A 95 -13.95 -2.93 -8.21
CA PHE A 95 -14.05 -1.84 -7.25
C PHE A 95 -12.73 -1.08 -7.16
N THR A 96 -11.84 -1.32 -8.11
CA THR A 96 -10.55 -0.65 -8.14
C THR A 96 -10.68 0.77 -8.65
N GLN A 97 -11.63 0.99 -9.55
CA GLN A 97 -11.85 2.31 -10.12
C GLN A 97 -12.01 3.36 -9.02
N ALA A 98 -12.81 3.03 -8.01
CA ALA A 98 -13.04 3.94 -6.88
C ALA A 98 -11.73 4.28 -6.18
N TYR A 99 -10.91 3.27 -5.96
CA TYR A 99 -9.63 3.46 -5.29
C TYR A 99 -8.82 4.56 -5.96
N ALA A 100 -8.93 4.65 -7.28
CA ALA A 100 -8.22 5.65 -8.05
C ALA A 100 -8.80 7.05 -7.82
N LYS A 101 -10.09 7.09 -7.52
CA LYS A 101 -10.78 8.36 -7.27
C LYS A 101 -10.39 8.92 -5.90
N LEU A 102 -10.38 8.05 -4.89
CA LEU A 102 -10.03 8.47 -3.53
C LEU A 102 -8.69 9.18 -3.52
N MET A 103 -7.87 8.94 -4.54
CA MET A 103 -6.56 9.57 -4.64
C MET A 103 -6.66 11.08 -4.45
N ASN A 104 -7.32 11.74 -5.39
CA ASN A 104 -7.49 13.18 -5.33
C ASN A 104 -8.18 13.60 -4.04
N GLN A 105 -9.06 12.74 -3.55
CA GLN A 105 -9.79 13.01 -2.31
C GLN A 105 -8.84 13.37 -1.18
N TYR A 106 -7.82 12.54 -0.99
CA TYR A 106 -6.84 12.76 0.06
C TYR A 106 -5.47 13.07 -0.53
N ARG A 107 -5.46 13.62 -1.73
CA ARG A 107 -4.21 13.96 -2.41
C ARG A 107 -3.63 15.26 -1.87
N GLY A 108 -2.36 15.22 -1.48
CA GLY A 108 -1.70 16.40 -0.95
C GLY A 108 -0.51 16.07 -0.07
N ILE A 109 -0.51 14.85 0.48
CA ILE A 109 0.57 14.41 1.34
C ILE A 109 1.47 13.40 0.63
N TYR A 110 0.85 12.59 -0.24
CA TYR A 110 1.59 11.58 -0.98
C TYR A 110 1.31 11.71 -2.48
N SER A 111 1.96 10.85 -3.27
CA SER A 111 1.79 10.86 -4.72
C SER A 111 1.95 9.47 -5.30
N PHE A 112 1.49 9.28 -6.53
CA PHE A 112 1.58 7.99 -7.20
C PHE A 112 1.25 8.12 -8.69
N GLU A 113 1.47 7.04 -9.43
CA GLU A 113 1.19 7.04 -10.86
C GLU A 113 -0.31 6.88 -11.13
N LYS A 114 -0.72 7.25 -12.34
CA LYS A 114 -2.12 7.14 -12.72
C LYS A 114 -2.68 5.76 -12.43
N VAL A 115 -3.82 5.71 -11.73
CA VAL A 115 -4.44 4.45 -11.38
C VAL A 115 -5.84 4.34 -12.00
N LYS A 116 -6.17 3.14 -12.48
CA LYS A 116 -7.46 2.90 -13.10
C LYS A 116 -8.12 1.65 -12.51
N ALA A 117 -7.65 0.49 -12.94
CA ALA A 117 -8.20 -0.78 -12.45
C ALA A 117 -7.47 -1.97 -13.08
N HIS A 118 -7.10 -2.94 -12.25
CA HIS A 118 -6.40 -4.12 -12.72
C HIS A 118 -6.08 -5.06 -11.56
N SER A 119 -5.25 -6.07 -11.83
CA SER A 119 -4.87 -7.03 -10.82
C SER A 119 -3.46 -7.59 -11.09
N GLY A 120 -2.95 -8.37 -10.14
CA GLY A 120 -1.63 -8.95 -10.31
C GLY A 120 -1.47 -10.24 -9.53
N ASN A 121 -0.25 -10.52 -9.09
CA ASN A 121 0.04 -11.74 -8.34
C ASN A 121 0.70 -11.40 -7.01
N GLU A 122 2.00 -11.11 -7.05
CA GLU A 122 2.74 -10.78 -5.85
C GLU A 122 3.11 -9.29 -5.83
N PHE A 123 2.53 -8.53 -6.75
CA PHE A 123 2.79 -7.10 -6.83
C PHE A 123 2.70 -6.44 -5.46
N ASN A 124 1.70 -6.85 -4.68
CA ASN A 124 1.50 -6.30 -3.34
C ASN A 124 2.51 -6.87 -2.37
N ASP A 125 2.78 -8.17 -2.49
CA ASP A 125 3.73 -8.84 -1.62
C ASP A 125 5.09 -8.15 -1.66
N TYR A 126 5.36 -7.43 -2.75
CA TYR A 126 6.62 -6.72 -2.92
C TYR A 126 6.91 -5.84 -1.70
N VAL A 127 5.89 -5.16 -1.22
CA VAL A 127 6.04 -4.28 -0.06
C VAL A 127 6.61 -5.04 1.13
N ASP A 128 6.39 -6.35 1.15
CA ASP A 128 6.88 -7.19 2.24
C ASP A 128 8.41 -7.14 2.31
N MET A 129 9.06 -7.34 1.17
CA MET A 129 10.52 -7.32 1.12
C MET A 129 11.04 -5.89 1.25
N LYS A 130 10.36 -4.95 0.61
CA LYS A 130 10.77 -3.56 0.66
C LYS A 130 10.71 -3.02 2.09
N ALA A 131 9.55 -3.18 2.73
CA ALA A 131 9.37 -2.72 4.10
C ALA A 131 10.44 -3.28 5.02
N LYS A 132 10.89 -4.50 4.73
CA LYS A 132 11.92 -5.15 5.53
C LYS A 132 13.14 -4.24 5.68
N SER A 133 13.39 -3.41 4.67
CA SER A 133 14.52 -2.50 4.69
C SER A 133 14.27 -1.35 5.67
N ALA A 134 13.02 -0.93 5.77
CA ALA A 134 12.65 0.17 6.66
C ALA A 134 12.99 -0.17 8.11
N LEU A 135 12.77 -1.42 8.49
CA LEU A 135 13.05 -1.87 9.84
C LEU A 135 14.56 -1.97 10.08
N GLY A 136 15.27 -2.55 9.11
CA GLY A 136 16.71 -2.68 9.23
C GLY A 136 17.13 -4.12 9.48
N ILE A 137 16.45 -5.06 8.83
CA ILE A 137 16.76 -6.47 8.99
C ILE A 137 18.16 -6.79 8.47
N ARG A 138 18.53 -6.15 7.37
CA ARG A 138 19.84 -6.37 6.77
C ARG A 138 19.99 -7.80 6.28
N ASP A 139 20.21 -7.96 4.98
CA ASP A 139 20.37 -9.29 4.38
C ASP A 139 21.18 -9.20 3.09
N LEU A 140 21.22 -10.30 2.36
CA LEU A 140 21.95 -10.37 1.10
C LEU A 140 21.46 -11.51 0.23
N GLU A 141 22.08 -11.67 -0.94
CA GLU A 141 21.70 -12.74 -1.86
C GLU A 141 20.20 -12.74 -2.11
N HIS A 142 19.72 -13.80 -2.77
CA HIS A 142 18.29 -13.91 -3.07
C HIS A 142 17.84 -12.78 -3.99
N HIS A 143 16.65 -12.94 -4.56
CA HIS A 143 16.09 -11.93 -5.46
C HIS A 143 16.97 -11.78 -6.70
N HIS A 144 16.53 -12.36 -7.80
CA HIS A 144 17.27 -12.30 -9.06
C HIS A 144 16.53 -13.03 -10.17
N HIS A 145 15.83 -12.27 -11.01
CA HIS A 145 15.07 -12.86 -12.12
C HIS A 145 15.27 -12.04 -13.39
N HIS A 146 14.58 -12.44 -14.46
CA HIS A 146 14.69 -11.75 -15.74
C HIS A 146 13.65 -12.29 -16.73
N HIS A 147 12.39 -11.92 -16.51
CA HIS A 147 11.31 -12.36 -17.38
C HIS A 147 11.24 -13.88 -17.44
MG MG B . 2.56 0.15 -1.53
N MET A 1 5.46 15.44 14.05
CA MET A 1 5.88 16.66 13.35
C MET A 1 6.44 16.32 11.97
N ASP A 2 7.24 15.26 11.90
CA ASP A 2 7.84 14.84 10.64
C ASP A 2 8.38 13.41 10.76
N ASP A 3 8.96 12.93 9.67
CA ASP A 3 9.52 11.58 9.64
C ASP A 3 10.84 11.55 8.88
N ARG A 4 11.32 10.35 8.58
CA ARG A 4 12.57 10.19 7.86
C ARG A 4 12.57 8.89 7.05
N THR A 5 11.38 8.37 6.78
CA THR A 5 11.25 7.14 6.02
C THR A 5 11.53 7.37 4.54
N GLU A 6 11.36 6.32 3.73
CA GLU A 6 11.61 6.42 2.30
C GLU A 6 11.05 5.19 1.58
N TYR A 7 11.62 4.03 1.86
CA TYR A 7 11.18 2.79 1.24
C TYR A 7 9.67 2.63 1.33
N ASP A 8 9.13 1.72 0.53
CA ASP A 8 7.68 1.48 0.52
C ASP A 8 7.17 1.25 1.93
N VAL A 9 5.87 1.47 2.12
CA VAL A 9 5.25 1.28 3.42
C VAL A 9 4.73 -0.14 3.59
N TYR A 10 4.87 -0.69 4.80
CA TYR A 10 4.42 -2.04 5.08
C TYR A 10 2.88 -2.12 5.08
N THR A 11 2.29 -2.17 3.90
CA THR A 11 0.85 -2.25 3.77
C THR A 11 0.42 -3.53 3.07
N ASP A 12 -0.88 -3.72 2.91
CA ASP A 12 -1.42 -4.89 2.25
C ASP A 12 -1.07 -6.16 3.04
N GLY A 13 -1.35 -7.32 2.45
CA GLY A 13 -1.06 -8.58 3.11
C GLY A 13 -2.27 -9.16 3.82
N SER A 14 -2.41 -10.47 3.76
CA SER A 14 -3.53 -11.16 4.40
C SER A 14 -3.60 -10.81 5.89
N TYR A 15 -4.63 -11.32 6.56
CA TYR A 15 -4.82 -11.05 7.99
C TYR A 15 -5.29 -12.31 8.71
N VAL A 16 -6.54 -12.69 8.45
CA VAL A 16 -7.11 -13.87 9.07
C VAL A 16 -8.03 -14.62 8.11
N ASN A 17 -7.81 -15.92 7.98
CA ASN A 17 -8.62 -16.74 7.08
C ASN A 17 -8.80 -16.06 5.73
N GLY A 18 -9.84 -16.46 5.01
CA GLY A 18 -10.11 -15.87 3.70
C GLY A 18 -10.81 -14.53 3.80
N GLN A 19 -10.25 -13.63 4.59
CA GLN A 19 -10.84 -12.30 4.77
C GLN A 19 -9.92 -11.23 4.20
N TYR A 20 -10.31 -9.97 4.39
CA TYR A 20 -9.52 -8.84 3.88
C TYR A 20 -9.28 -7.82 4.99
N ALA A 21 -8.05 -7.33 5.07
CA ALA A 21 -7.68 -6.34 6.07
C ALA A 21 -6.71 -5.31 5.52
N TRP A 22 -6.42 -4.28 6.30
CA TRP A 22 -5.50 -3.23 5.88
C TRP A 22 -4.57 -2.82 7.02
N ALA A 23 -3.28 -2.78 6.74
CA ALA A 23 -2.29 -2.40 7.74
C ALA A 23 -1.27 -1.42 7.17
N TYR A 24 -0.47 -0.83 8.05
CA TYR A 24 0.55 0.13 7.62
C TYR A 24 1.58 0.34 8.72
N ALA A 25 2.71 0.95 8.36
CA ALA A 25 3.77 1.22 9.32
C ALA A 25 3.93 2.72 9.55
N PHE A 26 3.50 3.17 10.73
CA PHE A 26 3.60 4.58 11.09
C PHE A 26 4.91 4.88 11.80
N VAL A 27 5.51 6.02 11.48
CA VAL A 27 6.77 6.42 12.09
C VAL A 27 6.82 7.93 12.29
N LYS A 28 7.14 8.34 13.51
CA LYS A 28 7.22 9.76 13.85
C LYS A 28 8.62 10.11 14.38
N ASP A 29 9.20 11.18 13.85
CA ASP A 29 10.52 11.61 14.26
C ASP A 29 11.57 10.58 13.91
N GLY A 30 11.20 9.63 13.06
CA GLY A 30 12.12 8.58 12.65
C GLY A 30 12.11 7.39 13.59
N LYS A 31 11.01 7.22 14.31
CA LYS A 31 10.86 6.12 15.25
C LYS A 31 9.45 5.54 15.20
N VAL A 32 9.26 4.40 15.86
CA VAL A 32 7.96 3.75 15.88
C VAL A 32 6.96 4.53 16.74
N HIS A 33 5.88 4.98 16.11
CA HIS A 33 4.85 5.75 16.80
C HIS A 33 3.60 4.91 17.01
N TYR A 34 3.13 4.27 15.95
CA TYR A 34 1.93 3.45 16.00
C TYR A 34 2.18 2.08 15.38
N GLU A 35 1.30 1.13 15.68
CA GLU A 35 1.42 -0.22 15.15
C GLU A 35 0.18 -1.05 15.46
N ASP A 36 -0.74 -1.12 14.51
CA ASP A 36 -1.97 -1.87 14.69
C ASP A 36 -2.79 -1.90 13.39
N ALA A 37 -3.02 -3.10 12.87
CA ALA A 37 -3.78 -3.26 11.64
C ALA A 37 -5.28 -3.22 11.91
N ASP A 38 -6.07 -3.42 10.86
CA ASP A 38 -7.52 -3.40 11.00
C ASP A 38 -8.17 -4.26 9.91
N VAL A 39 -9.20 -5.01 10.29
CA VAL A 39 -9.91 -5.87 9.35
C VAL A 39 -11.27 -5.28 8.97
N GLY A 40 -11.77 -5.66 7.81
CA GLY A 40 -13.05 -5.16 7.35
C GLY A 40 -14.12 -6.22 7.33
N LYS A 41 -15.20 -5.96 6.62
CA LYS A 41 -16.31 -6.91 6.51
C LYS A 41 -17.42 -6.36 5.62
N ASN A 42 -17.05 -5.95 4.41
CA ASN A 42 -18.01 -5.41 3.47
C ASN A 42 -18.14 -6.31 2.24
N PRO A 43 -19.30 -6.25 1.57
CA PRO A 43 -19.58 -7.06 0.38
C PRO A 43 -18.75 -6.61 -0.82
N ALA A 44 -18.74 -5.31 -1.08
CA ALA A 44 -17.98 -4.77 -2.20
C ALA A 44 -16.49 -5.03 -2.05
N ALA A 45 -16.07 -5.32 -0.81
CA ALA A 45 -14.67 -5.60 -0.53
C ALA A 45 -14.39 -7.09 -0.58
N ALA A 46 -15.35 -7.89 -0.16
CA ALA A 46 -15.21 -9.34 -0.17
C ALA A 46 -15.29 -9.89 -1.59
N THR A 47 -16.20 -9.34 -2.39
CA THR A 47 -16.38 -9.78 -3.76
C THR A 47 -15.12 -9.57 -4.58
N MET A 48 -14.24 -8.69 -4.09
CA MET A 48 -12.99 -8.40 -4.76
C MET A 48 -11.87 -9.32 -4.27
N ARG A 49 -12.26 -10.36 -3.54
CA ARG A 49 -11.29 -11.31 -3.00
C ARG A 49 -10.45 -10.68 -1.90
N ASN A 50 -9.54 -9.79 -2.29
CA ASN A 50 -8.67 -9.11 -1.33
C ASN A 50 -8.04 -7.87 -1.97
N VAL A 51 -8.67 -7.35 -3.02
CA VAL A 51 -8.17 -6.17 -3.70
C VAL A 51 -8.41 -4.91 -2.88
N ALA A 52 -9.65 -4.73 -2.43
CA ALA A 52 -10.01 -3.57 -1.63
C ALA A 52 -9.33 -3.61 -0.28
N GLY A 53 -8.88 -4.79 0.14
CA GLY A 53 -8.22 -4.94 1.42
C GLY A 53 -6.80 -4.42 1.38
N GLU A 54 -6.03 -4.84 0.38
CA GLU A 54 -4.64 -4.41 0.25
C GLU A 54 -4.56 -2.92 -0.01
N ILE A 55 -5.36 -2.45 -0.97
CA ILE A 55 -5.38 -1.04 -1.32
C ILE A 55 -5.91 -0.18 -0.17
N ALA A 56 -6.81 -0.75 0.61
CA ALA A 56 -7.40 -0.05 1.75
C ALA A 56 -6.32 0.62 2.59
N ALA A 57 -5.28 -0.14 2.92
CA ALA A 57 -4.17 0.38 3.72
C ALA A 57 -3.66 1.71 3.15
N ALA A 58 -3.30 1.69 1.88
CA ALA A 58 -2.79 2.88 1.21
C ALA A 58 -3.75 4.07 1.41
N LEU A 59 -5.04 3.77 1.54
CA LEU A 59 -6.04 4.80 1.73
C LEU A 59 -5.91 5.45 3.10
N TYR A 60 -6.19 4.67 4.14
CA TYR A 60 -6.10 5.17 5.51
C TYR A 60 -4.69 5.67 5.82
N ALA A 61 -3.71 5.14 5.09
CA ALA A 61 -2.32 5.54 5.29
C ALA A 61 -2.12 7.00 4.94
N VAL A 62 -2.76 7.45 3.87
CA VAL A 62 -2.65 8.83 3.43
C VAL A 62 -3.49 9.76 4.30
N LYS A 63 -4.70 9.33 4.61
CA LYS A 63 -5.60 10.12 5.45
C LYS A 63 -4.92 10.53 6.75
N LYS A 64 -4.29 9.57 7.41
CA LYS A 64 -3.59 9.84 8.66
C LYS A 64 -2.26 10.53 8.41
N ALA A 65 -1.64 10.23 7.26
CA ALA A 65 -0.37 10.82 6.90
C ALA A 65 -0.42 12.35 7.01
N SER A 66 -1.59 12.91 6.73
CA SER A 66 -1.78 14.35 6.79
C SER A 66 -1.88 14.83 8.24
N GLN A 67 -2.37 13.95 9.11
CA GLN A 67 -2.52 14.29 10.53
C GLN A 67 -1.16 14.33 11.22
N LEU A 68 -0.31 13.35 10.92
CA LEU A 68 1.02 13.28 11.51
C LEU A 68 1.96 14.27 10.84
N GLY A 69 1.47 14.95 9.82
CA GLY A 69 2.29 15.91 9.11
C GLY A 69 3.42 15.26 8.34
N VAL A 70 3.37 13.94 8.23
CA VAL A 70 4.40 13.18 7.51
C VAL A 70 3.92 12.79 6.12
N LYS A 71 4.71 11.96 5.45
CA LYS A 71 4.37 11.50 4.10
C LYS A 71 4.75 10.03 3.92
N ILE A 72 4.68 9.57 2.68
CA ILE A 72 5.02 8.19 2.36
C ILE A 72 5.83 8.10 1.07
N ARG A 73 6.18 6.88 0.68
CA ARG A 73 6.95 6.66 -0.54
C ARG A 73 6.30 7.34 -1.73
N ILE A 74 6.92 8.42 -2.20
CA ILE A 74 6.40 9.18 -3.32
C ILE A 74 7.34 9.06 -4.53
N LEU A 75 8.54 8.58 -4.29
CA LEU A 75 9.52 8.41 -5.36
C LEU A 75 9.20 7.20 -6.23
N HIS A 76 8.08 7.28 -6.94
CA HIS A 76 7.65 6.19 -7.81
C HIS A 76 7.64 4.87 -7.05
N ASP A 77 6.83 4.79 -6.01
CA ASP A 77 6.72 3.57 -5.21
C ASP A 77 6.48 2.36 -6.09
N TYR A 78 7.47 1.49 -6.17
CA TYR A 78 7.38 0.28 -6.98
C TYR A 78 6.71 -0.85 -6.21
N ALA A 79 5.56 -0.53 -5.60
CA ALA A 79 4.82 -1.52 -4.83
C ALA A 79 3.70 -2.14 -5.67
N GLY A 80 2.78 -2.83 -4.99
CA GLY A 80 1.68 -3.46 -5.68
C GLY A 80 0.95 -2.51 -6.62
N ILE A 81 0.86 -1.25 -6.20
CA ILE A 81 0.17 -0.24 -7.01
C ILE A 81 0.78 -0.14 -8.40
N ALA A 82 2.04 -0.55 -8.52
CA ALA A 82 2.74 -0.52 -9.80
C ALA A 82 1.96 -1.26 -10.88
N PHE A 83 1.08 -2.17 -10.44
CA PHE A 83 0.26 -2.95 -11.37
C PHE A 83 -0.44 -2.04 -12.38
N TRP A 84 -1.20 -1.08 -11.87
CA TRP A 84 -1.93 -0.15 -12.71
C TRP A 84 -0.97 0.86 -13.35
N ALA A 85 0.12 1.16 -12.65
CA ALA A 85 1.11 2.11 -13.15
C ALA A 85 1.53 1.76 -14.57
N THR A 86 1.47 0.48 -14.91
CA THR A 86 1.83 0.02 -16.24
C THR A 86 0.83 0.47 -17.28
N GLY A 87 -0.45 0.44 -16.92
CA GLY A 87 -1.49 0.86 -17.84
C GLY A 87 -1.76 -0.17 -18.92
N GLU A 88 -2.33 -1.31 -18.52
CA GLU A 88 -2.63 -2.39 -19.45
C GLU A 88 -4.11 -2.38 -19.82
N TRP A 89 -4.96 -2.62 -18.83
CA TRP A 89 -6.40 -2.63 -19.05
C TRP A 89 -7.15 -2.82 -17.74
N LYS A 90 -8.42 -2.44 -17.74
CA LYS A 90 -9.26 -2.56 -16.54
C LYS A 90 -10.00 -3.90 -16.53
N ALA A 91 -9.42 -4.88 -15.85
CA ALA A 91 -10.02 -6.21 -15.75
C ALA A 91 -11.18 -6.22 -14.76
N LYS A 92 -10.94 -5.66 -13.57
CA LYS A 92 -11.96 -5.59 -12.53
C LYS A 92 -13.07 -4.63 -12.92
N ASN A 93 -12.70 -3.39 -13.23
CA ASN A 93 -13.68 -2.38 -13.62
C ASN A 93 -14.92 -2.46 -12.75
N GLU A 94 -14.72 -2.72 -11.46
CA GLU A 94 -15.82 -2.81 -10.51
C GLU A 94 -15.72 -1.74 -9.44
N PHE A 95 -14.81 -1.93 -8.50
CA PHE A 95 -14.62 -0.98 -7.41
C PHE A 95 -13.19 -0.43 -7.42
N THR A 96 -12.31 -1.12 -8.13
CA THR A 96 -10.92 -0.70 -8.22
C THR A 96 -10.81 0.75 -8.69
N GLN A 97 -11.71 1.15 -9.56
CA GLN A 97 -11.72 2.51 -10.09
C GLN A 97 -11.84 3.54 -8.96
N ALA A 98 -12.71 3.24 -8.00
CA ALA A 98 -12.92 4.12 -6.86
C ALA A 98 -11.59 4.53 -6.23
N TYR A 99 -10.64 3.60 -6.21
CA TYR A 99 -9.33 3.87 -5.63
C TYR A 99 -8.70 5.11 -6.24
N ALA A 100 -8.73 5.18 -7.57
CA ALA A 100 -8.16 6.32 -8.28
C ALA A 100 -8.87 7.62 -7.90
N LYS A 101 -10.13 7.49 -7.50
CA LYS A 101 -10.92 8.65 -7.11
C LYS A 101 -10.50 9.16 -5.73
N LEU A 102 -10.45 8.25 -4.76
CA LEU A 102 -10.06 8.61 -3.40
C LEU A 102 -8.72 9.32 -3.39
N MET A 103 -7.92 9.07 -4.42
CA MET A 103 -6.60 9.69 -4.52
C MET A 103 -6.70 11.21 -4.37
N ASN A 104 -7.35 11.85 -5.34
CA ASN A 104 -7.52 13.30 -5.32
C ASN A 104 -8.18 13.75 -4.02
N GLN A 105 -9.02 12.89 -3.47
CA GLN A 105 -9.73 13.19 -2.22
C GLN A 105 -8.76 13.70 -1.17
N TYR A 106 -7.66 12.98 -0.99
CA TYR A 106 -6.65 13.35 -0.01
C TYR A 106 -5.26 13.42 -0.64
N ARG A 107 -5.22 13.85 -1.89
CA ARG A 107 -3.95 13.95 -2.62
C ARG A 107 -3.22 15.24 -2.25
N GLY A 108 -1.95 15.12 -1.86
CA GLY A 108 -1.17 16.28 -1.50
C GLY A 108 0.02 15.93 -0.63
N ILE A 109 -0.06 14.78 0.04
CA ILE A 109 1.02 14.33 0.90
C ILE A 109 1.80 13.18 0.27
N TYR A 110 1.09 12.34 -0.48
CA TYR A 110 1.72 11.21 -1.14
C TYR A 110 1.64 11.35 -2.66
N SER A 111 2.22 10.39 -3.37
CA SER A 111 2.22 10.41 -4.83
C SER A 111 1.99 9.00 -5.39
N PHE A 112 1.41 8.95 -6.58
CA PHE A 112 1.13 7.67 -7.23
C PHE A 112 0.55 7.88 -8.63
N GLU A 113 0.39 6.79 -9.37
CA GLU A 113 -0.15 6.86 -10.72
C GLU A 113 -1.67 6.73 -10.70
N LYS A 114 -2.30 7.11 -11.81
CA LYS A 114 -3.75 7.03 -11.93
C LYS A 114 -4.22 5.59 -12.03
N VAL A 115 -4.26 4.90 -10.90
CA VAL A 115 -4.70 3.51 -10.86
C VAL A 115 -6.04 3.33 -11.58
N LYS A 116 -5.99 2.64 -12.72
CA LYS A 116 -7.19 2.40 -13.51
C LYS A 116 -8.10 1.38 -12.81
N ALA A 117 -7.75 0.11 -12.93
CA ALA A 117 -8.53 -0.95 -12.31
C ALA A 117 -7.98 -2.33 -12.66
N HIS A 118 -8.15 -3.28 -11.76
CA HIS A 118 -7.66 -4.63 -11.97
C HIS A 118 -8.00 -5.53 -10.79
N SER A 119 -7.55 -6.78 -10.84
CA SER A 119 -7.81 -7.74 -9.77
C SER A 119 -6.68 -7.72 -8.74
N GLY A 120 -6.69 -8.70 -7.84
CA GLY A 120 -5.68 -8.78 -6.81
C GLY A 120 -4.75 -9.96 -7.00
N ASN A 121 -3.46 -9.73 -6.78
CA ASN A 121 -2.47 -10.80 -6.94
C ASN A 121 -1.47 -10.77 -5.77
N GLU A 122 -0.20 -11.01 -6.09
CA GLU A 122 0.84 -11.02 -5.08
C GLU A 122 1.70 -9.76 -5.17
N PHE A 123 1.40 -8.92 -6.15
CA PHE A 123 2.16 -7.69 -6.36
C PHE A 123 2.19 -6.86 -5.07
N ASN A 124 1.20 -7.05 -4.22
CA ASN A 124 1.12 -6.32 -2.96
C ASN A 124 2.11 -6.89 -1.95
N ASP A 125 2.28 -8.20 -1.97
CA ASP A 125 3.19 -8.88 -1.05
C ASP A 125 4.60 -8.30 -1.18
N TYR A 126 4.90 -7.72 -2.34
CA TYR A 126 6.21 -7.14 -2.59
C TYR A 126 6.60 -6.17 -1.48
N VAL A 127 5.62 -5.43 -0.98
CA VAL A 127 5.85 -4.47 0.09
C VAL A 127 6.50 -5.13 1.30
N ASP A 128 6.34 -6.44 1.40
CA ASP A 128 6.93 -7.20 2.51
C ASP A 128 8.45 -7.08 2.50
N MET A 129 9.05 -7.39 1.37
CA MET A 129 10.50 -7.33 1.22
C MET A 129 10.99 -5.89 1.26
N LYS A 130 10.29 -5.01 0.54
CA LYS A 130 10.64 -3.61 0.49
C LYS A 130 10.60 -2.98 1.88
N ALA A 131 9.50 -3.21 2.60
CA ALA A 131 9.33 -2.67 3.93
C ALA A 131 10.46 -3.13 4.86
N LYS A 132 10.95 -4.35 4.63
CA LYS A 132 12.03 -4.90 5.43
C LYS A 132 13.21 -3.93 5.50
N SER A 133 13.39 -3.15 4.45
CA SER A 133 14.47 -2.18 4.37
C SER A 133 14.23 -1.02 5.35
N ALA A 134 13.02 -0.51 5.35
CA ALA A 134 12.66 0.60 6.23
C ALA A 134 12.85 0.22 7.70
N LEU A 135 12.57 -1.04 8.02
CA LEU A 135 12.70 -1.54 9.38
C LEU A 135 14.16 -1.46 9.84
N GLY A 136 15.08 -1.78 8.93
CA GLY A 136 16.49 -1.74 9.26
C GLY A 136 17.06 -3.12 9.54
N ILE A 137 16.48 -4.14 8.91
CA ILE A 137 16.93 -5.51 9.10
C ILE A 137 18.38 -5.67 8.64
N ARG A 138 19.10 -6.57 9.31
CA ARG A 138 20.49 -6.83 8.97
C ARG A 138 20.66 -8.22 8.35
N ASP A 139 21.74 -8.41 7.61
CA ASP A 139 22.01 -9.69 6.97
C ASP A 139 23.32 -9.63 6.18
N LEU A 140 23.70 -10.77 5.59
CA LEU A 140 24.92 -10.85 4.81
C LEU A 140 24.85 -11.98 3.79
N GLU A 141 25.76 -11.97 2.83
CA GLU A 141 25.79 -12.99 1.79
C GLU A 141 27.04 -12.85 0.92
N HIS A 142 27.14 -13.68 -0.11
CA HIS A 142 28.27 -13.64 -1.01
C HIS A 142 27.84 -13.91 -2.46
N HIS A 143 26.74 -13.27 -2.86
CA HIS A 143 26.22 -13.44 -4.21
C HIS A 143 25.63 -12.13 -4.73
N HIS A 144 25.24 -12.12 -6.01
CA HIS A 144 24.68 -10.94 -6.62
C HIS A 144 24.29 -11.21 -8.07
N HIS A 145 23.31 -10.46 -8.57
CA HIS A 145 22.85 -10.63 -9.95
C HIS A 145 21.83 -9.56 -10.31
N HIS A 146 21.73 -9.24 -11.60
CA HIS A 146 20.79 -8.23 -12.08
C HIS A 146 20.08 -8.71 -13.34
N HIS A 147 18.99 -8.04 -13.68
CA HIS A 147 18.20 -8.40 -14.86
C HIS A 147 18.05 -7.20 -15.78
MG MG B . 2.03 -0.09 -1.13
N MET A 1 6.16 19.30 8.11
CA MET A 1 7.02 18.40 8.87
C MET A 1 7.25 17.09 8.12
N ASP A 2 8.14 16.27 8.63
CA ASP A 2 8.44 14.98 8.01
C ASP A 2 9.33 14.13 8.92
N ASP A 3 9.81 13.01 8.38
CA ASP A 3 10.66 12.11 9.15
C ASP A 3 11.54 11.28 8.22
N ARG A 4 12.43 10.49 8.81
CA ARG A 4 13.33 9.65 8.03
C ARG A 4 12.74 8.26 7.83
N THR A 5 12.53 7.88 6.57
CA THR A 5 11.97 6.58 6.24
C THR A 5 12.66 5.96 5.04
N GLU A 6 12.31 6.42 3.85
CA GLU A 6 12.91 5.92 2.62
C GLU A 6 12.62 4.42 2.45
N TYR A 7 11.34 4.09 2.34
CA TYR A 7 10.92 2.70 2.17
C TYR A 7 9.41 2.62 1.93
N ASP A 8 9.02 1.79 0.96
CA ASP A 8 7.62 1.61 0.63
C ASP A 8 6.79 1.34 1.89
N VAL A 9 5.49 1.55 1.80
CA VAL A 9 4.59 1.32 2.92
C VAL A 9 4.07 -0.10 2.93
N TYR A 10 3.93 -0.67 4.12
CA TYR A 10 3.44 -2.03 4.28
C TYR A 10 1.95 -2.12 3.94
N THR A 11 1.64 -2.14 2.65
CA THR A 11 0.26 -2.23 2.20
C THR A 11 0.08 -3.31 1.15
N ASP A 12 -1.14 -3.83 1.03
CA ASP A 12 -1.44 -4.88 0.07
C ASP A 12 -0.68 -6.16 0.41
N GLY A 13 -0.92 -6.69 1.60
CA GLY A 13 -0.24 -7.90 2.02
C GLY A 13 -0.56 -8.28 3.44
N SER A 14 -1.82 -8.63 3.70
CA SER A 14 -2.25 -9.01 5.03
C SER A 14 -3.73 -9.39 5.03
N TYR A 15 -4.03 -10.59 5.56
CA TYR A 15 -5.40 -11.07 5.62
C TYR A 15 -5.56 -12.14 6.69
N VAL A 16 -6.80 -12.39 7.10
CA VAL A 16 -7.08 -13.39 8.12
C VAL A 16 -8.37 -14.13 7.81
N ASN A 17 -8.29 -15.46 7.75
CA ASN A 17 -9.45 -16.28 7.46
C ASN A 17 -10.24 -15.72 6.28
N GLY A 18 -11.53 -16.06 6.22
CA GLY A 18 -12.38 -15.59 5.14
C GLY A 18 -12.79 -14.14 5.32
N GLN A 19 -11.81 -13.27 5.50
CA GLN A 19 -12.08 -11.84 5.70
C GLN A 19 -11.01 -10.98 5.02
N TYR A 20 -11.16 -9.67 5.15
CA TYR A 20 -10.20 -8.74 4.55
C TYR A 20 -9.73 -7.72 5.57
N ALA A 21 -8.42 -7.48 5.59
CA ALA A 21 -7.83 -6.53 6.52
C ALA A 21 -6.84 -5.61 5.82
N TRP A 22 -6.56 -4.46 6.42
CA TRP A 22 -5.63 -3.50 5.85
C TRP A 22 -4.63 -3.02 6.89
N ALA A 23 -3.35 -3.05 6.55
CA ALA A 23 -2.29 -2.61 7.46
C ALA A 23 -1.38 -1.60 6.79
N TYR A 24 -0.54 -0.95 7.58
CA TYR A 24 0.39 0.05 7.07
C TYR A 24 1.52 0.30 8.05
N ALA A 25 2.47 1.14 7.66
CA ALA A 25 3.60 1.47 8.50
C ALA A 25 3.62 2.96 8.86
N PHE A 26 3.67 3.24 10.17
CA PHE A 26 3.68 4.62 10.63
C PHE A 26 5.01 4.96 11.30
N VAL A 27 5.50 6.17 11.05
CA VAL A 27 6.77 6.61 11.63
C VAL A 27 6.71 8.10 12.00
N LYS A 28 7.17 8.41 13.20
CA LYS A 28 7.18 9.80 13.68
C LYS A 28 8.47 10.10 14.43
N ASP A 29 8.99 11.31 14.24
CA ASP A 29 10.22 11.73 14.91
C ASP A 29 11.41 10.92 14.40
N GLY A 30 11.21 10.20 13.31
CA GLY A 30 12.28 9.40 12.75
C GLY A 30 12.30 7.99 13.31
N LYS A 31 11.28 7.65 14.09
CA LYS A 31 11.18 6.33 14.69
C LYS A 31 9.78 5.76 14.54
N VAL A 32 9.62 4.48 14.85
CA VAL A 32 8.33 3.81 14.75
C VAL A 32 7.32 4.42 15.73
N HIS A 33 6.18 4.84 15.20
CA HIS A 33 5.13 5.44 16.02
C HIS A 33 3.95 4.49 16.17
N TYR A 34 3.37 4.08 15.06
CA TYR A 34 2.23 3.17 15.06
C TYR A 34 2.46 2.00 14.10
N GLU A 35 1.72 0.92 14.32
CA GLU A 35 1.84 -0.27 13.49
C GLU A 35 0.78 -1.30 13.84
N ASP A 36 -0.40 -1.17 13.22
CA ASP A 36 -1.49 -2.10 13.48
C ASP A 36 -2.50 -2.06 12.33
N ALA A 37 -3.00 -3.24 11.95
CA ALA A 37 -3.97 -3.35 10.87
C ALA A 37 -5.40 -3.32 11.41
N ASP A 38 -6.37 -3.40 10.50
CA ASP A 38 -7.78 -3.38 10.89
C ASP A 38 -8.62 -4.22 9.94
N VAL A 39 -9.68 -4.81 10.45
CA VAL A 39 -10.57 -5.64 9.65
C VAL A 39 -11.91 -4.95 9.40
N GLY A 40 -12.57 -5.34 8.32
CA GLY A 40 -13.86 -4.74 8.00
C GLY A 40 -15.00 -5.74 8.08
N LYS A 41 -16.07 -5.48 7.33
CA LYS A 41 -17.23 -6.36 7.34
C LYS A 41 -18.25 -5.90 6.30
N ASN A 42 -17.80 -5.78 5.05
CA ASN A 42 -18.69 -5.36 3.96
C ASN A 42 -18.72 -6.41 2.85
N PRO A 43 -19.83 -6.42 2.09
CA PRO A 43 -20.01 -7.36 0.98
C PRO A 43 -19.08 -7.07 -0.20
N ALA A 44 -19.03 -5.81 -0.61
CA ALA A 44 -18.18 -5.40 -1.72
C ALA A 44 -16.70 -5.56 -1.37
N ALA A 45 -16.39 -5.44 -0.08
CA ALA A 45 -15.01 -5.57 0.39
C ALA A 45 -14.74 -6.99 0.86
N ALA A 46 -15.63 -7.92 0.52
CA ALA A 46 -15.47 -9.32 0.90
C ALA A 46 -15.86 -10.25 -0.23
N THR A 47 -16.01 -9.69 -1.43
CA THR A 47 -16.38 -10.47 -2.60
C THR A 47 -15.30 -10.38 -3.68
N MET A 48 -14.13 -9.86 -3.31
CA MET A 48 -13.02 -9.73 -4.25
C MET A 48 -11.78 -10.42 -3.72
N ARG A 49 -11.97 -11.38 -2.81
CA ARG A 49 -10.86 -12.12 -2.22
C ARG A 49 -10.08 -11.24 -1.26
N ASN A 50 -9.31 -10.31 -1.80
CA ASN A 50 -8.50 -9.40 -0.98
C ASN A 50 -7.86 -8.32 -1.84
N VAL A 51 -8.47 -8.06 -3.00
CA VAL A 51 -7.95 -7.04 -3.91
C VAL A 51 -8.29 -5.64 -3.41
N ALA A 52 -9.45 -5.51 -2.75
CA ALA A 52 -9.89 -4.22 -2.22
C ALA A 52 -9.14 -3.87 -0.95
N GLY A 53 -9.21 -4.76 0.04
CA GLY A 53 -8.53 -4.54 1.31
C GLY A 53 -7.06 -4.24 1.13
N GLU A 54 -6.45 -4.87 0.13
CA GLU A 54 -5.02 -4.68 -0.14
C GLU A 54 -4.71 -3.20 -0.42
N ILE A 55 -5.44 -2.62 -1.37
CA ILE A 55 -5.24 -1.22 -1.73
C ILE A 55 -5.83 -0.30 -0.67
N ALA A 56 -6.90 -0.76 -0.02
CA ALA A 56 -7.55 0.03 1.01
C ALA A 56 -6.53 0.60 1.99
N ALA A 57 -5.50 -0.17 2.30
CA ALA A 57 -4.45 0.27 3.22
C ALA A 57 -3.91 1.64 2.81
N ALA A 58 -3.61 1.80 1.53
CA ALA A 58 -3.08 3.06 1.03
C ALA A 58 -3.98 4.23 1.43
N LEU A 59 -5.28 3.99 1.42
CA LEU A 59 -6.25 5.02 1.78
C LEU A 59 -6.07 5.45 3.24
N TYR A 60 -6.34 4.55 4.16
CA TYR A 60 -6.21 4.83 5.58
C TYR A 60 -4.82 5.36 5.90
N ALA A 61 -3.84 4.94 5.11
CA ALA A 61 -2.46 5.36 5.30
C ALA A 61 -2.30 6.85 4.98
N VAL A 62 -2.95 7.31 3.92
CA VAL A 62 -2.87 8.70 3.51
C VAL A 62 -3.73 9.59 4.42
N LYS A 63 -4.93 9.11 4.74
CA LYS A 63 -5.84 9.87 5.59
C LYS A 63 -5.15 10.27 6.89
N LYS A 64 -4.47 9.32 7.53
CA LYS A 64 -3.77 9.59 8.78
C LYS A 64 -2.46 10.32 8.51
N ALA A 65 -1.85 10.04 7.36
CA ALA A 65 -0.60 10.67 6.98
C ALA A 65 -0.68 12.19 7.09
N SER A 66 -1.86 12.74 6.79
CA SER A 66 -2.07 14.17 6.85
C SER A 66 -2.17 14.65 8.30
N GLN A 67 -2.63 13.76 9.18
CA GLN A 67 -2.77 14.08 10.60
C GLN A 67 -1.39 14.17 11.27
N LEU A 68 -0.51 13.27 10.90
CA LEU A 68 0.84 13.24 11.47
C LEU A 68 1.75 14.25 10.76
N GLY A 69 1.19 14.97 9.80
CA GLY A 69 1.96 15.96 9.07
C GLY A 69 3.18 15.35 8.40
N VAL A 70 3.14 14.04 8.18
CA VAL A 70 4.25 13.35 7.53
C VAL A 70 3.88 12.91 6.12
N LYS A 71 4.79 12.20 5.47
CA LYS A 71 4.57 11.72 4.11
C LYS A 71 5.06 10.28 3.95
N ILE A 72 4.44 9.55 3.02
CA ILE A 72 4.81 8.16 2.77
C ILE A 72 5.71 8.05 1.54
N ARG A 73 6.12 6.83 1.23
CA ARG A 73 6.99 6.58 0.08
C ARG A 73 6.37 7.16 -1.19
N ILE A 74 7.22 7.74 -2.04
CA ILE A 74 6.76 8.33 -3.30
C ILE A 74 7.86 8.27 -4.36
N LEU A 75 7.53 8.76 -5.55
CA LEU A 75 8.48 8.77 -6.66
C LEU A 75 8.78 7.35 -7.14
N HIS A 76 9.58 6.63 -6.37
CA HIS A 76 9.94 5.26 -6.71
C HIS A 76 9.30 4.27 -5.73
N ASP A 77 8.15 3.72 -6.13
CA ASP A 77 7.44 2.76 -5.28
C ASP A 77 7.82 1.32 -5.66
N TYR A 78 7.75 1.03 -6.95
CA TYR A 78 8.08 -0.31 -7.44
C TYR A 78 7.30 -1.37 -6.67
N ALA A 79 6.12 -1.01 -6.21
CA ALA A 79 5.27 -1.94 -5.46
C ALA A 79 4.11 -2.44 -6.32
N GLY A 80 3.16 -3.12 -5.69
CA GLY A 80 2.02 -3.64 -6.40
C GLY A 80 1.26 -2.57 -7.15
N ILE A 81 1.42 -1.32 -6.71
CA ILE A 81 0.75 -0.19 -7.35
C ILE A 81 1.48 0.24 -8.62
N ALA A 82 2.75 -0.12 -8.71
CA ALA A 82 3.56 0.22 -9.87
C ALA A 82 3.12 -0.58 -11.11
N PHE A 83 2.76 -1.83 -10.89
CA PHE A 83 2.31 -2.70 -11.97
C PHE A 83 0.79 -2.64 -12.13
N TRP A 84 0.12 -2.22 -11.07
CA TRP A 84 -1.34 -2.13 -11.10
C TRP A 84 -1.80 -0.91 -11.89
N ALA A 85 -0.94 0.11 -11.94
CA ALA A 85 -1.26 1.33 -12.66
C ALA A 85 -0.98 1.17 -14.16
N THR A 86 -0.18 0.17 -14.50
CA THR A 86 0.15 -0.10 -15.90
C THR A 86 -1.07 -0.52 -16.69
N GLY A 87 -2.09 -1.03 -15.99
CA GLY A 87 -3.31 -1.45 -16.65
C GLY A 87 -4.37 -0.37 -16.68
N GLU A 88 -4.19 0.60 -17.57
CA GLU A 88 -5.13 1.70 -17.69
C GLU A 88 -6.56 1.18 -17.85
N TRP A 89 -6.69 0.00 -18.46
CA TRP A 89 -8.01 -0.60 -18.67
C TRP A 89 -8.47 -1.33 -17.41
N LYS A 90 -9.65 -0.96 -16.92
CA LYS A 90 -10.20 -1.58 -15.72
C LYS A 90 -10.52 -3.05 -15.96
N ALA A 91 -9.61 -3.92 -15.55
CA ALA A 91 -9.79 -5.36 -15.71
C ALA A 91 -10.78 -5.92 -14.70
N LYS A 92 -10.59 -5.57 -13.44
CA LYS A 92 -11.48 -6.02 -12.36
C LYS A 92 -12.72 -5.15 -12.28
N ASN A 93 -12.54 -3.84 -12.47
CA ASN A 93 -13.65 -2.90 -12.42
C ASN A 93 -14.58 -3.24 -11.25
N GLU A 94 -14.00 -3.60 -10.12
CA GLU A 94 -14.78 -3.96 -8.94
C GLU A 94 -14.87 -2.76 -7.99
N PHE A 95 -13.78 -2.50 -7.28
CA PHE A 95 -13.74 -1.39 -6.32
C PHE A 95 -12.38 -0.70 -6.36
N THR A 96 -11.59 -1.00 -7.38
CA THR A 96 -10.26 -0.42 -7.53
C THR A 96 -10.36 1.02 -8.03
N GLN A 97 -11.27 1.26 -8.97
CA GLN A 97 -11.46 2.59 -9.52
C GLN A 97 -11.59 3.64 -8.40
N ALA A 98 -12.30 3.27 -7.35
CA ALA A 98 -12.50 4.16 -6.22
C ALA A 98 -11.18 4.80 -5.77
N TYR A 99 -10.12 3.99 -5.75
CA TYR A 99 -8.81 4.47 -5.35
C TYR A 99 -8.42 5.72 -6.13
N ALA A 100 -8.44 5.62 -7.45
CA ALA A 100 -8.10 6.74 -8.31
C ALA A 100 -8.91 7.99 -7.94
N LYS A 101 -10.12 7.78 -7.48
CA LYS A 101 -11.00 8.88 -7.08
C LYS A 101 -10.59 9.44 -5.73
N LEU A 102 -10.56 8.57 -4.72
CA LEU A 102 -10.19 8.98 -3.37
C LEU A 102 -8.82 9.65 -3.36
N MET A 103 -8.02 9.37 -4.39
CA MET A 103 -6.69 9.94 -4.50
C MET A 103 -6.74 11.46 -4.35
N ASN A 104 -7.35 12.13 -5.33
CA ASN A 104 -7.47 13.58 -5.30
C ASN A 104 -8.15 14.05 -4.02
N GLN A 105 -9.03 13.22 -3.49
CA GLN A 105 -9.76 13.55 -2.26
C GLN A 105 -8.80 14.01 -1.17
N TYR A 106 -7.74 13.22 -0.95
CA TYR A 106 -6.75 13.54 0.06
C TYR A 106 -5.34 13.54 -0.54
N ARG A 107 -5.24 14.00 -1.78
CA ARG A 107 -3.95 14.05 -2.46
C ARG A 107 -3.18 15.31 -2.07
N GLY A 108 -1.92 15.13 -1.68
CA GLY A 108 -1.10 16.25 -1.27
C GLY A 108 0.06 15.83 -0.38
N ILE A 109 -0.08 14.68 0.25
CA ILE A 109 0.96 14.17 1.14
C ILE A 109 1.72 13.02 0.50
N TYR A 110 1.02 12.25 -0.33
CA TYR A 110 1.63 11.11 -1.01
C TYR A 110 1.59 11.30 -2.52
N SER A 111 2.17 10.34 -3.24
CA SER A 111 2.21 10.40 -4.71
C SER A 111 2.18 9.01 -5.31
N PHE A 112 1.83 8.92 -6.59
CA PHE A 112 1.75 7.64 -7.29
C PHE A 112 1.56 7.85 -8.78
N GLU A 113 1.62 6.76 -9.54
CA GLU A 113 1.45 6.83 -10.98
C GLU A 113 -0.02 6.74 -11.36
N LYS A 114 -0.37 7.28 -12.52
CA LYS A 114 -1.75 7.26 -13.00
C LYS A 114 -2.33 5.85 -12.93
N VAL A 115 -3.14 5.60 -11.91
CA VAL A 115 -3.76 4.30 -11.73
C VAL A 115 -5.28 4.38 -11.88
N LYS A 116 -5.88 3.32 -12.41
CA LYS A 116 -7.32 3.27 -12.60
C LYS A 116 -7.91 1.99 -12.03
N ALA A 117 -7.53 0.86 -12.62
CA ALA A 117 -8.02 -0.44 -12.16
C ALA A 117 -7.36 -1.58 -12.93
N HIS A 118 -7.41 -2.77 -12.37
CA HIS A 118 -6.81 -3.95 -13.00
C HIS A 118 -7.00 -5.19 -12.13
N SER A 119 -6.31 -6.26 -12.50
CA SER A 119 -6.40 -7.52 -11.75
C SER A 119 -5.46 -7.50 -10.55
N GLY A 120 -4.16 -7.66 -10.82
CA GLY A 120 -3.19 -7.66 -9.74
C GLY A 120 -2.11 -8.71 -9.94
N ASN A 121 -1.25 -8.87 -8.94
CA ASN A 121 -0.17 -9.85 -9.01
C ASN A 121 0.67 -9.82 -7.74
N GLU A 122 1.80 -10.51 -7.77
CA GLU A 122 2.68 -10.58 -6.61
C GLU A 122 3.46 -9.27 -6.44
N PHE A 123 3.32 -8.38 -7.42
CA PHE A 123 3.99 -7.09 -7.38
C PHE A 123 3.74 -6.38 -6.05
N ASN A 124 2.58 -6.64 -5.46
CA ASN A 124 2.22 -6.03 -4.18
C ASN A 124 3.00 -6.66 -3.04
N ASP A 125 3.15 -7.97 -3.07
CA ASP A 125 3.88 -8.69 -2.03
C ASP A 125 5.27 -8.10 -1.84
N TYR A 126 5.78 -7.45 -2.88
CA TYR A 126 7.10 -6.84 -2.83
C TYR A 126 7.22 -5.92 -1.62
N VAL A 127 6.14 -5.24 -1.29
CA VAL A 127 6.12 -4.32 -0.15
C VAL A 127 6.54 -5.02 1.12
N ASP A 128 6.38 -6.34 1.15
CA ASP A 128 6.75 -7.14 2.32
C ASP A 128 8.24 -7.01 2.61
N MET A 129 9.06 -7.26 1.62
CA MET A 129 10.51 -7.18 1.77
C MET A 129 10.95 -5.73 1.93
N LYS A 130 10.34 -4.83 1.17
CA LYS A 130 10.65 -3.42 1.23
C LYS A 130 10.44 -2.87 2.64
N ALA A 131 9.31 -3.21 3.23
CA ALA A 131 8.99 -2.75 4.58
C ALA A 131 10.04 -3.22 5.59
N LYS A 132 10.59 -4.40 5.34
CA LYS A 132 11.62 -4.96 6.22
C LYS A 132 12.83 -4.04 6.30
N SER A 133 13.16 -3.41 5.18
CA SER A 133 14.30 -2.50 5.12
C SER A 133 14.13 -1.36 6.11
N ALA A 134 12.89 -0.96 6.36
CA ALA A 134 12.60 0.12 7.28
C ALA A 134 13.28 -0.11 8.63
N LEU A 135 13.27 -1.36 9.09
CA LEU A 135 13.89 -1.71 10.36
C LEU A 135 15.36 -2.07 10.18
N GLY A 136 15.76 -2.27 8.92
CA GLY A 136 17.14 -2.60 8.63
C GLY A 136 17.46 -4.05 8.95
N ILE A 137 16.51 -4.93 8.70
CA ILE A 137 16.69 -6.36 8.95
C ILE A 137 17.68 -6.97 7.96
N ARG A 138 18.55 -7.83 8.48
CA ARG A 138 19.55 -8.49 7.64
C ARG A 138 18.89 -9.33 6.56
N ASP A 139 19.70 -10.08 5.81
CA ASP A 139 19.19 -10.93 4.75
C ASP A 139 20.32 -11.70 4.08
N LEU A 140 20.06 -12.96 3.73
CA LEU A 140 21.06 -13.80 3.08
C LEU A 140 20.39 -14.84 2.20
N GLU A 141 20.35 -14.57 0.89
CA GLU A 141 19.75 -15.49 -0.05
C GLU A 141 20.30 -15.26 -1.47
N HIS A 142 20.48 -16.35 -2.20
CA HIS A 142 21.00 -16.27 -3.57
C HIS A 142 21.07 -17.64 -4.20
N HIS A 143 20.34 -17.82 -5.30
CA HIS A 143 20.31 -19.10 -6.00
C HIS A 143 19.47 -18.99 -7.28
N HIS A 144 19.27 -20.13 -7.94
CA HIS A 144 18.49 -20.17 -9.17
C HIS A 144 19.14 -19.31 -10.26
N HIS A 145 18.55 -19.32 -11.45
CA HIS A 145 19.08 -18.54 -12.57
C HIS A 145 18.09 -18.53 -13.74
N HIS A 146 18.53 -18.02 -14.87
CA HIS A 146 17.68 -17.94 -16.06
C HIS A 146 18.23 -18.83 -17.16
N HIS A 147 17.50 -18.90 -18.28
CA HIS A 147 17.92 -19.72 -19.42
C HIS A 147 17.07 -19.41 -20.64
MG MG B . 2.28 -0.02 -2.04
#